data_9KY0
#
_entry.id   9KY0
#
_cell.length_a   1.00
_cell.length_b   1.00
_cell.length_c   1.00
_cell.angle_alpha   90.00
_cell.angle_beta   90.00
_cell.angle_gamma   90.00
#
_symmetry.space_group_name_H-M   'P 1'
#
loop_
_entity.id
_entity.type
_entity.pdbx_description
1 polymer 'Sodium-dependent neutral amino acid transporter B(0)AT1'
2 polymer 'Angiotensin-converting enzyme 2'
3 branched 2-acetamido-2-deoxy-beta-D-glucopyranose-(1-4)-2-acetamido-2-deoxy-beta-D-glucopyranose
4 non-polymer 2-acetamido-2-deoxy-beta-D-glucopyranose
5 non-polymer (~{E})-~{N}-[2-oxidanylidene-2-(3-oxidanylidenepiperazin-1-yl)ethyl]-3-[4-(trifluoromethyl)phenyl]prop-2-enamide
#
loop_
_entity_poly.entity_id
_entity_poly.type
_entity_poly.pdbx_seq_one_letter_code
_entity_poly.pdbx_strand_id
1 'polypeptide(L)'
;MADYKDDDDKSGPDEVDASGRVRLVLPNPGLDARIPSLAELETIEQEEASSRPKWDNKAQYMLTCLGFCVGLGNVWRFPY
LCQSHGGGAFMIPFLILLVLEGIPLLYLEFAIGQRLRRGSLGVWSSIHPALKGLGLASMLTSFMVGLYYNTIISWIMWYL
FNSFQEPLPWSDCPLNENQTGYVDECARSSPVDYFWYRETLNISTSISDSGSIQWWMLLCLACAWSVLYMCTIRGIETTG
KAVYITSTLPYVVLTIFLIRGLTLKGATNGIVFLFTPNVTELAQPDTWLDAGAQVFFSFSLAFGGLISFSSYNSVHNNCE
KDSVIVSIINGFTSVYVAIVVYSVIGFRATQRYDDCFSTNILTLINGFDLPEGNVTQENFVDMQQRCNASDPAAYAQLVF
QTCDINAFLSEAVEGTGLAFIVFTEAITKMPLSPLWSVLFFIMLFCLGLSSMFGNMEGVVVPLQDLRVIPPKWPKEVLTG
LICLGTFLIGFIFTLNSGQYWLSLLDSYAGSIPLLIIAFCEMFSVVYVYGVDRFNKDIEFMIGHKPNIFWQVTWRVVSPL
LMLIIFLFFFVVEVSQELTYSIWDPGYEEFPKSQKISYPNWVYVVVVIVAGVPSLTIPGYAIYKLIRNHCQKPGDHQGLV
STLSTASMNGDLKY
;
A,C
2 'polypeptide(L)'
;MRSSSSWLLLSLVAVTAAQSTIEEQAKTFLDKFNHEAEDLFYQSSLASWNYNTNITEENVQNMNNAGDKWSAFLKEQSTL
AQMYPLQEIQNLTVKLQLQALQQNGSSVLSEDKSKRLNTILNTMSTIYSTGKVCNPDNPQECLLLEPGLNEIMANSLDYN
ERLWAWESWRSEVGKQLRPLYEEYVVLKNEMARANHYEDYGDYWRGDYEVNGVDGYDYSRGQLIEDVEHTFEEIKPLYEH
LHAYVRAKLMNAYPSYISPIGCLPAHLLGDMWGRFWTNLYSLTVPFGQKPNIDVTDAMVDQAWDAQRIFKEAEKFFVSVG
LPNMTQGFWENSMLTDPGNVQKAVCHPTAWDLGKGDFRILMCTKVTMDDFLTAHHEMGHIQYDMAYAAQPFLLRNGANEG
FHEAVGEIMSLSAATPKHLKSIGLLSPDFQEDNETEINFLLKQALTIVGTLPFTYMLEKWRWMVFKGEIPKDQWMKKWWE
MKREIVGVVEPVPHDETYCDPASLFHVSNDYSFIRYYTRTLYQFQFQEALCQAAKHEGPLHKCDISNSTEAGQKLFNMLR
LGKSEPWTLALENVVGAKNMNVRPLLNYFEPLFTWLKDQNKNSFVGWSTDWSPYADQSIKVRISLKSALGDKAYEWNDNE
MYLFRSSVAYAMRQYFLKVKNQMILFGEEDVRVANLKPRISFNFFVTAPKNVSDIIPRTEVEKAIRMSRSRINDAFRLND
NSLEFLGIQPTLGPPNQPPVSIWLIVFGVVMGVIVVGIVILIFTGIRDRKKKNKARSGENPYASIDISKGENNPGFQNTD
DVQTSF
;
B,D
#
loop_
_chem_comp.id
_chem_comp.type
_chem_comp.name
_chem_comp.formula
A1L6W non-polymer (~{E})-~{N}-[2-oxidanylidene-2-(3-oxidanylidenepiperazin-1-yl)ethyl]-3-[4-(trifluoromethyl)phenyl]prop-2-enamide 'C16 H16 F3 N3 O3'
NAG D-saccharide, beta linking 2-acetamido-2-deoxy-beta-D-glucopyranose 'C8 H15 N O6'
#
# COMPACT_ATOMS: atom_id res chain seq x y z
N VAL A 25 -46.03 -70.92 -31.89
CA VAL A 25 -45.65 -72.40 -31.79
C VAL A 25 -46.33 -73.00 -30.54
N LEU A 26 -46.43 -72.29 -29.39
CA LEU A 26 -47.26 -72.79 -28.24
C LEU A 26 -48.73 -72.70 -28.65
N PRO A 27 -49.58 -73.73 -28.35
CA PRO A 27 -51.02 -73.67 -28.62
C PRO A 27 -51.66 -72.46 -27.92
N ASN A 28 -52.22 -71.55 -28.72
CA ASN A 28 -52.94 -70.33 -28.27
C ASN A 28 -54.28 -70.30 -29.03
N PRO A 29 -55.36 -70.90 -28.48
CA PRO A 29 -56.69 -70.83 -29.08
C PRO A 29 -57.50 -69.63 -28.56
N GLY A 30 -58.26 -68.99 -29.45
CA GLY A 30 -59.07 -67.78 -29.19
C GLY A 30 -58.32 -66.47 -29.42
N LEU A 31 -57.05 -66.50 -29.87
CA LEU A 31 -56.24 -65.28 -30.09
C LEU A 31 -56.95 -64.32 -31.06
N ASP A 32 -57.51 -64.85 -32.15
CA ASP A 32 -58.12 -64.06 -33.26
C ASP A 32 -59.32 -63.27 -32.74
N ALA A 33 -60.10 -63.82 -31.81
CA ALA A 33 -61.23 -63.13 -31.12
C ALA A 33 -60.73 -61.90 -30.35
N ARG A 34 -59.71 -62.05 -29.52
CA ARG A 34 -59.25 -61.02 -28.52
C ARG A 34 -58.64 -59.81 -29.26
N ILE A 35 -57.84 -60.05 -30.29
CA ILE A 35 -57.04 -58.98 -30.99
C ILE A 35 -57.85 -58.41 -32.15
N PRO A 36 -57.69 -57.11 -32.53
CA PRO A 36 -58.29 -56.54 -33.75
C PRO A 36 -57.96 -57.28 -35.05
N SER A 37 -58.95 -57.45 -35.93
CA SER A 37 -58.75 -58.09 -37.26
C SER A 37 -57.82 -57.20 -38.09
N LEU A 38 -57.04 -57.82 -38.96
CA LEU A 38 -56.09 -57.10 -39.84
C LEU A 38 -56.87 -56.16 -40.77
N ALA A 39 -57.98 -56.63 -41.34
CA ALA A 39 -58.94 -55.83 -42.15
C ALA A 39 -59.64 -54.74 -41.31
N GLU A 40 -59.91 -54.99 -40.02
CA GLU A 40 -60.51 -54.01 -39.08
C GLU A 40 -59.55 -52.83 -38.84
N LEU A 41 -58.22 -53.02 -38.86
CA LEU A 41 -57.22 -51.91 -38.72
C LEU A 41 -57.40 -50.84 -39.81
N GLU A 42 -57.73 -51.23 -41.05
CA GLU A 42 -57.97 -50.26 -42.17
C GLU A 42 -59.20 -49.38 -41.89
N THR A 43 -60.15 -49.83 -41.06
CA THR A 43 -61.41 -49.12 -40.70
C THR A 43 -61.41 -48.81 -39.20
N ILE A 44 -60.29 -48.34 -38.64
CA ILE A 44 -60.16 -47.97 -37.19
C ILE A 44 -59.59 -46.56 -36.99
N GLU A 45 -58.71 -46.03 -37.87
CA GLU A 45 -57.97 -44.75 -37.68
C GLU A 45 -58.95 -43.56 -37.76
N GLN A 46 -59.89 -43.57 -38.71
CA GLN A 46 -60.84 -42.45 -38.99
C GLN A 46 -62.15 -42.61 -38.19
N GLU A 47 -62.40 -43.75 -37.53
CA GLU A 47 -63.62 -44.02 -36.70
C GLU A 47 -63.29 -44.08 -35.20
N GLU A 48 -62.01 -44.25 -34.78
CA GLU A 48 -61.57 -44.14 -33.34
C GLU A 48 -60.86 -42.80 -33.10
N ALA A 49 -61.25 -41.71 -33.80
CA ALA A 49 -60.76 -40.32 -33.56
C ALA A 49 -60.99 -39.91 -32.10
N SER A 50 -62.11 -40.36 -31.50
CA SER A 50 -62.47 -40.22 -30.06
C SER A 50 -62.16 -41.52 -29.30
N SER A 51 -62.28 -41.49 -27.97
CA SER A 51 -62.03 -42.62 -27.02
C SER A 51 -60.51 -42.91 -26.88
N ARG A 52 -59.74 -42.95 -27.96
CA ARG A 52 -58.28 -43.20 -27.95
C ARG A 52 -57.52 -41.89 -28.21
N PRO A 53 -56.36 -41.63 -27.56
CA PRO A 53 -55.56 -40.43 -27.84
C PRO A 53 -54.85 -40.60 -29.19
N LYS A 54 -54.47 -39.49 -29.80
CA LYS A 54 -53.74 -39.44 -31.10
C LYS A 54 -52.59 -38.46 -30.95
N TRP A 55 -51.45 -38.74 -31.56
CA TRP A 55 -50.35 -37.75 -31.69
C TRP A 55 -50.81 -36.70 -32.68
N ASP A 56 -50.75 -35.42 -32.32
CA ASP A 56 -50.95 -34.28 -33.27
C ASP A 56 -50.01 -34.39 -34.49
N ASN A 57 -48.75 -34.77 -34.29
CA ASN A 57 -47.74 -34.84 -35.37
C ASN A 57 -46.74 -35.94 -35.03
N LYS A 58 -46.18 -36.57 -36.06
CA LYS A 58 -45.06 -37.54 -35.94
C LYS A 58 -43.93 -36.95 -35.07
N ALA A 59 -43.63 -35.64 -35.22
CA ALA A 59 -42.60 -34.93 -34.41
C ALA A 59 -42.86 -35.12 -32.92
N GLN A 60 -44.12 -35.03 -32.49
CA GLN A 60 -44.49 -35.17 -31.06
C GLN A 60 -44.10 -36.58 -30.60
N TYR A 61 -44.48 -37.61 -31.35
CA TYR A 61 -44.11 -39.01 -31.00
C TYR A 61 -42.60 -39.19 -30.99
N MET A 62 -41.90 -38.67 -32.00
CA MET A 62 -40.43 -38.84 -32.09
C MET A 62 -39.77 -38.10 -30.93
N LEU A 63 -40.21 -36.87 -30.63
CA LEU A 63 -39.69 -36.15 -29.45
C LEU A 63 -40.03 -36.88 -28.13
N THR A 64 -41.18 -37.51 -27.98
CA THR A 64 -41.50 -38.34 -26.79
C THR A 64 -40.53 -39.52 -26.72
N CYS A 65 -40.30 -40.25 -27.82
CA CYS A 65 -39.40 -41.45 -27.83
C CYS A 65 -37.98 -41.01 -27.51
N LEU A 66 -37.57 -39.87 -28.05
CA LEU A 66 -36.23 -39.30 -27.78
C LEU A 66 -36.09 -39.11 -26.28
N GLY A 67 -36.98 -38.35 -25.65
CA GLY A 67 -36.99 -38.11 -24.19
C GLY A 67 -37.07 -39.35 -23.30
N PHE A 68 -37.51 -40.50 -23.80
CA PHE A 68 -37.69 -41.72 -22.99
C PHE A 68 -36.58 -42.73 -23.26
N CYS A 69 -35.96 -42.69 -24.43
CA CYS A 69 -34.84 -43.57 -24.79
C CYS A 69 -33.52 -42.81 -24.66
N VAL A 70 -33.53 -41.47 -24.50
CA VAL A 70 -32.32 -40.65 -24.24
C VAL A 70 -32.58 -39.61 -23.13
N GLY A 71 -33.48 -39.86 -22.17
CA GLY A 71 -33.58 -39.03 -20.94
C GLY A 71 -32.52 -39.45 -19.92
N LEU A 72 -32.83 -39.37 -18.62
CA LEU A 72 -32.06 -40.06 -17.54
C LEU A 72 -32.28 -41.55 -17.72
N GLY A 73 -31.34 -42.35 -17.26
CA GLY A 73 -31.35 -43.79 -17.55
C GLY A 73 -30.40 -44.00 -18.68
N ASN A 74 -30.39 -43.11 -19.68
CA ASN A 74 -29.25 -43.03 -20.61
C ASN A 74 -28.20 -42.07 -20.03
N VAL A 75 -28.52 -40.79 -20.04
CA VAL A 75 -27.57 -39.66 -19.80
C VAL A 75 -27.07 -39.69 -18.35
N TRP A 76 -27.84 -40.19 -17.39
CA TRP A 76 -27.50 -40.19 -15.94
C TRP A 76 -26.72 -41.45 -15.59
N ARG A 77 -27.19 -42.62 -16.02
CA ARG A 77 -26.59 -43.92 -15.61
C ARG A 77 -25.30 -44.16 -16.41
N PHE A 78 -25.36 -44.20 -17.74
CA PHE A 78 -24.23 -44.56 -18.64
C PHE A 78 -22.92 -43.95 -18.12
N PRO A 79 -22.81 -42.60 -17.98
CA PRO A 79 -21.53 -42.00 -17.63
C PRO A 79 -21.00 -42.51 -16.28
N TYR A 80 -21.87 -42.68 -15.29
CA TYR A 80 -21.49 -43.25 -13.98
C TYR A 80 -20.87 -44.64 -14.18
N LEU A 81 -21.49 -45.51 -14.97
CA LEU A 81 -21.04 -46.92 -15.13
C LEU A 81 -19.74 -46.94 -15.94
N CYS A 82 -19.59 -46.03 -16.90
CA CYS A 82 -18.30 -45.82 -17.61
C CYS A 82 -17.16 -45.64 -16.60
N GLN A 83 -17.27 -44.65 -15.72
CA GLN A 83 -16.22 -44.31 -14.72
C GLN A 83 -16.20 -45.27 -13.53
N SER A 84 -17.15 -46.19 -13.36
CA SER A 84 -17.19 -47.19 -12.26
C SER A 84 -16.62 -48.54 -12.69
N HIS A 85 -16.37 -48.74 -13.99
CA HIS A 85 -15.72 -49.94 -14.56
C HIS A 85 -14.43 -49.45 -15.24
N GLY A 86 -14.59 -48.79 -16.38
CA GLY A 86 -13.51 -48.34 -17.27
C GLY A 86 -14.09 -47.45 -18.35
N GLY A 87 -13.37 -46.40 -18.71
CA GLY A 87 -13.90 -45.40 -19.63
C GLY A 87 -14.41 -46.01 -20.94
N GLY A 88 -13.64 -46.90 -21.57
CA GLY A 88 -13.96 -47.55 -22.87
C GLY A 88 -14.21 -49.05 -22.77
N ALA A 89 -13.79 -49.72 -21.70
CA ALA A 89 -14.02 -51.17 -21.45
C ALA A 89 -15.50 -51.46 -21.17
N PHE A 90 -16.34 -50.45 -20.90
CA PHE A 90 -17.80 -50.60 -20.67
C PHE A 90 -18.61 -50.26 -21.93
N MET A 91 -18.15 -49.32 -22.76
CA MET A 91 -18.91 -48.85 -23.95
C MET A 91 -18.99 -50.01 -24.96
N ILE A 92 -17.90 -50.74 -25.16
CA ILE A 92 -17.80 -51.93 -26.07
C ILE A 92 -18.95 -52.89 -25.77
N PRO A 93 -19.04 -53.53 -24.57
CA PRO A 93 -20.15 -54.44 -24.25
C PRO A 93 -21.50 -53.70 -24.36
N PHE A 94 -21.59 -52.45 -23.91
CA PHE A 94 -22.84 -51.66 -24.00
C PHE A 94 -23.30 -51.59 -25.47
N LEU A 95 -22.42 -51.18 -26.38
CA LEU A 95 -22.79 -50.98 -27.80
C LEU A 95 -23.07 -52.34 -28.46
N ILE A 96 -22.38 -53.42 -28.10
CA ILE A 96 -22.69 -54.81 -28.61
C ILE A 96 -24.12 -55.18 -28.19
N LEU A 97 -24.46 -55.06 -26.92
CA LEU A 97 -25.78 -55.51 -26.41
C LEU A 97 -26.88 -54.51 -26.82
N LEU A 98 -26.56 -53.24 -27.07
CA LEU A 98 -27.52 -52.27 -27.69
C LEU A 98 -27.99 -52.85 -29.03
N VAL A 99 -27.07 -53.35 -29.86
CA VAL A 99 -27.38 -53.85 -31.23
C VAL A 99 -28.11 -55.18 -31.12
N LEU A 100 -27.67 -56.09 -30.26
CA LEU A 100 -28.09 -57.52 -30.31
C LEU A 100 -29.23 -57.84 -29.35
N GLU A 101 -29.52 -56.98 -28.40
CA GLU A 101 -30.59 -57.19 -27.40
C GLU A 101 -31.53 -56.00 -27.25
N GLY A 102 -31.14 -54.80 -27.69
CA GLY A 102 -31.85 -53.53 -27.46
C GLY A 102 -32.65 -53.14 -28.68
N ILE A 103 -32.01 -53.08 -29.84
CA ILE A 103 -32.69 -52.69 -31.13
C ILE A 103 -33.85 -53.67 -31.36
N PRO A 104 -33.65 -55.01 -31.28
CA PRO A 104 -34.74 -55.98 -31.43
C PRO A 104 -35.93 -55.80 -30.47
N LEU A 105 -35.69 -55.70 -29.17
CA LEU A 105 -36.79 -55.32 -28.24
C LEU A 105 -37.43 -53.98 -28.62
N LEU A 106 -36.63 -52.98 -29.02
CA LEU A 106 -37.20 -51.63 -29.27
C LEU A 106 -38.20 -51.77 -30.43
N TYR A 107 -37.77 -52.41 -31.52
CA TYR A 107 -38.66 -52.65 -32.68
C TYR A 107 -39.87 -53.46 -32.22
N LEU A 108 -39.63 -54.56 -31.49
CA LEU A 108 -40.75 -55.46 -31.07
C LEU A 108 -41.82 -54.66 -30.32
N GLU A 109 -41.43 -53.87 -29.31
CA GLU A 109 -42.37 -53.05 -28.50
C GLU A 109 -43.13 -52.05 -29.38
N PHE A 110 -42.41 -51.30 -30.21
CA PHE A 110 -43.01 -50.34 -31.18
C PHE A 110 -44.05 -51.03 -32.06
N ALA A 111 -43.67 -52.14 -32.69
CA ALA A 111 -44.58 -52.86 -33.63
C ALA A 111 -45.78 -53.38 -32.87
N ILE A 112 -45.58 -54.02 -31.71
CA ILE A 112 -46.70 -54.77 -31.05
C ILE A 112 -47.72 -53.75 -30.56
N GLY A 113 -47.24 -52.62 -30.04
CA GLY A 113 -48.10 -51.50 -29.65
C GLY A 113 -48.88 -50.97 -30.84
N GLN A 114 -48.21 -50.73 -31.96
CA GLN A 114 -48.83 -50.15 -33.17
C GLN A 114 -49.88 -51.11 -33.73
N ARG A 115 -49.69 -52.43 -33.58
CA ARG A 115 -50.63 -53.39 -34.22
C ARG A 115 -51.84 -53.66 -33.33
N LEU A 116 -51.62 -53.93 -32.04
CA LEU A 116 -52.75 -54.32 -31.13
C LEU A 116 -53.45 -53.11 -30.53
N ARG A 117 -52.99 -51.88 -30.78
CA ARG A 117 -53.76 -50.64 -30.44
C ARG A 117 -54.13 -50.62 -28.94
N ARG A 118 -53.23 -51.05 -28.06
CA ARG A 118 -53.45 -51.09 -26.59
C ARG A 118 -52.13 -50.81 -25.87
N GLY A 119 -52.20 -50.53 -24.57
CA GLY A 119 -51.02 -50.43 -23.68
C GLY A 119 -50.43 -51.79 -23.34
N SER A 120 -49.37 -51.78 -22.54
CA SER A 120 -48.67 -53.01 -22.07
C SER A 120 -49.70 -53.99 -21.49
N LEU A 121 -50.55 -53.55 -20.57
CA LEU A 121 -51.54 -54.45 -19.92
C LEU A 121 -52.54 -54.96 -20.96
N GLY A 122 -53.04 -54.09 -21.84
CA GLY A 122 -53.92 -54.53 -22.93
C GLY A 122 -53.22 -55.51 -23.86
N VAL A 123 -51.96 -55.22 -24.24
CA VAL A 123 -51.21 -56.03 -25.23
C VAL A 123 -51.02 -57.45 -24.67
N TRP A 124 -50.43 -57.66 -23.49
CA TRP A 124 -50.01 -59.03 -23.10
C TRP A 124 -51.24 -59.85 -22.73
N SER A 125 -52.28 -59.21 -22.21
CA SER A 125 -53.56 -59.85 -21.84
C SER A 125 -54.28 -60.37 -23.07
N SER A 126 -54.22 -59.62 -24.17
CA SER A 126 -54.86 -60.02 -25.44
C SER A 126 -54.03 -61.11 -26.16
N ILE A 127 -52.69 -61.09 -26.11
CA ILE A 127 -51.86 -62.20 -26.70
C ILE A 127 -52.16 -63.51 -25.95
N HIS A 128 -52.37 -63.50 -24.63
CA HIS A 128 -52.83 -64.67 -23.85
C HIS A 128 -53.39 -64.19 -22.52
N PRO A 129 -54.61 -64.58 -22.06
CA PRO A 129 -55.09 -64.15 -20.73
C PRO A 129 -54.24 -64.45 -19.48
N ALA A 130 -53.37 -65.48 -19.48
CA ALA A 130 -52.40 -65.80 -18.40
C ALA A 130 -51.24 -64.80 -18.33
N LEU A 131 -51.00 -64.01 -19.38
CA LEU A 131 -49.90 -63.02 -19.42
C LEU A 131 -50.37 -61.62 -18.96
N LYS A 132 -51.50 -61.46 -18.26
CA LYS A 132 -51.83 -60.14 -17.64
C LYS A 132 -50.80 -59.79 -16.55
N GLY A 133 -50.15 -60.80 -15.93
CA GLY A 133 -49.02 -60.66 -14.99
C GLY A 133 -47.83 -59.90 -15.55
N LEU A 134 -47.55 -60.06 -16.86
CA LEU A 134 -46.45 -59.35 -17.58
C LEU A 134 -46.74 -57.85 -17.53
N GLY A 135 -48.00 -57.47 -17.73
CA GLY A 135 -48.44 -56.07 -17.73
C GLY A 135 -48.47 -55.46 -16.35
N LEU A 136 -48.77 -56.25 -15.32
CA LEU A 136 -48.77 -55.77 -13.90
C LEU A 136 -47.32 -55.60 -13.42
N ALA A 137 -46.39 -56.41 -13.91
CA ALA A 137 -44.96 -56.32 -13.54
C ALA A 137 -44.32 -55.10 -14.18
N SER A 138 -44.75 -54.72 -15.38
CA SER A 138 -44.31 -53.46 -16.03
C SER A 138 -44.84 -52.23 -15.28
N MET A 139 -46.09 -52.24 -14.81
CA MET A 139 -46.70 -51.08 -14.09
C MET A 139 -45.92 -50.86 -12.77
N LEU A 140 -45.65 -51.93 -12.02
CA LEU A 140 -44.90 -51.86 -10.72
C LEU A 140 -43.46 -51.39 -10.97
N THR A 141 -42.81 -51.95 -11.98
CA THR A 141 -41.41 -51.58 -12.34
C THR A 141 -41.38 -50.08 -12.69
N SER A 142 -42.35 -49.65 -13.47
CA SER A 142 -42.48 -48.24 -13.94
C SER A 142 -42.71 -47.34 -12.72
N PHE A 143 -43.54 -47.80 -11.79
CA PHE A 143 -43.82 -47.12 -10.50
C PHE A 143 -42.50 -46.87 -9.78
N MET A 144 -41.72 -47.94 -9.60
CA MET A 144 -40.46 -47.97 -8.81
C MET A 144 -39.38 -47.12 -9.46
N VAL A 145 -39.32 -47.09 -10.79
CA VAL A 145 -38.25 -46.33 -11.48
C VAL A 145 -38.65 -44.86 -11.51
N GLY A 146 -39.94 -44.57 -11.63
CA GLY A 146 -40.49 -43.21 -11.41
C GLY A 146 -40.20 -42.68 -10.01
N LEU A 147 -40.34 -43.52 -8.99
CA LEU A 147 -40.13 -43.09 -7.58
C LEU A 147 -38.64 -42.74 -7.41
N TYR A 148 -37.75 -43.58 -7.97
CA TYR A 148 -36.28 -43.34 -7.97
C TYR A 148 -35.96 -42.03 -8.69
N TYR A 149 -36.36 -41.91 -9.96
CA TYR A 149 -35.93 -40.76 -10.80
C TYR A 149 -36.54 -39.46 -10.33
N ASN A 150 -37.67 -39.48 -9.63
CA ASN A 150 -38.27 -38.19 -9.20
C ASN A 150 -37.55 -37.67 -7.94
N THR A 151 -36.98 -38.55 -7.12
CA THR A 151 -36.10 -38.15 -6.00
C THR A 151 -34.83 -37.48 -6.54
N ILE A 152 -34.18 -38.10 -7.53
CA ILE A 152 -33.04 -37.49 -8.28
C ILE A 152 -33.50 -36.11 -8.79
N ILE A 153 -34.69 -35.99 -9.37
CA ILE A 153 -35.18 -34.68 -9.89
C ILE A 153 -35.35 -33.68 -8.74
N SER A 154 -35.81 -34.12 -7.57
CA SER A 154 -35.96 -33.22 -6.39
C SER A 154 -34.60 -32.69 -5.96
N TRP A 155 -33.57 -33.53 -5.93
CA TRP A 155 -32.18 -33.08 -5.67
C TRP A 155 -31.72 -32.11 -6.75
N ILE A 156 -31.99 -32.40 -8.01
CA ILE A 156 -31.57 -31.52 -9.14
C ILE A 156 -32.19 -30.13 -8.90
N MET A 157 -33.47 -30.07 -8.53
CA MET A 157 -34.18 -28.79 -8.28
C MET A 157 -33.58 -28.07 -7.08
N TRP A 158 -33.26 -28.78 -5.99
CA TRP A 158 -32.54 -28.15 -4.84
C TRP A 158 -31.31 -27.42 -5.38
N TYR A 159 -30.48 -28.08 -6.17
CA TYR A 159 -29.28 -27.44 -6.76
C TYR A 159 -29.61 -26.34 -7.74
N LEU A 160 -30.66 -26.47 -8.53
CA LEU A 160 -31.09 -25.39 -9.45
C LEU A 160 -31.57 -24.18 -8.64
N PHE A 161 -32.29 -24.38 -7.54
CA PHE A 161 -32.76 -23.25 -6.68
C PHE A 161 -31.59 -22.53 -5.99
N ASN A 162 -30.48 -23.20 -5.70
CA ASN A 162 -29.27 -22.57 -5.08
C ASN A 162 -28.30 -22.06 -6.17
N SER A 163 -28.67 -22.04 -7.46
CA SER A 163 -27.74 -21.64 -8.56
C SER A 163 -27.92 -20.17 -8.94
N PHE A 164 -28.70 -19.35 -8.22
CA PHE A 164 -28.90 -17.90 -8.53
C PHE A 164 -28.13 -17.04 -7.50
N GLN A 165 -26.85 -17.35 -7.25
CA GLN A 165 -26.03 -16.70 -6.18
C GLN A 165 -24.58 -16.55 -6.64
N GLU A 166 -24.06 -15.33 -6.85
CA GLU A 166 -22.74 -15.11 -7.53
C GLU A 166 -21.70 -16.08 -6.95
N PRO A 167 -21.41 -16.06 -5.62
CA PRO A 167 -20.72 -17.18 -4.96
C PRO A 167 -21.67 -18.36 -4.68
N LEU A 168 -21.67 -19.32 -5.60
CA LEU A 168 -22.47 -20.58 -5.48
C LEU A 168 -22.35 -21.14 -4.05
N PRO A 169 -23.43 -21.54 -3.35
CA PRO A 169 -23.35 -21.94 -1.93
C PRO A 169 -22.36 -23.05 -1.57
N TRP A 170 -22.01 -23.89 -2.53
CA TRP A 170 -21.08 -25.03 -2.36
C TRP A 170 -19.63 -24.60 -2.64
N SER A 171 -19.35 -23.29 -2.74
CA SER A 171 -17.98 -22.78 -3.00
C SER A 171 -17.29 -22.34 -1.71
N ASP A 172 -17.82 -22.64 -0.54
CA ASP A 172 -17.27 -22.13 0.75
C ASP A 172 -17.77 -22.99 1.92
N CYS A 173 -17.10 -22.87 3.07
CA CYS A 173 -17.44 -23.63 4.31
C CYS A 173 -18.13 -22.69 5.29
N PRO A 174 -19.00 -23.19 6.20
CA PRO A 174 -19.53 -22.39 7.30
C PRO A 174 -18.47 -22.25 8.40
N LEU A 175 -18.58 -21.22 9.23
CA LEU A 175 -17.63 -20.96 10.35
C LEU A 175 -18.12 -21.62 11.63
N ASN A 176 -17.44 -21.40 12.75
CA ASN A 176 -17.78 -21.94 14.09
C ASN A 176 -18.36 -20.83 14.97
N GLU A 177 -18.90 -21.17 16.13
CA GLU A 177 -19.40 -20.18 17.15
C GLU A 177 -18.42 -19.02 17.36
N ASN A 178 -17.10 -19.27 17.35
CA ASN A 178 -16.05 -18.21 17.34
C ASN A 178 -16.06 -17.36 16.05
N GLN A 179 -16.84 -17.73 15.02
CA GLN A 179 -16.81 -17.09 13.67
C GLN A 179 -15.34 -16.84 13.26
N THR A 180 -14.47 -17.78 13.55
CA THR A 180 -13.02 -17.76 13.19
C THR A 180 -12.47 -19.15 12.80
N GLY A 181 -13.17 -20.28 13.08
CA GLY A 181 -12.84 -21.65 12.67
C GLY A 181 -13.85 -22.18 11.67
N TYR A 182 -13.38 -22.66 10.50
CA TYR A 182 -14.21 -23.38 9.48
C TYR A 182 -14.75 -24.67 10.11
N VAL A 183 -15.98 -25.06 9.74
CA VAL A 183 -16.63 -26.32 10.25
C VAL A 183 -15.64 -27.46 10.02
N ASP A 184 -15.36 -28.25 11.05
CA ASP A 184 -14.28 -29.27 11.00
C ASP A 184 -14.57 -30.26 9.87
N GLU A 185 -15.83 -30.70 9.75
CA GLU A 185 -16.30 -31.59 8.66
C GLU A 185 -15.87 -31.01 7.32
N CYS A 186 -16.38 -29.84 6.95
CA CYS A 186 -15.98 -29.13 5.69
C CYS A 186 -14.44 -29.12 5.57
N ALA A 187 -13.77 -28.75 6.66
CA ALA A 187 -12.29 -28.67 6.68
C ALA A 187 -11.69 -30.05 6.33
N ARG A 188 -12.15 -31.10 7.02
CA ARG A 188 -11.65 -32.48 6.76
C ARG A 188 -12.10 -32.93 5.37
N SER A 189 -13.30 -32.52 4.94
CA SER A 189 -13.84 -32.88 3.60
C SER A 189 -13.59 -31.75 2.61
N SER A 190 -14.65 -31.15 2.05
CA SER A 190 -14.57 -30.03 1.10
C SER A 190 -15.85 -29.21 1.17
N PRO A 191 -15.88 -27.97 0.64
CA PRO A 191 -17.10 -27.16 0.57
C PRO A 191 -18.22 -27.89 -0.18
N VAL A 192 -17.87 -28.58 -1.26
CA VAL A 192 -18.86 -29.33 -2.08
C VAL A 192 -19.31 -30.56 -1.29
N ASP A 193 -18.40 -31.46 -0.93
CA ASP A 193 -18.76 -32.63 -0.08
C ASP A 193 -19.63 -32.21 1.09
N TYR A 194 -19.37 -31.06 1.69
CA TYR A 194 -20.15 -30.63 2.88
C TYR A 194 -21.50 -30.11 2.41
N PHE A 195 -21.56 -29.34 1.32
CA PHE A 195 -22.88 -28.90 0.82
C PHE A 195 -23.78 -30.09 0.39
N TRP A 196 -23.21 -31.16 -0.17
CA TRP A 196 -23.98 -32.38 -0.54
C TRP A 196 -24.46 -33.10 0.72
N TYR A 197 -23.52 -33.55 1.55
CA TYR A 197 -23.85 -34.49 2.64
C TYR A 197 -24.54 -33.77 3.82
N ARG A 198 -24.12 -32.55 4.12
CA ARG A 198 -24.63 -31.86 5.32
C ARG A 198 -25.72 -30.87 4.94
N GLU A 199 -25.46 -29.96 4.01
CA GLU A 199 -26.44 -28.88 3.75
C GLU A 199 -27.63 -29.37 2.92
N THR A 200 -27.55 -30.48 2.20
CA THR A 200 -28.61 -30.93 1.26
C THR A 200 -29.32 -32.14 1.86
N LEU A 201 -28.53 -33.17 2.11
CA LEU A 201 -28.98 -34.47 2.69
C LEU A 201 -29.18 -34.35 4.19
N ASN A 202 -28.27 -33.67 4.90
CA ASN A 202 -28.18 -33.72 6.40
C ASN A 202 -28.09 -35.18 6.83
N ILE A 203 -27.19 -35.90 6.17
CA ILE A 203 -27.16 -37.39 6.16
C ILE A 203 -26.83 -37.91 7.55
N SER A 204 -27.37 -39.06 7.90
CA SER A 204 -27.05 -39.79 9.16
C SER A 204 -25.89 -40.76 8.90
N THR A 205 -25.46 -41.49 9.90
CA THR A 205 -24.22 -42.32 9.83
C THR A 205 -24.50 -43.76 9.41
N SER A 206 -25.75 -44.14 9.09
CA SER A 206 -26.16 -45.52 8.70
C SER A 206 -27.65 -45.53 8.36
N ILE A 207 -28.11 -46.56 7.64
CA ILE A 207 -29.56 -46.74 7.29
C ILE A 207 -30.39 -46.96 8.57
N SER A 208 -29.84 -47.57 9.63
CA SER A 208 -30.58 -47.80 10.89
C SER A 208 -30.94 -46.46 11.56
N ASP A 209 -30.13 -45.42 11.41
CA ASP A 209 -30.38 -44.07 11.98
C ASP A 209 -31.27 -43.31 10.99
N SER A 210 -32.58 -43.46 11.13
CA SER A 210 -33.59 -42.83 10.24
C SER A 210 -33.59 -41.30 10.37
N GLY A 211 -33.38 -40.79 11.58
CA GLY A 211 -33.58 -39.36 11.92
C GLY A 211 -35.02 -38.94 11.70
N SER A 212 -35.24 -37.96 10.81
CA SER A 212 -36.54 -37.31 10.56
C SER A 212 -36.58 -36.74 9.14
N ILE A 213 -37.63 -35.99 8.78
CA ILE A 213 -37.85 -35.44 7.40
C ILE A 213 -37.12 -34.09 7.28
N GLN A 214 -36.32 -33.92 6.23
CA GLN A 214 -35.64 -32.62 5.92
C GLN A 214 -36.68 -31.76 5.20
N TRP A 215 -37.24 -30.78 5.89
CA TRP A 215 -38.37 -29.96 5.35
C TRP A 215 -37.99 -29.39 3.98
N TRP A 216 -36.78 -28.85 3.84
CA TRP A 216 -36.30 -28.22 2.58
C TRP A 216 -36.25 -29.27 1.45
N MET A 217 -35.93 -30.53 1.77
CA MET A 217 -36.00 -31.63 0.76
C MET A 217 -37.44 -31.91 0.37
N LEU A 218 -38.33 -32.01 1.36
CA LEU A 218 -39.80 -32.16 1.16
C LEU A 218 -40.36 -31.09 0.23
N LEU A 219 -39.97 -29.82 0.43
CA LEU A 219 -40.39 -28.73 -0.50
C LEU A 219 -39.91 -28.98 -1.93
N CYS A 220 -38.73 -29.54 -2.09
CA CYS A 220 -38.18 -29.83 -3.43
C CYS A 220 -38.90 -31.04 -4.06
N LEU A 221 -39.30 -32.00 -3.25
CA LEU A 221 -39.99 -33.20 -3.77
C LEU A 221 -41.37 -32.80 -4.26
N ALA A 222 -42.06 -31.96 -3.49
CA ALA A 222 -43.40 -31.41 -3.84
C ALA A 222 -43.27 -30.67 -5.15
N CYS A 223 -42.25 -29.84 -5.30
CA CYS A 223 -42.01 -29.07 -6.54
C CYS A 223 -41.86 -30.02 -7.74
N ALA A 224 -41.04 -31.07 -7.62
CA ALA A 224 -40.81 -32.08 -8.69
C ALA A 224 -42.14 -32.71 -9.13
N TRP A 225 -42.89 -33.26 -8.17
CA TRP A 225 -44.19 -33.95 -8.43
C TRP A 225 -45.20 -32.99 -9.05
N SER A 226 -45.20 -31.75 -8.61
CA SER A 226 -46.22 -30.75 -8.98
C SER A 226 -45.94 -30.34 -10.43
N VAL A 227 -44.67 -30.15 -10.81
CA VAL A 227 -44.33 -29.78 -12.21
C VAL A 227 -44.69 -30.94 -13.14
N LEU A 228 -44.38 -32.16 -12.70
CA LEU A 228 -44.69 -33.39 -13.47
C LEU A 228 -46.19 -33.44 -13.72
N TYR A 229 -47.00 -33.22 -12.69
CA TYR A 229 -48.48 -33.19 -12.84
C TYR A 229 -48.94 -32.12 -13.83
N MET A 230 -48.44 -30.88 -13.73
CA MET A 230 -48.73 -29.81 -14.73
C MET A 230 -48.50 -30.35 -16.15
N CYS A 231 -47.42 -31.07 -16.43
CA CYS A 231 -47.09 -31.60 -17.79
C CYS A 231 -47.89 -32.88 -18.14
N THR A 232 -48.32 -33.71 -17.19
CA THR A 232 -48.92 -35.03 -17.52
C THR A 232 -50.41 -35.03 -17.22
N ILE A 233 -51.02 -33.86 -17.05
CA ILE A 233 -52.40 -33.73 -16.47
C ILE A 233 -53.41 -34.41 -17.41
N ARG A 234 -53.25 -34.24 -18.73
CA ARG A 234 -54.12 -34.87 -19.75
C ARG A 234 -53.26 -35.76 -20.66
N GLY A 235 -52.43 -36.64 -20.06
CA GLY A 235 -51.57 -37.58 -20.80
C GLY A 235 -50.94 -36.89 -22.01
N ILE A 236 -51.07 -37.48 -23.21
CA ILE A 236 -50.30 -37.01 -24.40
C ILE A 236 -50.91 -35.73 -24.96
N GLU A 237 -52.12 -35.33 -24.57
CA GLU A 237 -52.70 -34.01 -24.93
C GLU A 237 -51.80 -32.92 -24.37
N THR A 238 -51.20 -33.13 -23.20
CA THR A 238 -50.34 -32.13 -22.51
C THR A 238 -48.87 -32.52 -22.67
N THR A 239 -48.48 -33.80 -22.58
CA THR A 239 -47.04 -34.17 -22.59
C THR A 239 -46.46 -33.96 -23.99
N GLY A 240 -47.27 -34.09 -25.05
CA GLY A 240 -46.86 -33.88 -26.45
C GLY A 240 -46.49 -32.43 -26.75
N LYS A 241 -47.07 -31.45 -26.07
CA LYS A 241 -46.60 -30.04 -26.19
C LYS A 241 -45.37 -29.83 -25.30
N ALA A 242 -45.31 -30.42 -24.10
CA ALA A 242 -44.18 -30.32 -23.14
C ALA A 242 -42.85 -30.73 -23.78
N VAL A 243 -42.86 -31.84 -24.52
CA VAL A 243 -41.65 -32.42 -25.20
C VAL A 243 -41.04 -31.42 -26.20
N TYR A 244 -41.76 -30.42 -26.76
CA TYR A 244 -41.12 -29.46 -27.71
C TYR A 244 -39.99 -28.71 -27.01
N ILE A 245 -40.12 -28.37 -25.72
CA ILE A 245 -39.02 -27.73 -24.93
C ILE A 245 -38.26 -28.80 -24.15
N THR A 246 -38.88 -29.86 -23.67
CA THR A 246 -38.30 -30.79 -22.67
C THR A 246 -37.35 -31.79 -23.35
N SER A 247 -37.57 -32.15 -24.62
CA SER A 247 -36.70 -33.05 -25.40
C SER A 247 -35.83 -32.27 -26.41
N THR A 248 -35.78 -30.94 -26.38
CA THR A 248 -34.94 -30.15 -27.32
C THR A 248 -33.87 -29.37 -26.53
N LEU A 249 -34.23 -28.66 -25.43
CA LEU A 249 -33.29 -27.95 -24.49
C LEU A 249 -32.12 -28.82 -24.04
N PRO A 250 -32.36 -30.04 -23.49
CA PRO A 250 -31.23 -30.83 -22.97
C PRO A 250 -30.11 -31.00 -24.00
N TYR A 251 -30.45 -31.15 -25.28
CA TYR A 251 -29.49 -31.60 -26.33
C TYR A 251 -28.66 -30.38 -26.71
N VAL A 252 -29.28 -29.20 -26.81
CA VAL A 252 -28.54 -27.94 -27.10
C VAL A 252 -27.63 -27.64 -25.90
N VAL A 253 -28.12 -27.73 -24.66
CA VAL A 253 -27.29 -27.35 -23.48
C VAL A 253 -26.13 -28.34 -23.33
N LEU A 254 -26.36 -29.61 -23.62
CA LEU A 254 -25.33 -30.68 -23.58
C LEU A 254 -24.30 -30.44 -24.70
N THR A 255 -24.68 -29.76 -25.79
CA THR A 255 -23.76 -29.33 -26.86
C THR A 255 -22.90 -28.17 -26.42
N ILE A 256 -23.50 -27.22 -25.72
CA ILE A 256 -22.79 -26.08 -25.09
C ILE A 256 -21.76 -26.64 -24.10
N PHE A 257 -22.14 -27.62 -23.28
CA PHE A 257 -21.24 -28.22 -22.26
C PHE A 257 -20.16 -29.06 -22.94
N LEU A 258 -20.42 -29.65 -24.11
CA LEU A 258 -19.37 -30.39 -24.85
C LEU A 258 -18.26 -29.37 -25.22
N ILE A 259 -18.65 -28.20 -25.75
CA ILE A 259 -17.68 -27.18 -26.22
C ILE A 259 -16.97 -26.58 -25.00
N ARG A 260 -17.70 -26.24 -23.94
CA ARG A 260 -17.10 -25.69 -22.70
C ARG A 260 -16.13 -26.72 -22.11
N GLY A 261 -16.56 -27.99 -22.09
CA GLY A 261 -15.80 -29.12 -21.54
C GLY A 261 -14.48 -29.30 -22.26
N LEU A 262 -14.49 -29.37 -23.59
CA LEU A 262 -13.27 -29.68 -24.41
C LEU A 262 -12.21 -28.58 -24.24
N THR A 263 -12.61 -27.35 -23.94
CA THR A 263 -11.68 -26.21 -23.77
C THR A 263 -11.15 -26.17 -22.34
N LEU A 264 -11.27 -27.25 -21.56
CA LEU A 264 -10.75 -27.32 -20.18
C LEU A 264 -9.25 -27.66 -20.22
N LYS A 265 -8.54 -27.41 -19.11
CA LYS A 265 -7.06 -27.61 -19.02
C LYS A 265 -6.70 -29.08 -19.27
N GLY A 266 -7.33 -30.01 -18.57
CA GLY A 266 -7.02 -31.45 -18.67
C GLY A 266 -8.06 -32.21 -19.43
N ALA A 267 -9.03 -31.53 -20.04
CA ALA A 267 -10.13 -32.19 -20.79
C ALA A 267 -9.56 -33.27 -21.71
N THR A 268 -8.63 -32.88 -22.58
CA THR A 268 -8.00 -33.79 -23.57
C THR A 268 -7.32 -34.97 -22.86
N ASN A 269 -6.82 -34.76 -21.65
CA ASN A 269 -6.17 -35.80 -20.82
C ASN A 269 -7.20 -36.86 -20.41
N GLY A 270 -8.35 -36.40 -19.91
CA GLY A 270 -9.53 -37.22 -19.56
C GLY A 270 -10.10 -37.97 -20.77
N ILE A 271 -10.22 -37.30 -21.92
CA ILE A 271 -10.83 -37.93 -23.13
C ILE A 271 -9.87 -39.01 -23.68
N VAL A 272 -8.57 -38.81 -23.57
CA VAL A 272 -7.60 -39.90 -23.90
C VAL A 272 -7.78 -41.05 -22.90
N PHE A 273 -8.08 -40.75 -21.64
CA PHE A 273 -8.21 -41.79 -20.59
C PHE A 273 -9.44 -42.71 -20.87
N LEU A 274 -10.60 -42.24 -21.37
CA LEU A 274 -11.70 -43.23 -21.64
C LEU A 274 -11.49 -43.96 -22.96
N PHE A 275 -10.60 -43.52 -23.85
CA PHE A 275 -10.34 -44.23 -25.13
C PHE A 275 -9.00 -45.01 -25.04
N THR A 276 -8.46 -45.21 -23.84
CA THR A 276 -7.40 -46.22 -23.58
C THR A 276 -7.93 -47.13 -22.47
N PRO A 277 -8.90 -48.02 -22.76
CA PRO A 277 -9.40 -48.96 -21.76
C PRO A 277 -8.37 -50.08 -21.49
N ASN A 278 -8.25 -50.47 -20.22
CA ASN A 278 -7.63 -51.76 -19.81
C ASN A 278 -8.59 -52.87 -20.28
N VAL A 279 -8.05 -53.89 -20.92
CA VAL A 279 -8.81 -55.02 -21.51
C VAL A 279 -8.95 -56.11 -20.45
N THR A 280 -8.03 -56.21 -19.47
CA THR A 280 -8.14 -57.13 -18.29
C THR A 280 -9.53 -57.08 -17.63
N GLU A 281 -10.25 -55.95 -17.69
CA GLU A 281 -11.60 -55.84 -17.11
C GLU A 281 -12.73 -55.98 -18.15
N LEU A 282 -12.41 -55.95 -19.44
CA LEU A 282 -13.34 -56.37 -20.53
C LEU A 282 -13.68 -57.88 -20.41
N ALA A 283 -12.87 -58.67 -19.70
CA ALA A 283 -13.11 -60.10 -19.34
C ALA A 283 -13.75 -60.26 -17.95
N GLN A 284 -14.43 -59.25 -17.40
CA GLN A 284 -15.05 -59.30 -16.04
C GLN A 284 -16.56 -59.41 -16.22
N PRO A 285 -17.20 -60.53 -15.79
CA PRO A 285 -18.65 -60.69 -15.96
C PRO A 285 -19.51 -59.53 -15.41
N ASP A 286 -19.06 -58.78 -14.40
CA ASP A 286 -19.80 -57.58 -13.89
C ASP A 286 -19.90 -56.50 -14.97
N THR A 287 -18.82 -56.26 -15.73
CA THR A 287 -18.88 -55.29 -16.86
C THR A 287 -19.97 -55.74 -17.85
N TRP A 288 -20.12 -57.05 -18.07
CA TRP A 288 -21.13 -57.54 -19.04
C TRP A 288 -22.53 -57.41 -18.44
N LEU A 289 -22.71 -57.74 -17.17
CA LEU A 289 -24.01 -57.69 -16.46
C LEU A 289 -24.55 -56.26 -16.34
N ASP A 290 -23.69 -55.30 -15.99
CA ASP A 290 -24.07 -53.87 -15.85
C ASP A 290 -24.47 -53.34 -17.23
N ALA A 291 -23.76 -53.74 -18.27
CA ALA A 291 -24.01 -53.33 -19.67
C ALA A 291 -25.33 -53.97 -20.13
N GLY A 292 -25.51 -55.25 -19.78
CA GLY A 292 -26.78 -55.97 -19.98
C GLY A 292 -27.96 -55.16 -19.48
N ALA A 293 -27.90 -54.80 -18.20
CA ALA A 293 -29.05 -54.18 -17.50
C ALA A 293 -29.15 -52.70 -17.92
N GLN A 294 -28.03 -52.08 -18.31
CA GLN A 294 -28.03 -50.66 -18.78
C GLN A 294 -28.78 -50.57 -20.10
N VAL A 295 -28.66 -51.58 -20.98
CA VAL A 295 -29.41 -51.51 -22.27
C VAL A 295 -30.90 -51.34 -21.95
N PHE A 296 -31.47 -52.03 -20.98
CA PHE A 296 -32.93 -51.87 -20.70
C PHE A 296 -33.22 -50.55 -20.00
N PHE A 297 -32.35 -50.02 -19.13
CA PHE A 297 -32.58 -48.69 -18.50
C PHE A 297 -32.38 -47.59 -19.54
N SER A 298 -31.39 -47.69 -20.45
CA SER A 298 -31.09 -46.65 -21.46
C SER A 298 -32.32 -46.41 -22.36
N PHE A 299 -32.88 -47.48 -22.93
CA PHE A 299 -34.02 -47.40 -23.87
C PHE A 299 -35.38 -47.26 -23.15
N SER A 300 -35.45 -47.43 -21.82
CA SER A 300 -36.73 -47.53 -21.08
C SER A 300 -37.58 -48.70 -21.62
N LEU A 301 -36.91 -49.79 -22.03
CA LEU A 301 -37.58 -51.06 -22.41
C LEU A 301 -38.16 -51.70 -21.15
N ALA A 302 -39.12 -52.61 -21.34
CA ALA A 302 -39.76 -53.44 -20.28
C ALA A 302 -40.41 -52.57 -19.18
N PHE A 303 -40.74 -51.32 -19.46
CA PHE A 303 -41.50 -50.38 -18.58
C PHE A 303 -42.94 -50.27 -19.06
N GLY A 304 -43.14 -50.34 -20.38
CA GLY A 304 -44.45 -50.43 -21.04
C GLY A 304 -44.93 -49.10 -21.58
N GLY A 305 -44.27 -47.98 -21.26
CA GLY A 305 -44.56 -46.66 -21.84
C GLY A 305 -44.42 -46.62 -23.35
N LEU A 306 -43.37 -47.27 -23.86
CA LEU A 306 -43.08 -47.32 -25.33
C LEU A 306 -44.23 -48.01 -26.06
N ILE A 307 -44.77 -49.09 -25.49
CA ILE A 307 -45.87 -49.85 -26.14
C ILE A 307 -47.09 -48.92 -26.22
N SER A 308 -47.48 -48.28 -25.11
CA SER A 308 -48.62 -47.33 -25.06
C SER A 308 -48.40 -46.22 -26.09
N PHE A 309 -47.21 -45.63 -26.14
CA PHE A 309 -46.97 -44.46 -27.02
C PHE A 309 -47.02 -44.91 -28.48
N SER A 310 -46.49 -46.07 -28.81
CA SER A 310 -46.52 -46.55 -30.22
C SER A 310 -47.96 -46.93 -30.60
N SER A 311 -48.79 -47.35 -29.65
CA SER A 311 -50.22 -47.65 -29.89
C SER A 311 -51.05 -46.42 -30.33
N TYR A 312 -50.59 -45.19 -30.19
CA TYR A 312 -51.32 -43.99 -30.67
C TYR A 312 -50.89 -43.58 -32.09
N ASN A 313 -50.02 -44.32 -32.75
CA ASN A 313 -49.57 -43.97 -34.14
C ASN A 313 -50.54 -44.55 -35.15
N SER A 314 -50.47 -44.07 -36.39
CA SER A 314 -51.16 -44.65 -37.58
C SER A 314 -50.78 -46.12 -37.73
N VAL A 315 -51.73 -46.97 -38.14
CA VAL A 315 -51.40 -48.42 -38.36
C VAL A 315 -50.37 -48.54 -39.50
N HIS A 316 -50.26 -47.58 -40.42
CA HIS A 316 -49.27 -47.63 -41.53
C HIS A 316 -47.99 -46.83 -41.21
N ASN A 317 -47.67 -46.65 -39.93
CA ASN A 317 -46.47 -45.94 -39.45
C ASN A 317 -45.25 -46.85 -39.54
N ASN A 318 -44.13 -46.34 -40.02
CA ASN A 318 -42.92 -47.18 -40.19
C ASN A 318 -42.24 -47.32 -38.82
N CYS A 319 -42.59 -48.36 -38.06
CA CYS A 319 -42.02 -48.59 -36.69
C CYS A 319 -40.57 -49.14 -36.78
N GLU A 320 -40.18 -49.82 -37.86
CA GLU A 320 -38.79 -50.33 -38.06
C GLU A 320 -37.80 -49.16 -38.12
N LYS A 321 -38.10 -48.19 -38.98
CA LYS A 321 -37.26 -47.00 -39.23
C LYS A 321 -37.16 -46.20 -37.93
N ASP A 322 -38.27 -46.07 -37.20
CA ASP A 322 -38.30 -45.35 -35.90
C ASP A 322 -37.39 -46.03 -34.90
N SER A 323 -37.48 -47.36 -34.77
CA SER A 323 -36.65 -48.07 -33.78
C SER A 323 -35.17 -47.85 -34.11
N VAL A 324 -34.79 -47.94 -35.38
CA VAL A 324 -33.37 -47.77 -35.82
C VAL A 324 -32.92 -46.33 -35.54
N ILE A 325 -33.75 -45.33 -35.86
CA ILE A 325 -33.37 -43.89 -35.69
C ILE A 325 -33.16 -43.62 -34.20
N VAL A 326 -34.12 -44.05 -33.37
CA VAL A 326 -34.04 -43.89 -31.88
C VAL A 326 -32.76 -44.56 -31.39
N SER A 327 -32.49 -45.79 -31.83
CA SER A 327 -31.30 -46.56 -31.42
C SER A 327 -30.03 -45.78 -31.73
N ILE A 328 -29.84 -45.42 -33.01
CA ILE A 328 -28.62 -44.69 -33.46
C ILE A 328 -28.42 -43.49 -32.53
N ILE A 329 -29.47 -42.69 -32.30
CA ILE A 329 -29.40 -41.50 -31.39
C ILE A 329 -28.99 -42.00 -29.98
N ASN A 330 -29.55 -43.12 -29.49
CA ASN A 330 -29.25 -43.63 -28.12
C ASN A 330 -27.75 -43.92 -27.98
N GLY A 331 -27.19 -44.71 -28.89
CA GLY A 331 -25.74 -45.04 -28.91
C GLY A 331 -24.89 -43.80 -29.05
N PHE A 332 -25.22 -42.93 -30.01
CA PHE A 332 -24.40 -41.72 -30.27
C PHE A 332 -24.43 -40.84 -29.00
N THR A 333 -25.60 -40.67 -28.38
CA THR A 333 -25.75 -39.79 -27.19
C THR A 333 -25.00 -40.41 -25.99
N SER A 334 -25.05 -41.72 -25.80
CA SER A 334 -24.24 -42.44 -24.76
C SER A 334 -22.76 -42.04 -24.88
N VAL A 335 -22.17 -42.13 -26.07
CA VAL A 335 -20.71 -41.89 -26.28
C VAL A 335 -20.45 -40.38 -26.12
N TYR A 336 -21.33 -39.50 -26.61
CA TYR A 336 -21.22 -38.03 -26.51
C TYR A 336 -21.15 -37.57 -25.05
N VAL A 337 -22.06 -38.07 -24.20
CA VAL A 337 -22.18 -37.70 -22.76
C VAL A 337 -20.93 -38.22 -22.04
N ALA A 338 -20.41 -39.40 -22.41
CA ALA A 338 -19.15 -39.92 -21.84
C ALA A 338 -18.01 -38.93 -22.14
N ILE A 339 -18.00 -38.28 -23.30
CA ILE A 339 -16.96 -37.27 -23.66
C ILE A 339 -17.14 -36.03 -22.77
N VAL A 340 -18.37 -35.55 -22.61
CA VAL A 340 -18.68 -34.38 -21.73
C VAL A 340 -18.29 -34.71 -20.26
N VAL A 341 -18.44 -35.95 -19.79
CA VAL A 341 -18.12 -36.23 -18.35
C VAL A 341 -16.61 -36.28 -18.19
N TYR A 342 -15.96 -37.09 -19.00
CA TYR A 342 -14.49 -37.31 -18.92
C TYR A 342 -13.70 -36.04 -19.21
N SER A 343 -14.17 -35.17 -20.08
CA SER A 343 -13.52 -33.84 -20.23
C SER A 343 -13.52 -33.16 -18.84
N VAL A 344 -14.63 -33.21 -18.10
CA VAL A 344 -14.72 -32.59 -16.74
C VAL A 344 -13.93 -33.44 -15.75
N ILE A 345 -13.97 -34.77 -15.83
CA ILE A 345 -13.14 -35.67 -14.95
C ILE A 345 -11.66 -35.31 -15.14
N GLY A 346 -11.25 -35.12 -16.40
CA GLY A 346 -9.86 -34.82 -16.78
C GLY A 346 -9.43 -33.49 -16.23
N PHE A 347 -10.32 -32.51 -16.33
CA PHE A 347 -10.14 -31.16 -15.74
C PHE A 347 -9.93 -31.22 -14.22
N ARG A 348 -10.68 -32.04 -13.50
CA ARG A 348 -10.59 -32.15 -12.02
C ARG A 348 -9.26 -32.80 -11.63
N ALA A 349 -8.92 -33.92 -12.28
CA ALA A 349 -7.70 -34.69 -12.01
C ALA A 349 -6.47 -33.83 -12.28
N THR A 350 -6.49 -33.04 -13.35
CA THR A 350 -5.33 -32.18 -13.72
C THR A 350 -5.18 -31.05 -12.71
N GLN A 351 -6.27 -30.43 -12.26
CA GLN A 351 -6.17 -29.36 -11.24
C GLN A 351 -5.81 -29.98 -9.88
N ARG A 352 -5.91 -31.30 -9.68
CA ARG A 352 -5.42 -31.88 -8.40
C ARG A 352 -3.91 -32.10 -8.59
N TYR A 353 -3.53 -32.84 -9.63
CA TYR A 353 -2.11 -33.13 -9.96
C TYR A 353 -1.30 -31.84 -9.74
N ASP A 354 -1.71 -30.76 -10.42
CA ASP A 354 -1.09 -29.42 -10.32
C ASP A 354 -1.07 -28.99 -8.85
N ASP A 355 -2.24 -28.90 -8.20
CA ASP A 355 -2.35 -28.46 -6.78
C ASP A 355 -1.37 -29.26 -5.95
N CYS A 356 -1.57 -30.59 -5.85
CA CYS A 356 -0.63 -31.47 -5.14
C CYS A 356 0.81 -31.09 -5.51
N PHE A 357 1.09 -31.02 -6.81
CA PHE A 357 2.46 -30.71 -7.30
C PHE A 357 2.92 -29.40 -6.66
N SER A 358 2.11 -28.34 -6.78
CA SER A 358 2.44 -26.99 -6.28
C SER A 358 2.65 -27.00 -4.76
N THR A 359 2.09 -27.96 -4.01
CA THR A 359 2.33 -28.09 -2.55
C THR A 359 3.62 -28.87 -2.30
N ASN A 360 3.99 -29.84 -3.13
CA ASN A 360 5.30 -30.51 -3.00
C ASN A 360 6.42 -29.53 -3.34
N ILE A 361 6.14 -28.56 -4.21
CA ILE A 361 7.12 -27.47 -4.52
C ILE A 361 7.20 -26.60 -3.27
N LEU A 362 6.07 -26.19 -2.71
CA LEU A 362 6.02 -25.27 -1.56
C LEU A 362 6.58 -25.91 -0.27
N THR A 363 6.70 -27.23 -0.11
CA THR A 363 7.28 -27.86 1.12
C THR A 363 8.78 -27.61 1.15
N LEU A 364 9.53 -27.84 0.06
CA LEU A 364 11.02 -27.70 0.09
C LEU A 364 11.44 -26.22 -0.03
N ILE A 365 10.65 -25.38 -0.70
CA ILE A 365 10.88 -23.91 -0.75
C ILE A 365 10.68 -23.36 0.69
N ASN A 366 9.74 -23.86 1.46
CA ASN A 366 9.57 -23.43 2.88
C ASN A 366 10.60 -24.06 3.82
N GLY A 367 11.27 -25.15 3.41
CA GLY A 367 12.21 -25.91 4.26
C GLY A 367 13.65 -25.51 4.02
N PHE A 368 14.10 -25.63 2.78
CA PHE A 368 15.47 -25.25 2.35
C PHE A 368 15.45 -23.80 1.88
N ASP A 369 14.32 -23.12 2.09
CA ASP A 369 14.26 -21.64 2.06
C ASP A 369 14.76 -21.13 0.71
N LEU A 370 14.42 -21.82 -0.37
CA LEU A 370 14.92 -21.50 -1.74
C LEU A 370 14.08 -20.36 -2.29
N PRO A 371 14.55 -19.62 -3.32
CA PRO A 371 13.76 -18.57 -3.95
C PRO A 371 12.45 -19.09 -4.56
N GLU A 372 11.36 -18.34 -4.41
CA GLU A 372 10.07 -18.66 -5.09
C GLU A 372 10.33 -18.67 -6.60
N GLY A 373 9.81 -19.67 -7.31
CA GLY A 373 10.10 -19.86 -8.75
C GLY A 373 11.39 -20.62 -8.99
N ASN A 374 12.40 -20.52 -8.12
CA ASN A 374 13.67 -21.28 -8.26
C ASN A 374 13.39 -22.77 -8.53
N VAL A 375 12.40 -23.35 -7.87
CA VAL A 375 12.03 -24.79 -8.03
C VAL A 375 10.74 -24.88 -8.85
N THR A 376 10.74 -25.64 -9.93
CA THR A 376 9.54 -25.87 -10.78
C THR A 376 9.27 -27.37 -10.89
N GLN A 377 8.16 -27.73 -11.52
CA GLN A 377 7.82 -29.15 -11.79
C GLN A 377 8.94 -29.78 -12.64
N GLU A 378 9.50 -29.00 -13.57
CA GLU A 378 10.62 -29.48 -14.42
C GLU A 378 11.82 -29.85 -13.55
N ASN A 379 12.18 -28.98 -12.59
CA ASN A 379 13.32 -29.24 -11.68
C ASN A 379 12.81 -29.41 -10.25
N PHE A 380 12.38 -30.61 -9.88
CA PHE A 380 11.82 -30.88 -8.53
C PHE A 380 12.57 -32.03 -7.86
N VAL A 381 12.63 -33.17 -8.54
CA VAL A 381 13.34 -34.38 -8.03
C VAL A 381 14.82 -34.00 -7.78
N ASP A 382 15.43 -33.37 -8.77
CA ASP A 382 16.85 -32.91 -8.66
C ASP A 382 16.98 -31.97 -7.46
N MET A 383 16.08 -30.98 -7.36
CA MET A 383 16.14 -29.96 -6.29
C MET A 383 16.00 -30.67 -4.93
N GLN A 384 15.01 -31.54 -4.81
CA GLN A 384 14.74 -32.23 -3.51
C GLN A 384 15.91 -33.15 -3.18
N GLN A 385 16.48 -33.82 -4.18
CA GLN A 385 17.66 -34.70 -4.00
C GLN A 385 18.87 -33.89 -3.52
N ARG A 386 19.16 -32.79 -4.20
CA ARG A 386 20.30 -31.91 -3.82
C ARG A 386 20.06 -31.39 -2.40
N CYS A 387 18.82 -31.05 -2.08
CA CYS A 387 18.44 -30.57 -0.71
C CYS A 387 18.69 -31.67 0.30
N ASN A 388 18.23 -32.90 0.00
CA ASN A 388 18.49 -34.07 0.87
C ASN A 388 20.00 -34.19 1.08
N ALA A 389 20.77 -34.05 0.01
CA ALA A 389 22.26 -34.13 0.08
C ALA A 389 22.79 -33.04 1.02
N SER A 390 22.30 -31.81 0.88
CA SER A 390 22.78 -30.66 1.69
C SER A 390 22.34 -30.86 3.15
N ASP A 391 21.03 -31.04 3.38
CA ASP A 391 20.47 -31.17 4.76
C ASP A 391 19.55 -32.39 4.82
N PRO A 392 20.09 -33.62 4.95
CA PRO A 392 19.25 -34.81 5.09
C PRO A 392 18.45 -34.76 6.40
N ALA A 393 19.05 -34.22 7.46
CA ALA A 393 18.40 -34.07 8.79
C ALA A 393 17.01 -33.45 8.66
N ALA A 394 16.89 -32.30 8.00
CA ALA A 394 15.61 -31.57 7.86
C ALA A 394 14.81 -32.17 6.71
N TYR A 395 15.47 -32.59 5.63
CA TYR A 395 14.77 -33.20 4.47
C TYR A 395 13.93 -34.38 4.95
N ALA A 396 14.41 -35.08 5.99
CA ALA A 396 13.65 -36.19 6.62
C ALA A 396 12.31 -35.66 7.17
N GLN A 397 12.33 -34.45 7.70
CA GLN A 397 11.11 -33.79 8.23
C GLN A 397 10.26 -33.29 7.05
N LEU A 398 10.83 -33.25 5.83
CA LEU A 398 10.13 -32.71 4.66
C LEU A 398 9.10 -33.72 4.14
N VAL A 399 7.90 -33.70 4.69
CA VAL A 399 6.77 -34.58 4.22
C VAL A 399 6.44 -34.21 2.77
N PHE A 400 6.19 -35.20 1.92
CA PHE A 400 5.84 -34.99 0.49
C PHE A 400 4.57 -35.79 0.15
N GLN A 401 4.11 -35.67 -1.09
CA GLN A 401 2.88 -36.34 -1.59
C GLN A 401 3.28 -37.13 -2.83
N THR A 402 2.58 -38.23 -3.08
CA THR A 402 2.84 -39.16 -4.21
C THR A 402 1.67 -38.96 -5.17
N CYS A 403 1.77 -38.10 -6.18
CA CYS A 403 0.53 -37.84 -6.98
C CYS A 403 0.81 -37.85 -8.49
N ASP A 404 -0.09 -38.50 -9.24
CA ASP A 404 -0.03 -38.57 -10.72
C ASP A 404 -1.46 -38.47 -11.27
N ILE A 405 -1.67 -37.59 -12.26
CA ILE A 405 -3.04 -37.37 -12.80
C ILE A 405 -3.64 -38.71 -13.20
N ASN A 406 -2.82 -39.61 -13.73
CA ASN A 406 -3.27 -40.98 -14.08
C ASN A 406 -4.10 -41.54 -12.92
N ALA A 407 -3.49 -41.68 -11.75
CA ALA A 407 -4.23 -42.09 -10.53
C ALA A 407 -5.45 -41.18 -10.36
N PHE A 408 -5.21 -39.87 -10.25
CA PHE A 408 -6.32 -38.89 -10.15
C PHE A 408 -7.44 -39.30 -11.10
N LEU A 409 -7.09 -39.67 -12.33
CA LEU A 409 -8.13 -39.97 -13.36
C LEU A 409 -8.88 -41.23 -12.95
N SER A 410 -8.18 -42.25 -12.47
CA SER A 410 -8.77 -43.56 -12.11
C SER A 410 -9.21 -43.59 -10.64
N GLU A 411 -9.75 -42.49 -10.11
CA GLU A 411 -10.26 -42.36 -8.71
C GLU A 411 -11.78 -42.33 -8.83
N ALA A 412 -12.43 -43.48 -8.59
CA ALA A 412 -13.87 -43.65 -8.85
C ALA A 412 -14.67 -42.81 -7.84
N VAL A 413 -15.86 -42.41 -8.26
CA VAL A 413 -16.79 -41.55 -7.50
C VAL A 413 -17.98 -42.43 -7.12
N GLU A 414 -18.27 -42.60 -5.84
CA GLU A 414 -19.41 -43.44 -5.37
C GLU A 414 -20.68 -42.57 -5.42
N GLY A 415 -21.83 -43.18 -5.70
CA GLY A 415 -23.16 -42.55 -5.52
C GLY A 415 -23.44 -41.55 -6.62
N THR A 416 -23.96 -40.37 -6.27
CA THR A 416 -24.35 -39.31 -7.23
C THR A 416 -23.25 -38.25 -7.34
N GLY A 417 -22.03 -38.55 -6.87
CA GLY A 417 -20.92 -37.59 -6.81
C GLY A 417 -20.60 -36.96 -8.14
N LEU A 418 -20.72 -37.69 -9.24
CA LEU A 418 -20.41 -37.15 -10.59
C LEU A 418 -21.23 -35.86 -10.84
N ALA A 419 -22.48 -35.78 -10.36
CA ALA A 419 -23.40 -34.62 -10.58
C ALA A 419 -23.19 -33.57 -9.49
N PHE A 420 -23.26 -33.95 -8.22
CA PHE A 420 -23.32 -32.97 -7.09
C PHE A 420 -21.94 -32.77 -6.45
N ILE A 421 -20.90 -33.53 -6.83
CA ILE A 421 -19.53 -33.28 -6.31
C ILE A 421 -18.60 -32.89 -7.48
N VAL A 422 -18.51 -33.61 -8.59
CA VAL A 422 -17.43 -33.37 -9.60
C VAL A 422 -17.84 -32.19 -10.49
N PHE A 423 -19.00 -32.31 -11.13
CA PHE A 423 -19.51 -31.23 -12.00
C PHE A 423 -19.74 -29.95 -11.19
N THR A 424 -20.20 -30.02 -9.95
CA THR A 424 -20.46 -28.77 -9.17
C THR A 424 -19.12 -28.09 -8.83
N GLU A 425 -18.07 -28.82 -8.43
CA GLU A 425 -16.76 -28.22 -8.09
C GLU A 425 -16.19 -27.55 -9.33
N ALA A 426 -16.26 -28.23 -10.46
CA ALA A 426 -15.66 -27.77 -11.72
C ALA A 426 -16.40 -26.50 -12.20
N ILE A 427 -17.72 -26.43 -12.03
CA ILE A 427 -18.50 -25.21 -12.42
C ILE A 427 -18.04 -24.02 -11.58
N THR A 428 -17.70 -24.20 -10.30
CA THR A 428 -17.28 -23.05 -9.44
C THR A 428 -15.94 -22.51 -9.97
N LYS A 429 -14.99 -23.38 -10.34
CA LYS A 429 -13.70 -22.99 -10.96
C LYS A 429 -13.86 -22.27 -12.31
N MET A 430 -14.99 -22.40 -13.02
CA MET A 430 -15.25 -21.67 -14.30
C MET A 430 -15.67 -20.24 -14.01
N PRO A 431 -15.41 -19.26 -14.92
CA PRO A 431 -16.03 -17.93 -14.82
C PRO A 431 -17.54 -18.02 -15.09
N LEU A 432 -18.28 -16.95 -14.77
CA LEU A 432 -19.77 -16.92 -14.77
C LEU A 432 -20.31 -18.26 -14.21
N SER A 433 -19.73 -18.74 -13.11
CA SER A 433 -20.09 -20.05 -12.49
C SER A 433 -21.60 -20.14 -12.26
N PRO A 434 -22.34 -19.07 -11.84
CA PRO A 434 -23.79 -19.19 -11.71
C PRO A 434 -24.56 -19.46 -13.02
N LEU A 435 -24.09 -18.96 -14.18
CA LEU A 435 -24.76 -19.25 -15.48
C LEU A 435 -24.50 -20.72 -15.88
N TRP A 436 -23.33 -21.30 -15.62
CA TRP A 436 -23.07 -22.73 -15.95
C TRP A 436 -23.81 -23.63 -14.97
N SER A 437 -24.08 -23.20 -13.74
CA SER A 437 -24.78 -24.05 -12.74
C SER A 437 -26.25 -24.16 -13.15
N VAL A 438 -26.83 -23.05 -13.59
CA VAL A 438 -28.27 -22.97 -13.98
C VAL A 438 -28.48 -23.78 -15.26
N LEU A 439 -27.62 -23.58 -16.26
CA LEU A 439 -27.69 -24.40 -17.50
C LEU A 439 -27.56 -25.88 -17.15
N PHE A 440 -26.59 -26.29 -16.34
CA PHE A 440 -26.38 -27.72 -15.98
C PHE A 440 -27.66 -28.26 -15.28
N PHE A 441 -28.21 -27.59 -14.29
CA PHE A 441 -29.38 -28.14 -13.55
C PHE A 441 -30.65 -28.01 -14.39
N ILE A 442 -30.76 -27.02 -15.28
CA ILE A 442 -31.91 -26.95 -16.23
C ILE A 442 -31.77 -28.12 -17.21
N MET A 443 -30.61 -28.36 -17.81
CA MET A 443 -30.45 -29.54 -18.69
C MET A 443 -30.94 -30.80 -17.96
N LEU A 444 -30.45 -31.06 -16.76
CA LEU A 444 -30.74 -32.36 -16.07
C LEU A 444 -32.22 -32.41 -15.70
N PHE A 445 -32.83 -31.26 -15.33
CA PHE A 445 -34.25 -31.18 -14.89
C PHE A 445 -35.17 -31.57 -16.04
N CYS A 446 -34.92 -31.04 -17.24
CA CYS A 446 -35.68 -31.36 -18.49
C CYS A 446 -35.49 -32.83 -18.87
N LEU A 447 -34.27 -33.38 -18.83
CA LEU A 447 -34.03 -34.83 -19.04
C LEU A 447 -34.88 -35.68 -18.07
N GLY A 448 -34.86 -35.32 -16.79
CA GLY A 448 -35.66 -35.99 -15.74
C GLY A 448 -37.12 -36.00 -16.11
N LEU A 449 -37.60 -34.85 -16.59
CA LEU A 449 -39.04 -34.60 -16.85
C LEU A 449 -39.49 -35.43 -18.04
N SER A 450 -38.73 -35.36 -19.13
CA SER A 450 -38.96 -36.14 -20.37
C SER A 450 -39.08 -37.63 -20.05
N SER A 451 -38.15 -38.16 -19.25
CA SER A 451 -38.14 -39.56 -18.72
C SER A 451 -39.34 -39.85 -17.83
N MET A 452 -39.75 -38.86 -17.03
CA MET A 452 -40.88 -39.04 -16.08
C MET A 452 -42.21 -39.13 -16.83
N PHE A 453 -42.36 -38.50 -18.00
CA PHE A 453 -43.57 -38.62 -18.85
C PHE A 453 -43.77 -40.08 -19.30
N GLY A 454 -42.70 -40.80 -19.63
CA GLY A 454 -42.82 -42.21 -20.02
C GLY A 454 -43.19 -43.08 -18.84
N ASN A 455 -42.54 -42.88 -17.71
CA ASN A 455 -42.76 -43.69 -16.49
C ASN A 455 -44.17 -43.49 -15.95
N MET A 456 -44.70 -42.27 -16.08
CA MET A 456 -46.08 -41.94 -15.65
C MET A 456 -47.07 -42.62 -16.59
N GLU A 457 -46.81 -42.57 -17.89
CA GLU A 457 -47.58 -43.30 -18.91
C GLU A 457 -47.70 -44.77 -18.52
N GLY A 458 -46.58 -45.38 -18.18
CA GLY A 458 -46.52 -46.80 -17.79
C GLY A 458 -47.20 -47.13 -16.47
N VAL A 459 -47.63 -46.17 -15.65
CA VAL A 459 -48.44 -46.43 -14.43
C VAL A 459 -49.89 -46.03 -14.67
N VAL A 460 -50.14 -44.94 -15.38
CA VAL A 460 -51.50 -44.37 -15.57
C VAL A 460 -52.29 -45.28 -16.49
N VAL A 461 -51.74 -45.61 -17.66
CA VAL A 461 -52.46 -46.41 -18.69
C VAL A 461 -52.89 -47.75 -18.10
N PRO A 462 -52.02 -48.57 -17.47
CA PRO A 462 -52.50 -49.80 -16.81
C PRO A 462 -53.64 -49.63 -15.79
N LEU A 463 -53.58 -48.60 -14.95
CA LEU A 463 -54.66 -48.33 -13.96
C LEU A 463 -55.96 -47.96 -14.68
N GLN A 464 -55.90 -47.20 -15.79
CA GLN A 464 -57.07 -46.98 -16.68
C GLN A 464 -57.58 -48.33 -17.22
N ASP A 465 -56.67 -49.20 -17.65
CA ASP A 465 -56.99 -50.53 -18.24
C ASP A 465 -57.38 -51.56 -17.17
N LEU A 466 -57.19 -51.29 -15.88
CA LEU A 466 -57.70 -52.13 -14.76
C LEU A 466 -59.07 -51.61 -14.30
N ARG A 467 -59.61 -50.53 -14.90
CA ARG A 467 -60.93 -49.94 -14.57
C ARG A 467 -61.10 -49.91 -13.04
N VAL A 468 -60.16 -49.29 -12.32
CA VAL A 468 -60.17 -49.24 -10.82
C VAL A 468 -60.83 -47.94 -10.32
N ILE A 469 -60.68 -46.83 -11.05
CA ILE A 469 -61.36 -45.52 -10.75
C ILE A 469 -62.62 -45.38 -11.60
N PRO A 470 -63.76 -44.81 -11.08
CA PRO A 470 -64.96 -44.53 -11.87
C PRO A 470 -64.68 -43.91 -13.24
N PRO A 471 -65.04 -44.56 -14.38
CA PRO A 471 -64.80 -44.02 -15.73
C PRO A 471 -65.26 -42.56 -15.94
N LYS A 472 -66.42 -42.22 -15.37
CA LYS A 472 -66.98 -40.83 -15.28
C LYS A 472 -65.87 -39.83 -14.91
N TRP A 473 -65.13 -40.09 -13.82
CA TRP A 473 -64.06 -39.19 -13.31
C TRP A 473 -63.09 -38.89 -14.45
N PRO A 474 -62.69 -37.62 -14.71
CA PRO A 474 -61.61 -37.31 -15.66
C PRO A 474 -60.24 -37.93 -15.31
N LYS A 475 -59.44 -38.25 -16.32
CA LYS A 475 -58.06 -38.79 -16.13
C LYS A 475 -57.29 -37.86 -15.19
N GLU A 476 -57.45 -36.55 -15.36
CA GLU A 476 -56.87 -35.52 -14.44
C GLU A 476 -56.97 -36.01 -12.99
N VAL A 477 -58.13 -36.53 -12.57
CA VAL A 477 -58.30 -37.07 -11.19
C VAL A 477 -57.35 -38.23 -10.96
N LEU A 478 -57.26 -39.18 -11.89
CA LEU A 478 -56.39 -40.38 -11.69
C LEU A 478 -54.92 -39.98 -11.67
N THR A 479 -54.51 -39.11 -12.59
CA THR A 479 -53.09 -38.65 -12.71
C THR A 479 -52.69 -38.05 -11.37
N GLY A 480 -53.50 -37.12 -10.86
CA GLY A 480 -53.32 -36.40 -9.58
C GLY A 480 -53.11 -37.34 -8.40
N LEU A 481 -53.92 -38.39 -8.29
CA LEU A 481 -53.84 -39.34 -7.16
C LEU A 481 -52.56 -40.16 -7.24
N ILE A 482 -52.14 -40.58 -8.44
CA ILE A 482 -50.82 -41.26 -8.64
C ILE A 482 -49.70 -40.30 -8.18
N CYS A 483 -49.72 -39.03 -8.60
CA CYS A 483 -48.69 -38.03 -8.18
C CYS A 483 -48.72 -37.91 -6.64
N LEU A 484 -49.89 -37.76 -6.00
CA LEU A 484 -49.98 -37.67 -4.50
C LEU A 484 -49.48 -38.95 -3.84
N GLY A 485 -49.93 -40.12 -4.29
CA GLY A 485 -49.50 -41.42 -3.73
C GLY A 485 -47.99 -41.57 -3.74
N THR A 486 -47.39 -41.36 -4.92
CA THR A 486 -45.93 -41.51 -5.12
C THR A 486 -45.17 -40.41 -4.37
N PHE A 487 -45.69 -39.19 -4.34
CA PHE A 487 -45.13 -38.10 -3.50
C PHE A 487 -45.05 -38.55 -2.04
N LEU A 488 -46.14 -39.10 -1.50
CA LEU A 488 -46.14 -39.59 -0.10
C LEU A 488 -45.16 -40.74 0.08
N ILE A 489 -45.04 -41.69 -0.87
CA ILE A 489 -44.05 -42.80 -0.72
C ILE A 489 -42.65 -42.18 -0.68
N GLY A 490 -42.37 -41.17 -1.51
CA GLY A 490 -41.05 -40.52 -1.57
C GLY A 490 -40.67 -39.72 -0.33
N PHE A 491 -41.44 -39.69 0.76
CA PHE A 491 -40.99 -39.16 2.08
C PHE A 491 -39.88 -40.00 2.71
N ILE A 492 -39.73 -41.27 2.32
CA ILE A 492 -38.63 -42.12 2.87
C ILE A 492 -37.27 -41.55 2.42
N PHE A 493 -37.19 -40.91 1.26
CA PHE A 493 -35.90 -40.40 0.72
C PHE A 493 -35.63 -38.96 1.18
N THR A 494 -36.52 -38.42 1.98
CA THR A 494 -36.41 -37.07 2.59
C THR A 494 -35.90 -37.21 4.02
N LEU A 495 -35.66 -38.44 4.49
CA LEU A 495 -35.23 -38.73 5.87
C LEU A 495 -33.76 -38.34 6.01
N ASN A 496 -33.26 -38.23 7.23
CA ASN A 496 -31.79 -38.19 7.44
C ASN A 496 -31.10 -39.32 6.67
N SER A 497 -31.63 -40.54 6.68
CA SER A 497 -31.00 -41.72 6.04
C SER A 497 -31.57 -41.99 4.64
N GLY A 498 -31.99 -40.99 3.85
CA GLY A 498 -32.69 -41.19 2.56
C GLY A 498 -31.80 -41.74 1.45
N GLN A 499 -30.66 -41.10 1.15
CA GLN A 499 -29.65 -41.56 0.14
C GLN A 499 -29.43 -43.08 0.29
N TYR A 500 -29.22 -43.56 1.52
CA TYR A 500 -28.95 -45.00 1.78
C TYR A 500 -30.09 -45.85 1.21
N TRP A 501 -31.33 -45.45 1.47
CA TRP A 501 -32.52 -46.12 0.88
C TRP A 501 -32.46 -46.00 -0.65
N LEU A 502 -32.17 -44.82 -1.20
CA LEU A 502 -32.15 -44.66 -2.69
C LEU A 502 -31.06 -45.55 -3.30
N SER A 503 -29.97 -45.78 -2.59
CA SER A 503 -28.87 -46.65 -3.08
C SER A 503 -29.27 -48.13 -3.07
N LEU A 504 -30.31 -48.54 -2.32
CA LEU A 504 -30.83 -49.95 -2.42
C LEU A 504 -31.47 -50.19 -3.78
N LEU A 505 -32.21 -49.22 -4.31
CA LEU A 505 -32.77 -49.30 -5.69
C LEU A 505 -31.63 -49.40 -6.71
N ASP A 506 -30.48 -48.75 -6.46
CA ASP A 506 -29.26 -48.89 -7.31
C ASP A 506 -28.69 -50.32 -7.26
N SER A 507 -29.06 -51.16 -6.28
CA SER A 507 -28.65 -52.59 -6.22
C SER A 507 -29.33 -53.38 -7.34
N TYR A 508 -28.88 -54.64 -7.51
CA TYR A 508 -29.49 -55.64 -8.43
C TYR A 508 -31.02 -55.73 -8.24
N ALA A 509 -31.55 -55.36 -7.06
CA ALA A 509 -32.99 -55.23 -6.78
C ALA A 509 -33.71 -54.39 -7.86
N GLY A 510 -33.08 -53.30 -8.34
CA GLY A 510 -33.64 -52.45 -9.41
C GLY A 510 -33.58 -53.04 -10.81
N SER A 511 -32.97 -54.21 -11.03
CA SER A 511 -32.59 -54.70 -12.39
C SER A 511 -33.19 -56.08 -12.68
N ILE A 512 -33.06 -57.06 -11.78
CA ILE A 512 -33.64 -58.44 -11.96
C ILE A 512 -35.01 -58.32 -12.65
N PRO A 513 -36.02 -57.58 -12.10
CA PRO A 513 -37.34 -57.51 -12.73
C PRO A 513 -37.26 -57.09 -14.21
N LEU A 514 -36.52 -56.01 -14.51
CA LEU A 514 -36.37 -55.54 -15.91
C LEU A 514 -35.86 -56.67 -16.82
N LEU A 515 -34.98 -57.54 -16.34
CA LEU A 515 -34.38 -58.61 -17.18
C LEU A 515 -35.46 -59.68 -17.42
N ILE A 516 -36.29 -59.96 -16.42
CA ILE A 516 -37.38 -60.99 -16.46
C ILE A 516 -38.50 -60.51 -17.39
N ILE A 517 -38.92 -59.24 -17.27
CA ILE A 517 -40.03 -58.67 -18.12
C ILE A 517 -39.61 -58.71 -19.60
N ALA A 518 -38.39 -58.26 -19.91
CA ALA A 518 -37.85 -58.13 -21.28
C ALA A 518 -37.83 -59.50 -21.97
N PHE A 519 -37.26 -60.50 -21.30
CA PHE A 519 -37.27 -61.92 -21.75
C PHE A 519 -38.71 -62.36 -22.07
N CYS A 520 -39.63 -62.14 -21.13
CA CYS A 520 -41.04 -62.65 -21.26
C CYS A 520 -41.75 -61.97 -22.42
N GLU A 521 -41.50 -60.67 -22.63
CA GLU A 521 -42.04 -59.91 -23.79
C GLU A 521 -41.56 -60.57 -25.09
N MET A 522 -40.26 -60.75 -25.23
CA MET A 522 -39.63 -61.40 -26.42
C MET A 522 -40.24 -62.79 -26.63
N PHE A 523 -40.24 -63.61 -25.58
CA PHE A 523 -40.73 -65.00 -25.64
C PHE A 523 -42.21 -65.00 -26.07
N SER A 524 -43.05 -64.20 -25.40
CA SER A 524 -44.52 -64.20 -25.63
C SER A 524 -44.86 -63.73 -27.04
N VAL A 525 -44.17 -62.70 -27.55
CA VAL A 525 -44.41 -62.22 -28.95
C VAL A 525 -43.95 -63.29 -29.94
N VAL A 526 -42.88 -64.02 -29.68
CA VAL A 526 -42.29 -64.95 -30.69
C VAL A 526 -42.96 -66.33 -30.58
N TYR A 527 -43.21 -66.85 -29.39
CA TYR A 527 -43.72 -68.24 -29.19
C TYR A 527 -45.19 -68.28 -28.76
N VAL A 528 -45.75 -67.29 -28.06
CA VAL A 528 -47.19 -67.41 -27.62
C VAL A 528 -48.11 -66.77 -28.67
N TYR A 529 -47.70 -65.66 -29.27
CA TYR A 529 -48.44 -64.94 -30.33
C TYR A 529 -48.09 -65.47 -31.71
N GLY A 530 -46.81 -65.82 -31.88
CA GLY A 530 -46.24 -66.44 -33.08
C GLY A 530 -45.50 -65.38 -33.87
N VAL A 531 -44.22 -65.61 -34.11
CA VAL A 531 -43.39 -64.69 -34.95
C VAL A 531 -43.92 -64.68 -36.40
N ASP A 532 -44.43 -65.79 -36.94
CA ASP A 532 -44.96 -65.86 -38.33
C ASP A 532 -46.15 -64.90 -38.48
N ARG A 533 -47.10 -64.92 -37.55
CA ARG A 533 -48.22 -63.94 -37.61
C ARG A 533 -47.62 -62.53 -37.48
N PHE A 534 -46.72 -62.35 -36.52
CA PHE A 534 -46.08 -61.02 -36.29
C PHE A 534 -45.44 -60.49 -37.58
N ASN A 535 -44.82 -61.34 -38.41
CA ASN A 535 -44.22 -60.89 -39.69
C ASN A 535 -45.28 -60.46 -40.70
N LYS A 536 -46.37 -61.23 -40.83
CA LYS A 536 -47.50 -60.86 -41.73
C LYS A 536 -48.10 -59.53 -41.28
N ASP A 537 -48.16 -59.32 -39.96
CA ASP A 537 -48.69 -58.08 -39.31
C ASP A 537 -47.81 -56.88 -39.68
N ILE A 538 -46.51 -56.98 -39.46
CA ILE A 538 -45.54 -55.90 -39.84
C ILE A 538 -45.61 -55.64 -41.35
N GLU A 539 -45.59 -56.69 -42.16
CA GLU A 539 -45.73 -56.63 -43.64
C GLU A 539 -46.98 -55.84 -44.03
N PHE A 540 -48.06 -56.00 -43.28
CA PHE A 540 -49.30 -55.21 -43.49
C PHE A 540 -49.09 -53.74 -43.10
N MET A 541 -48.44 -53.49 -41.98
CA MET A 541 -48.27 -52.12 -41.43
C MET A 541 -47.27 -51.33 -42.29
N ILE A 542 -46.10 -51.88 -42.64
CA ILE A 542 -44.99 -51.11 -43.32
C ILE A 542 -44.68 -51.58 -44.75
N GLY A 543 -45.19 -52.73 -45.21
CA GLY A 543 -45.15 -53.12 -46.65
C GLY A 543 -44.08 -54.15 -47.00
N HIS A 544 -43.27 -54.63 -46.06
CA HIS A 544 -42.21 -55.66 -46.29
C HIS A 544 -42.02 -56.49 -45.02
N LYS A 545 -41.79 -57.79 -45.17
CA LYS A 545 -41.53 -58.68 -44.00
C LYS A 545 -40.22 -58.25 -43.37
N PRO A 546 -40.09 -58.23 -42.01
CA PRO A 546 -38.80 -57.93 -41.37
C PRO A 546 -37.70 -58.85 -41.90
N ASN A 547 -36.53 -58.28 -42.19
CA ASN A 547 -35.40 -58.97 -42.85
C ASN A 547 -34.74 -59.97 -41.87
N ILE A 548 -33.72 -60.68 -42.35
CA ILE A 548 -33.07 -61.81 -41.62
C ILE A 548 -32.36 -61.29 -40.35
N PHE A 549 -31.94 -60.02 -40.24
CA PHE A 549 -31.30 -59.53 -38.99
C PHE A 549 -32.33 -59.62 -37.85
N TRP A 550 -33.53 -59.14 -38.11
CA TRP A 550 -34.66 -59.20 -37.14
C TRP A 550 -35.05 -60.65 -36.85
N GLN A 551 -34.92 -61.56 -37.80
CA GLN A 551 -35.37 -62.97 -37.60
C GLN A 551 -34.52 -63.63 -36.52
N VAL A 552 -33.22 -63.75 -36.74
CA VAL A 552 -32.31 -64.49 -35.81
C VAL A 552 -32.37 -63.81 -34.43
N THR A 553 -32.25 -62.48 -34.38
CA THR A 553 -32.23 -61.75 -33.08
C THR A 553 -33.51 -62.02 -32.29
N TRP A 554 -34.66 -61.94 -32.95
CA TRP A 554 -35.97 -62.18 -32.29
C TRP A 554 -36.14 -63.65 -31.88
N ARG A 555 -35.51 -64.58 -32.59
CA ARG A 555 -35.77 -66.02 -32.30
C ARG A 555 -34.66 -66.62 -31.42
N VAL A 556 -33.42 -66.18 -31.58
CA VAL A 556 -32.29 -66.83 -30.84
C VAL A 556 -31.43 -65.77 -30.14
N VAL A 557 -30.79 -64.87 -30.88
CA VAL A 557 -29.82 -63.89 -30.31
C VAL A 557 -30.42 -63.26 -29.04
N SER A 558 -31.36 -62.33 -29.19
CA SER A 558 -31.91 -61.59 -28.02
C SER A 558 -32.36 -62.58 -26.93
N PRO A 559 -33.23 -63.57 -27.24
CA PRO A 559 -33.73 -64.50 -26.22
C PRO A 559 -32.62 -65.17 -25.42
N LEU A 560 -31.63 -65.72 -26.11
CA LEU A 560 -30.49 -66.45 -25.45
C LEU A 560 -29.70 -65.45 -24.60
N LEU A 561 -29.27 -64.34 -25.21
CA LEU A 561 -28.45 -63.32 -24.50
C LEU A 561 -29.15 -62.92 -23.20
N MET A 562 -30.46 -62.72 -23.25
CA MET A 562 -31.24 -62.29 -22.06
C MET A 562 -31.14 -63.37 -20.98
N LEU A 563 -31.32 -64.63 -21.37
CA LEU A 563 -31.29 -65.82 -20.48
C LEU A 563 -29.92 -65.92 -19.80
N ILE A 564 -28.85 -65.95 -20.60
CA ILE A 564 -27.44 -65.98 -20.12
C ILE A 564 -27.31 -64.86 -19.08
N ILE A 565 -27.60 -63.61 -19.47
CA ILE A 565 -27.36 -62.43 -18.57
C ILE A 565 -28.14 -62.66 -17.26
N PHE A 566 -29.42 -63.03 -17.31
CA PHE A 566 -30.24 -63.30 -16.09
C PHE A 566 -29.56 -64.37 -15.24
N LEU A 567 -29.14 -65.48 -15.85
CA LEU A 567 -28.54 -66.62 -15.10
C LEU A 567 -27.27 -66.13 -14.38
N PHE A 568 -26.28 -65.65 -15.13
CA PHE A 568 -24.98 -65.20 -14.53
C PHE A 568 -25.20 -64.02 -13.58
N PHE A 569 -26.24 -63.22 -13.80
CA PHE A 569 -26.53 -62.04 -12.95
C PHE A 569 -26.64 -62.49 -11.49
N PHE A 570 -27.37 -63.56 -11.24
CA PHE A 570 -27.55 -64.12 -9.88
C PHE A 570 -26.24 -64.79 -9.44
N VAL A 571 -25.51 -65.39 -10.39
CA VAL A 571 -24.26 -66.14 -10.08
C VAL A 571 -23.32 -65.25 -9.27
N VAL A 572 -23.24 -63.95 -9.58
CA VAL A 572 -22.28 -63.07 -8.88
C VAL A 572 -23.02 -61.90 -8.21
N GLU A 573 -23.75 -61.09 -8.99
CA GLU A 573 -24.40 -59.88 -8.43
C GLU A 573 -25.22 -60.26 -7.20
N VAL A 574 -26.10 -61.26 -7.31
CA VAL A 574 -27.00 -61.66 -6.19
C VAL A 574 -26.17 -62.35 -5.10
N SER A 575 -25.31 -63.31 -5.48
CA SER A 575 -24.47 -64.09 -4.53
C SER A 575 -23.65 -63.15 -3.64
N GLN A 576 -23.02 -62.12 -4.24
CA GLN A 576 -22.21 -61.12 -3.49
C GLN A 576 -23.04 -60.49 -2.36
N GLU A 577 -22.36 -59.98 -1.35
CA GLU A 577 -22.97 -59.34 -0.14
C GLU A 577 -23.28 -57.87 -0.46
N LEU A 578 -24.55 -57.46 -0.30
CA LEU A 578 -24.98 -56.05 -0.46
C LEU A 578 -24.27 -55.21 0.61
N THR A 579 -23.42 -54.30 0.18
CA THR A 579 -22.73 -53.28 1.00
C THR A 579 -23.03 -51.89 0.44
N TYR A 580 -22.94 -50.86 1.28
CA TYR A 580 -23.11 -49.44 0.90
C TYR A 580 -22.13 -48.54 1.66
N SER A 581 -22.02 -47.32 1.16
CA SER A 581 -20.98 -46.36 1.60
C SER A 581 -21.65 -45.32 2.51
N ILE A 582 -21.13 -45.17 3.72
CA ILE A 582 -21.68 -44.29 4.80
C ILE A 582 -20.80 -43.04 4.91
N TRP A 583 -21.40 -41.91 5.26
CA TRP A 583 -20.67 -40.62 5.43
C TRP A 583 -20.59 -40.31 6.92
N ASP A 584 -19.54 -40.77 7.59
CA ASP A 584 -19.37 -40.57 9.06
C ASP A 584 -18.21 -39.62 9.32
N PRO A 585 -18.46 -38.39 9.82
CA PRO A 585 -17.38 -37.46 10.20
C PRO A 585 -16.44 -38.10 11.23
N GLY A 586 -17.02 -38.83 12.19
CA GLY A 586 -16.24 -39.55 13.22
C GLY A 586 -15.75 -40.87 12.68
N TYR A 587 -14.68 -40.88 11.89
CA TYR A 587 -14.14 -42.12 11.26
C TYR A 587 -12.69 -41.91 10.86
N GLU A 588 -11.84 -42.92 11.06
CA GLU A 588 -10.41 -42.87 10.59
C GLU A 588 -10.42 -42.65 9.09
N GLU A 589 -9.42 -41.96 8.54
CA GLU A 589 -9.46 -41.57 7.09
C GLU A 589 -10.88 -41.05 6.84
N PHE A 590 -11.37 -40.14 7.70
CA PHE A 590 -12.78 -39.65 7.63
C PHE A 590 -13.22 -39.36 6.19
N PRO A 591 -12.57 -38.44 5.43
CA PRO A 591 -13.11 -38.11 4.11
C PRO A 591 -12.98 -39.32 3.15
N LYS A 592 -12.36 -40.43 3.60
CA LYS A 592 -12.24 -41.70 2.85
C LYS A 592 -13.44 -42.63 3.12
N SER A 593 -13.54 -43.65 2.28
CA SER A 593 -14.77 -44.45 2.05
C SER A 593 -14.83 -45.62 3.04
N GLN A 594 -15.91 -45.67 3.83
CA GLN A 594 -16.21 -46.76 4.78
C GLN A 594 -17.47 -47.48 4.27
N LYS A 595 -17.31 -48.55 3.51
CA LYS A 595 -18.44 -49.43 3.08
C LYS A 595 -18.69 -50.40 4.22
N ILE A 596 -19.96 -50.60 4.57
CA ILE A 596 -20.36 -51.50 5.69
C ILE A 596 -21.36 -52.51 5.13
N SER A 597 -21.91 -53.39 5.95
CA SER A 597 -22.96 -54.34 5.52
C SER A 597 -24.30 -53.74 5.89
N TYR A 598 -25.27 -53.81 4.97
CA TYR A 598 -26.68 -53.50 5.29
C TYR A 598 -27.18 -54.42 6.41
N PRO A 599 -28.08 -53.96 7.31
CA PRO A 599 -28.73 -54.86 8.26
C PRO A 599 -29.64 -55.87 7.54
N ASN A 600 -30.05 -56.92 8.24
CA ASN A 600 -30.91 -57.99 7.65
C ASN A 600 -32.26 -57.41 7.23
N TRP A 601 -32.85 -56.53 8.06
CA TRP A 601 -34.18 -55.93 7.76
C TRP A 601 -34.17 -55.20 6.40
N VAL A 602 -33.04 -54.57 6.07
CA VAL A 602 -32.88 -53.86 4.78
C VAL A 602 -33.05 -54.88 3.64
N TYR A 603 -32.40 -56.04 3.74
CA TYR A 603 -32.41 -57.07 2.67
C TYR A 603 -33.87 -57.48 2.37
N VAL A 604 -34.72 -57.49 3.40
CA VAL A 604 -36.17 -57.81 3.23
C VAL A 604 -36.76 -56.90 2.15
N VAL A 605 -36.44 -55.60 2.21
CA VAL A 605 -36.95 -54.59 1.22
C VAL A 605 -36.48 -54.99 -0.18
N VAL A 606 -35.20 -55.34 -0.32
CA VAL A 606 -34.59 -55.64 -1.65
C VAL A 606 -35.37 -56.81 -2.26
N VAL A 607 -35.73 -57.80 -1.43
CA VAL A 607 -36.40 -59.04 -1.91
C VAL A 607 -37.77 -58.64 -2.46
N ILE A 608 -38.54 -57.85 -1.70
CA ILE A 608 -39.92 -57.48 -2.11
C ILE A 608 -39.87 -56.60 -3.35
N VAL A 609 -38.92 -55.66 -3.40
CA VAL A 609 -38.87 -54.67 -4.53
C VAL A 609 -38.46 -55.39 -5.82
N ALA A 610 -37.64 -56.45 -5.72
CA ALA A 610 -37.13 -57.17 -6.91
C ALA A 610 -37.98 -58.40 -7.21
N GLY A 611 -38.58 -59.01 -6.19
CA GLY A 611 -39.35 -60.27 -6.33
C GLY A 611 -40.77 -60.02 -6.77
N VAL A 612 -41.52 -59.23 -6.00
CA VAL A 612 -42.98 -59.01 -6.25
C VAL A 612 -43.21 -58.82 -7.76
N PRO A 613 -42.55 -57.84 -8.43
CA PRO A 613 -42.77 -57.62 -9.86
C PRO A 613 -42.49 -58.88 -10.68
N SER A 614 -41.37 -59.54 -10.41
CA SER A 614 -40.97 -60.77 -11.14
C SER A 614 -42.00 -61.87 -10.89
N LEU A 615 -42.38 -62.08 -9.62
CA LEU A 615 -43.35 -63.15 -9.25
C LEU A 615 -44.74 -62.82 -9.80
N THR A 616 -45.07 -61.54 -9.98
CA THR A 616 -46.35 -61.12 -10.61
C THR A 616 -46.57 -61.89 -11.93
N ILE A 617 -45.50 -62.14 -12.70
CA ILE A 617 -45.64 -62.80 -14.03
C ILE A 617 -46.19 -64.21 -13.79
N PRO A 618 -45.49 -65.14 -13.11
CA PRO A 618 -46.01 -66.50 -12.92
C PRO A 618 -47.22 -66.51 -11.98
N GLY A 619 -47.10 -65.83 -10.83
CA GLY A 619 -48.18 -65.68 -9.84
C GLY A 619 -49.54 -65.47 -10.47
N TYR A 620 -49.64 -64.53 -11.42
CA TYR A 620 -50.95 -64.23 -12.05
C TYR A 620 -51.30 -65.39 -12.99
N ALA A 621 -50.31 -65.90 -13.73
CA ALA A 621 -50.49 -67.01 -14.70
C ALA A 621 -51.02 -68.26 -13.97
N ILE A 622 -50.48 -68.58 -12.78
CA ILE A 622 -50.89 -69.77 -11.98
C ILE A 622 -52.32 -69.53 -11.43
N TYR A 623 -52.62 -68.33 -10.92
CA TYR A 623 -54.00 -67.88 -10.53
C TYR A 623 -54.99 -68.14 -11.67
N LYS A 624 -54.62 -67.81 -12.91
CA LYS A 624 -55.53 -67.88 -14.08
C LYS A 624 -55.73 -69.36 -14.50
N LEU A 625 -54.73 -70.23 -14.35
CA LEU A 625 -54.84 -71.67 -14.72
C LEU A 625 -55.36 -72.53 -13.54
N ILE A 626 -55.70 -71.95 -12.38
CA ILE A 626 -56.50 -72.62 -11.30
C ILE A 626 -57.89 -71.99 -11.13
N ARG A 627 -58.21 -70.93 -11.86
CA ARG A 627 -59.60 -70.41 -11.87
C ARG A 627 -60.29 -71.16 -13.01
N ASN A 628 -59.57 -71.37 -14.12
CA ASN A 628 -60.09 -72.18 -15.26
C ASN A 628 -60.66 -73.51 -14.75
N HIS A 629 -59.99 -74.20 -13.81
CA HIS A 629 -60.51 -75.44 -13.16
C HIS A 629 -61.44 -75.07 -12.00
CA THR B 21 82.59 -12.91 -5.92
C THR B 21 81.33 -12.17 -5.45
N ILE B 22 80.19 -12.53 -6.03
CA ILE B 22 78.82 -12.07 -5.63
C ILE B 22 78.62 -12.21 -4.11
N GLU B 23 78.82 -13.41 -3.57
CA GLU B 23 78.64 -13.68 -2.11
C GLU B 23 79.58 -12.75 -1.33
N GLU B 24 80.84 -12.63 -1.77
CA GLU B 24 81.86 -11.79 -1.07
C GLU B 24 81.40 -10.34 -1.02
N GLN B 25 80.98 -9.79 -2.15
CA GLN B 25 80.54 -8.36 -2.25
C GLN B 25 79.28 -8.17 -1.42
N ALA B 26 78.37 -9.15 -1.40
CA ALA B 26 77.17 -9.09 -0.54
C ALA B 26 77.60 -9.03 0.94
N LYS B 27 78.56 -9.88 1.34
CA LYS B 27 79.09 -9.92 2.73
C LYS B 27 79.66 -8.55 3.08
N THR B 28 80.65 -8.04 2.33
CA THR B 28 81.32 -6.74 2.63
C THR B 28 80.22 -5.68 2.86
N PHE B 29 79.25 -5.63 1.94
CA PHE B 29 78.07 -4.74 2.06
C PHE B 29 77.43 -4.92 3.44
N LEU B 30 77.01 -6.14 3.74
CA LEU B 30 76.30 -6.43 5.03
C LEU B 30 77.18 -6.01 6.22
N ASP B 31 78.47 -6.37 6.19
CA ASP B 31 79.42 -6.05 7.29
C ASP B 31 79.40 -4.53 7.52
N LYS B 32 79.67 -3.75 6.47
CA LYS B 32 79.76 -2.26 6.60
C LYS B 32 78.41 -1.76 7.11
N PHE B 33 77.29 -2.24 6.53
CA PHE B 33 75.92 -1.88 6.99
C PHE B 33 75.78 -2.18 8.49
N ASN B 34 76.11 -3.41 8.90
CA ASN B 34 75.93 -3.85 10.32
C ASN B 34 76.65 -2.84 11.23
N HIS B 35 77.93 -2.54 10.98
CA HIS B 35 78.74 -1.63 11.84
C HIS B 35 78.00 -0.30 11.94
N GLU B 36 77.83 0.38 10.81
CA GLU B 36 77.20 1.73 10.76
C GLU B 36 75.85 1.66 11.48
N ALA B 37 75.00 0.69 11.08
CA ALA B 37 73.65 0.46 11.64
C ALA B 37 73.73 0.53 13.17
N GLU B 38 74.52 -0.37 13.79
CA GLU B 38 74.58 -0.51 15.27
C GLU B 38 74.73 0.87 15.93
N ASP B 39 75.77 1.63 15.57
CA ASP B 39 76.11 2.92 16.21
C ASP B 39 74.96 3.90 15.99
N LEU B 40 74.56 4.05 14.73
CA LEU B 40 73.43 4.94 14.35
C LEU B 40 72.12 4.44 14.98
N PHE B 41 71.97 3.13 15.22
CA PHE B 41 70.76 2.54 15.87
C PHE B 41 70.78 2.84 17.36
N TYR B 42 71.95 2.70 18.00
CA TYR B 42 72.09 3.00 19.46
C TYR B 42 71.38 4.32 19.77
N GLN B 43 71.74 5.36 19.03
CA GLN B 43 71.17 6.74 19.15
C GLN B 43 69.64 6.61 19.23
N SER B 44 69.00 6.12 18.15
CA SER B 44 67.52 5.96 18.06
C SER B 44 67.00 5.35 19.36
N SER B 45 67.52 4.16 19.69
CA SER B 45 67.06 3.40 20.88
C SER B 45 67.24 4.25 22.14
N LEU B 46 68.47 4.70 22.40
CA LEU B 46 68.80 5.55 23.58
C LEU B 46 67.87 6.78 23.60
N ALA B 47 67.82 7.52 22.49
CA ALA B 47 66.98 8.73 22.35
C ALA B 47 65.56 8.44 22.88
N SER B 48 64.95 7.37 22.38
CA SER B 48 63.57 6.97 22.80
C SER B 48 63.57 6.62 24.27
N TRP B 49 64.54 5.85 24.75
CA TRP B 49 64.68 5.51 26.20
C TRP B 49 64.64 6.81 27.03
N ASN B 50 65.41 7.81 26.63
CA ASN B 50 65.50 9.11 27.38
C ASN B 50 64.11 9.75 27.43
N TYR B 51 63.39 9.76 26.31
CA TYR B 51 62.00 10.29 26.24
C TYR B 51 61.05 9.42 27.09
N ASN B 52 61.25 8.10 27.06
CA ASN B 52 60.45 7.15 27.88
C ASN B 52 60.75 7.38 29.36
N THR B 53 61.90 7.94 29.70
CA THR B 53 62.32 8.25 31.09
C THR B 53 61.92 9.70 31.45
N ASN B 54 61.75 10.59 30.47
CA ASN B 54 61.42 12.02 30.72
C ASN B 54 60.56 12.56 29.59
N ILE B 55 59.33 12.99 29.86
CA ILE B 55 58.39 13.46 28.80
C ILE B 55 58.57 14.98 28.68
N THR B 56 59.52 15.43 27.84
CA THR B 56 59.71 16.87 27.51
C THR B 56 59.59 17.04 26.00
N GLU B 57 59.10 18.20 25.56
CA GLU B 57 58.97 18.54 24.12
C GLU B 57 60.32 18.33 23.43
N GLU B 58 61.40 18.85 24.03
CA GLU B 58 62.80 18.61 23.61
C GLU B 58 63.04 17.11 23.38
N ASN B 59 62.67 16.28 24.37
CA ASN B 59 62.89 14.82 24.28
C ASN B 59 62.03 14.19 23.17
N VAL B 60 60.90 14.80 22.79
CA VAL B 60 60.05 14.29 21.66
C VAL B 60 60.93 14.36 20.42
N GLN B 61 61.27 15.57 19.96
CA GLN B 61 62.13 15.80 18.77
C GLN B 61 63.39 14.93 18.87
N ASN B 62 64.01 14.85 20.06
CA ASN B 62 65.23 14.05 20.29
C ASN B 62 65.11 12.69 19.57
N MET B 63 64.11 11.89 19.95
CA MET B 63 63.93 10.53 19.36
C MET B 63 63.35 10.66 17.95
N ASN B 64 62.45 11.64 17.72
CA ASN B 64 61.84 11.87 16.37
C ASN B 64 62.94 11.94 15.32
N ASN B 65 63.86 12.90 15.45
CA ASN B 65 64.98 13.13 14.50
C ASN B 65 65.74 11.80 14.36
N ALA B 66 66.20 11.23 15.48
CA ALA B 66 66.96 9.95 15.51
C ALA B 66 66.21 8.89 14.69
N GLY B 67 64.92 8.69 14.97
CA GLY B 67 64.02 7.76 14.27
C GLY B 67 64.09 7.95 12.77
N ASP B 68 63.87 9.18 12.31
CA ASP B 68 63.91 9.54 10.87
C ASP B 68 65.29 9.14 10.33
N LYS B 69 66.35 9.67 10.93
CA LYS B 69 67.75 9.41 10.50
C LYS B 69 67.95 7.89 10.41
N TRP B 70 67.54 7.16 11.45
CA TRP B 70 67.72 5.70 11.54
C TRP B 70 66.98 5.02 10.39
N SER B 71 65.67 5.25 10.28
CA SER B 71 64.82 4.67 9.20
C SER B 71 65.42 5.00 7.84
N ALA B 72 65.75 6.27 7.60
CA ALA B 72 66.33 6.74 6.31
C ALA B 72 67.56 5.89 5.99
N PHE B 73 68.49 5.77 6.94
CA PHE B 73 69.75 5.00 6.79
C PHE B 73 69.39 3.63 6.21
N LEU B 74 68.52 2.91 6.92
CA LEU B 74 68.09 1.54 6.54
C LEU B 74 67.57 1.54 5.10
N LYS B 75 66.63 2.45 4.81
CA LYS B 75 65.98 2.56 3.46
C LYS B 75 67.08 2.54 2.39
N GLU B 76 68.08 3.40 2.54
CA GLU B 76 69.18 3.51 1.55
C GLU B 76 69.83 2.14 1.41
N GLN B 77 70.27 1.55 2.52
CA GLN B 77 71.01 0.26 2.54
C GLN B 77 70.11 -0.85 1.96
N SER B 78 68.79 -0.80 2.22
CA SER B 78 67.82 -1.74 1.62
C SER B 78 67.99 -1.77 0.09
N THR B 79 68.00 -0.61 -0.55
CA THR B 79 68.16 -0.49 -2.03
C THR B 79 69.49 -1.13 -2.45
N LEU B 80 70.55 -0.90 -1.68
CA LEU B 80 71.93 -1.38 -1.99
C LEU B 80 72.00 -2.90 -1.75
N ALA B 81 71.10 -3.47 -0.94
CA ALA B 81 71.04 -4.93 -0.69
C ALA B 81 70.60 -5.67 -1.95
N GLN B 82 69.59 -5.15 -2.65
CA GLN B 82 69.09 -5.79 -3.90
C GLN B 82 70.28 -6.20 -4.76
N MET B 83 71.30 -5.34 -4.87
CA MET B 83 72.51 -5.63 -5.69
C MET B 83 73.09 -7.03 -5.44
N TYR B 84 72.63 -7.81 -4.45
CA TYR B 84 73.15 -9.14 -4.12
C TYR B 84 72.02 -10.18 -4.08
N PRO B 85 71.57 -10.70 -5.25
CA PRO B 85 70.55 -11.77 -5.29
C PRO B 85 71.01 -13.03 -4.54
N LEU B 86 70.18 -13.55 -3.63
CA LEU B 86 70.52 -14.75 -2.80
C LEU B 86 70.72 -15.99 -3.67
N GLN B 87 70.09 -16.03 -4.83
CA GLN B 87 70.26 -17.14 -5.81
C GLN B 87 71.76 -17.43 -5.94
N GLU B 88 72.61 -16.41 -5.80
CA GLU B 88 74.09 -16.57 -5.84
C GLU B 88 74.67 -16.49 -4.43
N ILE B 89 73.90 -16.04 -3.44
CA ILE B 89 74.35 -15.94 -2.02
C ILE B 89 74.11 -17.28 -1.33
N GLN B 90 75.17 -18.02 -1.00
CA GLN B 90 75.03 -19.39 -0.40
C GLN B 90 75.11 -19.30 1.13
N ASN B 91 76.10 -18.62 1.74
CA ASN B 91 76.25 -18.50 3.25
C ASN B 91 74.90 -18.02 3.80
N LEU B 92 74.27 -18.82 4.67
CA LEU B 92 72.90 -18.54 5.22
C LEU B 92 72.97 -17.22 6.00
N THR B 93 73.98 -17.04 6.85
CA THR B 93 74.16 -15.82 7.67
C THR B 93 73.98 -14.58 6.77
N VAL B 94 74.82 -14.43 5.74
CA VAL B 94 74.70 -13.29 4.77
C VAL B 94 73.32 -13.37 4.11
N LYS B 95 72.93 -14.55 3.63
CA LYS B 95 71.64 -14.75 2.92
C LYS B 95 70.50 -14.19 3.78
N LEU B 96 70.42 -14.63 5.03
CA LEU B 96 69.36 -14.21 5.99
C LEU B 96 69.35 -12.68 6.05
N GLN B 97 70.49 -12.09 6.42
CA GLN B 97 70.60 -10.62 6.60
C GLN B 97 70.18 -9.93 5.29
N LEU B 98 70.73 -10.39 4.15
CA LEU B 98 70.44 -9.78 2.83
C LEU B 98 68.93 -9.79 2.57
N GLN B 99 68.30 -10.95 2.73
CA GLN B 99 66.83 -11.08 2.47
C GLN B 99 66.05 -10.22 3.48
N ALA B 100 66.55 -10.07 4.71
CA ALA B 100 65.93 -9.20 5.74
C ALA B 100 66.13 -7.71 5.41
N LEU B 101 66.98 -7.37 4.44
CA LEU B 101 67.20 -5.99 3.94
C LEU B 101 66.62 -5.80 2.53
N GLN B 102 66.54 -6.87 1.73
CA GLN B 102 66.02 -6.81 0.33
C GLN B 102 64.50 -6.63 0.31
N GLN B 103 63.79 -6.80 1.43
CA GLN B 103 62.33 -6.58 1.54
C GLN B 103 62.01 -5.14 1.14
N ASN B 104 61.09 -4.95 0.19
CA ASN B 104 60.69 -3.57 -0.22
C ASN B 104 59.50 -3.12 0.61
N GLY B 105 58.55 -4.03 0.83
CA GLY B 105 57.35 -3.71 1.62
C GLY B 105 56.45 -2.69 0.94
N SER B 106 55.92 -1.72 1.68
CA SER B 106 54.97 -0.70 1.15
C SER B 106 55.68 0.24 0.18
N SER B 107 57.02 0.33 0.17
CA SER B 107 57.78 1.03 -0.91
C SER B 107 57.34 0.54 -2.30
N VAL B 108 56.99 -0.74 -2.44
CA VAL B 108 56.46 -1.31 -3.71
C VAL B 108 55.15 -0.60 -4.13
N LEU B 109 54.36 -0.10 -3.19
CA LEU B 109 53.07 0.57 -3.49
C LEU B 109 53.34 1.93 -4.10
N SER B 110 52.47 2.36 -5.05
CA SER B 110 52.54 3.69 -5.71
C SER B 110 52.44 4.79 -4.65
N GLU B 111 53.12 5.92 -4.86
CA GLU B 111 53.16 7.02 -3.84
C GLU B 111 51.73 7.31 -3.35
N ASP B 112 50.84 7.61 -4.29
CA ASP B 112 49.40 7.87 -4.00
C ASP B 112 48.81 6.71 -3.20
N LYS B 113 48.92 5.48 -3.73
CA LYS B 113 48.41 4.25 -3.07
C LYS B 113 48.95 4.19 -1.64
N SER B 114 50.27 4.31 -1.47
CA SER B 114 50.94 4.23 -0.15
C SER B 114 50.31 5.28 0.78
N LYS B 115 50.26 6.53 0.32
CA LYS B 115 49.72 7.66 1.13
C LYS B 115 48.29 7.32 1.57
N ARG B 116 47.45 6.89 0.62
CA ARG B 116 46.03 6.51 0.90
C ARG B 116 46.02 5.48 2.02
N LEU B 117 46.78 4.40 1.86
CA LEU B 117 46.88 3.31 2.85
C LEU B 117 47.26 3.92 4.20
N ASN B 118 48.36 4.67 4.23
CA ASN B 118 48.84 5.33 5.49
C ASN B 118 47.69 6.11 6.14
N THR B 119 47.01 6.96 5.38
CA THR B 119 45.87 7.75 5.88
C THR B 119 44.82 6.85 6.52
N ILE B 120 44.38 5.78 5.81
CA ILE B 120 43.38 4.80 6.33
C ILE B 120 43.89 4.31 7.70
N LEU B 121 45.14 3.87 7.75
CA LEU B 121 45.73 3.33 9.00
C LEU B 121 45.60 4.38 10.12
N ASN B 122 46.01 5.61 9.86
CA ASN B 122 45.94 6.70 10.86
C ASN B 122 44.48 6.90 11.29
N THR B 123 43.57 7.02 10.32
CA THR B 123 42.13 7.22 10.60
C THR B 123 41.63 6.10 11.52
N MET B 124 41.84 4.84 11.10
CA MET B 124 41.40 3.64 11.87
C MET B 124 41.93 3.73 13.30
N SER B 125 43.23 3.95 13.45
CA SER B 125 43.88 4.13 14.78
C SER B 125 43.20 5.25 15.59
N THR B 126 43.04 6.40 14.99
CA THR B 126 42.40 7.58 15.63
C THR B 126 41.01 7.21 16.12
N ILE B 127 40.16 6.62 15.25
CA ILE B 127 38.77 6.22 15.59
C ILE B 127 38.86 5.33 16.84
N TYR B 128 39.66 4.27 16.79
CA TYR B 128 39.77 3.30 17.91
C TYR B 128 40.12 4.03 19.19
N SER B 129 41.10 4.90 19.14
CA SER B 129 41.63 5.62 20.33
C SER B 129 40.65 6.71 20.80
N THR B 130 40.13 7.56 19.92
CA THR B 130 39.29 8.72 20.31
C THR B 130 37.80 8.44 20.16
N GLY B 131 37.35 7.22 19.84
CA GLY B 131 35.90 6.95 19.68
C GLY B 131 35.22 6.85 21.04
N LYS B 132 34.17 7.63 21.26
CA LYS B 132 33.43 7.66 22.56
C LYS B 132 31.99 7.18 22.32
N VAL B 133 31.33 6.77 23.40
CA VAL B 133 29.95 6.24 23.43
C VAL B 133 29.20 7.03 24.51
N CYS B 134 28.23 7.83 24.11
CA CYS B 134 27.39 8.62 25.04
C CYS B 134 26.28 7.74 25.63
N ASN B 135 25.95 7.98 26.90
CA ASN B 135 24.83 7.28 27.59
C ASN B 135 23.51 7.66 26.92
N PRO B 136 22.60 6.70 26.62
CA PRO B 136 21.32 7.03 26.00
C PRO B 136 20.49 8.02 26.84
N ASP B 137 20.46 7.81 28.16
CA ASP B 137 19.78 8.74 29.11
C ASP B 137 20.43 10.12 29.02
N ASN B 138 21.71 10.26 29.37
CA ASN B 138 22.40 11.58 29.33
C ASN B 138 23.40 11.57 28.18
N PRO B 139 23.12 12.29 27.06
CA PRO B 139 24.06 12.42 25.95
C PRO B 139 25.35 13.15 26.30
N GLN B 140 25.33 13.90 27.40
CA GLN B 140 26.50 14.70 27.83
C GLN B 140 27.59 13.76 28.37
N GLU B 141 27.25 12.61 28.92
CA GLU B 141 28.28 11.63 29.47
C GLU B 141 28.66 10.63 28.36
N CYS B 142 29.82 10.81 27.73
CA CYS B 142 30.28 9.98 26.59
C CYS B 142 31.57 9.24 27.00
N LEU B 143 31.52 7.92 27.13
CA LEU B 143 32.67 7.09 27.58
C LEU B 143 33.51 6.63 26.39
N LEU B 144 34.83 6.72 26.50
CA LEU B 144 35.73 6.10 25.49
C LEU B 144 35.97 4.64 25.92
N LEU B 145 36.54 3.84 25.04
CA LEU B 145 36.80 2.42 25.32
C LEU B 145 37.84 2.25 26.46
N GLU B 146 38.99 2.93 26.35
CA GLU B 146 40.14 2.69 27.27
C GLU B 146 39.65 2.57 28.70
N PRO B 147 39.01 3.60 29.30
CA PRO B 147 38.58 3.53 30.71
C PRO B 147 37.09 3.14 30.90
N GLY B 148 36.15 3.95 30.41
CA GLY B 148 34.73 3.75 30.68
C GLY B 148 34.22 2.41 30.21
N LEU B 149 34.30 2.16 28.91
CA LEU B 149 33.73 0.91 28.33
C LEU B 149 34.45 -0.31 28.92
N ASN B 150 35.78 -0.26 29.04
CA ASN B 150 36.57 -1.39 29.57
C ASN B 150 36.19 -1.70 31.02
N GLU B 151 36.02 -0.68 31.87
CA GLU B 151 35.66 -0.90 33.29
C GLU B 151 34.28 -1.55 33.39
N ILE B 152 33.35 -1.14 32.51
CA ILE B 152 31.99 -1.75 32.51
C ILE B 152 32.11 -3.20 32.08
N MET B 153 32.87 -3.46 31.00
CA MET B 153 32.96 -4.82 30.42
C MET B 153 33.74 -5.70 31.39
N ALA B 154 34.64 -5.15 32.21
CA ALA B 154 35.45 -5.91 33.17
C ALA B 154 34.80 -6.04 34.55
N ASN B 155 33.91 -5.13 34.95
CA ASN B 155 33.39 -5.06 36.35
C ASN B 155 31.87 -5.16 36.30
N SER B 156 31.19 -4.22 35.63
CA SER B 156 29.70 -4.18 35.59
C SER B 156 29.16 -5.59 35.34
N LEU B 157 28.29 -6.06 36.23
CA LEU B 157 27.61 -7.37 36.13
C LEU B 157 26.13 -7.17 35.77
N ASP B 158 25.79 -6.07 35.09
CA ASP B 158 24.39 -5.75 34.71
C ASP B 158 24.26 -6.15 33.24
N TYR B 159 23.41 -7.15 32.95
CA TYR B 159 23.15 -7.62 31.57
C TYR B 159 22.86 -6.39 30.70
N ASN B 160 21.99 -5.50 31.15
CA ASN B 160 21.56 -4.32 30.34
C ASN B 160 22.77 -3.42 30.09
N GLU B 161 23.49 -3.07 31.15
CA GLU B 161 24.67 -2.16 31.05
C GLU B 161 25.74 -2.76 30.11
N ARG B 162 26.08 -4.04 30.36
CA ARG B 162 27.09 -4.72 29.50
C ARG B 162 26.60 -4.72 28.05
N LEU B 163 25.35 -5.11 27.82
CA LEU B 163 24.80 -5.17 26.45
C LEU B 163 24.92 -3.79 25.81
N TRP B 164 24.55 -2.75 26.55
CA TRP B 164 24.68 -1.37 26.06
C TRP B 164 26.14 -1.15 25.61
N ALA B 165 27.12 -1.25 26.51
CA ALA B 165 28.54 -0.99 26.19
C ALA B 165 28.93 -1.72 24.91
N TRP B 166 28.81 -3.05 24.89
CA TRP B 166 29.19 -3.92 23.75
C TRP B 166 28.53 -3.44 22.45
N GLU B 167 27.21 -3.42 22.46
CA GLU B 167 26.44 -3.02 21.25
C GLU B 167 26.84 -1.59 20.84
N SER B 168 26.86 -0.66 21.76
CA SER B 168 27.13 0.78 21.48
C SER B 168 28.51 0.91 20.86
N TRP B 169 29.51 0.21 21.40
CA TRP B 169 30.88 0.26 20.85
C TRP B 169 30.85 -0.13 19.37
N ARG B 170 30.32 -1.30 19.02
CA ARG B 170 30.30 -1.77 17.61
C ARG B 170 29.45 -0.81 16.75
N SER B 171 28.32 -0.34 17.28
CA SER B 171 27.40 0.55 16.51
C SER B 171 28.04 1.91 16.24
N GLU B 172 28.89 2.44 17.11
CA GLU B 172 29.42 3.82 16.96
C GLU B 172 30.76 3.77 16.24
N VAL B 173 31.70 2.96 16.74
CA VAL B 173 33.08 2.92 16.18
C VAL B 173 33.12 1.85 15.08
N GLY B 174 32.44 0.71 15.30
CA GLY B 174 32.58 -0.38 14.33
C GLY B 174 32.15 0.03 12.92
N LYS B 175 31.05 0.77 12.80
CA LYS B 175 30.59 1.27 11.48
C LYS B 175 31.65 2.22 10.89
N GLN B 176 32.19 3.13 11.70
CA GLN B 176 33.22 4.08 11.21
C GLN B 176 34.43 3.36 10.61
N LEU B 177 34.72 2.11 11.02
CA LEU B 177 35.87 1.35 10.52
C LEU B 177 35.49 0.53 9.28
N ARG B 178 34.21 0.14 9.11
CA ARG B 178 33.79 -0.75 7.99
C ARG B 178 34.37 -0.29 6.63
N PRO B 179 34.06 0.92 6.13
CA PRO B 179 34.58 1.34 4.82
C PRO B 179 36.12 1.40 4.78
N LEU B 180 36.72 1.94 5.84
CA LEU B 180 38.21 2.03 5.94
C LEU B 180 38.82 0.63 5.82
N TYR B 181 38.30 -0.31 6.61
CA TYR B 181 38.86 -1.70 6.66
C TYR B 181 38.81 -2.31 5.23
N GLU B 182 37.70 -2.11 4.55
CA GLU B 182 37.51 -2.57 3.14
C GLU B 182 38.66 -2.04 2.25
N GLU B 183 38.83 -0.72 2.17
CA GLU B 183 39.96 -0.16 1.38
C GLU B 183 41.28 -0.76 1.89
N TYR B 184 41.50 -0.72 3.20
CA TYR B 184 42.75 -1.27 3.83
C TYR B 184 43.04 -2.64 3.21
N VAL B 185 42.06 -3.54 3.23
CA VAL B 185 42.21 -4.94 2.73
C VAL B 185 42.76 -4.89 1.28
N VAL B 186 42.10 -4.09 0.44
CA VAL B 186 42.44 -4.00 -1.02
C VAL B 186 43.92 -3.56 -1.14
N LEU B 187 44.26 -2.41 -0.57
CA LEU B 187 45.64 -1.86 -0.66
C LEU B 187 46.65 -2.85 -0.09
N LYS B 188 46.35 -3.43 1.08
CA LYS B 188 47.25 -4.40 1.74
C LYS B 188 47.52 -5.57 0.79
N ASN B 189 46.45 -6.14 0.20
CA ASN B 189 46.65 -7.28 -0.74
C ASN B 189 47.55 -6.84 -1.89
N GLU B 190 47.21 -5.74 -2.58
CA GLU B 190 48.06 -5.22 -3.68
C GLU B 190 49.52 -5.22 -3.25
N MET B 191 49.83 -4.53 -2.14
CA MET B 191 51.24 -4.40 -1.70
C MET B 191 51.88 -5.79 -1.60
N ALA B 192 51.26 -6.71 -0.88
CA ALA B 192 51.83 -8.06 -0.66
C ALA B 192 51.96 -8.80 -1.99
N ARG B 193 50.93 -8.74 -2.84
CA ARG B 193 50.98 -9.34 -4.21
C ARG B 193 52.19 -8.80 -4.97
N ALA B 194 52.38 -7.48 -4.92
CA ALA B 194 53.54 -6.83 -5.56
C ALA B 194 54.83 -7.23 -4.83
N ASN B 195 54.77 -7.54 -3.54
CA ASN B 195 55.92 -8.12 -2.79
C ASN B 195 55.98 -9.65 -2.98
N HIS B 196 55.39 -10.21 -4.04
CA HIS B 196 55.43 -11.65 -4.38
C HIS B 196 54.78 -12.45 -3.24
N TYR B 197 53.48 -12.25 -3.03
CA TYR B 197 52.70 -13.01 -2.01
C TYR B 197 51.28 -13.24 -2.52
N GLU B 198 50.67 -14.35 -2.14
CA GLU B 198 49.29 -14.69 -2.59
C GLU B 198 48.37 -13.56 -2.12
N ASP B 199 48.48 -13.17 -0.85
CA ASP B 199 47.61 -12.14 -0.20
C ASP B 199 48.34 -11.54 1.00
N TYR B 200 47.67 -10.60 1.70
CA TYR B 200 48.27 -10.01 2.94
C TYR B 200 48.36 -11.11 4.02
N GLY B 201 47.45 -12.09 4.01
CA GLY B 201 47.50 -13.23 4.93
C GLY B 201 48.78 -14.02 4.74
N ASP B 202 49.09 -14.32 3.49
CA ASP B 202 50.35 -15.04 3.13
C ASP B 202 51.53 -14.17 3.54
N TYR B 203 51.45 -12.87 3.28
CA TYR B 203 52.50 -11.90 3.70
C TYR B 203 52.80 -12.11 5.19
N TRP B 204 51.75 -12.20 6.01
CA TRP B 204 51.86 -12.36 7.49
C TRP B 204 52.33 -13.78 7.85
N ARG B 205 52.00 -14.81 7.08
CA ARG B 205 52.45 -16.20 7.35
C ARG B 205 53.92 -16.40 6.94
N GLY B 206 54.56 -15.45 6.27
CA GLY B 206 56.00 -15.48 5.96
C GLY B 206 56.91 -15.52 7.14
N ASP B 207 56.47 -15.07 8.31
CA ASP B 207 57.30 -15.09 9.57
C ASP B 207 57.79 -16.51 9.86
N TYR B 208 56.88 -17.49 9.87
CA TYR B 208 57.17 -18.89 10.24
C TYR B 208 57.74 -19.66 9.05
N GLU B 209 58.07 -19.03 7.92
CA GLU B 209 58.43 -19.74 6.67
C GLU B 209 59.93 -19.98 6.67
N VAL B 210 60.35 -21.22 6.48
CA VAL B 210 61.80 -21.62 6.45
C VAL B 210 62.07 -22.36 5.14
N ASN B 211 63.17 -22.02 4.47
CA ASN B 211 63.57 -22.63 3.15
C ASN B 211 65.08 -22.86 3.16
N GLY B 212 65.54 -23.75 2.26
CA GLY B 212 66.96 -24.11 2.07
C GLY B 212 67.63 -24.67 3.32
N VAL B 213 66.88 -25.43 4.12
CA VAL B 213 67.40 -26.12 5.35
C VAL B 213 66.95 -27.58 5.30
N ASP B 214 67.82 -28.51 5.71
CA ASP B 214 67.57 -29.98 5.62
C ASP B 214 66.62 -30.40 6.76
N GLY B 215 65.37 -30.70 6.44
CA GLY B 215 64.33 -31.12 7.42
C GLY B 215 63.80 -30.00 8.29
N TYR B 216 64.36 -28.79 8.29
CA TYR B 216 63.93 -27.64 9.12
C TYR B 216 63.09 -26.66 8.29
N ASP B 217 62.80 -26.99 7.03
CA ASP B 217 62.01 -26.11 6.14
C ASP B 217 60.54 -26.11 6.57
N TYR B 218 59.85 -24.99 6.37
CA TYR B 218 58.46 -24.81 6.83
C TYR B 218 57.73 -23.87 5.87
N SER B 219 56.60 -24.30 5.33
CA SER B 219 55.82 -23.52 4.31
C SER B 219 54.90 -22.53 5.05
N ARG B 220 54.57 -21.42 4.39
CA ARG B 220 53.63 -20.41 4.95
C ARG B 220 52.25 -21.07 5.10
N GLY B 221 51.81 -21.84 4.11
CA GLY B 221 50.57 -22.63 4.17
C GLY B 221 50.58 -23.65 5.30
N GLN B 222 51.73 -24.28 5.55
CA GLN B 222 51.90 -25.28 6.65
C GLN B 222 51.34 -24.73 7.96
N LEU B 223 51.66 -23.46 8.27
CA LEU B 223 51.20 -22.77 9.50
C LEU B 223 49.70 -23.03 9.68
N ILE B 224 48.91 -22.75 8.66
CA ILE B 224 47.43 -22.87 8.69
C ILE B 224 47.08 -24.29 9.16
N GLU B 225 47.59 -25.28 8.45
CA GLU B 225 47.34 -26.72 8.69
C GLU B 225 47.70 -27.01 10.17
N ASP B 226 48.92 -26.66 10.57
CA ASP B 226 49.42 -26.91 11.94
C ASP B 226 48.48 -26.29 12.97
N VAL B 227 48.14 -25.01 12.80
CA VAL B 227 47.29 -24.26 13.75
C VAL B 227 45.97 -25.04 13.87
N GLU B 228 45.35 -25.35 12.74
CA GLU B 228 44.02 -26.03 12.71
C GLU B 228 44.16 -27.40 13.38
N HIS B 229 45.15 -28.19 13.01
CA HIS B 229 45.42 -29.54 13.58
C HIS B 229 45.51 -29.43 15.10
N THR B 230 46.39 -28.56 15.60
CA THR B 230 46.61 -28.39 17.05
C THR B 230 45.29 -27.98 17.71
N PHE B 231 44.56 -27.05 17.08
CA PHE B 231 43.30 -26.52 17.62
C PHE B 231 42.33 -27.68 17.88
N GLU B 232 42.24 -28.64 16.96
CA GLU B 232 41.30 -29.77 17.10
C GLU B 232 41.60 -30.56 18.38
N GLU B 233 42.87 -30.63 18.79
CA GLU B 233 43.30 -31.42 19.95
C GLU B 233 42.92 -30.68 21.24
N ILE B 234 42.79 -29.35 21.20
CA ILE B 234 42.43 -28.53 22.41
C ILE B 234 40.93 -28.49 22.55
N LYS B 235 40.17 -28.53 21.45
CA LYS B 235 38.67 -28.43 21.45
C LYS B 235 38.07 -29.12 22.67
N PRO B 236 38.27 -30.44 22.91
CA PRO B 236 37.69 -31.13 24.08
C PRO B 236 37.83 -30.37 25.40
N LEU B 237 39.05 -29.99 25.77
CA LEU B 237 39.34 -29.25 27.03
C LEU B 237 38.52 -27.95 27.03
N TYR B 238 38.57 -27.18 25.93
CA TYR B 238 37.86 -25.88 25.85
C TYR B 238 36.34 -26.12 26.02
N GLU B 239 35.81 -27.18 25.41
CA GLU B 239 34.35 -27.50 25.50
C GLU B 239 33.96 -27.68 26.97
N HIS B 240 34.73 -28.41 27.74
CA HIS B 240 34.49 -28.58 29.19
C HIS B 240 34.57 -27.23 29.91
N LEU B 241 35.62 -26.45 29.63
CA LEU B 241 35.76 -25.08 30.20
C LEU B 241 34.50 -24.28 29.86
N HIS B 242 34.13 -24.26 28.60
CA HIS B 242 32.94 -23.52 28.12
C HIS B 242 31.70 -23.97 28.92
N ALA B 243 31.46 -25.28 28.99
CA ALA B 243 30.26 -25.84 29.69
C ALA B 243 30.28 -25.41 31.16
N TYR B 244 31.41 -25.58 31.84
CA TYR B 244 31.57 -25.10 33.25
C TYR B 244 31.23 -23.61 33.38
N VAL B 245 31.84 -22.77 32.55
CA VAL B 245 31.62 -21.29 32.60
C VAL B 245 30.12 -21.03 32.33
N ARG B 246 29.57 -21.70 31.32
CA ARG B 246 28.14 -21.53 30.95
C ARG B 246 27.27 -21.73 32.19
N ALA B 247 27.48 -22.87 32.86
CA ALA B 247 26.70 -23.25 34.07
C ALA B 247 26.78 -22.10 35.10
N LYS B 248 27.98 -21.65 35.41
CA LYS B 248 28.20 -20.57 36.41
C LYS B 248 27.54 -19.26 35.94
N LEU B 249 27.71 -18.93 34.66
CA LEU B 249 27.15 -17.68 34.09
C LEU B 249 25.61 -17.75 34.14
N MET B 250 25.03 -18.95 34.00
CA MET B 250 23.57 -19.12 34.12
C MET B 250 23.07 -18.65 35.51
N ASN B 251 23.86 -18.86 36.55
CA ASN B 251 23.53 -18.41 37.93
C ASN B 251 23.69 -16.88 37.98
N ALA B 252 24.82 -16.35 37.53
CA ALA B 252 25.10 -14.89 37.50
C ALA B 252 24.08 -14.15 36.64
N TYR B 253 23.64 -14.73 35.53
CA TYR B 253 22.66 -14.12 34.58
C TYR B 253 21.53 -15.13 34.35
N PRO B 254 20.53 -15.21 35.27
CA PRO B 254 19.41 -16.14 35.11
C PRO B 254 18.48 -15.67 33.98
N SER B 255 17.77 -16.61 33.34
CA SER B 255 16.86 -16.33 32.20
C SER B 255 17.59 -15.57 31.07
N TYR B 256 18.85 -15.83 30.87
CA TYR B 256 19.72 -15.13 29.89
C TYR B 256 20.57 -16.11 29.08
N ILE B 257 20.93 -17.25 29.64
CA ILE B 257 21.82 -18.24 29.01
C ILE B 257 21.07 -19.56 28.90
N SER B 258 21.13 -20.16 27.72
CA SER B 258 20.64 -21.53 27.47
C SER B 258 21.73 -22.52 27.89
N PRO B 259 21.40 -23.56 28.69
CA PRO B 259 22.38 -24.54 29.14
C PRO B 259 22.94 -25.42 28.01
N ILE B 260 22.36 -25.34 26.82
CA ILE B 260 22.80 -26.09 25.62
C ILE B 260 23.25 -25.16 24.50
N GLY B 261 23.12 -23.84 24.68
CA GLY B 261 23.41 -22.85 23.64
C GLY B 261 24.79 -22.23 23.80
N CYS B 262 25.12 -21.26 22.94
CA CYS B 262 26.39 -20.52 22.99
C CYS B 262 26.33 -19.50 24.13
N LEU B 263 27.42 -18.75 24.34
CA LEU B 263 27.51 -17.75 25.43
C LEU B 263 27.29 -16.35 24.83
N PRO B 264 26.38 -15.52 25.40
CA PRO B 264 26.23 -14.13 24.97
C PRO B 264 27.60 -13.42 25.01
N ALA B 265 27.96 -12.77 23.91
CA ALA B 265 29.30 -12.15 23.73
C ALA B 265 29.52 -11.00 24.73
N HIS B 266 28.46 -10.29 25.17
CA HIS B 266 28.59 -9.19 26.18
C HIS B 266 28.79 -9.65 27.63
N LEU B 267 28.90 -10.94 27.89
CA LEU B 267 29.02 -11.47 29.29
C LEU B 267 30.36 -12.19 29.50
N LEU B 268 31.36 -11.97 28.64
CA LEU B 268 32.62 -12.80 28.65
C LEU B 268 33.70 -12.13 29.51
N GLY B 269 33.39 -11.05 30.20
CA GLY B 269 34.30 -10.39 31.16
C GLY B 269 35.14 -9.28 30.53
N ASP B 270 35.03 -9.05 29.24
CA ASP B 270 35.73 -7.96 28.51
C ASP B 270 34.90 -7.56 27.27
N MET B 271 35.42 -6.61 26.51
CA MET B 271 34.68 -6.03 25.38
C MET B 271 34.53 -7.05 24.24
N TRP B 272 35.54 -7.83 23.95
CA TRP B 272 35.58 -8.79 22.81
C TRP B 272 35.43 -10.24 23.26
N GLY B 273 35.63 -10.57 24.53
CA GLY B 273 35.81 -11.95 24.99
C GLY B 273 37.18 -12.53 24.66
N ARG B 274 38.20 -11.74 24.38
CA ARG B 274 39.58 -12.22 24.14
C ARG B 274 40.06 -13.11 25.30
N PHE B 275 39.96 -12.64 26.54
CA PHE B 275 40.26 -13.42 27.77
C PHE B 275 39.00 -13.61 28.59
N TRP B 276 38.92 -14.68 29.39
CA TRP B 276 37.78 -14.91 30.33
C TRP B 276 38.22 -14.61 31.77
N THR B 277 39.34 -13.92 31.95
CA THR B 277 40.00 -13.71 33.27
C THR B 277 39.03 -13.03 34.26
N ASN B 278 38.29 -12.04 33.80
CA ASN B 278 37.32 -11.31 34.63
C ASN B 278 36.08 -12.15 34.95
N LEU B 279 35.91 -13.37 34.42
CA LEU B 279 34.82 -14.29 34.83
C LEU B 279 35.19 -15.10 36.06
N TYR B 280 36.41 -14.97 36.60
CA TYR B 280 36.86 -15.82 37.74
C TYR B 280 36.00 -15.61 38.98
N SER B 281 35.72 -14.36 39.36
CA SER B 281 34.77 -14.00 40.46
C SER B 281 33.48 -14.83 40.39
N LEU B 282 33.01 -15.18 39.21
CA LEU B 282 31.75 -15.92 39.01
C LEU B 282 32.04 -17.41 38.79
N THR B 283 33.28 -17.84 38.63
CA THR B 283 33.60 -19.27 38.30
C THR B 283 34.61 -19.83 39.28
N VAL B 284 34.90 -19.17 40.41
CA VAL B 284 35.96 -19.67 41.35
C VAL B 284 35.54 -21.08 41.76
N PRO B 285 36.34 -22.15 41.48
CA PRO B 285 35.97 -23.54 41.82
C PRO B 285 35.67 -23.67 43.33
N PHE B 286 36.53 -23.08 44.17
CA PHE B 286 36.39 -23.19 45.65
C PHE B 286 36.47 -21.80 46.29
N GLY B 287 35.39 -21.02 46.23
CA GLY B 287 35.28 -19.67 46.83
C GLY B 287 35.97 -19.57 48.19
N GLN B 288 35.70 -20.54 49.07
CA GLN B 288 36.31 -20.58 50.44
C GLN B 288 37.84 -20.60 50.35
N LYS B 289 38.41 -21.28 49.35
CA LYS B 289 39.89 -21.35 49.16
C LYS B 289 40.38 -20.07 48.45
N PRO B 290 41.37 -19.32 49.00
CA PRO B 290 41.99 -18.19 48.29
C PRO B 290 43.12 -18.68 47.36
N ASN B 291 43.98 -17.77 46.91
CA ASN B 291 45.22 -18.12 46.17
C ASN B 291 46.40 -17.40 46.77
N ILE B 292 47.58 -18.03 46.63
CA ILE B 292 48.84 -17.48 47.21
C ILE B 292 48.97 -16.00 46.89
N ASP B 293 49.21 -15.19 47.92
CA ASP B 293 49.42 -13.73 47.74
C ASP B 293 50.53 -13.25 48.66
N VAL B 294 51.78 -13.38 48.22
CA VAL B 294 52.98 -13.08 49.06
C VAL B 294 53.34 -11.59 49.00
N THR B 295 52.54 -10.73 48.38
CA THR B 295 52.70 -9.25 48.44
C THR B 295 52.82 -8.75 49.89
N ASP B 296 51.99 -9.26 50.79
CA ASP B 296 52.01 -8.91 52.23
C ASP B 296 53.37 -9.28 52.81
N ALA B 297 53.84 -10.51 52.58
CA ALA B 297 55.17 -10.96 53.06
C ALA B 297 56.26 -10.03 52.50
N MET B 298 56.14 -9.65 51.22
CA MET B 298 57.09 -8.72 50.56
C MET B 298 57.16 -7.43 51.37
N VAL B 299 56.01 -6.80 51.63
CA VAL B 299 55.97 -5.49 52.35
C VAL B 299 56.46 -5.73 53.78
N ASP B 300 56.06 -6.84 54.39
CA ASP B 300 56.44 -7.20 55.79
C ASP B 300 57.97 -7.36 55.86
N GLN B 301 58.58 -7.96 54.84
CA GLN B 301 60.06 -8.14 54.78
C GLN B 301 60.68 -6.96 54.03
N ALA B 302 59.97 -5.84 53.85
CA ALA B 302 60.47 -4.64 53.15
C ALA B 302 61.09 -5.00 51.80
N TRP B 303 60.29 -5.55 50.89
CA TRP B 303 60.74 -5.94 49.52
C TRP B 303 60.62 -4.73 48.59
N ASP B 304 61.68 -3.92 48.46
CA ASP B 304 61.71 -2.79 47.49
C ASP B 304 61.84 -3.38 46.07
N ALA B 305 61.64 -2.52 45.08
CA ALA B 305 61.74 -2.90 43.65
C ALA B 305 63.11 -3.51 43.40
N GLN B 306 64.19 -2.89 43.87
CA GLN B 306 65.58 -3.40 43.68
C GLN B 306 65.71 -4.81 44.27
N ARG B 307 65.23 -4.99 45.50
CA ARG B 307 65.17 -6.32 46.20
C ARG B 307 64.52 -7.35 45.27
N ILE B 308 63.30 -7.05 44.81
CA ILE B 308 62.51 -8.03 44.01
C ILE B 308 63.29 -8.33 42.71
N PHE B 309 63.91 -7.32 42.10
CA PHE B 309 64.69 -7.47 40.84
C PHE B 309 65.87 -8.40 41.11
N LYS B 310 66.57 -8.22 42.23
CA LYS B 310 67.72 -9.09 42.61
C LYS B 310 67.21 -10.54 42.68
N GLU B 311 66.08 -10.78 43.33
CA GLU B 311 65.45 -12.13 43.39
C GLU B 311 65.30 -12.70 41.98
N ALA B 312 64.81 -11.88 41.04
CA ALA B 312 64.71 -12.27 39.61
C ALA B 312 66.12 -12.69 39.16
N GLU B 313 67.11 -11.79 39.29
CA GLU B 313 68.52 -12.06 38.87
C GLU B 313 68.97 -13.41 39.48
N LYS B 314 68.78 -13.55 40.80
CA LYS B 314 69.15 -14.78 41.55
C LYS B 314 68.56 -15.99 40.83
N PHE B 315 67.26 -15.98 40.56
CA PHE B 315 66.55 -17.09 39.88
C PHE B 315 67.29 -17.48 38.60
N PHE B 316 67.53 -16.51 37.72
CA PHE B 316 68.19 -16.77 36.40
C PHE B 316 69.58 -17.37 36.63
N VAL B 317 70.35 -16.74 37.52
CA VAL B 317 71.73 -17.20 37.86
C VAL B 317 71.62 -18.63 38.41
N SER B 318 70.57 -18.91 39.21
CA SER B 318 70.36 -20.26 39.80
C SER B 318 70.21 -21.31 38.70
N VAL B 319 69.56 -20.95 37.59
CA VAL B 319 69.36 -21.88 36.45
C VAL B 319 70.59 -21.80 35.53
N GLY B 320 71.57 -20.93 35.82
CA GLY B 320 72.85 -20.84 35.10
C GLY B 320 72.78 -19.83 33.97
N LEU B 321 72.10 -18.69 34.19
CA LEU B 321 72.01 -17.61 33.16
C LEU B 321 72.93 -16.45 33.55
N PRO B 322 73.63 -15.80 32.60
CA PRO B 322 74.62 -14.75 32.92
C PRO B 322 74.08 -13.67 33.87
N ASN B 323 74.95 -13.21 34.77
CA ASN B 323 74.63 -12.20 35.82
C ASN B 323 74.13 -10.92 35.15
N MET B 324 73.14 -10.24 35.75
CA MET B 324 72.62 -8.96 35.17
C MET B 324 73.80 -7.98 34.99
N THR B 325 73.91 -7.34 33.83
CA THR B 325 74.94 -6.32 33.54
C THR B 325 74.91 -5.28 34.66
N GLN B 326 76.07 -4.93 35.22
CA GLN B 326 76.19 -3.80 36.18
C GLN B 326 75.48 -2.57 35.59
N GLY B 327 75.73 -2.29 34.30
CA GLY B 327 75.07 -1.22 33.52
C GLY B 327 73.56 -1.23 33.72
N PHE B 328 72.94 -2.41 33.63
CA PHE B 328 71.48 -2.58 33.88
C PHE B 328 71.13 -1.90 35.21
N TRP B 329 71.78 -2.36 36.28
CA TRP B 329 71.54 -1.83 37.65
C TRP B 329 71.75 -0.31 37.65
N GLU B 330 72.82 0.15 36.98
CA GLU B 330 73.16 1.59 36.91
C GLU B 330 72.00 2.36 36.23
N ASN B 331 71.75 2.07 34.96
CA ASN B 331 70.74 2.81 34.13
C ASN B 331 69.55 1.89 33.92
N SER B 332 68.47 2.08 34.66
CA SER B 332 67.20 1.29 34.50
C SER B 332 66.11 1.87 35.40
N MET B 333 64.98 2.29 34.84
CA MET B 333 63.83 2.74 35.66
C MET B 333 63.22 1.51 36.32
N LEU B 334 63.79 1.08 37.42
CA LEU B 334 63.28 -0.09 38.20
C LEU B 334 62.22 0.36 39.19
N THR B 335 61.92 1.65 39.27
CA THR B 335 60.94 2.20 40.23
C THR B 335 60.23 3.41 39.62
N ASP B 336 59.06 3.75 40.15
CA ASP B 336 58.28 4.92 39.69
C ASP B 336 59.11 6.18 39.82
N PRO B 337 59.16 7.09 38.81
CA PRO B 337 59.84 8.37 38.95
C PRO B 337 59.69 8.92 40.36
N GLY B 338 58.51 8.79 40.96
CA GLY B 338 58.27 9.20 42.36
C GLY B 338 58.13 10.72 42.46
N ASN B 339 59.06 11.49 41.88
CA ASN B 339 59.02 12.97 41.86
C ASN B 339 58.11 13.47 40.73
N VAL B 340 58.18 14.76 40.44
CA VAL B 340 57.40 15.40 39.33
C VAL B 340 57.82 14.75 38.01
N GLN B 341 59.01 14.16 37.93
CA GLN B 341 59.53 13.53 36.71
C GLN B 341 58.40 12.78 36.00
N LYS B 342 58.10 13.15 34.75
CA LYS B 342 57.04 12.50 33.95
C LYS B 342 57.68 11.38 33.13
N ALA B 343 57.55 10.13 33.56
CA ALA B 343 58.09 8.96 32.82
C ALA B 343 57.00 7.92 32.61
N VAL B 344 56.83 7.44 31.38
CA VAL B 344 55.86 6.34 31.07
C VAL B 344 56.17 5.16 31.98
N CYS B 345 55.20 4.32 32.28
CA CYS B 345 55.37 3.18 33.22
C CYS B 345 54.63 1.94 32.69
N HIS B 346 55.22 1.32 31.65
CA HIS B 346 54.87 -0.04 31.17
C HIS B 346 56.11 -0.93 31.27
N PRO B 347 56.06 -2.07 32.01
CA PRO B 347 57.20 -2.99 32.12
C PRO B 347 57.76 -3.31 30.72
N THR B 348 59.01 -2.96 30.46
CA THR B 348 59.64 -3.08 29.13
C THR B 348 61.15 -3.34 29.29
N ALA B 349 61.66 -4.36 28.60
CA ALA B 349 63.12 -4.63 28.50
C ALA B 349 63.66 -3.84 27.32
N TRP B 350 64.86 -3.25 27.44
CA TRP B 350 65.45 -2.39 26.37
C TRP B 350 66.81 -2.96 25.93
N ASP B 351 66.95 -3.30 24.65
CA ASP B 351 68.27 -3.64 24.06
C ASP B 351 68.75 -2.42 23.30
N LEU B 352 69.14 -1.34 24.02
CA LEU B 352 69.59 -0.08 23.39
C LEU B 352 70.73 -0.34 22.39
N GLY B 353 71.51 -1.41 22.58
CA GLY B 353 72.55 -1.85 21.65
C GLY B 353 73.91 -1.64 22.27
N LYS B 354 74.97 -2.08 21.58
CA LYS B 354 76.38 -1.84 22.02
C LYS B 354 76.51 -2.26 23.50
N GLY B 355 75.96 -3.44 23.83
CA GLY B 355 75.87 -3.98 25.19
C GLY B 355 75.12 -3.09 26.17
N ASP B 356 73.93 -2.63 25.82
CA ASP B 356 73.07 -1.80 26.72
C ASP B 356 71.71 -2.50 26.92
N PHE B 357 71.45 -2.96 28.14
CA PHE B 357 70.24 -3.76 28.50
C PHE B 357 69.60 -3.09 29.70
N ARG B 358 68.48 -2.39 29.49
CA ARG B 358 67.80 -1.61 30.57
C ARG B 358 66.37 -2.12 30.74
N ILE B 359 65.80 -1.89 31.92
CA ILE B 359 64.35 -2.20 32.19
C ILE B 359 63.67 -0.92 32.73
N LEU B 360 62.55 -0.54 32.12
CA LEU B 360 61.75 0.63 32.54
C LEU B 360 60.40 0.16 33.08
N MET B 361 60.11 0.44 34.35
CA MET B 361 58.78 0.08 34.94
C MET B 361 58.56 0.75 36.30
N CYS B 362 57.35 1.26 36.55
CA CYS B 362 56.91 1.81 37.86
C CYS B 362 56.68 0.60 38.77
N THR B 363 57.76 0.00 39.29
CA THR B 363 57.65 -1.25 40.11
C THR B 363 57.09 -0.89 41.50
N LYS B 364 56.26 -1.77 42.07
CA LYS B 364 55.71 -1.63 43.46
C LYS B 364 55.97 -2.94 44.21
N VAL B 365 55.69 -2.93 45.51
CA VAL B 365 55.88 -4.11 46.41
C VAL B 365 54.63 -4.97 46.21
N THR B 366 54.60 -5.79 45.16
CA THR B 366 53.42 -6.63 44.82
C THR B 366 53.88 -7.94 44.21
N MET B 367 53.19 -9.04 44.53
CA MET B 367 53.48 -10.38 43.95
C MET B 367 53.48 -10.27 42.42
N ASP B 368 52.49 -9.58 41.85
CA ASP B 368 52.38 -9.34 40.39
C ASP B 368 53.69 -8.70 39.90
N ASP B 369 54.10 -7.59 40.52
CA ASP B 369 55.34 -6.88 40.10
C ASP B 369 56.53 -7.83 40.18
N PHE B 370 56.59 -8.64 41.25
CA PHE B 370 57.67 -9.65 41.44
C PHE B 370 57.72 -10.55 40.19
N LEU B 371 56.59 -11.10 39.80
CA LEU B 371 56.49 -12.02 38.64
C LEU B 371 56.77 -11.25 37.33
N THR B 372 56.26 -10.02 37.24
CA THR B 372 56.54 -9.13 36.07
C THR B 372 58.05 -8.91 35.93
N ALA B 373 58.75 -8.70 37.06
CA ALA B 373 60.22 -8.53 37.07
C ALA B 373 60.85 -9.75 36.39
N HIS B 374 60.46 -10.96 36.80
CA HIS B 374 60.98 -12.22 36.20
C HIS B 374 60.71 -12.20 34.68
N HIS B 375 59.46 -11.89 34.30
CA HIS B 375 59.03 -11.85 32.87
C HIS B 375 59.93 -10.88 32.08
N GLU B 376 60.03 -9.63 32.54
CA GLU B 376 60.85 -8.59 31.86
C GLU B 376 62.32 -9.05 31.79
N MET B 377 62.86 -9.51 32.91
CA MET B 377 64.28 -9.96 32.98
C MET B 377 64.50 -11.16 32.04
N GLY B 378 63.49 -12.03 31.89
CA GLY B 378 63.50 -13.13 30.91
C GLY B 378 63.82 -12.62 29.51
N HIS B 379 63.15 -11.55 29.11
CA HIS B 379 63.38 -10.90 27.78
C HIS B 379 64.83 -10.40 27.71
N ILE B 380 65.27 -9.69 28.76
CA ILE B 380 66.67 -9.17 28.84
C ILE B 380 67.63 -10.34 28.61
N GLN B 381 67.42 -11.46 29.32
CA GLN B 381 68.30 -12.64 29.19
C GLN B 381 68.35 -13.08 27.72
N TYR B 382 67.19 -13.18 27.07
CA TYR B 382 67.12 -13.55 25.63
C TYR B 382 67.93 -12.55 24.79
N ASP B 383 67.68 -11.26 25.02
CA ASP B 383 68.43 -10.17 24.31
C ASP B 383 69.93 -10.42 24.49
N MET B 384 70.39 -10.47 25.73
CA MET B 384 71.84 -10.66 26.05
C MET B 384 72.37 -11.89 25.31
N ALA B 385 71.62 -12.98 25.35
CA ALA B 385 72.04 -14.24 24.71
C ALA B 385 72.25 -14.05 23.21
N TYR B 386 71.32 -13.39 22.51
CA TYR B 386 71.43 -13.24 21.03
C TYR B 386 72.14 -11.93 20.69
N ALA B 387 72.64 -11.18 21.67
CA ALA B 387 73.30 -9.88 21.44
C ALA B 387 74.57 -10.04 20.59
N ALA B 388 75.24 -11.20 20.68
CA ALA B 388 76.46 -11.52 19.89
C ALA B 388 76.11 -11.97 18.46
N GLN B 389 74.85 -11.96 18.04
CA GLN B 389 74.46 -12.40 16.66
C GLN B 389 74.62 -11.21 15.73
N PRO B 390 74.63 -11.41 14.38
CA PRO B 390 74.59 -10.31 13.41
C PRO B 390 73.47 -9.34 13.75
N PHE B 391 73.73 -8.04 13.68
CA PHE B 391 72.73 -6.98 14.06
C PHE B 391 71.31 -7.38 13.60
N LEU B 392 71.16 -7.81 12.35
CA LEU B 392 69.82 -8.16 11.80
C LEU B 392 69.32 -9.51 12.34
N LEU B 393 70.21 -10.41 12.76
CA LEU B 393 69.81 -11.74 13.30
C LEU B 393 69.73 -11.73 14.82
N ARG B 394 69.52 -10.57 15.44
CA ARG B 394 69.37 -10.42 16.92
C ARG B 394 67.88 -10.28 17.22
N ASN B 395 67.16 -11.40 17.24
CA ASN B 395 65.73 -11.41 17.64
C ASN B 395 65.26 -12.85 17.90
N GLY B 396 64.09 -13.02 18.50
CA GLY B 396 63.48 -14.34 18.71
C GLY B 396 63.28 -15.08 17.41
N ALA B 397 63.56 -16.39 17.39
CA ALA B 397 63.45 -17.25 16.18
C ALA B 397 62.20 -16.88 15.35
N ASN B 398 61.03 -16.82 15.98
CA ASN B 398 59.77 -16.33 15.33
C ASN B 398 59.16 -15.26 16.24
N GLU B 399 57.99 -14.77 15.89
CA GLU B 399 57.22 -13.74 16.62
C GLU B 399 56.58 -14.30 17.92
N GLY B 400 56.57 -15.62 18.15
CA GLY B 400 56.01 -16.24 19.36
C GLY B 400 57.06 -16.83 20.27
N PHE B 401 58.35 -16.60 20.01
CA PHE B 401 59.48 -17.19 20.77
C PHE B 401 59.77 -16.28 21.97
N HIS B 402 59.95 -14.99 21.74
CA HIS B 402 60.43 -14.03 22.76
C HIS B 402 59.44 -13.99 23.94
N GLU B 403 58.17 -13.76 23.64
CA GLU B 403 57.12 -13.63 24.69
C GLU B 403 57.04 -14.92 25.53
N ALA B 404 57.04 -16.09 24.87
CA ALA B 404 57.04 -17.41 25.55
C ALA B 404 58.18 -17.50 26.58
N VAL B 405 59.38 -17.02 26.22
CA VAL B 405 60.54 -17.03 27.16
C VAL B 405 60.10 -16.32 28.46
N GLY B 406 59.60 -15.09 28.34
CA GLY B 406 59.14 -14.32 29.50
C GLY B 406 58.10 -15.07 30.31
N GLU B 407 57.16 -15.72 29.61
CA GLU B 407 56.02 -16.42 30.25
C GLU B 407 56.51 -17.57 31.14
N ILE B 408 57.37 -18.43 30.62
CA ILE B 408 57.89 -19.60 31.43
C ILE B 408 58.62 -19.10 32.68
N MET B 409 59.26 -17.93 32.62
CA MET B 409 59.92 -17.34 33.80
C MET B 409 58.89 -17.08 34.89
N SER B 410 57.86 -16.29 34.60
CA SER B 410 56.77 -16.00 35.57
C SER B 410 56.18 -17.31 36.09
N LEU B 411 55.97 -18.29 35.19
CA LEU B 411 55.43 -19.62 35.57
C LEU B 411 56.23 -20.20 36.76
N SER B 412 57.53 -20.43 36.57
CA SER B 412 58.41 -21.06 37.59
C SER B 412 58.43 -20.21 38.87
N ALA B 413 58.47 -18.88 38.73
CA ALA B 413 58.56 -17.94 39.86
C ALA B 413 57.25 -17.96 40.67
N ALA B 414 56.10 -18.14 40.02
CA ALA B 414 54.78 -18.10 40.70
C ALA B 414 54.62 -19.30 41.63
N THR B 415 55.25 -20.44 41.32
CA THR B 415 55.04 -21.69 42.08
C THR B 415 55.25 -21.43 43.57
N PRO B 416 54.32 -21.83 44.47
CA PRO B 416 54.48 -21.66 45.91
C PRO B 416 55.85 -22.14 46.41
N LYS B 417 56.30 -23.28 45.89
CA LYS B 417 57.69 -23.78 46.09
C LYS B 417 58.71 -22.63 45.95
N HIS B 418 58.69 -21.92 44.82
CA HIS B 418 59.64 -20.81 44.53
C HIS B 418 59.52 -19.76 45.63
N LEU B 419 58.30 -19.34 45.93
CA LEU B 419 58.03 -18.26 46.90
C LEU B 419 58.52 -18.72 48.29
N LYS B 420 58.21 -19.97 48.64
CA LYS B 420 58.65 -20.54 49.94
C LYS B 420 60.19 -20.58 50.00
N SER B 421 60.90 -20.76 48.89
CA SER B 421 62.38 -20.69 48.90
C SER B 421 62.84 -19.26 48.63
N ILE B 422 62.00 -18.39 48.06
CA ILE B 422 62.32 -16.93 47.91
C ILE B 422 62.16 -16.25 49.28
N GLY B 423 61.62 -16.96 50.28
CA GLY B 423 61.46 -16.46 51.65
C GLY B 423 60.25 -15.55 51.73
N LEU B 424 59.18 -15.86 51.00
CA LEU B 424 57.90 -15.08 51.04
C LEU B 424 56.71 -15.90 51.52
N LEU B 425 56.69 -17.21 51.27
CA LEU B 425 55.54 -18.07 51.61
C LEU B 425 55.98 -19.12 52.64
N SER B 426 55.68 -18.93 53.93
CA SER B 426 56.16 -19.84 55.00
C SER B 426 55.97 -21.30 54.53
N PRO B 427 57.04 -22.10 54.29
CA PRO B 427 56.91 -23.45 53.75
C PRO B 427 56.07 -24.39 54.63
N ASP B 428 55.94 -24.09 55.91
CA ASP B 428 54.99 -24.76 56.85
C ASP B 428 53.56 -24.84 56.29
N PHE B 429 53.13 -23.88 55.46
CA PHE B 429 51.83 -23.95 54.75
C PHE B 429 51.80 -25.19 53.84
N GLN B 430 50.61 -25.72 53.56
CA GLN B 430 50.40 -26.89 52.66
C GLN B 430 49.50 -26.45 51.50
N GLU B 431 50.00 -26.54 50.27
CA GLU B 431 49.26 -26.22 49.02
C GLU B 431 48.05 -27.15 48.92
N ASP B 432 46.85 -26.58 48.83
CA ASP B 432 45.58 -27.35 48.79
C ASP B 432 45.26 -27.62 47.32
N ASN B 433 44.90 -28.87 47.02
CA ASN B 433 44.50 -29.22 45.63
C ASN B 433 43.30 -28.34 45.22
N GLU B 434 42.45 -27.99 46.17
CA GLU B 434 41.29 -27.06 45.87
C GLU B 434 41.90 -25.77 45.36
N THR B 435 42.87 -25.20 46.07
CA THR B 435 43.57 -23.95 45.64
C THR B 435 44.27 -24.22 44.30
N GLU B 436 44.79 -25.43 44.06
CA GLU B 436 45.39 -25.82 42.76
C GLU B 436 44.31 -25.77 41.67
N ILE B 437 43.18 -26.41 41.87
CA ILE B 437 42.04 -26.34 40.90
C ILE B 437 41.68 -24.85 40.70
N ASN B 438 41.61 -24.10 41.79
CA ASN B 438 41.38 -22.63 41.75
C ASN B 438 42.36 -21.97 40.77
N PHE B 439 43.65 -22.15 40.98
CA PHE B 439 44.77 -21.58 40.18
C PHE B 439 44.59 -22.04 38.74
N LEU B 440 44.40 -23.33 38.53
CA LEU B 440 44.34 -23.91 37.16
C LEU B 440 43.18 -23.30 36.40
N LEU B 441 42.01 -23.16 37.00
CA LEU B 441 40.87 -22.53 36.29
C LEU B 441 41.28 -21.10 35.89
N LYS B 442 41.80 -20.32 36.85
CA LYS B 442 42.13 -18.90 36.59
C LYS B 442 43.03 -18.83 35.36
N GLN B 443 44.08 -19.66 35.32
CA GLN B 443 44.98 -19.74 34.15
C GLN B 443 44.23 -20.13 32.88
N ALA B 444 43.34 -21.12 32.96
CA ALA B 444 42.55 -21.60 31.81
C ALA B 444 41.70 -20.45 31.27
N LEU B 445 41.15 -19.61 32.17
CA LEU B 445 40.33 -18.44 31.77
C LEU B 445 41.16 -17.50 30.89
N THR B 446 42.46 -17.35 31.16
CA THR B 446 43.34 -16.49 30.32
C THR B 446 43.95 -17.27 29.14
N ILE B 447 44.45 -18.47 29.37
CA ILE B 447 45.21 -19.25 28.35
C ILE B 447 44.24 -19.93 27.38
N VAL B 448 43.42 -20.86 27.87
CA VAL B 448 42.55 -21.69 26.98
C VAL B 448 41.48 -20.77 26.41
N GLY B 449 40.97 -19.82 27.19
CA GLY B 449 39.89 -18.91 26.78
C GLY B 449 40.24 -18.07 25.55
N THR B 450 41.52 -17.67 25.39
CA THR B 450 41.94 -16.88 24.21
C THR B 450 42.21 -17.76 22.99
N LEU B 451 42.44 -19.05 23.15
CA LEU B 451 42.87 -19.93 22.01
C LEU B 451 41.81 -19.94 20.90
N PRO B 452 40.54 -20.30 21.13
CA PRO B 452 39.52 -20.24 20.07
C PRO B 452 39.35 -18.82 19.52
N PHE B 453 39.29 -17.81 20.39
CA PHE B 453 39.19 -16.39 19.99
C PHE B 453 40.31 -16.11 18.98
N THR B 454 41.55 -16.34 19.37
CA THR B 454 42.73 -16.03 18.51
C THR B 454 42.61 -16.81 17.21
N TYR B 455 42.39 -18.11 17.29
CA TYR B 455 42.27 -19.01 16.11
C TYR B 455 41.21 -18.44 15.16
N MET B 456 40.01 -18.24 15.66
CA MET B 456 38.87 -17.80 14.81
C MET B 456 39.19 -16.44 14.17
N LEU B 457 39.70 -15.49 14.92
CA LEU B 457 40.02 -14.15 14.37
C LEU B 457 41.02 -14.27 13.21
N GLU B 458 42.15 -14.93 13.43
CA GLU B 458 43.16 -15.07 12.34
C GLU B 458 42.56 -15.81 11.15
N LYS B 459 41.81 -16.88 11.38
CA LYS B 459 41.13 -17.65 10.33
C LYS B 459 40.29 -16.71 9.45
N TRP B 460 39.44 -15.92 10.11
CA TRP B 460 38.55 -14.94 9.44
C TRP B 460 39.39 -13.98 8.59
N ARG B 461 40.40 -13.38 9.18
CA ARG B 461 41.27 -12.41 8.47
C ARG B 461 41.94 -13.07 7.26
N TRP B 462 42.52 -14.25 7.47
CA TRP B 462 43.16 -15.03 6.38
C TRP B 462 42.18 -15.24 5.21
N MET B 463 41.00 -15.75 5.53
CA MET B 463 39.96 -16.04 4.51
C MET B 463 39.55 -14.73 3.80
N VAL B 464 39.38 -13.64 4.57
CA VAL B 464 39.00 -12.30 4.05
C VAL B 464 40.12 -11.85 3.10
N PHE B 465 41.37 -11.91 3.52
CA PHE B 465 42.50 -11.39 2.70
C PHE B 465 42.61 -12.21 1.41
N LYS B 466 42.41 -13.53 1.49
CA LYS B 466 42.50 -14.38 0.28
C LYS B 466 41.19 -14.33 -0.53
N GLY B 467 40.16 -13.66 -0.06
CA GLY B 467 38.90 -13.49 -0.78
C GLY B 467 37.89 -14.58 -0.48
N GLU B 468 38.30 -15.68 0.16
CA GLU B 468 37.32 -16.73 0.54
C GLU B 468 36.04 -16.07 1.08
N ILE B 469 36.16 -15.16 2.05
CA ILE B 469 34.98 -14.42 2.59
C ILE B 469 34.80 -13.16 1.73
N PRO B 470 33.71 -13.05 0.93
CA PRO B 470 33.36 -11.82 0.21
C PRO B 470 32.89 -10.70 1.15
N LYS B 471 32.89 -9.45 0.67
CA LYS B 471 32.47 -8.28 1.49
C LYS B 471 31.06 -8.46 2.02
N ASP B 472 30.15 -8.95 1.18
CA ASP B 472 28.72 -9.12 1.58
C ASP B 472 28.57 -10.20 2.65
N GLN B 473 29.59 -11.02 2.92
CA GLN B 473 29.53 -12.11 3.91
C GLN B 473 30.53 -11.91 5.04
N TRP B 474 31.18 -10.74 5.16
CA TRP B 474 32.20 -10.48 6.21
C TRP B 474 31.60 -10.69 7.60
N MET B 475 30.56 -9.96 7.92
CA MET B 475 29.87 -10.08 9.22
C MET B 475 29.13 -11.40 9.33
N LYS B 476 28.61 -11.88 8.22
CA LYS B 476 27.85 -13.16 8.17
C LYS B 476 28.75 -14.30 8.70
N LYS B 477 29.94 -14.43 8.11
CA LYS B 477 30.85 -15.54 8.46
C LYS B 477 31.49 -15.27 9.82
N TRP B 478 31.84 -14.00 10.13
CA TRP B 478 32.39 -13.63 11.45
C TRP B 478 31.52 -14.27 12.56
N TRP B 479 30.22 -14.04 12.52
CA TRP B 479 29.32 -14.53 13.60
C TRP B 479 29.07 -16.04 13.46
N GLU B 480 29.03 -16.57 12.24
CA GLU B 480 28.95 -18.03 12.04
C GLU B 480 30.16 -18.70 12.70
N MET B 481 31.35 -18.21 12.43
CA MET B 481 32.61 -18.77 12.98
C MET B 481 32.64 -18.63 14.51
N LYS B 482 32.21 -17.48 15.01
CA LYS B 482 32.11 -17.21 16.46
C LYS B 482 31.22 -18.27 17.13
N ARG B 483 30.04 -18.48 16.53
CA ARG B 483 29.07 -19.44 17.11
C ARG B 483 29.61 -20.86 17.05
N GLU B 484 30.39 -21.20 16.03
CA GLU B 484 30.86 -22.60 15.78
C GLU B 484 32.18 -22.86 16.51
N ILE B 485 33.20 -22.03 16.28
CA ILE B 485 34.56 -22.26 16.84
C ILE B 485 34.54 -21.85 18.31
N VAL B 486 34.19 -20.61 18.62
CA VAL B 486 34.35 -20.04 19.99
C VAL B 486 33.12 -20.44 20.81
N GLY B 487 32.02 -20.75 20.18
CA GLY B 487 30.79 -20.98 20.92
C GLY B 487 30.32 -19.74 21.61
N VAL B 488 30.33 -18.62 20.87
CA VAL B 488 29.88 -17.32 21.44
C VAL B 488 28.82 -16.78 20.48
N VAL B 489 27.70 -16.30 21.01
CA VAL B 489 26.57 -15.82 20.17
C VAL B 489 26.48 -14.29 20.35
N GLU B 490 26.11 -13.57 19.30
CA GLU B 490 25.89 -12.11 19.33
C GLU B 490 24.56 -11.87 20.06
N PRO B 491 24.48 -10.96 21.05
CA PRO B 491 23.21 -10.61 21.68
C PRO B 491 22.27 -9.86 20.72
N VAL B 492 22.81 -9.22 19.70
CA VAL B 492 22.05 -8.44 18.69
C VAL B 492 22.57 -8.86 17.31
N PRO B 493 21.69 -9.11 16.30
CA PRO B 493 22.16 -9.43 14.94
C PRO B 493 22.85 -8.23 14.28
N HIS B 494 24.04 -8.43 13.73
CA HIS B 494 24.90 -7.38 13.14
C HIS B 494 25.04 -7.64 11.65
N ASP B 495 24.52 -6.76 10.80
CA ASP B 495 24.58 -6.89 9.31
C ASP B 495 25.92 -6.36 8.77
N GLU B 496 26.06 -6.29 7.45
CA GLU B 496 27.34 -5.87 6.79
C GLU B 496 27.60 -4.35 6.91
N THR B 497 26.77 -3.58 7.60
CA THR B 497 27.12 -2.19 8.02
C THR B 497 28.09 -2.22 9.22
N TYR B 498 28.22 -3.33 9.94
CA TYR B 498 29.12 -3.47 11.10
C TYR B 498 30.51 -3.95 10.68
N CYS B 499 31.51 -3.74 11.53
CA CYS B 499 32.86 -4.33 11.38
C CYS B 499 33.38 -4.79 12.74
N ASP B 500 32.67 -5.71 13.39
CA ASP B 500 32.99 -6.19 14.76
C ASP B 500 34.46 -6.53 14.92
N PRO B 501 35.06 -7.35 14.03
CA PRO B 501 36.50 -7.60 14.05
C PRO B 501 37.30 -6.29 14.16
N ALA B 502 37.01 -5.29 13.32
CA ALA B 502 37.79 -4.02 13.34
C ALA B 502 37.67 -3.29 14.69
N SER B 503 36.61 -3.50 15.45
CA SER B 503 36.45 -2.94 16.80
C SER B 503 37.58 -3.41 17.73
N LEU B 504 38.31 -4.48 17.44
CA LEU B 504 39.49 -4.88 18.27
C LEU B 504 40.73 -4.11 17.81
N PHE B 505 41.61 -3.75 18.75
CA PHE B 505 42.85 -2.98 18.53
C PHE B 505 43.67 -3.52 17.36
N HIS B 506 44.14 -4.75 17.47
CA HIS B 506 45.08 -5.41 16.51
C HIS B 506 44.55 -5.29 15.08
N VAL B 507 43.27 -5.53 14.91
CA VAL B 507 42.60 -5.49 13.58
C VAL B 507 42.61 -4.07 13.07
N SER B 508 42.19 -3.12 13.90
CA SER B 508 42.10 -1.69 13.51
C SER B 508 43.51 -1.09 13.43
N ASN B 509 44.52 -1.73 14.02
CA ASN B 509 45.91 -1.20 14.07
C ASN B 509 46.86 -2.11 13.28
N ASP B 510 46.33 -2.90 12.34
CA ASP B 510 47.16 -3.71 11.41
C ASP B 510 48.25 -4.46 12.19
N TYR B 511 47.86 -5.40 13.02
CA TYR B 511 48.78 -6.29 13.78
C TYR B 511 48.37 -7.72 13.54
N SER B 512 49.32 -8.61 13.29
CA SER B 512 49.08 -10.06 13.24
C SER B 512 48.58 -10.54 14.63
N PHE B 513 47.95 -11.69 14.69
CA PHE B 513 47.34 -12.23 15.92
C PHE B 513 47.75 -13.68 16.18
N ILE B 514 48.14 -14.43 15.16
CA ILE B 514 48.52 -15.85 15.31
C ILE B 514 49.72 -15.98 16.26
N ARG B 515 50.57 -14.94 16.38
CA ARG B 515 51.67 -14.89 17.40
C ARG B 515 51.18 -15.42 18.75
N TYR B 516 50.03 -14.95 19.24
CA TYR B 516 49.48 -15.27 20.57
C TYR B 516 49.23 -16.78 20.66
N TYR B 517 48.52 -17.32 19.67
CA TYR B 517 48.22 -18.78 19.56
C TYR B 517 49.54 -19.55 19.66
N THR B 518 50.46 -19.27 18.75
CA THR B 518 51.72 -20.04 18.61
C THR B 518 52.52 -19.88 19.91
N ARG B 519 52.66 -18.64 20.40
CA ARG B 519 53.39 -18.39 21.66
C ARG B 519 52.87 -19.33 22.74
N THR B 520 51.56 -19.32 22.97
CA THR B 520 50.96 -20.17 24.04
C THR B 520 51.51 -21.59 23.93
N LEU B 521 51.37 -22.21 22.77
CA LEU B 521 51.88 -23.58 22.55
C LEU B 521 53.38 -23.65 22.87
N TYR B 522 54.19 -22.81 22.24
CA TYR B 522 55.65 -22.78 22.45
C TYR B 522 55.94 -22.73 23.96
N GLN B 523 55.31 -21.81 24.66
CA GLN B 523 55.52 -21.59 26.12
C GLN B 523 55.43 -22.93 26.84
N PHE B 524 54.33 -23.64 26.63
CA PHE B 524 54.09 -24.92 27.35
C PHE B 524 55.12 -25.97 26.91
N GLN B 525 55.39 -26.06 25.61
CA GLN B 525 56.44 -26.96 25.09
C GLN B 525 57.75 -26.66 25.83
N PHE B 526 58.17 -25.39 25.85
CA PHE B 526 59.43 -24.97 26.52
C PHE B 526 59.38 -25.41 27.98
N GLN B 527 58.36 -24.97 28.70
CA GLN B 527 58.25 -25.24 30.15
C GLN B 527 58.45 -26.73 30.39
N GLU B 528 57.69 -27.57 29.69
CA GLU B 528 57.75 -29.04 29.85
C GLU B 528 59.20 -29.52 29.66
N ALA B 529 59.78 -29.23 28.50
CA ALA B 529 61.14 -29.67 28.15
C ALA B 529 62.10 -29.27 29.28
N LEU B 530 62.06 -28.00 29.67
CA LEU B 530 62.97 -27.46 30.71
C LEU B 530 62.75 -28.19 32.03
N CYS B 531 61.49 -28.47 32.37
CA CYS B 531 61.15 -29.17 33.64
C CYS B 531 61.64 -30.62 33.60
N GLN B 532 61.60 -31.24 32.41
CA GLN B 532 62.14 -32.61 32.22
C GLN B 532 63.62 -32.57 32.60
N ALA B 533 64.36 -31.58 32.13
CA ALA B 533 65.77 -31.35 32.52
C ALA B 533 65.86 -31.06 34.02
N ALA B 534 64.93 -30.27 34.57
CA ALA B 534 64.85 -30.00 36.02
C ALA B 534 64.45 -31.29 36.78
N LYS B 535 64.03 -32.36 36.08
CA LYS B 535 63.67 -33.66 36.68
C LYS B 535 62.50 -33.42 37.64
N HIS B 536 61.39 -32.94 37.10
CA HIS B 536 60.11 -32.75 37.83
C HIS B 536 59.41 -34.09 37.96
N GLU B 537 58.85 -34.38 39.13
CA GLU B 537 58.17 -35.66 39.44
C GLU B 537 56.66 -35.42 39.64
N GLY B 538 56.23 -34.20 39.99
CA GLY B 538 54.83 -33.90 40.33
C GLY B 538 54.06 -33.39 39.11
N PRO B 539 52.81 -32.90 39.30
CA PRO B 539 52.06 -32.20 38.25
C PRO B 539 52.87 -31.02 37.68
N LEU B 540 53.01 -30.97 36.37
CA LEU B 540 53.73 -29.89 35.63
C LEU B 540 53.27 -28.51 36.08
N HIS B 541 51.98 -28.33 36.41
CA HIS B 541 51.43 -27.02 36.89
C HIS B 541 52.20 -26.49 38.10
N LYS B 542 52.95 -27.33 38.84
CA LYS B 542 53.69 -26.92 40.06
C LYS B 542 55.15 -27.32 39.88
N CYS B 543 55.79 -26.80 38.84
CA CYS B 543 57.20 -27.11 38.50
C CYS B 543 58.06 -25.85 38.58
N ASP B 544 59.19 -25.95 39.29
CA ASP B 544 60.13 -24.84 39.48
C ASP B 544 61.46 -25.23 38.82
N ILE B 545 61.78 -24.59 37.70
CA ILE B 545 63.04 -24.85 36.95
C ILE B 545 64.24 -24.18 37.64
N SER B 546 64.03 -23.41 38.71
CA SER B 546 65.12 -22.75 39.48
C SER B 546 66.13 -23.78 40.02
N ASN B 547 67.42 -23.44 40.05
CA ASN B 547 68.49 -24.36 40.56
C ASN B 547 68.68 -25.54 39.59
N SER B 548 68.51 -25.31 38.29
CA SER B 548 68.77 -26.36 37.25
C SER B 548 69.55 -25.77 36.06
N THR B 549 70.85 -26.05 36.01
CA THR B 549 71.75 -25.65 34.90
C THR B 549 71.32 -26.34 33.59
N GLU B 550 70.96 -27.63 33.65
CA GLU B 550 70.56 -28.44 32.47
C GLU B 550 69.42 -27.74 31.74
N ALA B 551 68.39 -27.32 32.48
CA ALA B 551 67.23 -26.57 31.90
C ALA B 551 67.78 -25.28 31.29
N GLY B 552 68.61 -24.55 32.05
CA GLY B 552 69.26 -23.31 31.56
C GLY B 552 70.02 -23.54 30.27
N GLN B 553 70.75 -24.66 30.19
CA GLN B 553 71.63 -24.97 29.03
C GLN B 553 70.75 -25.08 27.77
N LYS B 554 69.74 -25.95 27.83
CA LYS B 554 68.78 -26.15 26.71
C LYS B 554 68.23 -24.77 26.31
N LEU B 555 67.67 -24.06 27.30
CA LEU B 555 67.11 -22.70 27.11
C LEU B 555 68.14 -21.84 26.38
N PHE B 556 69.36 -21.78 26.92
CA PHE B 556 70.46 -20.95 26.37
C PHE B 556 70.72 -21.34 24.92
N ASN B 557 70.82 -22.65 24.64
CA ASN B 557 71.08 -23.16 23.26
C ASN B 557 70.19 -22.40 22.27
N MET B 558 68.88 -22.38 22.51
CA MET B 558 67.94 -21.61 21.68
C MET B 558 68.19 -20.11 21.90
N LEU B 559 68.36 -19.69 23.15
CA LEU B 559 68.51 -18.25 23.49
C LEU B 559 69.59 -17.59 22.62
N ARG B 560 70.79 -18.18 22.64
CA ARG B 560 71.95 -17.62 21.89
C ARG B 560 71.72 -17.72 20.38
N LEU B 561 70.93 -18.69 19.90
CA LEU B 561 70.71 -18.83 18.43
C LEU B 561 70.24 -17.52 17.79
N GLY B 562 69.19 -16.91 18.32
CA GLY B 562 68.56 -15.71 17.73
C GLY B 562 67.81 -16.06 16.46
N LYS B 563 67.97 -15.30 15.37
CA LYS B 563 67.35 -15.60 14.06
C LYS B 563 68.35 -16.36 13.17
N SER B 564 69.60 -16.57 13.61
CA SER B 564 70.64 -17.25 12.82
C SER B 564 70.14 -18.60 12.27
N GLU B 565 69.39 -19.36 13.07
CA GLU B 565 68.89 -20.71 12.70
C GLU B 565 67.39 -20.67 12.49
N PRO B 566 66.81 -21.66 11.75
CA PRO B 566 65.35 -21.81 11.64
C PRO B 566 64.67 -21.97 13.00
N TRP B 567 63.44 -21.46 13.16
CA TRP B 567 62.69 -21.63 14.44
C TRP B 567 62.45 -23.11 14.70
N THR B 568 62.22 -23.90 13.66
CA THR B 568 62.10 -25.39 13.74
C THR B 568 63.35 -25.97 14.43
N LEU B 569 64.53 -25.48 14.06
CA LEU B 569 65.81 -25.92 14.68
C LEU B 569 65.87 -25.43 16.12
N ALA B 570 65.59 -24.15 16.36
CA ALA B 570 65.58 -23.58 17.73
C ALA B 570 64.63 -24.39 18.65
N LEU B 571 63.46 -24.78 18.13
CA LEU B 571 62.55 -25.68 18.86
C LEU B 571 63.28 -26.97 19.28
N GLU B 572 63.86 -27.67 18.32
CA GLU B 572 64.69 -28.86 18.59
C GLU B 572 65.78 -28.55 19.63
N ASN B 573 66.29 -27.32 19.64
CA ASN B 573 67.28 -26.89 20.64
C ASN B 573 66.74 -27.07 22.07
N VAL B 574 65.46 -26.76 22.32
CA VAL B 574 64.85 -26.85 23.68
C VAL B 574 63.90 -28.04 23.71
N VAL B 575 62.76 -27.93 23.03
CA VAL B 575 61.66 -28.95 23.07
C VAL B 575 62.17 -30.17 22.30
N GLY B 576 63.04 -29.97 21.28
CA GLY B 576 63.50 -31.12 20.47
C GLY B 576 62.65 -31.33 19.22
N ALA B 577 61.52 -30.64 19.07
CA ALA B 577 60.58 -30.77 17.94
C ALA B 577 60.87 -29.66 16.92
N LYS B 578 60.12 -29.62 15.81
CA LYS B 578 60.22 -28.55 14.79
C LYS B 578 58.90 -27.81 14.62
N ASN B 579 57.82 -28.30 15.22
CA ASN B 579 56.47 -27.72 15.08
C ASN B 579 55.85 -27.57 16.47
N MET B 580 54.76 -26.80 16.55
CA MET B 580 54.09 -26.49 17.83
C MET B 580 53.21 -27.71 18.21
N ASN B 581 53.45 -28.32 19.37
CA ASN B 581 52.59 -29.41 19.89
C ASN B 581 51.77 -28.87 21.06
N VAL B 582 50.48 -29.20 21.10
CA VAL B 582 49.60 -28.75 22.21
C VAL B 582 49.58 -29.76 23.37
N ARG B 583 50.12 -30.96 23.19
CA ARG B 583 50.22 -31.96 24.30
C ARG B 583 50.66 -31.32 25.62
N PRO B 584 51.82 -30.63 25.72
CA PRO B 584 52.23 -29.99 26.97
C PRO B 584 51.18 -29.04 27.57
N LEU B 585 50.50 -28.24 26.73
CA LEU B 585 49.41 -27.37 27.21
C LEU B 585 48.35 -28.24 27.90
N LEU B 586 47.89 -29.30 27.23
CA LEU B 586 46.86 -30.22 27.76
C LEU B 586 47.40 -30.82 29.07
N ASN B 587 48.64 -31.30 29.04
CA ASN B 587 49.31 -31.89 30.23
C ASN B 587 49.24 -30.93 31.41
N TYR B 588 49.51 -29.65 31.17
CA TYR B 588 49.46 -28.61 32.22
C TYR B 588 48.05 -28.52 32.84
N PHE B 589 47.01 -28.55 32.01
CA PHE B 589 45.60 -28.40 32.48
C PHE B 589 44.93 -29.76 32.69
N GLU B 590 45.69 -30.86 32.61
CA GLU B 590 45.14 -32.24 32.79
C GLU B 590 44.40 -32.38 34.14
N PRO B 591 44.98 -31.95 35.29
CA PRO B 591 44.26 -31.95 36.56
C PRO B 591 42.91 -31.25 36.45
N LEU B 592 42.93 -30.01 35.93
CA LEU B 592 41.70 -29.22 35.72
C LEU B 592 40.74 -29.97 34.82
N PHE B 593 41.27 -30.53 33.72
CA PHE B 593 40.41 -31.23 32.75
C PHE B 593 39.60 -32.31 33.46
N THR B 594 40.30 -33.19 34.18
CA THR B 594 39.65 -34.30 34.91
C THR B 594 38.54 -33.70 35.79
N TRP B 595 38.89 -32.67 36.58
CA TRP B 595 37.94 -31.98 37.49
C TRP B 595 36.73 -31.49 36.69
N LEU B 596 36.98 -30.71 35.63
CA LEU B 596 35.88 -30.13 34.79
C LEU B 596 34.95 -31.25 34.32
N LYS B 597 35.51 -32.35 33.81
CA LYS B 597 34.67 -33.48 33.33
C LYS B 597 33.64 -33.91 34.39
N ASP B 598 34.07 -34.02 35.65
CA ASP B 598 33.21 -34.35 36.81
C ASP B 598 32.08 -33.31 36.92
N GLN B 599 32.43 -32.04 36.91
CA GLN B 599 31.47 -30.92 37.06
C GLN B 599 30.52 -30.92 35.84
N ASN B 600 31.02 -31.32 34.68
CA ASN B 600 30.22 -31.27 33.43
C ASN B 600 29.58 -32.64 33.17
N LYS B 601 29.57 -33.56 34.14
CA LYS B 601 28.90 -34.88 33.96
C LYS B 601 27.41 -34.66 33.71
N ASN B 602 26.73 -34.00 34.63
CA ASN B 602 25.28 -33.65 34.51
C ASN B 602 25.05 -32.66 33.35
N SER B 603 25.96 -31.69 33.18
CA SER B 603 25.84 -30.63 32.14
C SER B 603 26.02 -31.21 30.74
N PHE B 604 25.50 -30.52 29.72
CA PHE B 604 25.71 -30.84 28.27
C PHE B 604 27.03 -30.22 27.79
N VAL B 605 28.03 -31.06 27.53
CA VAL B 605 29.35 -30.62 27.03
C VAL B 605 29.17 -30.36 25.53
N GLY B 606 29.03 -29.09 25.19
CA GLY B 606 28.95 -28.58 23.81
C GLY B 606 27.91 -27.51 23.69
N TRP B 607 27.77 -26.97 22.50
CA TRP B 607 26.78 -25.89 22.23
C TRP B 607 26.08 -26.12 20.90
N SER B 608 24.89 -25.56 20.80
CA SER B 608 24.09 -25.55 19.55
C SER B 608 24.23 -24.15 18.95
N THR B 609 24.62 -24.10 17.69
CA THR B 609 24.88 -22.84 16.95
C THR B 609 23.55 -22.31 16.40
N ASP B 610 22.43 -22.47 17.09
CA ASP B 610 21.09 -22.00 16.63
C ASP B 610 20.45 -21.10 17.68
N TRP B 611 20.59 -21.38 18.98
CA TRP B 611 20.07 -20.54 20.08
C TRP B 611 20.69 -19.15 19.98
N SER B 612 19.85 -18.13 20.06
CA SER B 612 20.24 -16.72 20.09
C SER B 612 19.50 -16.03 21.24
N PRO B 613 20.12 -15.03 21.91
CA PRO B 613 19.44 -14.28 22.97
C PRO B 613 18.19 -13.52 22.52
N TYR B 614 17.96 -13.40 21.22
CA TYR B 614 16.83 -12.62 20.63
C TYR B 614 15.87 -13.52 19.85
N ALA B 615 16.21 -14.77 19.55
CA ALA B 615 15.31 -15.74 18.86
C ALA B 615 13.92 -15.86 19.52
N ASP B 616 13.84 -15.80 20.84
CA ASP B 616 12.57 -15.96 21.60
C ASP B 616 11.50 -14.98 21.09
N GLN B 617 11.80 -13.68 20.94
CA GLN B 617 10.78 -12.70 20.53
C GLN B 617 10.88 -12.42 19.02
N SER B 618 11.64 -13.22 18.28
CA SER B 618 11.84 -13.02 16.83
C SER B 618 10.60 -13.56 16.07
N ILE B 619 9.99 -12.74 15.21
CA ILE B 619 8.87 -13.16 14.31
C ILE B 619 9.46 -13.53 12.93
N LYS B 620 9.29 -14.76 12.50
CA LYS B 620 9.64 -15.19 11.11
C LYS B 620 8.64 -14.57 10.12
N VAL B 621 9.13 -14.04 9.01
CA VAL B 621 8.29 -13.36 7.98
C VAL B 621 8.69 -13.84 6.58
N ARG B 622 7.82 -14.58 5.91
CA ARG B 622 8.02 -15.05 4.50
C ARG B 622 7.22 -14.15 3.55
N ILE B 623 7.80 -13.81 2.40
CA ILE B 623 7.23 -12.79 1.47
C ILE B 623 7.11 -13.49 0.13
N SER B 624 5.91 -13.43 -0.50
CA SER B 624 5.65 -14.09 -1.81
C SER B 624 5.17 -13.07 -2.85
N LEU B 625 6.10 -12.26 -3.38
CA LEU B 625 5.81 -11.23 -4.42
C LEU B 625 5.25 -11.97 -5.65
N LYS B 626 6.04 -12.86 -6.25
CA LYS B 626 5.63 -13.59 -7.50
C LYS B 626 4.31 -14.35 -7.30
N SER B 627 4.07 -14.94 -6.13
CA SER B 627 2.78 -15.58 -5.78
C SER B 627 1.62 -14.60 -5.93
N ALA B 628 1.78 -13.34 -5.49
CA ALA B 628 0.71 -12.32 -5.54
C ALA B 628 0.90 -11.39 -6.72
N LEU B 629 2.05 -11.40 -7.40
CA LEU B 629 2.35 -10.41 -8.46
C LEU B 629 2.61 -11.11 -9.79
N GLY B 630 3.27 -12.25 -9.81
CA GLY B 630 3.70 -12.96 -11.04
C GLY B 630 4.58 -12.05 -11.87
N ASP B 631 4.10 -11.56 -13.00
CA ASP B 631 4.81 -10.51 -13.79
C ASP B 631 4.83 -9.20 -13.00
N LYS B 632 5.63 -8.21 -13.43
CA LYS B 632 5.74 -6.90 -12.75
C LYS B 632 6.01 -7.08 -11.23
N ALA B 633 6.64 -8.20 -10.84
CA ALA B 633 6.94 -8.52 -9.43
C ALA B 633 8.30 -7.85 -9.16
N TYR B 634 8.31 -6.73 -8.46
CA TYR B 634 9.54 -5.96 -8.10
C TYR B 634 10.52 -6.86 -7.37
N GLU B 635 11.82 -6.63 -7.52
CA GLU B 635 12.87 -7.40 -6.79
C GLU B 635 12.97 -6.83 -5.37
N TRP B 636 12.83 -7.69 -4.35
CA TRP B 636 13.05 -7.30 -2.93
C TRP B 636 14.52 -6.97 -2.74
N ASN B 637 14.84 -5.69 -2.51
CA ASN B 637 16.23 -5.20 -2.28
C ASN B 637 16.30 -4.65 -0.84
N ASP B 638 17.43 -4.02 -0.52
CA ASP B 638 17.63 -3.31 0.78
C ASP B 638 16.57 -2.21 0.95
N ASN B 639 16.19 -1.55 -0.14
CA ASN B 639 15.16 -0.48 -0.08
C ASN B 639 13.82 -1.08 0.38
N GLU B 640 13.46 -2.23 -0.18
CA GLU B 640 12.21 -2.93 0.21
C GLU B 640 12.30 -3.32 1.69
N MET B 641 13.47 -3.80 2.09
CA MET B 641 13.69 -4.13 3.53
C MET B 641 13.58 -2.86 4.40
N TYR B 642 14.31 -1.79 4.05
CA TYR B 642 14.16 -0.47 4.72
C TYR B 642 12.67 -0.12 4.87
N LEU B 643 11.93 -0.21 3.76
CA LEU B 643 10.46 0.05 3.79
C LEU B 643 9.75 -0.86 4.81
N PHE B 644 10.13 -2.13 4.82
CA PHE B 644 9.50 -3.10 5.75
C PHE B 644 9.72 -2.68 7.20
N ARG B 645 10.98 -2.41 7.56
CA ARG B 645 11.35 -1.97 8.94
C ARG B 645 10.56 -0.72 9.31
N SER B 646 10.49 0.22 8.38
CA SER B 646 9.68 1.47 8.56
C SER B 646 8.19 1.13 8.82
N SER B 647 7.62 0.24 7.99
CA SER B 647 6.20 -0.22 8.13
C SER B 647 5.98 -0.85 9.52
N VAL B 648 6.91 -1.71 9.94
CA VAL B 648 6.79 -2.37 11.29
C VAL B 648 6.81 -1.28 12.38
N ALA B 649 7.77 -0.38 12.29
CA ALA B 649 7.89 0.74 13.27
C ALA B 649 6.58 1.52 13.34
N TYR B 650 6.02 1.83 12.16
CA TYR B 650 4.69 2.50 12.06
C TYR B 650 3.64 1.72 12.87
N ALA B 651 3.55 0.42 12.61
CA ALA B 651 2.60 -0.47 13.30
C ALA B 651 2.77 -0.38 14.82
N MET B 652 4.02 -0.50 15.26
CA MET B 652 4.35 -0.48 16.69
C MET B 652 3.84 0.85 17.30
N ARG B 653 4.20 1.96 16.67
CA ARG B 653 3.75 3.30 17.12
C ARG B 653 2.23 3.33 17.28
N GLN B 654 1.51 2.92 16.23
CA GLN B 654 0.03 2.94 16.21
C GLN B 654 -0.49 2.11 17.39
N TYR B 655 -0.03 0.86 17.47
CA TYR B 655 -0.48 -0.08 18.52
C TYR B 655 -0.30 0.58 19.89
N PHE B 656 0.89 1.09 20.17
CA PHE B 656 1.23 1.68 21.49
C PHE B 656 0.36 2.91 21.74
N LEU B 657 0.33 3.82 20.79
CA LEU B 657 -0.47 5.07 20.95
C LEU B 657 -1.97 4.77 21.08
N LYS B 658 -2.46 3.67 20.52
CA LYS B 658 -3.90 3.32 20.56
C LYS B 658 -4.18 2.48 21.80
N VAL B 659 -3.66 1.25 21.85
CA VAL B 659 -3.92 0.31 22.97
C VAL B 659 -3.32 0.90 24.25
N LYS B 660 -2.08 1.37 24.23
CA LYS B 660 -1.40 1.86 25.46
C LYS B 660 -1.48 3.38 25.55
N ASN B 661 -2.05 4.05 24.53
CA ASN B 661 -2.01 5.54 24.52
C ASN B 661 -0.58 6.05 24.73
N GLN B 662 0.43 5.27 24.37
CA GLN B 662 1.85 5.61 24.63
C GLN B 662 2.48 6.07 23.30
N MET B 663 2.86 7.35 23.22
CA MET B 663 3.54 7.87 22.01
C MET B 663 5.02 7.44 22.03
N ILE B 664 5.33 6.19 21.68
CA ILE B 664 6.70 5.61 21.66
C ILE B 664 7.26 5.82 20.24
N LEU B 665 8.37 6.54 20.07
CA LEU B 665 8.93 6.87 18.73
C LEU B 665 9.75 5.70 18.18
N PHE B 666 9.07 4.66 17.71
CA PHE B 666 9.74 3.46 17.13
C PHE B 666 10.28 3.85 15.74
N GLY B 667 11.56 3.55 15.46
CA GLY B 667 12.22 3.78 14.16
C GLY B 667 12.62 2.48 13.50
N GLU B 668 12.88 2.52 12.20
CA GLU B 668 13.29 1.33 11.42
C GLU B 668 14.52 0.64 12.07
N GLU B 669 15.39 1.40 12.72
CA GLU B 669 16.56 0.90 13.50
C GLU B 669 16.13 0.03 14.71
N ASP B 670 14.97 0.27 15.30
CA ASP B 670 14.49 -0.57 16.42
C ASP B 670 14.07 -1.97 15.91
N VAL B 671 13.75 -2.06 14.62
CA VAL B 671 13.32 -3.32 13.97
C VAL B 671 14.59 -4.08 13.62
N ARG B 672 14.95 -5.10 14.40
CA ARG B 672 16.23 -5.84 14.24
C ARG B 672 15.95 -7.10 13.41
N VAL B 673 16.38 -7.12 12.16
CA VAL B 673 16.14 -8.25 11.21
C VAL B 673 17.34 -9.20 11.24
N ALA B 674 17.13 -10.50 10.96
CA ALA B 674 18.18 -11.53 10.94
C ALA B 674 17.81 -12.69 9.99
N ASN B 675 18.81 -13.43 9.53
CA ASN B 675 18.62 -14.66 8.70
C ASN B 675 17.85 -14.34 7.40
N LEU B 676 18.22 -13.27 6.69
CA LEU B 676 17.57 -12.91 5.42
C LEU B 676 17.93 -13.94 4.37
N LYS B 677 16.96 -14.43 3.60
CA LYS B 677 17.21 -15.55 2.64
C LYS B 677 16.51 -15.26 1.31
N PRO B 678 16.97 -15.88 0.20
CA PRO B 678 16.41 -15.60 -1.13
C PRO B 678 14.92 -15.97 -1.28
N ARG B 679 14.36 -16.77 -0.36
CA ARG B 679 12.90 -17.05 -0.36
C ARG B 679 12.21 -15.78 0.15
N ILE B 680 12.97 -14.73 0.43
CA ILE B 680 12.46 -13.45 0.96
C ILE B 680 11.89 -13.76 2.35
N SER B 681 12.42 -14.77 3.05
CA SER B 681 12.11 -15.03 4.47
C SER B 681 13.17 -14.33 5.34
N PHE B 682 12.79 -13.95 6.56
CA PHE B 682 13.73 -13.40 7.56
C PHE B 682 13.07 -13.40 8.94
N ASN B 683 13.87 -13.23 9.99
CA ASN B 683 13.36 -13.11 11.38
C ASN B 683 13.57 -11.67 11.83
N PHE B 684 12.60 -11.09 12.52
CA PHE B 684 12.77 -9.72 13.07
C PHE B 684 12.24 -9.71 14.52
N PHE B 685 12.82 -8.81 15.32
CA PHE B 685 12.30 -8.43 16.65
C PHE B 685 12.45 -6.91 16.83
N VAL B 686 11.55 -6.34 17.63
CA VAL B 686 11.50 -4.87 17.86
C VAL B 686 12.12 -4.60 19.23
N THR B 687 12.88 -3.51 19.33
CA THR B 687 13.43 -3.03 20.62
C THR B 687 12.86 -1.65 20.94
N ALA B 688 13.06 -1.19 22.17
CA ALA B 688 12.67 0.17 22.59
C ALA B 688 13.42 1.20 21.73
N PRO B 689 12.81 2.38 21.44
CA PRO B 689 13.40 3.43 20.60
C PRO B 689 14.88 3.73 20.88
N LYS B 690 15.31 3.74 22.15
CA LYS B 690 16.78 3.94 22.43
C LYS B 690 17.27 2.98 23.51
N ASN B 691 16.76 1.74 23.50
CA ASN B 691 17.15 0.74 24.53
C ASN B 691 17.32 -0.66 23.91
N VAL B 692 18.51 -0.99 23.42
CA VAL B 692 18.86 -2.34 22.88
C VAL B 692 18.41 -3.43 23.87
N SER B 693 18.62 -3.23 25.16
CA SER B 693 18.20 -4.20 26.19
C SER B 693 16.68 -4.39 26.16
N ASP B 694 15.93 -3.28 26.06
CA ASP B 694 14.45 -3.34 26.13
C ASP B 694 13.93 -3.95 24.79
N ILE B 695 13.67 -5.26 24.73
CA ILE B 695 13.13 -5.96 23.52
C ILE B 695 11.61 -6.05 23.65
N ILE B 696 10.88 -5.46 22.70
CA ILE B 696 9.38 -5.45 22.77
C ILE B 696 8.91 -6.90 22.70
N PRO B 697 8.13 -7.40 23.69
CA PRO B 697 7.72 -8.81 23.72
C PRO B 697 6.90 -9.22 22.48
N ARG B 698 7.19 -10.41 21.93
CA ARG B 698 6.55 -10.89 20.67
C ARG B 698 5.02 -10.70 20.71
N THR B 699 4.36 -11.02 21.84
CA THR B 699 2.90 -10.79 22.06
C THR B 699 2.47 -9.41 21.55
N GLU B 700 3.07 -8.35 22.09
CA GLU B 700 2.77 -6.94 21.73
C GLU B 700 3.00 -6.77 20.23
N VAL B 701 4.11 -7.28 19.73
CA VAL B 701 4.52 -7.10 18.30
C VAL B 701 3.44 -7.78 17.44
N GLU B 702 3.05 -9.00 17.80
CA GLU B 702 1.98 -9.78 17.08
C GLU B 702 0.70 -8.92 17.01
N LYS B 703 0.28 -8.37 18.15
CA LYS B 703 -0.93 -7.50 18.25
C LYS B 703 -0.76 -6.28 17.34
N ALA B 704 0.39 -5.59 17.45
CA ALA B 704 0.72 -4.44 16.58
C ALA B 704 0.55 -4.88 15.11
N ILE B 705 1.11 -6.02 14.71
CA ILE B 705 1.05 -6.49 13.30
C ILE B 705 -0.43 -6.66 12.95
N ARG B 706 -1.10 -7.53 13.72
CA ARG B 706 -2.55 -7.82 13.53
C ARG B 706 -3.27 -6.49 13.24
N MET B 707 -3.06 -5.49 14.10
CA MET B 707 -3.74 -4.19 14.00
C MET B 707 -3.49 -3.57 12.63
N SER B 708 -2.26 -3.52 12.16
CA SER B 708 -1.91 -2.82 10.88
C SER B 708 -1.60 -3.78 9.73
N ARG B 709 -1.98 -5.07 9.85
CA ARG B 709 -1.50 -6.11 8.88
C ARG B 709 -1.87 -5.68 7.44
N SER B 710 -3.12 -5.35 7.25
CA SER B 710 -3.70 -4.82 5.97
C SER B 710 -2.79 -3.75 5.36
N ARG B 711 -2.44 -2.76 6.20
CA ARG B 711 -1.63 -1.57 5.82
C ARG B 711 -0.27 -2.07 5.28
N ILE B 712 0.36 -2.98 6.03
CA ILE B 712 1.69 -3.52 5.65
C ILE B 712 1.52 -4.23 4.32
N ASN B 713 0.52 -5.10 4.20
CA ASN B 713 0.25 -5.85 2.95
C ASN B 713 0.10 -4.82 1.81
N ASP B 714 -0.71 -3.79 2.05
CA ASP B 714 -0.93 -2.71 1.03
C ASP B 714 0.41 -2.13 0.59
N ALA B 715 1.26 -1.75 1.54
CA ALA B 715 2.57 -1.15 1.25
C ALA B 715 3.39 -2.02 0.29
N PHE B 716 3.34 -3.36 0.42
CA PHE B 716 4.09 -4.31 -0.47
C PHE B 716 3.17 -4.94 -1.50
N ARG B 717 1.99 -4.37 -1.77
CA ARG B 717 0.99 -4.99 -2.70
C ARG B 717 0.92 -6.51 -2.47
N LEU B 718 0.86 -6.93 -1.22
CA LEU B 718 0.83 -8.36 -0.84
C LEU B 718 -0.49 -8.60 -0.11
N ASN B 719 -0.65 -9.78 0.48
CA ASN B 719 -1.86 -10.18 1.23
C ASN B 719 -1.41 -11.16 2.32
N ASP B 720 -2.25 -11.40 3.33
CA ASP B 720 -1.89 -12.31 4.44
C ASP B 720 -1.18 -13.55 3.87
N ASN B 721 -1.75 -14.17 2.84
CA ASN B 721 -1.16 -15.39 2.22
C ASN B 721 0.28 -15.11 1.79
N SER B 722 0.50 -14.11 0.94
CA SER B 722 1.87 -13.80 0.40
C SER B 722 2.77 -13.24 1.52
N LEU B 723 2.29 -12.25 2.26
CA LEU B 723 3.04 -11.70 3.42
C LEU B 723 2.77 -12.59 4.64
N GLU B 724 3.44 -13.74 4.70
CA GLU B 724 3.24 -14.76 5.77
C GLU B 724 3.98 -14.24 7.04
N PHE B 725 3.25 -13.68 7.99
CA PHE B 725 3.77 -13.27 9.32
C PHE B 725 3.67 -14.48 10.25
N LEU B 726 4.60 -15.45 10.16
CA LEU B 726 4.48 -16.75 10.88
C LEU B 726 4.09 -16.49 12.35
N GLY B 727 3.03 -17.14 12.86
CA GLY B 727 2.44 -16.83 14.20
C GLY B 727 1.27 -15.88 14.17
N ILE B 728 1.10 -15.04 13.14
CA ILE B 728 -0.11 -14.17 12.97
C ILE B 728 -0.96 -14.78 11.86
N GLN B 729 -2.28 -14.82 12.03
CA GLN B 729 -3.21 -15.47 11.06
C GLN B 729 -4.52 -14.69 10.97
N PRO B 730 -5.17 -14.63 9.79
CA PRO B 730 -6.51 -14.03 9.66
C PRO B 730 -7.61 -14.92 10.24
N THR B 731 -8.78 -14.33 10.49
CA THR B 731 -9.92 -14.97 11.20
C THR B 731 -11.21 -14.24 10.84
N SER B 741 -33.61 -15.70 1.59
CA SER B 741 -33.46 -17.02 0.92
C SER B 741 -33.83 -16.92 -0.57
N ILE B 742 -32.91 -16.44 -1.39
CA ILE B 742 -32.92 -16.50 -2.88
C ILE B 742 -33.46 -17.85 -3.38
N TRP B 743 -33.00 -18.99 -2.85
CA TRP B 743 -33.54 -20.32 -3.21
C TRP B 743 -35.06 -20.35 -3.01
N LEU B 744 -35.52 -19.87 -1.84
CA LEU B 744 -36.96 -19.82 -1.51
C LEU B 744 -37.68 -18.88 -2.49
N ILE B 745 -37.12 -17.71 -2.77
CA ILE B 745 -37.77 -16.71 -3.68
C ILE B 745 -37.94 -17.35 -5.06
N VAL B 746 -36.90 -18.04 -5.55
CA VAL B 746 -36.96 -18.74 -6.87
C VAL B 746 -38.00 -19.84 -6.75
N PHE B 747 -37.89 -20.69 -5.71
CA PHE B 747 -38.87 -21.77 -5.42
C PHE B 747 -40.29 -21.22 -5.54
N GLY B 748 -40.56 -20.14 -4.80
CA GLY B 748 -41.85 -19.42 -4.82
C GLY B 748 -42.31 -19.10 -6.23
N VAL B 749 -41.45 -18.42 -7.00
CA VAL B 749 -41.74 -18.00 -8.41
C VAL B 749 -42.17 -19.27 -9.17
N VAL B 750 -41.31 -20.29 -9.16
CA VAL B 750 -41.56 -21.56 -9.92
C VAL B 750 -42.91 -22.11 -9.44
N MET B 751 -43.04 -22.38 -8.13
CA MET B 751 -44.30 -22.91 -7.56
C MET B 751 -45.51 -22.15 -8.11
N GLY B 752 -45.48 -20.82 -7.97
CA GLY B 752 -46.55 -19.92 -8.45
C GLY B 752 -46.92 -20.20 -9.89
N VAL B 753 -45.94 -20.09 -10.79
CA VAL B 753 -46.19 -20.21 -12.26
C VAL B 753 -46.69 -21.63 -12.58
N ILE B 754 -46.25 -22.63 -11.80
CA ILE B 754 -46.75 -24.03 -11.97
C ILE B 754 -48.21 -24.09 -11.53
N VAL B 755 -48.50 -23.65 -10.30
CA VAL B 755 -49.87 -23.69 -9.71
C VAL B 755 -50.85 -23.00 -10.68
N VAL B 756 -50.56 -21.76 -11.06
CA VAL B 756 -51.46 -20.98 -11.98
C VAL B 756 -51.55 -21.72 -13.32
N GLY B 757 -50.43 -22.27 -13.84
CA GLY B 757 -50.43 -23.12 -15.05
C GLY B 757 -51.46 -24.23 -14.92
N ILE B 758 -51.37 -25.01 -13.84
CA ILE B 758 -52.32 -26.13 -13.54
C ILE B 758 -53.74 -25.54 -13.49
N VAL B 759 -53.92 -24.46 -12.72
CA VAL B 759 -55.23 -23.75 -12.58
C VAL B 759 -55.79 -23.51 -13.98
N ILE B 760 -55.01 -22.81 -14.81
CA ILE B 760 -55.41 -22.50 -16.22
C ILE B 760 -55.73 -23.83 -16.90
N LEU B 761 -54.80 -24.79 -16.86
CA LEU B 761 -54.97 -26.09 -17.58
C LEU B 761 -56.30 -26.74 -17.19
N ILE B 762 -56.54 -27.00 -15.90
CA ILE B 762 -57.80 -27.67 -15.44
C ILE B 762 -58.99 -26.82 -15.88
N PHE B 763 -58.91 -25.50 -15.69
CA PHE B 763 -59.96 -24.56 -16.14
C PHE B 763 -60.15 -24.71 -17.66
N THR B 764 -59.05 -24.77 -18.41
CA THR B 764 -59.07 -24.86 -19.90
C THR B 764 -59.91 -26.08 -20.29
N GLY B 765 -59.63 -27.23 -19.67
CA GLY B 765 -60.39 -28.48 -19.91
C GLY B 765 -61.87 -28.30 -19.61
N ILE B 766 -62.15 -27.67 -18.48
CA ILE B 766 -63.57 -27.42 -18.05
C ILE B 766 -64.19 -26.49 -19.10
N ARG B 767 -63.45 -25.45 -19.51
CA ARG B 767 -63.87 -24.47 -20.54
C ARG B 767 -64.16 -25.22 -21.84
N ASP B 768 -63.31 -26.18 -22.20
CA ASP B 768 -63.51 -27.04 -23.40
C ASP B 768 -64.80 -27.85 -23.22
N ARG B 769 -65.86 -27.49 -23.96
CA ARG B 769 -67.20 -28.13 -23.95
C ARG B 769 -67.79 -28.07 -25.35
N VAL C 25 -70.86 19.89 -52.43
CA VAL C 25 -71.46 21.26 -52.70
C VAL C 25 -70.83 21.85 -53.99
N LEU C 26 -69.52 21.67 -54.26
CA LEU C 26 -68.94 22.06 -55.59
C LEU C 26 -69.48 21.09 -56.65
N PRO C 27 -69.90 21.57 -57.85
CA PRO C 27 -70.34 20.68 -58.94
C PRO C 27 -69.24 19.68 -59.31
N ASN C 28 -69.54 18.39 -59.14
CA ASN C 28 -68.67 17.24 -59.47
C ASN C 28 -69.52 16.25 -60.28
N PRO C 29 -69.54 16.37 -61.65
CA PRO C 29 -70.23 15.41 -62.50
C PRO C 29 -69.32 14.25 -62.93
N GLY C 30 -69.88 13.04 -62.99
CA GLY C 30 -69.17 11.79 -63.33
C GLY C 30 -68.58 11.07 -62.13
N LEU C 31 -68.76 11.57 -60.90
CA LEU C 31 -68.18 10.95 -59.67
C LEU C 31 -68.63 9.49 -59.55
N ASP C 32 -69.91 9.22 -59.78
CA ASP C 32 -70.55 7.88 -59.57
C ASP C 32 -69.91 6.84 -60.49
N ALA C 33 -69.53 7.21 -61.72
CA ALA C 33 -68.80 6.36 -62.69
C ALA C 33 -67.43 5.93 -62.11
N ARG C 34 -66.63 6.89 -61.63
CA ARG C 34 -65.20 6.69 -61.26
C ARG C 34 -65.10 5.79 -60.01
N ILE C 35 -65.96 6.00 -59.01
CA ILE C 35 -65.86 5.33 -57.68
C ILE C 35 -66.69 4.04 -57.70
N PRO C 36 -66.31 2.96 -56.93
CA PRO C 36 -67.14 1.76 -56.76
C PRO C 36 -68.57 2.04 -56.24
N SER C 37 -69.57 1.34 -56.79
CA SER C 37 -70.98 1.45 -56.33
C SER C 37 -71.07 0.93 -54.90
N LEU C 38 -71.99 1.49 -54.13
CA LEU C 38 -72.21 1.08 -52.72
C LEU C 38 -72.64 -0.39 -52.67
N ALA C 39 -73.55 -0.79 -53.55
CA ALA C 39 -73.98 -2.21 -53.75
C ALA C 39 -72.84 -3.09 -54.27
N GLU C 40 -71.93 -2.57 -55.09
CA GLU C 40 -70.73 -3.30 -55.60
C GLU C 40 -69.77 -3.63 -54.45
N LEU C 41 -69.66 -2.80 -53.39
CA LEU C 41 -68.80 -3.11 -52.20
C LEU C 41 -69.21 -4.43 -51.53
N GLU C 42 -70.50 -4.76 -51.46
CA GLU C 42 -70.99 -6.05 -50.87
C GLU C 42 -70.51 -7.26 -51.69
N THR C 43 -70.21 -7.09 -52.98
CA THR C 43 -69.76 -8.15 -53.92
C THR C 43 -68.33 -7.84 -54.40
N ILE C 44 -67.42 -7.43 -53.50
CA ILE C 44 -66.00 -7.11 -53.83
C ILE C 44 -65.00 -7.85 -52.90
N GLU C 45 -65.33 -8.13 -51.64
CA GLU C 45 -64.40 -8.68 -50.60
C GLU C 45 -64.02 -10.14 -50.95
N GLN C 46 -64.99 -10.95 -51.39
CA GLN C 46 -64.82 -12.41 -51.67
C GLN C 46 -64.43 -12.65 -53.14
N GLU C 47 -64.51 -11.65 -54.03
CA GLU C 47 -64.15 -11.77 -55.48
C GLU C 47 -62.86 -10.99 -55.80
N GLU C 48 -62.38 -10.06 -54.96
CA GLU C 48 -61.04 -9.40 -55.12
C GLU C 48 -60.03 -9.99 -54.11
N ALA C 49 -60.12 -11.28 -53.76
CA ALA C 49 -59.13 -12.03 -52.94
C ALA C 49 -57.73 -11.93 -53.55
N SER C 50 -57.64 -11.93 -54.89
CA SER C 50 -56.43 -11.68 -55.70
C SER C 50 -56.39 -10.24 -56.23
N SER C 51 -55.26 -9.84 -56.84
CA SER C 51 -55.00 -8.47 -57.41
C SER C 51 -54.78 -7.42 -56.30
N ARG C 52 -55.57 -7.39 -55.23
CA ARG C 52 -55.45 -6.46 -54.09
C ARG C 52 -54.87 -7.19 -52.87
N PRO C 53 -54.00 -6.56 -52.06
CA PRO C 53 -53.50 -7.18 -50.83
C PRO C 53 -54.60 -7.18 -49.76
N LYS C 54 -54.48 -8.08 -48.79
CA LYS C 54 -55.42 -8.22 -47.66
C LYS C 54 -54.60 -8.35 -46.38
N TRP C 55 -55.07 -7.77 -45.28
CA TRP C 55 -54.48 -8.02 -43.94
C TRP C 55 -54.86 -9.44 -43.54
N ASP C 56 -53.90 -10.27 -43.18
CA ASP C 56 -54.15 -11.60 -42.55
C ASP C 56 -55.07 -11.48 -41.32
N ASN C 57 -54.89 -10.47 -40.48
CA ASN C 57 -55.67 -10.30 -39.22
C ASN C 57 -55.77 -8.81 -38.92
N LYS C 58 -56.87 -8.41 -38.28
CA LYS C 58 -57.07 -7.04 -37.73
C LYS C 58 -55.85 -6.61 -36.91
N ALA C 59 -55.25 -7.52 -36.12
CA ALA C 59 -54.04 -7.25 -35.31
C ALA C 59 -52.91 -6.69 -36.18
N GLN C 60 -52.73 -7.25 -37.37
CA GLN C 60 -51.65 -6.80 -38.29
C GLN C 60 -51.92 -5.34 -38.67
N TYR C 61 -53.14 -5.01 -39.08
CA TYR C 61 -53.50 -3.61 -39.41
C TYR C 61 -53.33 -2.68 -38.20
N MET C 62 -53.79 -3.11 -37.04
CA MET C 62 -53.71 -2.25 -35.82
C MET C 62 -52.23 -2.07 -35.44
N LEU C 63 -51.44 -3.13 -35.48
CA LEU C 63 -49.97 -2.99 -35.24
C LEU C 63 -49.30 -2.11 -36.32
N THR C 64 -49.70 -2.16 -37.58
CA THR C 64 -49.15 -1.24 -38.62
C THR C 64 -49.54 0.20 -38.26
N CYS C 65 -50.81 0.48 -37.91
CA CYS C 65 -51.28 1.85 -37.58
C CYS C 65 -50.55 2.37 -36.34
N LEU C 66 -50.34 1.49 -35.37
CA LEU C 66 -49.60 1.83 -34.14
C LEU C 66 -48.20 2.31 -34.54
N GLY C 67 -47.44 1.49 -35.26
CA GLY C 67 -46.09 1.84 -35.74
C GLY C 67 -45.99 3.09 -36.63
N PHE C 68 -47.07 3.58 -37.22
CA PHE C 68 -47.03 4.74 -38.14
C PHE C 68 -47.59 5.99 -37.46
N CYS C 69 -48.46 5.84 -36.48
CA CYS C 69 -49.03 6.97 -35.70
C CYS C 69 -48.30 7.10 -34.36
N VAL C 70 -47.48 6.10 -33.95
CA VAL C 70 -46.65 6.18 -32.72
C VAL C 70 -45.22 5.64 -33.00
N GLY C 71 -44.69 5.73 -34.22
CA GLY C 71 -43.25 5.50 -34.48
C GLY C 71 -42.43 6.73 -34.14
N LEU C 72 -41.34 6.99 -34.88
CA LEU C 72 -40.65 8.32 -34.91
C LEU C 72 -41.60 9.30 -35.58
N GLY C 73 -41.47 10.57 -35.25
CA GLY C 73 -42.44 11.58 -35.68
C GLY C 73 -43.34 11.81 -34.52
N ASN C 74 -43.73 10.76 -33.79
CA ASN C 74 -44.28 10.94 -32.43
C ASN C 74 -43.12 10.94 -31.42
N VAL C 75 -42.53 9.78 -31.21
CA VAL C 75 -41.60 9.47 -30.09
C VAL C 75 -40.30 10.28 -30.25
N TRP C 76 -39.88 10.64 -31.46
CA TRP C 76 -38.60 11.34 -31.74
C TRP C 76 -38.82 12.85 -31.68
N ARG C 77 -39.85 13.36 -32.34
CA ARG C 77 -40.07 14.82 -32.48
C ARG C 77 -40.64 15.37 -31.16
N PHE C 78 -41.80 14.88 -30.71
CA PHE C 78 -42.55 15.41 -29.54
C PHE C 78 -41.58 15.79 -28.41
N PRO C 79 -40.76 14.85 -27.87
CA PRO C 79 -39.94 15.17 -26.71
C PRO C 79 -38.97 16.33 -26.98
N TYR C 80 -38.37 16.39 -28.16
CA TYR C 80 -37.49 17.51 -28.57
C TYR C 80 -38.26 18.83 -28.48
N LEU C 81 -39.48 18.89 -29.02
CA LEU C 81 -40.26 20.16 -29.09
C LEU C 81 -40.73 20.55 -27.69
N CYS C 82 -41.05 19.57 -26.85
CA CYS C 82 -41.33 19.80 -25.40
C CYS C 82 -40.19 20.61 -24.77
N GLN C 83 -38.97 20.10 -24.85
CA GLN C 83 -37.77 20.75 -24.22
C GLN C 83 -37.25 21.94 -25.03
N SER C 84 -37.74 22.23 -26.23
CA SER C 84 -37.33 23.39 -27.07
C SER C 84 -38.29 24.57 -26.92
N HIS C 85 -39.44 24.38 -26.27
CA HIS C 85 -40.42 25.44 -25.94
C HIS C 85 -40.54 25.46 -24.41
N GLY C 86 -41.18 24.45 -23.85
CA GLY C 86 -41.52 24.32 -22.42
C GLY C 86 -42.07 22.94 -22.16
N GLY C 87 -41.72 22.36 -21.03
CA GLY C 87 -42.08 20.97 -20.74
C GLY C 87 -43.57 20.70 -20.89
N GLY C 88 -44.43 21.56 -20.32
CA GLY C 88 -45.91 21.42 -20.32
C GLY C 88 -46.63 22.49 -21.12
N ALA C 89 -46.00 23.63 -21.44
CA ALA C 89 -46.57 24.72 -22.26
C ALA C 89 -46.74 24.29 -23.73
N PHE C 90 -46.13 23.18 -24.16
CA PHE C 90 -46.26 22.63 -25.54
C PHE C 90 -47.28 21.49 -25.61
N MET C 91 -47.43 20.69 -24.55
CA MET C 91 -48.33 19.50 -24.55
C MET C 91 -49.78 19.99 -24.65
N ILE C 92 -50.14 21.04 -23.92
CA ILE C 92 -51.50 21.68 -23.92
C ILE C 92 -51.92 21.96 -25.37
N PRO C 93 -51.27 22.86 -26.14
CA PRO C 93 -51.63 23.10 -27.54
C PRO C 93 -51.58 21.81 -28.36
N PHE C 94 -50.58 20.95 -28.15
CA PHE C 94 -50.47 19.66 -28.88
C PHE C 94 -51.74 18.83 -28.66
N LEU C 95 -52.15 18.63 -27.42
CA LEU C 95 -53.31 17.76 -27.10
C LEU C 95 -54.61 18.43 -27.58
N ILE C 96 -54.74 19.77 -27.53
CA ILE C 96 -55.93 20.49 -28.11
C ILE C 96 -56.01 20.20 -29.61
N LEU C 97 -54.93 20.40 -30.36
CA LEU C 97 -54.96 20.27 -31.83
C LEU C 97 -54.98 18.78 -32.24
N LEU C 98 -54.49 17.86 -31.39
CA LEU C 98 -54.68 16.40 -31.60
C LEU C 98 -56.18 16.11 -31.69
N VAL C 99 -56.98 16.68 -30.78
CA VAL C 99 -58.44 16.39 -30.69
C VAL C 99 -59.16 17.09 -31.84
N LEU C 100 -58.81 18.34 -32.14
CA LEU C 100 -59.66 19.22 -32.99
C LEU C 100 -59.21 19.23 -34.45
N GLU C 101 -58.02 18.76 -34.75
CA GLU C 101 -57.45 18.77 -36.13
C GLU C 101 -56.89 17.40 -36.54
N GLY C 102 -56.58 16.51 -35.59
CA GLY C 102 -55.87 15.24 -35.82
C GLY C 102 -56.83 14.08 -35.87
N ILE C 103 -57.67 13.94 -34.84
CA ILE C 103 -58.66 12.82 -34.77
C ILE C 103 -59.55 12.88 -36.01
N PRO C 104 -60.13 14.07 -36.38
CA PRO C 104 -60.93 14.23 -37.60
C PRO C 104 -60.24 13.81 -38.90
N LEU C 105 -59.05 14.33 -39.18
CA LEU C 105 -58.26 13.82 -40.33
C LEU C 105 -58.01 12.32 -40.22
N LEU C 106 -57.71 11.80 -39.03
CA LEU C 106 -57.32 10.36 -38.92
C LEU C 106 -58.54 9.54 -39.35
N TYR C 107 -59.71 9.85 -38.80
CA TYR C 107 -60.96 9.15 -39.20
C TYR C 107 -61.18 9.34 -40.70
N LEU C 108 -61.09 10.59 -41.18
CA LEU C 108 -61.39 10.86 -42.62
C LEU C 108 -60.53 9.97 -43.51
N GLU C 109 -59.21 9.94 -43.30
CA GLU C 109 -58.26 9.12 -44.10
C GLU C 109 -58.63 7.63 -44.02
N PHE C 110 -58.82 7.11 -42.81
CA PHE C 110 -59.24 5.70 -42.59
C PHE C 110 -60.52 5.39 -43.38
N ALA C 111 -61.55 6.20 -43.22
CA ALA C 111 -62.86 5.95 -43.87
C ALA C 111 -62.69 6.03 -45.39
N ILE C 112 -62.00 7.04 -45.90
CA ILE C 112 -62.02 7.30 -47.37
C ILE C 112 -61.26 6.17 -48.06
N GLY C 113 -60.16 5.73 -47.44
CA GLY C 113 -59.40 4.56 -47.90
C GLY C 113 -60.27 3.32 -47.91
N GLN C 114 -60.98 3.06 -46.81
CA GLN C 114 -61.81 1.84 -46.65
C GLN C 114 -62.95 1.85 -47.68
N ARG C 115 -63.46 3.04 -48.01
CA ARG C 115 -64.64 3.17 -48.92
C ARG C 115 -64.18 2.94 -50.37
N LEU C 116 -63.25 3.77 -50.85
CA LEU C 116 -62.88 3.84 -52.29
C LEU C 116 -61.87 2.76 -52.67
N ARG C 117 -61.38 1.94 -51.73
CA ARG C 117 -60.58 0.71 -52.05
C ARG C 117 -59.37 1.06 -52.94
N ARG C 118 -58.70 2.18 -52.69
CA ARG C 118 -57.52 2.64 -53.46
C ARG C 118 -56.54 3.36 -52.54
N GLY C 119 -55.31 3.59 -52.99
CA GLY C 119 -54.32 4.44 -52.31
C GLY C 119 -54.63 5.91 -52.45
N SER C 120 -53.77 6.76 -51.87
CA SER C 120 -53.88 8.24 -51.92
C SER C 120 -54.07 8.69 -53.37
N LEU C 121 -53.20 8.25 -54.28
CA LEU C 121 -53.28 8.69 -55.71
C LEU C 121 -54.59 8.19 -56.33
N GLY C 122 -54.97 6.93 -56.09
CA GLY C 122 -56.27 6.42 -56.57
C GLY C 122 -57.44 7.20 -55.97
N VAL C 123 -57.39 7.47 -54.66
CA VAL C 123 -58.52 8.13 -53.93
C VAL C 123 -58.74 9.53 -54.51
N TRP C 124 -57.75 10.42 -54.55
CA TRP C 124 -58.05 11.86 -54.86
C TRP C 124 -58.37 12.00 -56.34
N SER C 125 -57.77 11.16 -57.18
CA SER C 125 -57.98 11.14 -58.65
C SER C 125 -59.43 10.72 -58.96
N SER C 126 -59.96 9.76 -58.20
CA SER C 126 -61.34 9.27 -58.39
C SER C 126 -62.36 10.28 -57.81
N ILE C 127 -62.09 10.98 -56.70
CA ILE C 127 -63.01 12.05 -56.17
C ILE C 127 -63.10 13.19 -57.22
N HIS C 128 -62.01 13.55 -57.90
CA HIS C 128 -62.03 14.53 -59.03
C HIS C 128 -60.75 14.35 -59.84
N PRO C 129 -60.78 14.20 -61.19
CA PRO C 129 -59.51 14.10 -61.95
C PRO C 129 -58.47 15.24 -61.84
N ALA C 130 -58.85 16.47 -61.48
CA ALA C 130 -57.93 17.62 -61.21
C ALA C 130 -57.17 17.46 -59.88
N LEU C 131 -57.62 16.58 -58.98
CA LEU C 131 -56.96 16.36 -57.68
C LEU C 131 -55.95 15.21 -57.74
N LYS C 132 -55.46 14.76 -58.90
CA LYS C 132 -54.32 13.79 -58.94
C LYS C 132 -53.05 14.46 -58.37
N GLY C 133 -52.93 15.80 -58.43
CA GLY C 133 -51.88 16.62 -57.80
C GLY C 133 -51.76 16.42 -56.30
N LEU C 134 -52.89 16.20 -55.60
CA LEU C 134 -52.96 15.95 -54.14
C LEU C 134 -52.19 14.65 -53.84
N GLY C 135 -52.39 13.64 -54.69
CA GLY C 135 -51.75 12.34 -54.55
C GLY C 135 -50.27 12.35 -54.90
N LEU C 136 -49.85 13.20 -55.85
CA LEU C 136 -48.42 13.35 -56.21
C LEU C 136 -47.68 14.13 -55.12
N ALA C 137 -48.36 15.05 -54.44
CA ALA C 137 -47.75 15.85 -53.35
C ALA C 137 -47.56 14.99 -52.10
N SER C 138 -48.45 14.02 -51.86
CA SER C 138 -48.28 13.04 -50.77
C SER C 138 -47.11 12.09 -51.05
N MET C 139 -46.93 11.63 -52.29
CA MET C 139 -45.83 10.68 -52.67
C MET C 139 -44.48 11.39 -52.45
N LEU C 140 -44.34 12.64 -52.90
CA LEU C 140 -43.09 13.44 -52.75
C LEU C 140 -42.82 13.73 -51.27
N THR C 141 -43.85 14.12 -50.53
CA THR C 141 -43.72 14.41 -49.07
C THR C 141 -43.24 13.14 -48.36
N SER C 142 -43.84 12.02 -48.71
CA SER C 142 -43.54 10.69 -48.12
C SER C 142 -42.10 10.32 -48.46
N PHE C 143 -41.69 10.60 -49.69
CA PHE C 143 -40.30 10.40 -50.18
C PHE C 143 -39.34 11.15 -49.26
N MET C 144 -39.61 12.44 -49.07
CA MET C 144 -38.74 13.39 -48.33
C MET C 144 -38.68 13.05 -46.84
N VAL C 145 -39.77 12.57 -46.26
CA VAL C 145 -39.78 12.26 -44.80
C VAL C 145 -39.12 10.91 -44.60
N GLY C 146 -39.30 9.97 -45.54
CA GLY C 146 -38.51 8.73 -45.58
C GLY C 146 -37.01 8.97 -45.69
N LEU C 147 -36.60 9.93 -46.52
CA LEU C 147 -35.16 10.23 -46.73
C LEU C 147 -34.59 10.78 -45.42
N TYR C 148 -35.33 11.67 -44.75
CA TYR C 148 -34.96 12.24 -43.43
C TYR C 148 -34.85 11.12 -42.40
N TYR C 149 -35.92 10.36 -42.19
CA TYR C 149 -35.98 9.38 -41.07
C TYR C 149 -35.01 8.22 -41.29
N ASN C 150 -34.63 7.92 -42.53
CA ASN C 150 -33.71 6.77 -42.72
C ASN C 150 -32.26 7.19 -42.42
N THR C 151 -31.92 8.47 -42.58
CA THR C 151 -30.62 9.03 -42.13
C THR C 151 -30.52 8.95 -40.60
N ILE C 152 -31.57 9.40 -39.90
CA ILE C 152 -31.69 9.24 -38.42
C ILE C 152 -31.50 7.74 -38.10
N ILE C 153 -32.13 6.83 -38.83
CA ILE C 153 -31.98 5.36 -38.56
C ILE C 153 -30.53 4.94 -38.78
N SER C 154 -29.84 5.47 -39.78
CA SER C 154 -28.42 5.12 -40.04
C SER C 154 -27.55 5.57 -38.87
N TRP C 155 -27.78 6.76 -38.32
CA TRP C 155 -27.11 7.21 -37.08
C TRP C 155 -27.44 6.29 -35.92
N ILE C 156 -28.70 5.92 -35.76
CA ILE C 156 -29.13 5.04 -34.65
C ILE C 156 -28.34 3.73 -34.74
N MET C 157 -28.20 3.16 -35.94
CA MET C 157 -27.46 1.89 -36.17
C MET C 157 -25.98 2.09 -35.86
N TRP C 158 -25.37 3.21 -36.29
CA TRP C 158 -23.95 3.50 -35.90
C TRP C 158 -23.82 3.35 -34.38
N TYR C 159 -24.69 4.00 -33.62
CA TYR C 159 -24.65 3.92 -32.13
C TYR C 159 -24.98 2.53 -31.61
N LEU C 160 -25.89 1.80 -32.24
CA LEU C 160 -26.19 0.40 -31.85
C LEU C 160 -24.96 -0.47 -32.12
N PHE C 161 -24.26 -0.29 -33.23
CA PHE C 161 -23.05 -1.10 -33.54
C PHE C 161 -21.90 -0.80 -32.56
N ASN C 162 -21.80 0.39 -31.99
CA ASN C 162 -20.78 0.75 -30.98
C ASN C 162 -21.28 0.46 -29.54
N SER C 163 -22.40 -0.22 -29.33
CA SER C 163 -22.98 -0.46 -27.99
C SER C 163 -22.58 -1.84 -27.44
N PHE C 164 -21.69 -2.62 -28.07
CA PHE C 164 -21.24 -3.95 -27.58
C PHE C 164 -19.80 -3.86 -27.00
N GLN C 165 -19.54 -2.88 -26.13
CA GLN C 165 -18.16 -2.57 -25.62
C GLN C 165 -18.22 -2.11 -24.16
N GLU C 166 -17.68 -2.87 -23.19
CA GLU C 166 -17.91 -2.61 -21.73
C GLU C 166 -17.74 -1.11 -21.46
N PRO C 167 -16.56 -0.49 -21.73
CA PRO C 167 -16.46 0.97 -21.82
C PRO C 167 -16.98 1.51 -23.17
N LEU C 168 -18.26 1.92 -23.17
CA LEU C 168 -18.92 2.53 -24.36
C LEU C 168 -18.00 3.55 -25.01
N PRO C 169 -17.78 3.56 -26.35
CA PRO C 169 -16.78 4.44 -26.98
C PRO C 169 -16.88 5.95 -26.70
N TRP C 170 -18.06 6.42 -26.35
CA TRP C 170 -18.33 7.85 -26.04
C TRP C 170 -18.13 8.14 -24.56
N SER C 171 -17.54 7.24 -23.77
CA SER C 171 -17.31 7.48 -22.32
C SER C 171 -15.95 8.15 -22.06
N ASP C 172 -15.02 8.12 -23.02
CA ASP C 172 -13.62 8.62 -22.83
C ASP C 172 -13.19 9.50 -24.00
N CYS C 173 -12.04 10.15 -23.89
CA CYS C 173 -11.46 11.02 -24.94
C CYS C 173 -10.28 10.32 -25.61
N PRO C 174 -9.91 10.67 -26.87
CA PRO C 174 -8.67 10.17 -27.47
C PRO C 174 -7.49 11.01 -26.98
N LEU C 175 -6.27 10.47 -27.06
CA LEU C 175 -5.03 11.16 -26.61
C LEU C 175 -4.37 11.90 -27.77
N ASN C 176 -3.17 12.43 -27.58
CA ASN C 176 -2.36 13.16 -28.60
C ASN C 176 -1.15 12.31 -28.97
N GLU C 177 -0.40 12.74 -30.00
CA GLU C 177 0.87 12.10 -30.44
C GLU C 177 1.80 11.76 -29.26
N ASN C 178 1.88 12.64 -28.26
CA ASN C 178 2.60 12.35 -26.97
C ASN C 178 1.93 11.22 -26.15
N GLN C 179 0.74 10.73 -26.54
CA GLN C 179 -0.07 9.75 -25.75
C GLN C 179 -0.04 10.16 -24.27
N THR C 180 -0.12 11.45 -23.99
CA THR C 180 -0.18 12.04 -22.62
C THR C 180 -1.12 13.27 -22.54
N GLY C 181 -1.56 13.87 -23.65
CA GLY C 181 -2.55 14.97 -23.73
C GLY C 181 -3.83 14.50 -24.40
N TYR C 182 -4.98 14.71 -23.73
CA TYR C 182 -6.34 14.46 -24.28
C TYR C 182 -6.56 15.40 -25.48
N VAL C 183 -7.27 14.94 -26.52
CA VAL C 183 -7.59 15.75 -27.73
C VAL C 183 -8.21 17.06 -27.24
N ASP C 184 -7.71 18.20 -27.70
CA ASP C 184 -8.19 19.54 -27.25
C ASP C 184 -9.72 19.64 -27.42
N GLU C 185 -10.23 19.19 -28.58
CA GLU C 185 -11.68 19.21 -28.89
C GLU C 185 -12.44 18.52 -27.74
N CYS C 186 -12.15 17.25 -27.50
CA CYS C 186 -12.78 16.46 -26.42
C CYS C 186 -12.57 17.19 -25.08
N ALA C 187 -11.36 17.67 -24.85
CA ALA C 187 -10.99 18.35 -23.57
C ALA C 187 -11.88 19.59 -23.40
N ARG C 188 -12.00 20.42 -24.42
CA ARG C 188 -12.83 21.64 -24.37
C ARG C 188 -14.32 21.24 -24.26
N SER C 189 -14.74 20.21 -25.01
CA SER C 189 -16.16 19.74 -25.03
C SER C 189 -16.33 18.58 -24.04
N SER C 190 -16.66 17.39 -24.53
CA SER C 190 -16.87 16.18 -23.70
C SER C 190 -16.61 14.94 -24.53
N PRO C 191 -16.43 13.75 -23.90
CA PRO C 191 -16.30 12.49 -24.63
C PRO C 191 -17.48 12.25 -25.56
N VAL C 192 -18.68 12.60 -25.10
CA VAL C 192 -19.93 12.40 -25.90
C VAL C 192 -19.95 13.41 -27.04
N ASP C 193 -19.94 14.72 -26.72
CA ASP C 193 -19.89 15.76 -27.78
C ASP C 193 -18.84 15.42 -28.83
N TYR C 194 -17.71 14.87 -28.42
CA TYR C 194 -16.62 14.58 -29.37
C TYR C 194 -16.97 13.31 -30.15
N PHE C 195 -17.50 12.29 -29.50
CA PHE C 195 -17.93 11.08 -30.25
C PHE C 195 -19.04 11.40 -31.29
N TRP C 196 -19.97 12.32 -30.98
CA TRP C 196 -21.03 12.73 -31.93
C TRP C 196 -20.41 13.52 -33.09
N TYR C 197 -19.79 14.64 -32.79
CA TYR C 197 -19.39 15.61 -33.84
C TYR C 197 -18.16 15.14 -34.61
N ARG C 198 -17.21 14.51 -33.93
CA ARG C 198 -15.93 14.16 -34.57
C ARG C 198 -15.93 12.69 -34.97
N GLU C 199 -16.21 11.78 -34.05
CA GLU C 199 -16.04 10.34 -34.38
C GLU C 199 -17.20 9.80 -35.24
N THR C 200 -18.35 10.45 -35.31
CA THR C 200 -19.55 9.91 -35.99
C THR C 200 -19.78 10.71 -37.27
N LEU C 201 -19.97 12.00 -37.09
CA LEU C 201 -20.22 12.99 -38.17
C LEU C 201 -18.92 13.36 -38.88
N ASN C 202 -17.81 13.55 -38.15
CA ASN C 202 -16.57 14.18 -38.67
C ASN C 202 -16.94 15.53 -39.30
N ILE C 203 -17.72 16.30 -38.55
CA ILE C 203 -18.48 17.46 -39.07
C ILE C 203 -17.52 18.56 -39.53
N SER C 204 -17.90 19.31 -40.55
CA SER C 204 -17.16 20.50 -41.03
C SER C 204 -17.67 21.75 -40.31
N THR C 205 -17.12 22.91 -40.62
CA THR C 205 -17.40 24.15 -39.84
C THR C 205 -18.53 24.97 -40.45
N SER C 206 -19.21 24.52 -41.52
CA SER C 206 -20.32 25.23 -42.22
C SER C 206 -20.86 24.36 -43.35
N ILE C 207 -22.08 24.66 -43.83
CA ILE C 207 -22.70 23.94 -44.98
C ILE C 207 -21.87 24.14 -46.25
N SER C 208 -21.19 25.29 -46.44
CA SER C 208 -20.36 25.55 -47.65
C SER C 208 -19.19 24.58 -47.73
N ASP C 209 -18.64 24.13 -46.59
CA ASP C 209 -17.52 23.16 -46.52
C ASP C 209 -18.11 21.75 -46.61
N SER C 210 -18.29 21.26 -47.83
CA SER C 210 -18.90 19.92 -48.10
C SER C 210 -18.01 18.78 -47.59
N GLY C 211 -16.69 18.92 -47.70
CA GLY C 211 -15.71 17.85 -47.47
C GLY C 211 -15.92 16.70 -48.43
N SER C 212 -16.20 15.50 -47.91
CA SER C 212 -16.30 14.23 -48.68
C SER C 212 -17.22 13.24 -47.95
N ILE C 213 -17.31 12.00 -48.41
CA ILE C 213 -18.23 10.96 -47.86
C ILE C 213 -17.53 10.24 -46.70
N GLN C 214 -18.19 10.12 -45.54
CA GLN C 214 -17.67 9.35 -44.38
C GLN C 214 -18.02 7.89 -44.65
N TRP C 215 -17.03 7.09 -45.03
CA TRP C 215 -17.25 5.68 -45.47
C TRP C 215 -18.05 4.92 -44.40
N TRP C 216 -17.70 5.08 -43.13
CA TRP C 216 -18.36 4.35 -42.00
C TRP C 216 -19.84 4.78 -41.90
N MET C 217 -20.16 6.04 -42.22
CA MET C 217 -21.58 6.50 -42.28
C MET C 217 -22.30 5.84 -43.46
N LEU C 218 -21.66 5.82 -44.63
CA LEU C 218 -22.16 5.12 -45.85
C LEU C 218 -22.48 3.65 -45.56
N LEU C 219 -21.62 2.93 -44.84
CA LEU C 219 -21.91 1.54 -44.43
C LEU C 219 -23.16 1.45 -43.56
N CYS C 220 -23.38 2.43 -42.71
CA CYS C 220 -24.57 2.45 -41.83
C CYS C 220 -25.83 2.78 -42.62
N LEU C 221 -25.70 3.63 -43.64
CA LEU C 221 -26.87 4.01 -44.47
C LEU C 221 -27.32 2.81 -45.29
N ALA C 222 -26.35 2.10 -45.87
CA ALA C 222 -26.60 0.86 -46.66
C ALA C 222 -27.31 -0.14 -45.75
N CYS C 223 -26.82 -0.31 -44.52
CA CYS C 223 -27.45 -1.25 -43.56
C CYS C 223 -28.92 -0.87 -43.31
N ALA C 224 -29.22 0.41 -43.06
CA ALA C 224 -30.59 0.92 -42.82
C ALA C 224 -31.51 0.57 -44.00
N TRP C 225 -31.11 0.96 -45.21
CA TRP C 225 -31.90 0.74 -46.46
C TRP C 225 -32.11 -0.76 -46.70
N SER C 226 -31.09 -1.55 -46.41
CA SER C 226 -31.07 -2.98 -46.76
C SER C 226 -32.05 -3.69 -45.81
N VAL C 227 -32.05 -3.33 -44.52
CA VAL C 227 -32.99 -3.96 -43.54
C VAL C 227 -34.42 -3.58 -43.92
N LEU C 228 -34.62 -2.32 -44.29
CA LEU C 228 -35.95 -1.80 -44.69
C LEU C 228 -36.44 -2.63 -45.88
N TYR C 229 -35.60 -2.84 -46.88
CA TYR C 229 -35.95 -3.67 -48.07
C TYR C 229 -36.32 -5.10 -47.67
N MET C 230 -35.53 -5.76 -46.84
CA MET C 230 -35.87 -7.10 -46.29
C MET C 230 -37.31 -7.10 -45.74
N CYS C 231 -37.71 -6.08 -44.98
CA CYS C 231 -39.08 -6.01 -44.38
C CYS C 231 -40.17 -5.56 -45.38
N THR C 232 -39.87 -4.78 -46.42
CA THR C 232 -40.92 -4.19 -47.29
C THR C 232 -40.91 -4.84 -48.67
N ILE C 233 -40.27 -5.99 -48.81
CA ILE C 233 -39.95 -6.58 -50.15
C ILE C 233 -41.26 -6.91 -50.87
N ARG C 234 -42.26 -7.46 -50.17
CA ARG C 234 -43.60 -7.78 -50.73
C ARG C 234 -44.67 -6.99 -49.98
N GLY C 235 -44.47 -5.67 -49.83
CA GLY C 235 -45.43 -4.76 -49.16
C GLY C 235 -46.00 -5.42 -47.91
N ILE C 236 -47.32 -5.47 -47.77
CA ILE C 236 -47.97 -5.88 -46.48
C ILE C 236 -47.88 -7.40 -46.30
N GLU C 237 -47.55 -8.18 -47.34
CA GLU C 237 -47.27 -9.63 -47.19
C GLU C 237 -46.09 -9.81 -46.24
N THR C 238 -45.11 -8.93 -46.29
CA THR C 238 -43.88 -9.00 -45.47
C THR C 238 -43.95 -8.01 -44.30
N THR C 239 -44.47 -6.78 -44.49
CA THR C 239 -44.44 -5.76 -43.39
C THR C 239 -45.42 -6.15 -42.28
N GLY C 240 -46.51 -6.85 -42.60
CA GLY C 240 -47.51 -7.32 -41.62
C GLY C 240 -46.96 -8.36 -40.65
N LYS C 241 -45.98 -9.17 -41.05
CA LYS C 241 -45.29 -10.07 -40.10
C LYS C 241 -44.23 -9.28 -39.33
N ALA C 242 -43.50 -8.35 -39.97
CA ALA C 242 -42.44 -7.49 -39.35
C ALA C 242 -42.97 -6.73 -38.12
N VAL C 243 -44.16 -6.15 -38.24
CA VAL C 243 -44.82 -5.34 -37.18
C VAL C 243 -45.07 -6.17 -35.91
N TYR C 244 -45.15 -7.51 -35.93
CA TYR C 244 -45.34 -8.28 -34.67
C TYR C 244 -44.18 -8.03 -33.70
N ILE C 245 -42.95 -7.89 -34.20
CA ILE C 245 -41.77 -7.53 -33.34
C ILE C 245 -41.52 -6.02 -33.39
N THR C 246 -41.76 -5.35 -34.51
CA THR C 246 -41.30 -3.96 -34.75
C THR C 246 -42.23 -2.95 -34.05
N SER C 247 -43.51 -3.24 -33.87
CA SER C 247 -44.49 -2.39 -33.16
C SER C 247 -44.79 -2.92 -31.75
N THR C 248 -44.08 -3.92 -31.23
CA THR C 248 -44.32 -4.45 -29.85
C THR C 248 -43.08 -4.22 -28.98
N LEU C 249 -41.86 -4.55 -29.44
CA LEU C 249 -40.53 -4.28 -28.76
C LEU C 249 -40.41 -2.84 -28.28
N PRO C 250 -40.60 -1.81 -29.14
CA PRO C 250 -40.39 -0.43 -28.68
C PRO C 250 -41.15 -0.10 -27.40
N TYR C 251 -42.36 -0.63 -27.23
CA TYR C 251 -43.31 -0.18 -26.18
C TYR C 251 -42.86 -0.84 -24.87
N VAL C 252 -42.46 -2.12 -24.91
CA VAL C 252 -41.93 -2.82 -23.72
C VAL C 252 -40.61 -2.14 -23.31
N VAL C 253 -39.70 -1.86 -24.25
CA VAL C 253 -38.36 -1.29 -23.88
C VAL C 253 -38.55 0.11 -23.32
N LEU C 254 -39.48 0.88 -23.88
CA LEU C 254 -39.83 2.25 -23.41
C LEU C 254 -40.48 2.18 -22.01
N THR C 255 -41.10 1.06 -21.67
CA THR C 255 -41.62 0.79 -20.30
C THR C 255 -40.50 0.50 -19.32
N ILE C 256 -39.50 -0.24 -19.75
CA ILE C 256 -38.32 -0.60 -18.91
C ILE C 256 -37.55 0.70 -18.63
N PHE C 257 -37.26 1.47 -19.68
CA PHE C 257 -36.50 2.75 -19.57
C PHE C 257 -37.28 3.75 -18.71
N LEU C 258 -38.62 3.73 -18.78
CA LEU C 258 -39.45 4.58 -17.89
C LEU C 258 -39.09 4.28 -16.44
N ILE C 259 -39.04 3.02 -16.07
CA ILE C 259 -38.75 2.57 -14.67
C ILE C 259 -37.33 3.03 -14.32
N ARG C 260 -36.36 2.71 -15.17
CA ARG C 260 -34.94 3.07 -14.92
C ARG C 260 -34.82 4.60 -14.80
N GLY C 261 -35.45 5.32 -15.72
CA GLY C 261 -35.47 6.80 -15.72
C GLY C 261 -36.03 7.35 -14.41
N LEU C 262 -37.15 6.78 -13.93
CA LEU C 262 -37.81 7.24 -12.68
C LEU C 262 -36.91 6.93 -11.48
N THR C 263 -36.18 5.81 -11.51
CA THR C 263 -35.30 5.40 -10.39
C THR C 263 -34.02 6.27 -10.37
N LEU C 264 -33.85 7.20 -11.33
CA LEU C 264 -32.67 8.09 -11.37
C LEU C 264 -32.67 9.04 -10.16
N LYS C 265 -31.51 9.61 -9.84
CA LYS C 265 -31.33 10.47 -8.63
C LYS C 265 -32.19 11.74 -8.75
N GLY C 266 -32.05 12.47 -9.84
CA GLY C 266 -32.75 13.75 -10.09
C GLY C 266 -33.96 13.58 -10.99
N ALA C 267 -34.33 12.34 -11.34
CA ALA C 267 -35.43 12.05 -12.28
C ALA C 267 -36.63 12.95 -11.98
N THR C 268 -37.12 12.90 -10.74
CA THR C 268 -38.34 13.64 -10.33
C THR C 268 -38.15 15.14 -10.55
N ASN C 269 -36.91 15.66 -10.44
CA ASN C 269 -36.63 17.09 -10.65
C ASN C 269 -37.11 17.54 -12.04
N GLY C 270 -36.82 16.74 -13.07
CA GLY C 270 -37.27 17.04 -14.44
C GLY C 270 -38.76 16.78 -14.59
N ILE C 271 -39.29 15.75 -13.93
CA ILE C 271 -40.73 15.37 -14.02
C ILE C 271 -41.57 16.53 -13.47
N VAL C 272 -41.14 17.12 -12.35
CA VAL C 272 -41.83 18.32 -11.78
C VAL C 272 -41.63 19.49 -12.75
N PHE C 273 -40.45 19.59 -13.34
CA PHE C 273 -40.10 20.72 -14.25
C PHE C 273 -40.99 20.71 -15.51
N LEU C 274 -41.37 19.56 -16.12
CA LEU C 274 -42.29 19.65 -17.30
C LEU C 274 -43.74 19.85 -16.87
N PHE C 275 -44.12 19.63 -15.61
CA PHE C 275 -45.52 19.87 -15.16
C PHE C 275 -45.62 21.17 -14.36
N THR C 276 -44.62 22.05 -14.44
CA THR C 276 -44.74 23.48 -14.02
C THR C 276 -44.34 24.31 -15.24
N PRO C 277 -45.22 24.41 -16.27
CA PRO C 277 -44.93 25.26 -17.43
C PRO C 277 -45.09 26.74 -17.08
N ASN C 278 -44.21 27.59 -17.62
CA ASN C 278 -44.42 29.06 -17.73
C ASN C 278 -45.53 29.25 -18.77
N VAL C 279 -46.50 30.09 -18.44
CA VAL C 279 -47.71 30.36 -19.27
C VAL C 279 -47.39 31.52 -20.20
N THR C 280 -46.46 32.43 -19.84
CA THR C 280 -45.96 33.53 -20.73
C THR C 280 -45.61 33.01 -22.15
N GLU C 281 -45.22 31.75 -22.31
CA GLU C 281 -44.89 31.18 -23.64
C GLU C 281 -46.02 30.34 -24.24
N LEU C 282 -47.05 30.00 -23.45
CA LEU C 282 -48.33 29.45 -23.97
C LEU C 282 -49.06 30.49 -24.85
N ALA C 283 -48.73 31.78 -24.73
CA ALA C 283 -49.19 32.90 -25.60
C ALA C 283 -48.22 33.22 -26.75
N GLN C 284 -47.35 32.28 -27.17
CA GLN C 284 -46.35 32.50 -28.24
C GLN C 284 -46.79 31.75 -29.49
N PRO C 285 -47.11 32.46 -30.60
CA PRO C 285 -47.58 31.78 -31.82
C PRO C 285 -46.67 30.64 -32.34
N ASP C 286 -45.37 30.66 -32.07
CA ASP C 286 -44.45 29.54 -32.45
C ASP C 286 -44.82 28.25 -31.72
N THR C 287 -45.17 28.33 -30.43
CA THR C 287 -45.63 27.13 -29.67
C THR C 287 -46.88 26.56 -30.37
N TRP C 288 -47.75 27.42 -30.89
CA TRP C 288 -48.99 26.93 -31.54
C TRP C 288 -48.66 26.33 -32.91
N LEU C 289 -47.79 26.96 -33.67
CA LEU C 289 -47.38 26.53 -35.04
C LEU C 289 -46.63 25.18 -35.02
N ASP C 290 -45.71 25.01 -34.07
CA ASP C 290 -44.93 23.75 -33.92
C ASP C 290 -45.88 22.62 -33.53
N ALA C 291 -46.85 22.92 -32.66
CA ALA C 291 -47.86 21.95 -32.18
C ALA C 291 -48.79 21.61 -33.34
N GLY C 292 -49.19 22.64 -34.11
CA GLY C 292 -49.94 22.48 -35.36
C GLY C 292 -49.30 21.44 -36.25
N ALA C 293 -48.03 21.65 -36.57
CA ALA C 293 -47.32 20.84 -37.59
C ALA C 293 -46.94 19.49 -36.96
N GLN C 294 -46.75 19.43 -35.64
CA GLN C 294 -46.43 18.17 -34.94
C GLN C 294 -47.62 17.22 -35.01
N VAL C 295 -48.86 17.75 -34.94
CA VAL C 295 -50.04 16.84 -35.04
C VAL C 295 -49.93 16.06 -36.36
N PHE C 296 -49.56 16.66 -37.48
CA PHE C 296 -49.49 15.89 -38.76
C PHE C 296 -48.27 14.98 -38.79
N PHE C 297 -47.13 15.33 -38.20
CA PHE C 297 -45.96 14.41 -38.15
C PHE C 297 -46.23 13.27 -37.17
N SER C 298 -46.88 13.52 -36.03
CA SER C 298 -47.16 12.49 -34.98
C SER C 298 -48.00 11.35 -35.58
N PHE C 299 -49.12 11.69 -36.22
CA PHE C 299 -50.07 10.68 -36.78
C PHE C 299 -49.62 10.16 -38.16
N SER C 300 -48.60 10.75 -38.81
CA SER C 300 -48.23 10.45 -40.22
C SER C 300 -49.43 10.72 -41.15
N LEU C 301 -50.22 11.75 -40.83
CA LEU C 301 -51.31 12.26 -41.72
C LEU C 301 -50.66 12.92 -42.94
N ALA C 302 -51.45 13.06 -44.00
CA ALA C 302 -51.09 13.78 -45.25
C ALA C 302 -49.83 13.18 -45.92
N PHE C 303 -49.48 11.92 -45.63
CA PHE C 303 -48.38 11.14 -46.27
C PHE C 303 -48.98 10.14 -47.25
N GLY C 304 -50.16 9.60 -46.93
CA GLY C 304 -50.98 8.77 -47.81
C GLY C 304 -50.84 7.29 -47.51
N GLY C 305 -49.89 6.87 -46.67
CA GLY C 305 -49.75 5.47 -46.20
C GLY C 305 -50.99 4.98 -45.47
N LEU C 306 -51.57 5.82 -44.62
CA LEU C 306 -52.78 5.48 -43.83
C LEU C 306 -53.94 5.16 -44.77
N ILE C 307 -54.11 5.93 -45.84
CA ILE C 307 -55.23 5.71 -46.80
C ILE C 307 -55.03 4.34 -47.45
N SER C 308 -53.84 4.06 -47.97
CA SER C 308 -53.50 2.75 -48.60
C SER C 308 -53.76 1.61 -47.61
N PHE C 309 -53.30 1.75 -46.37
CA PHE C 309 -53.41 0.65 -45.39
C PHE C 309 -54.88 0.41 -45.03
N SER C 310 -55.65 1.47 -44.88
CA SER C 310 -57.09 1.32 -44.52
C SER C 310 -57.86 0.73 -45.72
N SER C 311 -57.40 0.98 -46.96
CA SER C 311 -58.01 0.40 -48.19
C SER C 311 -57.89 -1.13 -48.26
N TYR C 312 -57.07 -1.81 -47.46
CA TYR C 312 -56.97 -3.29 -47.44
C TYR C 312 -57.89 -3.92 -46.39
N ASN C 313 -58.68 -3.14 -45.67
CA ASN C 313 -59.60 -3.68 -44.62
C ASN C 313 -60.91 -4.11 -45.26
N SER C 314 -61.70 -4.90 -44.54
CA SER C 314 -63.11 -5.25 -44.86
C SER C 314 -63.93 -3.96 -45.02
N VAL C 315 -64.87 -3.93 -45.97
CA VAL C 315 -65.74 -2.72 -46.15
C VAL C 315 -66.59 -2.52 -44.88
N HIS C 316 -66.85 -3.55 -44.07
CA HIS C 316 -67.65 -3.42 -42.81
C HIS C 316 -66.75 -3.27 -41.58
N ASN C 317 -65.53 -2.77 -41.74
CA ASN C 317 -64.56 -2.54 -40.65
C ASN C 317 -64.89 -1.24 -39.92
N ASN C 318 -64.85 -1.24 -38.60
CA ASN C 318 -65.21 -0.03 -37.83
C ASN C 318 -64.02 0.94 -37.84
N CYS C 319 -63.96 1.84 -38.81
CA CYS C 319 -62.83 2.81 -38.95
C CYS C 319 -62.94 3.94 -37.89
N GLU C 320 -64.14 4.28 -37.40
CA GLU C 320 -64.34 5.31 -36.33
C GLU C 320 -63.63 4.89 -35.04
N LYS C 321 -63.89 3.66 -34.61
CA LYS C 321 -63.36 3.07 -33.35
C LYS C 321 -61.83 2.98 -33.49
N ASP C 322 -61.35 2.57 -34.67
CA ASP C 322 -59.89 2.49 -34.93
C ASP C 322 -59.23 3.84 -34.81
N SER C 323 -59.83 4.88 -35.41
CA SER C 323 -59.21 6.23 -35.38
C SER C 323 -59.12 6.69 -33.91
N VAL C 324 -60.18 6.48 -33.13
CA VAL C 324 -60.22 6.91 -31.70
C VAL C 324 -59.18 6.13 -30.90
N ILE C 325 -59.08 4.82 -31.10
CA ILE C 325 -58.13 3.95 -30.32
C ILE C 325 -56.70 4.39 -30.63
N VAL C 326 -56.38 4.54 -31.91
CA VAL C 326 -55.04 5.01 -32.37
C VAL C 326 -54.74 6.36 -31.73
N SER C 327 -55.69 7.28 -31.79
CA SER C 327 -55.54 8.65 -31.23
C SER C 327 -55.19 8.58 -29.75
N ILE C 328 -56.05 7.92 -28.96
CA ILE C 328 -55.86 7.82 -27.48
C ILE C 328 -54.44 7.32 -27.24
N ILE C 329 -54.00 6.25 -27.92
CA ILE C 329 -52.61 5.70 -27.78
C ILE C 329 -51.61 6.82 -28.17
N ASN C 330 -51.87 7.58 -29.24
CA ASN C 330 -50.92 8.63 -29.72
C ASN C 330 -50.70 9.68 -28.61
N GLY C 331 -51.78 10.24 -28.07
CA GLY C 331 -51.72 11.23 -26.98
C GLY C 331 -51.05 10.65 -25.73
N PHE C 332 -51.48 9.47 -25.31
CA PHE C 332 -50.95 8.82 -24.09
C PHE C 332 -49.44 8.60 -24.29
N THR C 333 -49.01 8.10 -25.45
CA THR C 333 -47.58 7.79 -25.71
C THR C 333 -46.77 9.08 -25.77
N SER C 334 -47.28 10.15 -26.38
CA SER C 334 -46.64 11.50 -26.36
C SER C 334 -46.29 11.92 -24.93
N VAL C 335 -47.24 11.85 -24.00
CA VAL C 335 -47.04 12.31 -22.60
C VAL C 335 -46.09 11.34 -21.88
N TYR C 336 -46.20 10.04 -22.11
CA TYR C 336 -45.35 8.97 -21.51
C TYR C 336 -43.87 9.20 -21.86
N VAL C 337 -43.57 9.44 -23.14
CA VAL C 337 -42.18 9.62 -23.68
C VAL C 337 -41.64 10.92 -23.10
N ALA C 338 -42.47 11.96 -22.95
CA ALA C 338 -42.04 13.23 -22.30
C ALA C 338 -41.58 12.93 -20.86
N ILE C 339 -42.24 12.00 -20.15
CA ILE C 339 -41.84 11.61 -18.76
C ILE C 339 -40.49 10.89 -18.80
N VAL C 340 -40.31 9.95 -19.73
CA VAL C 340 -39.03 9.20 -19.90
C VAL C 340 -37.90 10.20 -20.27
N VAL C 341 -38.15 11.26 -21.03
CA VAL C 341 -37.03 12.16 -21.43
C VAL C 341 -36.66 13.03 -20.24
N TYR C 342 -37.64 13.69 -19.67
CA TYR C 342 -37.44 14.64 -18.55
C TYR C 342 -36.91 13.95 -17.30
N SER C 343 -37.28 12.71 -17.02
CA SER C 343 -36.62 11.96 -15.93
C SER C 343 -35.10 11.94 -16.24
N VAL C 344 -34.69 11.69 -17.48
CA VAL C 344 -33.24 11.66 -17.85
C VAL C 344 -32.71 13.09 -17.89
N ILE C 345 -33.46 14.07 -18.37
CA ILE C 345 -33.04 15.51 -18.35
C ILE C 345 -32.76 15.93 -16.89
N GLY C 346 -33.65 15.52 -16.00
CA GLY C 346 -33.60 15.86 -14.56
C GLY C 346 -32.38 15.25 -13.92
N PHE C 347 -32.11 13.99 -14.26
CA PHE C 347 -30.90 13.25 -13.85
C PHE C 347 -29.61 13.96 -14.29
N ARG C 348 -29.55 14.48 -15.51
CA ARG C 348 -28.33 15.16 -16.05
C ARG C 348 -28.12 16.49 -15.31
N ALA C 349 -29.18 17.28 -15.19
CA ALA C 349 -29.14 18.62 -14.55
C ALA C 349 -28.72 18.48 -13.09
N THR C 350 -29.22 17.46 -12.39
CA THR C 350 -28.90 17.25 -10.96
C THR C 350 -27.45 16.82 -10.82
N GLN C 351 -26.94 15.94 -11.68
CA GLN C 351 -25.51 15.54 -11.61
C GLN C 351 -24.62 16.71 -12.06
N ARG C 352 -25.16 17.73 -12.72
CA ARG C 352 -24.36 18.94 -13.05
C ARG C 352 -24.30 19.85 -11.81
N TYR C 353 -25.48 20.18 -11.29
CA TYR C 353 -25.67 21.01 -10.07
C TYR C 353 -24.69 20.50 -9.00
N ASP C 354 -24.79 19.20 -8.68
CA ASP C 354 -23.91 18.53 -7.70
C ASP C 354 -22.45 18.74 -8.10
N ASP C 355 -22.05 18.31 -9.31
CA ASP C 355 -20.64 18.43 -9.79
C ASP C 355 -20.20 19.87 -9.57
N CYS C 356 -20.84 20.82 -10.25
CA CYS C 356 -20.57 22.28 -10.11
C CYS C 356 -20.45 22.65 -8.64
N PHE C 357 -21.40 22.17 -7.81
CA PHE C 357 -21.42 22.44 -6.36
C PHE C 357 -20.13 21.90 -5.74
N SER C 358 -19.83 20.62 -6.00
CA SER C 358 -18.66 19.93 -5.41
C SER C 358 -17.35 20.60 -5.83
N THR C 359 -17.30 21.34 -6.95
CA THR C 359 -16.11 22.11 -7.38
C THR C 359 -16.07 23.46 -6.67
N ASN C 360 -17.20 24.09 -6.38
CA ASN C 360 -17.21 25.34 -5.58
C ASN C 360 -16.82 25.02 -4.16
N ILE C 361 -17.09 23.81 -3.67
CA ILE C 361 -16.64 23.36 -2.33
C ILE C 361 -15.11 23.19 -2.43
N LEU C 362 -14.63 22.50 -3.46
CA LEU C 362 -13.19 22.18 -3.62
C LEU C 362 -12.34 23.43 -3.87
N THR C 363 -12.86 24.58 -4.33
CA THR C 363 -12.05 25.82 -4.56
C THR C 363 -11.64 26.41 -3.20
N LEU C 364 -12.55 26.57 -2.23
CA LEU C 364 -12.20 27.21 -0.93
C LEU C 364 -11.48 26.25 0.01
N ILE C 365 -11.75 24.94 -0.07
CA ILE C 365 -10.99 23.90 0.67
C ILE C 365 -9.54 23.91 0.15
N ASN C 366 -9.29 24.11 -1.14
CA ASN C 366 -7.92 24.19 -1.67
C ASN C 366 -7.27 25.56 -1.41
N GLY C 367 -8.06 26.60 -1.10
CA GLY C 367 -7.57 27.98 -0.91
C GLY C 367 -7.32 28.30 0.54
N PHE C 368 -8.10 27.72 1.44
CA PHE C 368 -8.02 28.00 2.90
C PHE C 368 -7.62 26.73 3.62
N ASP C 369 -7.31 25.67 2.87
CA ASP C 369 -6.83 24.38 3.43
C ASP C 369 -7.75 23.96 4.59
N LEU C 370 -9.07 24.05 4.39
CA LEU C 370 -10.03 23.60 5.44
C LEU C 370 -10.07 22.07 5.44
N PRO C 371 -10.43 21.41 6.56
CA PRO C 371 -10.56 19.95 6.59
C PRO C 371 -11.62 19.49 5.59
N GLU C 372 -11.28 18.51 4.74
CA GLU C 372 -12.22 17.93 3.75
C GLU C 372 -13.43 17.37 4.50
N GLY C 373 -14.63 17.64 4.00
CA GLY C 373 -15.89 17.25 4.65
C GLY C 373 -16.40 18.28 5.63
N ASN C 374 -15.57 19.23 6.06
CA ASN C 374 -16.02 20.32 6.95
C ASN C 374 -16.97 21.25 6.19
N VAL C 375 -16.62 21.65 4.97
CA VAL C 375 -17.48 22.51 4.12
C VAL C 375 -18.39 21.63 3.28
N THR C 376 -19.70 21.77 3.44
CA THR C 376 -20.72 20.98 2.68
C THR C 376 -21.64 21.96 1.97
N GLN C 377 -22.54 21.45 1.14
CA GLN C 377 -23.58 22.29 0.48
C GLN C 377 -24.42 22.98 1.56
N GLU C 378 -24.70 22.28 2.66
CA GLU C 378 -25.46 22.87 3.80
C GLU C 378 -24.68 24.06 4.38
N ASN C 379 -23.38 23.91 4.62
CA ASN C 379 -22.54 25.00 5.16
C ASN C 379 -21.50 25.41 4.11
N PHE C 380 -21.88 26.27 3.17
CA PHE C 380 -20.96 26.69 2.07
C PHE C 380 -20.86 28.21 2.03
N VAL C 381 -21.98 28.89 1.80
CA VAL C 381 -22.02 30.37 1.68
C VAL C 381 -21.48 30.98 2.99
N ASP C 382 -21.88 30.40 4.12
CA ASP C 382 -21.35 30.82 5.45
C ASP C 382 -19.83 30.70 5.46
N MET C 383 -19.31 29.55 5.05
CA MET C 383 -17.85 29.28 4.97
C MET C 383 -17.21 30.31 4.03
N GLN C 384 -17.88 30.60 2.91
CA GLN C 384 -17.40 31.62 1.94
C GLN C 384 -17.13 32.93 2.68
N GLN C 385 -18.09 33.36 3.50
CA GLN C 385 -17.96 34.63 4.25
C GLN C 385 -16.94 34.44 5.36
N ARG C 386 -17.12 33.43 6.20
CA ARG C 386 -16.19 33.11 7.33
C ARG C 386 -14.75 33.16 6.78
N CYS C 387 -14.55 32.67 5.55
CA CYS C 387 -13.21 32.65 4.89
C CYS C 387 -12.92 34.02 4.28
N ASN C 388 -13.91 34.65 3.67
CA ASN C 388 -13.72 35.97 3.02
C ASN C 388 -13.24 36.98 4.08
N ALA C 389 -13.90 37.00 5.24
CA ALA C 389 -13.52 37.88 6.37
C ALA C 389 -12.11 37.53 6.84
N SER C 390 -11.81 36.23 6.98
CA SER C 390 -10.49 35.75 7.45
C SER C 390 -9.37 36.30 6.53
N ASP C 391 -9.56 36.20 5.22
CA ASP C 391 -8.54 36.65 4.23
C ASP C 391 -9.22 37.05 2.93
N PRO C 392 -9.73 38.30 2.79
CA PRO C 392 -10.45 38.73 1.58
C PRO C 392 -9.54 38.65 0.34
N ALA C 393 -8.28 39.03 0.48
CA ALA C 393 -7.29 38.94 -0.60
C ALA C 393 -7.13 37.49 -1.06
N ALA C 394 -7.06 36.56 -0.11
CA ALA C 394 -6.93 35.11 -0.40
C ALA C 394 -8.28 34.54 -0.81
N TYR C 395 -9.35 35.33 -0.77
CA TYR C 395 -10.70 34.91 -1.19
C TYR C 395 -11.00 35.46 -2.59
N ALA C 396 -10.35 36.55 -2.96
CA ALA C 396 -10.63 37.24 -4.25
C ALA C 396 -10.20 36.38 -5.43
N GLN C 397 -9.01 35.77 -5.36
CA GLN C 397 -8.50 34.93 -6.47
C GLN C 397 -9.33 33.64 -6.61
N LEU C 398 -10.12 33.30 -5.59
CA LEU C 398 -10.97 32.08 -5.64
C LEU C 398 -12.17 32.30 -6.55
N VAL C 399 -11.99 32.06 -7.86
CA VAL C 399 -13.09 32.11 -8.86
C VAL C 399 -14.10 31.00 -8.49
N PHE C 400 -15.38 31.31 -8.52
CA PHE C 400 -16.47 30.36 -8.17
C PHE C 400 -17.42 30.23 -9.36
N GLN C 401 -18.46 29.41 -9.21
CA GLN C 401 -19.48 29.21 -10.27
C GLN C 401 -20.87 29.54 -9.69
N THR C 402 -21.72 30.20 -10.47
CA THR C 402 -23.11 30.49 -10.04
C THR C 402 -24.05 29.49 -10.70
N CYS C 403 -24.34 28.37 -10.03
CA CYS C 403 -25.07 27.27 -10.70
C CYS C 403 -26.29 26.84 -9.88
N ASP C 404 -27.44 27.50 -10.13
CA ASP C 404 -28.76 27.00 -9.64
C ASP C 404 -29.27 25.92 -10.60
N ILE C 405 -30.07 24.98 -10.09
CA ILE C 405 -30.49 23.83 -10.94
C ILE C 405 -31.55 24.31 -11.94
N ASN C 406 -32.37 25.32 -11.60
CA ASN C 406 -33.36 25.74 -12.63
C ASN C 406 -32.65 26.24 -13.89
N ALA C 407 -31.39 26.69 -13.77
CA ALA C 407 -30.55 27.12 -14.92
C ALA C 407 -30.01 25.89 -15.67
N PHE C 408 -29.98 24.72 -15.04
CA PHE C 408 -29.51 23.47 -15.69
C PHE C 408 -30.67 22.73 -16.37
N LEU C 409 -31.86 22.68 -15.74
CA LEU C 409 -33.05 21.99 -16.33
C LEU C 409 -33.48 22.75 -17.59
N SER C 410 -33.47 24.07 -17.56
CA SER C 410 -33.94 24.92 -18.68
C SER C 410 -32.78 25.26 -19.64
N GLU C 411 -31.87 24.32 -19.90
CA GLU C 411 -30.70 24.47 -20.83
C GLU C 411 -31.05 23.64 -22.05
N ALA C 412 -31.54 24.29 -23.11
CA ALA C 412 -32.08 23.59 -24.30
C ALA C 412 -30.94 22.90 -25.05
N VAL C 413 -31.29 21.83 -25.75
CA VAL C 413 -30.36 20.97 -26.52
C VAL C 413 -30.70 21.18 -27.98
N GLU C 414 -29.76 21.65 -28.80
CA GLU C 414 -29.98 21.89 -30.25
C GLU C 414 -29.78 20.55 -30.98
N GLY C 415 -30.52 20.34 -32.07
CA GLY C 415 -30.29 19.23 -33.04
C GLY C 415 -30.74 17.90 -32.47
N THR C 416 -29.94 16.85 -32.61
CA THR C 416 -30.28 15.47 -32.17
C THR C 416 -29.64 15.18 -30.81
N GLY C 417 -29.19 16.20 -30.07
CA GLY C 417 -28.47 16.05 -28.81
C GLY C 417 -29.21 15.22 -27.79
N LEU C 418 -30.54 15.33 -27.72
CA LEU C 418 -31.35 14.56 -26.74
C LEU C 418 -31.03 13.05 -26.86
N ALA C 419 -30.79 12.53 -28.07
CA ALA C 419 -30.54 11.09 -28.32
C ALA C 419 -29.05 10.76 -28.20
N PHE C 420 -28.18 11.49 -28.90
CA PHE C 420 -26.75 11.12 -29.02
C PHE C 420 -25.88 11.92 -28.04
N ILE C 421 -26.40 12.88 -27.28
CA ILE C 421 -25.61 13.58 -26.24
C ILE C 421 -26.25 13.32 -24.86
N VAL C 422 -27.53 13.52 -24.61
CA VAL C 422 -28.07 13.52 -23.22
C VAL C 422 -28.30 12.07 -22.78
N PHE C 423 -29.09 11.33 -23.55
CA PHE C 423 -29.36 9.90 -23.24
C PHE C 423 -28.07 9.10 -23.28
N THR C 424 -27.13 9.37 -24.18
CA THR C 424 -25.87 8.55 -24.24
C THR C 424 -25.03 8.82 -22.99
N GLU C 425 -24.88 10.08 -22.54
CA GLU C 425 -24.06 10.42 -21.35
C GLU C 425 -24.67 9.74 -20.13
N ALA C 426 -25.99 9.81 -20.01
CA ALA C 426 -26.71 9.29 -18.83
C ALA C 426 -26.58 7.76 -18.79
N ILE C 427 -26.63 7.08 -19.95
CA ILE C 427 -26.47 5.60 -20.00
C ILE C 427 -25.07 5.22 -19.51
N THR C 428 -24.02 5.99 -19.78
CA THR C 428 -22.65 5.64 -19.35
C THR C 428 -22.60 5.69 -17.81
N LYS C 429 -23.19 6.72 -17.20
CA LYS C 429 -23.29 6.87 -15.71
C LYS C 429 -24.09 5.72 -15.05
N MET C 430 -24.94 4.98 -15.78
CA MET C 430 -25.70 3.82 -15.21
C MET C 430 -24.79 2.58 -15.16
N PRO C 431 -25.01 1.62 -14.22
CA PRO C 431 -24.36 0.31 -14.30
C PRO C 431 -24.90 -0.48 -15.51
N LEU C 432 -24.20 -1.57 -15.85
CA LEU C 432 -24.45 -2.36 -17.10
C LEU C 432 -24.75 -1.39 -18.26
N SER C 433 -23.96 -0.31 -18.39
CA SER C 433 -24.17 0.75 -19.42
C SER C 433 -24.28 0.13 -20.81
N PRO C 434 -23.51 -0.92 -21.20
CA PRO C 434 -23.71 -1.53 -22.52
C PRO C 434 -25.08 -2.20 -22.75
N LEU C 435 -25.72 -2.76 -21.73
CA LEU C 435 -27.08 -3.36 -21.89
C LEU C 435 -28.13 -2.23 -22.05
N TRP C 436 -28.00 -1.09 -21.38
CA TRP C 436 -28.97 0.03 -21.56
C TRP C 436 -28.73 0.71 -22.91
N SER C 437 -27.51 0.70 -23.44
CA SER C 437 -27.22 1.37 -24.74
C SER C 437 -27.87 0.56 -25.87
N VAL C 438 -27.77 -0.76 -25.78
CA VAL C 438 -28.28 -1.70 -26.81
C VAL C 438 -29.81 -1.67 -26.78
N LEU C 439 -30.43 -1.74 -25.59
CA LEU C 439 -31.90 -1.60 -25.47
C LEU C 439 -32.33 -0.26 -26.04
N PHE C 440 -31.70 0.86 -25.69
CA PHE C 440 -32.08 2.21 -26.19
C PHE C 440 -32.00 2.24 -27.74
N PHE C 441 -30.90 1.79 -28.35
CA PHE C 441 -30.76 1.90 -29.82
C PHE C 441 -31.61 0.84 -30.51
N ILE C 442 -31.87 -0.31 -29.89
CA ILE C 442 -32.83 -1.31 -30.46
C ILE C 442 -34.23 -0.68 -30.39
N MET C 443 -34.67 -0.13 -29.26
CA MET C 443 -35.99 0.55 -29.23
C MET C 443 -36.09 1.55 -30.39
N LEU C 444 -35.13 2.45 -30.54
CA LEU C 444 -35.27 3.56 -31.53
C LEU C 444 -35.22 2.97 -32.95
N PHE C 445 -34.43 1.91 -33.18
CA PHE C 445 -34.25 1.28 -34.52
C PHE C 445 -35.58 0.69 -35.00
N CYS C 446 -36.29 -0.04 -34.11
CA CYS C 446 -37.63 -0.64 -34.38
C CYS C 446 -38.66 0.46 -34.62
N LEU C 447 -38.70 1.52 -33.81
CA LEU C 447 -39.58 2.70 -34.07
C LEU C 447 -39.34 3.28 -35.46
N GLY C 448 -38.07 3.49 -35.82
CA GLY C 448 -37.67 3.98 -37.15
C GLY C 448 -38.22 3.11 -38.25
N LEU C 449 -38.13 1.80 -38.04
CA LEU C 449 -38.45 0.77 -39.05
C LEU C 449 -39.97 0.75 -39.27
N SER C 450 -40.73 0.68 -38.18
CA SER C 450 -42.20 0.72 -38.17
C SER C 450 -42.71 1.93 -38.96
N SER C 451 -42.15 3.11 -38.68
CA SER C 451 -42.42 4.39 -39.39
C SER C 451 -42.01 4.33 -40.86
N MET C 452 -40.91 3.65 -41.16
CA MET C 452 -40.38 3.57 -42.55
C MET C 452 -41.29 2.68 -43.41
N PHE C 453 -41.98 1.68 -42.83
CA PHE C 453 -42.96 0.84 -43.58
C PHE C 453 -44.12 1.71 -44.11
N GLY C 454 -44.58 2.69 -43.34
CA GLY C 454 -45.65 3.59 -43.81
C GLY C 454 -45.17 4.51 -44.90
N ASN C 455 -44.00 5.11 -44.71
CA ASN C 455 -43.43 6.07 -45.68
C ASN C 455 -43.10 5.39 -47.01
N MET C 456 -42.68 4.13 -46.96
CA MET C 456 -42.39 3.32 -48.16
C MET C 456 -43.69 3.00 -48.88
N GLU C 457 -44.71 2.61 -48.14
CA GLU C 457 -46.08 2.41 -48.66
C GLU C 457 -46.52 3.64 -49.46
N GLY C 458 -46.36 4.81 -48.87
CA GLY C 458 -46.74 6.09 -49.49
C GLY C 458 -45.91 6.48 -50.70
N VAL C 459 -44.81 5.82 -51.03
CA VAL C 459 -44.04 6.05 -52.29
C VAL C 459 -44.29 4.92 -53.27
N VAL C 460 -44.37 3.67 -52.80
CA VAL C 460 -44.47 2.48 -53.67
C VAL C 460 -45.85 2.43 -54.31
N VAL C 461 -46.91 2.55 -53.50
CA VAL C 461 -48.31 2.42 -54.00
C VAL C 461 -48.57 3.46 -55.09
N PRO C 462 -48.30 4.77 -54.91
CA PRO C 462 -48.46 5.73 -56.02
C PRO C 462 -47.70 5.39 -57.32
N LEU C 463 -46.46 4.92 -57.21
CA LEU C 463 -45.66 4.53 -58.42
C LEU C 463 -46.30 3.30 -59.09
N GLN C 464 -46.84 2.36 -58.33
CA GLN C 464 -47.68 1.26 -58.89
C GLN C 464 -48.90 1.85 -59.60
N ASP C 465 -49.55 2.83 -58.98
CA ASP C 465 -50.79 3.46 -59.52
C ASP C 465 -50.48 4.48 -60.64
N LEU C 466 -49.22 4.83 -60.89
CA LEU C 466 -48.79 5.64 -62.07
C LEU C 466 -48.37 4.71 -63.21
N ARG C 467 -48.41 3.37 -63.03
CA ARG C 467 -48.05 2.36 -64.06
C ARG C 467 -46.78 2.81 -64.79
N VAL C 468 -45.70 3.06 -64.05
CA VAL C 468 -44.41 3.58 -64.63
C VAL C 468 -43.44 2.42 -64.89
N ILE C 469 -43.45 1.36 -64.08
CA ILE C 469 -42.65 0.11 -64.29
C ILE C 469 -43.51 -0.96 -64.97
N PRO C 470 -42.96 -1.79 -65.92
CA PRO C 470 -43.70 -2.91 -66.52
C PRO C 470 -44.49 -3.75 -65.52
N PRO C 471 -45.85 -3.85 -65.63
CA PRO C 471 -46.67 -4.65 -64.69
C PRO C 471 -46.17 -6.08 -64.46
N LYS C 472 -45.71 -6.74 -65.53
CA LYS C 472 -45.03 -8.07 -65.52
C LYS C 472 -44.02 -8.14 -64.37
N TRP C 473 -43.10 -7.17 -64.26
CA TRP C 473 -42.03 -7.13 -63.23
C TRP C 473 -42.67 -7.29 -61.85
N PRO C 474 -42.19 -8.18 -60.94
CA PRO C 474 -42.64 -8.20 -59.55
C PRO C 474 -42.44 -6.89 -58.77
N LYS C 475 -43.32 -6.62 -57.81
CA LYS C 475 -43.20 -5.43 -56.92
C LYS C 475 -41.81 -5.39 -56.29
N GLU C 476 -41.29 -6.56 -55.88
CA GLU C 476 -39.91 -6.73 -55.38
C GLU C 476 -38.95 -5.87 -56.21
N VAL C 477 -39.06 -5.90 -57.54
CA VAL C 477 -38.20 -5.06 -58.43
C VAL C 477 -38.44 -3.59 -58.14
N LEU C 478 -39.69 -3.15 -58.03
CA LEU C 478 -39.99 -1.70 -57.84
C LEU C 478 -39.51 -1.24 -56.46
N THR C 479 -39.78 -2.04 -55.42
CA THR C 479 -39.41 -1.73 -54.01
C THR C 479 -37.89 -1.51 -53.98
N GLY C 480 -37.13 -2.46 -54.53
CA GLY C 480 -35.65 -2.44 -54.61
C GLY C 480 -35.11 -1.17 -55.23
N LEU C 481 -35.69 -0.72 -56.35
CA LEU C 481 -35.20 0.47 -57.08
C LEU C 481 -35.47 1.73 -56.26
N ILE C 482 -36.62 1.84 -55.59
CA ILE C 482 -36.91 2.95 -54.65
C ILE C 482 -35.86 2.95 -53.54
N CYS C 483 -35.56 1.80 -52.93
CA CYS C 483 -34.52 1.69 -51.86
C CYS C 483 -33.17 2.17 -52.42
N LEU C 484 -32.74 1.68 -53.61
CA LEU C 484 -31.45 2.11 -54.25
C LEU C 484 -31.46 3.61 -54.56
N GLY C 485 -32.52 4.12 -55.19
CA GLY C 485 -32.64 5.55 -55.53
C GLY C 485 -32.47 6.44 -54.31
N THR C 486 -33.25 6.14 -53.26
CA THR C 486 -33.25 6.94 -52.01
C THR C 486 -31.94 6.76 -51.25
N PHE C 487 -31.37 5.55 -51.25
CA PHE C 487 -30.02 5.29 -50.71
C PHE C 487 -29.01 6.22 -51.38
N LEU C 488 -29.01 6.30 -52.71
CA LEU C 488 -28.07 7.18 -53.44
C LEU C 488 -28.35 8.65 -53.09
N ILE C 489 -29.60 9.09 -52.98
CA ILE C 489 -29.88 10.53 -52.62
C ILE C 489 -29.30 10.77 -51.22
N GLY C 490 -29.43 9.82 -50.29
CA GLY C 490 -28.93 9.97 -48.92
C GLY C 490 -27.41 10.00 -48.78
N PHE C 491 -26.61 9.97 -49.86
CA PHE C 491 -25.14 10.29 -49.79
C PHE C 491 -24.87 11.74 -49.42
N ILE C 492 -25.82 12.66 -49.60
CA ILE C 492 -25.59 14.07 -49.19
C ILE C 492 -25.46 14.17 -47.68
N PHE C 493 -26.09 13.29 -46.91
CA PHE C 493 -26.06 13.35 -45.42
C PHE C 493 -24.90 12.54 -44.85
N THR C 494 -24.10 11.95 -45.71
CA THR C 494 -22.89 11.19 -45.35
C THR C 494 -21.65 12.09 -45.54
N LEU C 495 -21.86 13.34 -45.97
CA LEU C 495 -20.76 14.28 -46.26
C LEU C 495 -20.19 14.78 -44.93
N ASN C 496 -19.02 15.40 -44.94
CA ASN C 496 -18.59 16.20 -43.78
C ASN C 496 -19.69 17.15 -43.29
N SER C 497 -20.40 17.83 -44.20
CA SER C 497 -21.43 18.84 -43.86
C SER C 497 -22.85 18.24 -43.90
N GLY C 498 -23.07 16.96 -43.57
CA GLY C 498 -24.38 16.27 -43.72
C GLY C 498 -25.45 16.76 -42.74
N GLN C 499 -25.18 16.73 -41.43
CA GLN C 499 -26.10 17.24 -40.36
C GLN C 499 -26.71 18.57 -40.79
N TYR C 500 -25.88 19.51 -41.27
CA TYR C 500 -26.34 20.86 -41.67
C TYR C 500 -27.45 20.74 -42.72
N TRP C 501 -27.24 19.88 -43.73
CA TRP C 501 -28.29 19.58 -44.74
C TRP C 501 -29.51 18.96 -44.05
N LEU C 502 -29.32 17.98 -43.16
CA LEU C 502 -30.49 17.32 -42.49
C LEU C 502 -31.28 18.34 -41.66
N SER C 503 -30.62 19.35 -41.12
CA SER C 503 -31.28 20.41 -40.31
C SER C 503 -32.09 21.36 -41.20
N LEU C 504 -31.85 21.41 -42.52
CA LEU C 504 -32.73 22.20 -43.45
C LEU C 504 -34.12 21.56 -43.53
N LEU C 505 -34.19 20.23 -43.59
CA LEU C 505 -35.49 19.50 -43.56
C LEU C 505 -36.21 19.79 -42.23
N ASP C 506 -35.47 19.96 -41.13
CA ASP C 506 -36.05 20.39 -39.82
C ASP C 506 -36.65 21.80 -39.89
N SER C 507 -36.31 22.63 -40.88
CA SER C 507 -36.93 23.97 -41.10
C SER C 507 -38.39 23.82 -41.52
N TYR C 508 -39.10 24.97 -41.52
CA TYR C 508 -40.49 25.10 -42.05
C TYR C 508 -40.63 24.45 -43.45
N ALA C 509 -39.54 24.33 -44.22
CA ALA C 509 -39.48 23.58 -45.50
C ALA C 509 -40.08 22.17 -45.36
N GLY C 510 -39.83 21.47 -44.25
CA GLY C 510 -40.39 20.13 -43.98
C GLY C 510 -41.86 20.10 -43.61
N SER C 511 -42.53 21.24 -43.43
CA SER C 511 -43.87 21.31 -42.76
C SER C 511 -44.92 21.97 -43.66
N ILE C 512 -44.64 23.14 -44.27
CA ILE C 512 -45.59 23.85 -45.19
C ILE C 512 -46.34 22.80 -46.03
N PRO C 513 -45.67 21.92 -46.83
CA PRO C 513 -46.38 20.94 -47.67
C PRO C 513 -47.41 20.12 -46.87
N LEU C 514 -47.00 19.54 -45.73
CA LEU C 514 -47.92 18.74 -44.88
C LEU C 514 -49.17 19.55 -44.52
N LEU C 515 -49.05 20.85 -44.27
CA LEU C 515 -50.21 21.68 -43.85
C LEU C 515 -51.14 21.88 -45.05
N ILE C 516 -50.58 22.04 -46.25
CA ILE C 516 -51.31 22.28 -47.54
C ILE C 516 -52.04 20.98 -47.93
N ILE C 517 -51.37 19.81 -47.87
CA ILE C 517 -51.98 18.50 -48.26
C ILE C 517 -53.18 18.20 -47.34
N ALA C 518 -53.00 18.36 -46.03
CA ALA C 518 -54.00 18.02 -44.98
C ALA C 518 -55.28 18.85 -45.22
N PHE C 519 -55.14 20.17 -45.36
CA PHE C 519 -56.24 21.09 -45.72
C PHE C 519 -56.97 20.59 -46.97
N CYS C 520 -56.22 20.30 -48.03
CA CYS C 520 -56.83 19.93 -49.35
C CYS C 520 -57.57 18.59 -49.25
N GLU C 521 -57.05 17.65 -48.47
CA GLU C 521 -57.73 16.35 -48.19
C GLU C 521 -59.08 16.62 -47.53
N MET C 522 -59.08 17.39 -46.44
CA MET C 522 -60.30 17.77 -45.68
C MET C 522 -61.30 18.45 -46.63
N PHE C 523 -60.82 19.48 -47.34
CA PHE C 523 -61.67 20.29 -48.25
C PHE C 523 -62.29 19.38 -49.32
N SER C 524 -61.45 18.58 -49.99
CA SER C 524 -61.89 17.75 -51.15
C SER C 524 -62.89 16.68 -50.71
N VAL C 525 -62.69 16.05 -49.54
CA VAL C 525 -63.66 15.04 -49.02
C VAL C 525 -64.97 15.73 -48.65
N VAL C 526 -64.94 16.95 -48.11
CA VAL C 526 -66.17 17.60 -47.57
C VAL C 526 -66.90 18.37 -48.67
N TYR C 527 -66.19 19.09 -49.55
CA TYR C 527 -66.82 19.98 -50.55
C TYR C 527 -66.73 19.42 -51.98
N VAL C 528 -65.73 18.62 -52.37
CA VAL C 528 -65.66 18.15 -53.79
C VAL C 528 -66.37 16.79 -53.93
N TYR C 529 -66.24 15.91 -52.95
CA TYR C 529 -66.89 14.58 -52.88
C TYR C 529 -68.27 14.67 -52.24
N GLY C 530 -68.37 15.53 -51.23
CA GLY C 530 -69.60 15.86 -50.50
C GLY C 530 -69.61 15.12 -49.19
N VAL C 531 -69.71 15.86 -48.09
CA VAL C 531 -69.81 15.27 -46.72
C VAL C 531 -71.11 14.46 -46.60
N ASP C 532 -72.22 14.86 -47.23
CA ASP C 532 -73.53 14.13 -47.15
C ASP C 532 -73.36 12.72 -47.74
N ARG C 533 -72.74 12.59 -48.91
CA ARG C 533 -72.47 11.25 -49.49
C ARG C 533 -71.54 10.50 -48.55
N PHE C 534 -70.49 11.18 -48.04
CA PHE C 534 -69.52 10.55 -47.12
C PHE C 534 -70.23 9.99 -45.87
N ASN C 535 -71.26 10.66 -45.34
CA ASN C 535 -72.01 10.14 -44.16
C ASN C 535 -72.82 8.90 -44.51
N LYS C 536 -73.51 8.89 -45.66
CA LYS C 536 -74.27 7.70 -46.11
C LYS C 536 -73.30 6.52 -46.30
N ASP C 537 -72.10 6.81 -46.81
CA ASP C 537 -71.00 5.83 -47.04
C ASP C 537 -70.56 5.21 -45.72
N ILE C 538 -70.20 6.03 -44.74
CA ILE C 538 -69.81 5.55 -43.38
C ILE C 538 -70.96 4.75 -42.76
N GLU C 539 -72.18 5.28 -42.81
CA GLU C 539 -73.42 4.61 -42.32
C GLU C 539 -73.56 3.22 -42.93
N PHE C 540 -73.19 3.06 -44.20
CA PHE C 540 -73.17 1.74 -44.87
C PHE C 540 -72.06 0.84 -44.30
N MET C 541 -70.87 1.40 -44.11
CA MET C 541 -69.68 0.61 -43.66
C MET C 541 -69.84 0.20 -42.20
N ILE C 542 -70.22 1.10 -41.28
CA ILE C 542 -70.21 0.81 -39.79
C ILE C 542 -71.60 0.82 -39.15
N GLY C 543 -72.67 1.28 -39.82
CA GLY C 543 -74.07 1.07 -39.37
C GLY C 543 -74.72 2.28 -38.71
N HIS C 544 -74.03 3.42 -38.56
CA HIS C 544 -74.57 4.67 -37.96
C HIS C 544 -73.89 5.88 -38.59
N LYS C 545 -74.63 6.97 -38.82
CA LYS C 545 -74.07 8.22 -39.40
C LYS C 545 -73.07 8.78 -38.38
N PRO C 546 -71.90 9.33 -38.79
CA PRO C 546 -70.99 9.98 -37.86
C PRO C 546 -71.72 11.07 -37.05
N ASN C 547 -71.47 11.13 -35.74
CA ASN C 547 -72.21 12.00 -34.80
C ASN C 547 -71.79 13.46 -35.00
N ILE C 548 -72.41 14.36 -34.23
CA ILE C 548 -72.23 15.84 -34.38
C ILE C 548 -70.79 16.25 -34.06
N PHE C 549 -70.00 15.50 -33.28
CA PHE C 549 -68.57 15.83 -33.07
C PHE C 549 -67.87 15.90 -34.44
N TRP C 550 -67.90 14.78 -35.16
CA TRP C 550 -67.21 14.69 -36.48
C TRP C 550 -67.73 15.77 -37.43
N GLN C 551 -69.04 15.97 -37.48
CA GLN C 551 -69.66 16.95 -38.43
C GLN C 551 -69.04 18.33 -38.22
N VAL C 552 -69.04 18.82 -36.98
CA VAL C 552 -68.58 20.20 -36.67
C VAL C 552 -67.09 20.31 -37.07
N THR C 553 -66.27 19.36 -36.65
CA THR C 553 -64.81 19.41 -36.90
C THR C 553 -64.55 19.35 -38.40
N TRP C 554 -65.18 18.39 -39.09
CA TRP C 554 -64.95 18.16 -40.55
C TRP C 554 -65.42 19.37 -41.38
N ARG C 555 -66.49 20.04 -40.96
CA ARG C 555 -67.04 21.14 -41.80
C ARG C 555 -66.44 22.50 -41.43
N VAL C 556 -66.06 22.71 -40.16
CA VAL C 556 -65.59 24.07 -39.75
C VAL C 556 -64.29 23.96 -38.94
N VAL C 557 -64.33 23.34 -37.77
CA VAL C 557 -63.17 23.31 -36.82
C VAL C 557 -61.89 22.96 -37.61
N SER C 558 -61.71 21.70 -37.98
CA SER C 558 -60.46 21.23 -38.64
C SER C 558 -60.10 22.15 -39.81
N PRO C 559 -60.99 22.39 -40.80
CA PRO C 559 -60.65 23.21 -41.97
C PRO C 559 -60.15 24.60 -41.57
N LEU C 560 -60.89 25.30 -40.71
CA LEU C 560 -60.53 26.68 -40.28
C LEU C 560 -59.17 26.65 -39.58
N LEU C 561 -59.00 25.76 -38.62
CA LEU C 561 -57.73 25.65 -37.85
C LEU C 561 -56.57 25.45 -38.83
N MET C 562 -56.71 24.53 -39.77
CA MET C 562 -55.63 24.22 -40.74
C MET C 562 -55.28 25.48 -41.55
N LEU C 563 -56.29 26.20 -42.03
CA LEU C 563 -56.09 27.45 -42.81
C LEU C 563 -55.35 28.48 -41.95
N ILE C 564 -55.85 28.75 -40.75
CA ILE C 564 -55.28 29.77 -39.81
C ILE C 564 -53.80 29.40 -39.61
N ILE C 565 -53.53 28.20 -39.08
CA ILE C 565 -52.14 27.73 -38.79
C ILE C 565 -51.28 27.97 -40.05
N PHE C 566 -51.74 27.59 -41.24
CA PHE C 566 -50.98 27.83 -42.50
C PHE C 566 -50.69 29.33 -42.66
N LEU C 567 -51.71 30.18 -42.47
CA LEU C 567 -51.55 31.65 -42.67
C LEU C 567 -50.48 32.18 -41.70
N PHE C 568 -50.69 32.02 -40.40
CA PHE C 568 -49.75 32.55 -39.38
C PHE C 568 -48.37 31.87 -39.50
N PHE C 569 -48.34 30.63 -40.00
CA PHE C 569 -47.06 29.87 -40.14
C PHE C 569 -46.07 30.72 -40.96
N PHE C 570 -46.54 31.29 -42.06
CA PHE C 570 -45.71 32.16 -42.93
C PHE C 570 -45.47 33.50 -42.24
N VAL C 571 -46.46 33.96 -41.48
CA VAL C 571 -46.39 35.30 -40.79
C VAL C 571 -45.08 35.37 -39.98
N VAL C 572 -44.70 34.27 -39.32
CA VAL C 572 -43.49 34.31 -38.44
C VAL C 572 -42.51 33.21 -38.83
N GLU C 573 -42.89 31.94 -38.67
CA GLU C 573 -41.94 30.82 -38.90
C GLU C 573 -41.22 31.03 -40.23
N VAL C 574 -41.98 31.23 -41.31
CA VAL C 574 -41.38 31.38 -42.67
C VAL C 574 -40.65 32.73 -42.75
N SER C 575 -41.23 33.80 -42.21
CA SER C 575 -40.64 35.16 -42.28
C SER C 575 -39.26 35.19 -41.59
N GLN C 576 -39.11 34.48 -40.48
CA GLN C 576 -37.84 34.51 -39.68
C GLN C 576 -36.67 34.07 -40.55
N GLU C 577 -35.50 34.72 -40.41
CA GLU C 577 -34.26 34.37 -41.15
C GLU C 577 -33.84 32.94 -40.75
N LEU C 578 -33.72 32.04 -41.72
CA LEU C 578 -33.22 30.65 -41.51
C LEU C 578 -31.76 30.77 -41.04
N THR C 579 -31.52 30.32 -39.81
CA THR C 579 -30.18 30.18 -39.18
C THR C 579 -30.00 28.74 -38.70
N TYR C 580 -28.76 28.30 -38.57
CA TYR C 580 -28.38 26.96 -38.05
C TYR C 580 -27.12 27.04 -37.19
N SER C 581 -26.89 25.97 -36.44
CA SER C 581 -25.86 25.92 -35.38
C SER C 581 -24.69 25.10 -35.92
N ILE C 582 -23.48 25.70 -35.91
CA ILE C 582 -22.21 25.12 -36.46
C ILE C 582 -21.35 24.64 -35.30
N TRP C 583 -20.58 23.58 -35.52
CA TRP C 583 -19.66 23.01 -34.50
C TRP C 583 -18.24 23.37 -34.89
N ASP C 584 -17.75 24.53 -34.47
CA ASP C 584 -16.39 25.00 -34.84
C ASP C 584 -15.46 24.93 -33.62
N PRO C 585 -14.48 24.00 -33.59
CA PRO C 585 -13.49 23.95 -32.51
C PRO C 585 -12.73 25.29 -32.44
N GLY C 586 -12.40 25.86 -33.61
CA GLY C 586 -11.75 27.17 -33.71
C GLY C 586 -12.76 28.28 -33.60
N TYR C 587 -13.39 28.46 -32.44
CA TYR C 587 -14.42 29.51 -32.21
C TYR C 587 -14.37 29.96 -30.76
N GLU C 588 -14.42 31.27 -30.51
CA GLU C 588 -14.38 31.82 -29.12
C GLU C 588 -15.61 31.29 -28.37
N GLU C 589 -15.52 31.09 -27.05
CA GLU C 589 -16.56 30.34 -26.29
C GLU C 589 -16.89 29.08 -27.12
N PHE C 590 -15.88 28.25 -27.39
CA PHE C 590 -15.96 27.13 -28.36
C PHE C 590 -17.09 26.16 -28.05
N PRO C 591 -17.15 25.48 -26.87
CA PRO C 591 -18.19 24.47 -26.69
C PRO C 591 -19.59 25.10 -26.65
N LYS C 592 -19.68 26.45 -26.71
CA LYS C 592 -20.93 27.23 -26.79
C LYS C 592 -21.38 27.43 -28.25
N SER C 593 -22.62 27.87 -28.38
CA SER C 593 -23.44 27.77 -29.62
C SER C 593 -23.22 29.01 -30.50
N GLN C 594 -22.76 28.80 -31.73
CA GLN C 594 -22.58 29.85 -32.76
C GLN C 594 -23.58 29.56 -33.89
N LYS C 595 -24.76 30.19 -33.85
CA LYS C 595 -25.75 30.14 -34.95
C LYS C 595 -25.32 31.19 -35.98
N ILE C 596 -25.34 30.83 -37.25
CA ILE C 596 -24.92 31.74 -38.36
C ILE C 596 -26.09 31.79 -39.36
N SER C 597 -25.92 32.51 -40.47
CA SER C 597 -26.96 32.55 -41.53
C SER C 597 -26.56 31.55 -42.60
N TYR C 598 -27.53 30.76 -43.08
CA TYR C 598 -27.34 29.92 -44.27
C TYR C 598 -26.95 30.80 -45.46
N PRO C 599 -26.13 30.32 -46.43
CA PRO C 599 -25.91 31.03 -47.69
C PRO C 599 -27.22 31.31 -48.47
N ASN C 600 -27.15 32.19 -49.46
CA ASN C 600 -28.34 32.55 -50.27
C ASN C 600 -28.82 31.33 -51.07
N TRP C 601 -27.88 30.55 -51.60
CA TRP C 601 -28.21 29.37 -52.45
C TRP C 601 -29.02 28.34 -51.64
N VAL C 602 -28.71 28.17 -50.37
CA VAL C 602 -29.39 27.15 -49.50
C VAL C 602 -30.88 27.45 -49.46
N TYR C 603 -31.25 28.72 -49.35
CA TYR C 603 -32.69 29.14 -49.26
C TYR C 603 -33.44 28.65 -50.50
N VAL C 604 -32.79 28.67 -51.67
CA VAL C 604 -33.40 28.17 -52.93
C VAL C 604 -33.80 26.70 -52.71
N VAL C 605 -32.92 25.92 -52.09
CA VAL C 605 -33.16 24.46 -51.82
C VAL C 605 -34.44 24.33 -50.96
N VAL C 606 -34.57 25.15 -49.92
CA VAL C 606 -35.74 25.08 -48.99
C VAL C 606 -37.01 25.31 -49.83
N VAL C 607 -36.94 26.25 -50.78
CA VAL C 607 -38.11 26.63 -51.62
C VAL C 607 -38.51 25.41 -52.44
N ILE C 608 -37.57 24.75 -53.11
CA ILE C 608 -37.87 23.61 -54.02
C ILE C 608 -38.38 22.43 -53.18
N VAL C 609 -37.78 22.18 -52.02
CA VAL C 609 -38.14 20.98 -51.20
C VAL C 609 -39.56 21.17 -50.64
N ALA C 610 -39.98 22.40 -50.38
CA ALA C 610 -41.32 22.69 -49.81
C ALA C 610 -42.30 23.09 -50.90
N GLY C 611 -41.87 23.85 -51.90
CA GLY C 611 -42.72 24.41 -52.97
C GLY C 611 -43.20 23.32 -53.91
N VAL C 612 -42.29 22.53 -54.47
CA VAL C 612 -42.64 21.52 -55.52
C VAL C 612 -43.89 20.74 -55.05
N PRO C 613 -43.86 20.04 -53.89
CA PRO C 613 -44.99 19.25 -53.43
C PRO C 613 -46.26 20.12 -53.34
N SER C 614 -46.15 21.27 -52.68
CA SER C 614 -47.30 22.20 -52.52
C SER C 614 -47.84 22.60 -53.90
N LEU C 615 -46.96 23.01 -54.80
CA LEU C 615 -47.34 23.56 -56.12
C LEU C 615 -47.81 22.43 -57.03
N THR C 616 -47.38 21.18 -56.81
CA THR C 616 -47.95 19.99 -57.49
C THR C 616 -49.49 20.01 -57.42
N ILE C 617 -50.09 20.41 -56.29
CA ILE C 617 -51.58 20.35 -56.12
C ILE C 617 -52.21 21.26 -57.18
N PRO C 618 -51.99 22.59 -57.22
CA PRO C 618 -52.61 23.44 -58.23
C PRO C 618 -52.01 23.18 -59.62
N GLY C 619 -50.68 23.12 -59.72
CA GLY C 619 -49.94 22.83 -60.96
C GLY C 619 -50.61 21.75 -61.78
N TYR C 620 -50.93 20.61 -61.15
CA TYR C 620 -51.55 19.48 -61.91
C TYR C 620 -52.99 19.85 -62.24
N ALA C 621 -53.70 20.50 -61.31
CA ALA C 621 -55.11 20.91 -61.50
C ALA C 621 -55.22 21.87 -62.69
N ILE C 622 -54.29 22.83 -62.81
CA ILE C 622 -54.30 23.84 -63.92
C ILE C 622 -53.95 23.13 -65.24
N TYR C 623 -52.96 22.23 -65.26
CA TYR C 623 -52.64 21.33 -66.41
C TYR C 623 -53.89 20.60 -66.89
N LYS C 624 -54.71 20.08 -65.98
CA LYS C 624 -55.89 19.24 -66.31
C LYS C 624 -57.03 20.12 -66.85
N LEU C 625 -57.18 21.36 -66.39
CA LEU C 625 -58.24 22.29 -66.88
C LEU C 625 -57.78 23.13 -68.08
N ILE C 626 -56.56 22.92 -68.62
CA ILE C 626 -56.13 23.44 -69.95
C ILE C 626 -55.89 22.31 -70.97
N ARG C 627 -56.03 21.05 -70.55
CA ARG C 627 -55.99 19.93 -71.52
C ARG C 627 -57.45 19.74 -71.94
N ASN C 628 -58.38 19.88 -70.99
CA ASN C 628 -59.85 19.80 -71.27
C ASN C 628 -60.19 20.74 -72.45
N HIS C 629 -59.64 21.97 -72.50
CA HIS C 629 -59.81 22.91 -73.65
C HIS C 629 -58.81 22.56 -74.76
CA THR D 21 2.79 49.07 67.02
C THR D 21 3.28 48.04 65.99
N ILE D 22 2.37 47.50 65.17
CA ILE D 22 2.71 46.54 64.07
C ILE D 22 3.76 47.18 63.14
N GLU D 23 3.48 48.39 62.66
CA GLU D 23 4.42 49.16 61.79
C GLU D 23 5.73 49.37 62.54
N GLU D 24 5.67 49.65 63.83
CA GLU D 24 6.86 49.92 64.68
C GLU D 24 7.65 48.62 64.82
N GLN D 25 7.01 47.51 65.21
CA GLN D 25 7.67 46.19 65.36
C GLN D 25 8.23 45.74 63.99
N ALA D 26 7.50 46.02 62.91
CA ALA D 26 7.96 45.73 61.53
C ALA D 26 9.28 46.47 61.29
N LYS D 27 9.32 47.77 61.60
CA LYS D 27 10.55 48.60 61.49
C LYS D 27 11.63 47.97 62.37
N THR D 28 11.27 47.59 63.60
CA THR D 28 12.23 46.98 64.57
C THR D 28 12.91 45.77 63.91
N PHE D 29 12.10 44.85 63.39
CA PHE D 29 12.59 43.64 62.67
C PHE D 29 13.54 44.08 61.55
N LEU D 30 13.08 44.97 60.67
CA LEU D 30 13.88 45.44 59.51
C LEU D 30 15.21 46.01 60.02
N ASP D 31 15.18 46.89 61.04
CA ASP D 31 16.41 47.51 61.61
C ASP D 31 17.37 46.40 62.04
N LYS D 32 16.90 45.48 62.88
CA LYS D 32 17.72 44.34 63.39
C LYS D 32 18.32 43.60 62.19
N PHE D 33 17.47 43.23 61.23
CA PHE D 33 17.87 42.53 59.97
C PHE D 33 18.97 43.35 59.29
N ASN D 34 18.73 44.64 59.04
CA ASN D 34 19.68 45.50 58.28
C ASN D 34 21.06 45.41 58.94
N HIS D 35 21.14 45.64 60.25
CA HIS D 35 22.43 45.65 61.01
C HIS D 35 23.13 44.30 60.78
N GLU D 36 22.46 43.22 61.18
CA GLU D 36 23.00 41.83 61.10
C GLU D 36 23.31 41.52 59.63
N ALA D 37 22.38 41.83 58.71
CA ALA D 37 22.51 41.54 57.27
C ALA D 37 23.82 42.14 56.75
N GLU D 38 24.01 43.45 56.96
CA GLU D 38 25.22 44.19 56.47
C GLU D 38 26.48 43.37 56.77
N ASP D 39 26.66 42.91 58.01
CA ASP D 39 27.87 42.12 58.38
C ASP D 39 27.81 40.76 57.69
N LEU D 40 26.78 39.96 57.96
CA LEU D 40 26.62 38.62 57.34
C LEU D 40 26.83 38.72 55.82
N PHE D 41 26.17 39.68 55.17
CA PHE D 41 26.36 39.98 53.73
C PHE D 41 27.84 40.30 53.46
N TYR D 42 28.44 41.20 54.23
CA TYR D 42 29.87 41.57 54.05
C TYR D 42 30.70 40.30 53.91
N GLN D 43 30.59 39.38 54.86
CA GLN D 43 31.32 38.08 54.86
C GLN D 43 31.17 37.44 53.48
N SER D 44 29.94 37.14 53.07
CA SER D 44 29.63 36.51 51.76
C SER D 44 30.36 37.26 50.65
N SER D 45 30.08 38.57 50.50
CA SER D 45 30.68 39.41 49.42
C SER D 45 32.21 39.31 49.50
N LEU D 46 32.79 39.63 50.65
CA LEU D 46 34.27 39.57 50.87
C LEU D 46 34.78 38.20 50.49
N ALA D 47 34.24 37.15 51.09
CA ALA D 47 34.68 35.75 50.83
C ALA D 47 34.65 35.47 49.32
N SER D 48 33.57 35.90 48.64
CA SER D 48 33.41 35.69 47.17
C SER D 48 34.55 36.39 46.44
N TRP D 49 34.84 37.65 46.80
CA TRP D 49 35.97 38.39 46.18
C TRP D 49 37.27 37.62 46.45
N ASN D 50 37.44 37.10 47.66
CA ASN D 50 38.66 36.34 48.05
C ASN D 50 38.85 35.17 47.08
N TYR D 51 37.79 34.40 46.81
CA TYR D 51 37.85 33.26 45.87
C TYR D 51 38.05 33.77 44.44
N ASN D 52 37.34 34.83 44.05
CA ASN D 52 37.41 35.34 42.65
C ASN D 52 38.85 35.74 42.31
N THR D 53 39.59 36.24 43.30
CA THR D 53 41.00 36.68 43.10
C THR D 53 41.98 35.52 43.32
N ASN D 54 41.62 34.56 44.16
CA ASN D 54 42.53 33.42 44.50
C ASN D 54 42.20 32.19 43.67
N ILE D 55 40.93 31.84 43.51
CA ILE D 55 40.51 30.64 42.74
C ILE D 55 41.18 29.41 43.38
N THR D 56 40.94 29.19 44.67
CA THR D 56 41.51 28.04 45.42
C THR D 56 40.38 27.20 46.01
N GLU D 57 40.60 25.89 46.17
CA GLU D 57 39.56 24.97 46.69
C GLU D 57 39.13 25.45 48.09
N GLU D 58 40.08 25.87 48.93
CA GLU D 58 39.78 26.43 50.28
C GLU D 58 38.84 27.63 50.09
N ASN D 59 39.21 28.56 49.21
CA ASN D 59 38.36 29.74 48.91
C ASN D 59 36.98 29.27 48.41
N VAL D 60 36.97 28.27 47.52
CA VAL D 60 35.69 27.67 47.02
C VAL D 60 34.79 27.42 48.25
N GLN D 61 35.29 26.65 49.21
CA GLN D 61 34.50 26.29 50.43
C GLN D 61 34.23 27.57 51.23
N ASN D 62 35.25 28.40 51.44
CA ASN D 62 35.10 29.65 52.26
C ASN D 62 33.84 30.39 51.81
N MET D 63 33.76 30.74 50.53
CA MET D 63 32.58 31.49 49.96
C MET D 63 31.29 30.67 50.13
N ASN D 64 31.35 29.35 49.90
CA ASN D 64 30.17 28.46 50.02
C ASN D 64 29.63 28.62 51.42
N ASN D 65 30.46 28.39 52.44
CA ASN D 65 30.04 28.47 53.88
C ASN D 65 29.33 29.82 54.11
N ALA D 66 30.05 30.91 53.89
CA ALA D 66 29.55 32.30 54.12
C ALA D 66 28.22 32.48 53.35
N GLY D 67 28.19 32.09 52.08
CA GLY D 67 26.99 32.18 51.22
C GLY D 67 25.79 31.51 51.88
N ASP D 68 25.97 30.26 52.30
CA ASP D 68 24.91 29.44 52.94
C ASP D 68 24.40 30.17 54.18
N LYS D 69 25.33 30.61 55.03
CA LYS D 69 25.01 31.31 56.30
C LYS D 69 24.17 32.55 55.95
N TRP D 70 24.67 33.37 55.01
CA TRP D 70 23.99 34.62 54.59
C TRP D 70 22.59 34.31 54.05
N SER D 71 22.48 33.35 53.14
CA SER D 71 21.18 32.95 52.53
C SER D 71 20.22 32.48 53.64
N ALA D 72 20.70 31.60 54.52
CA ALA D 72 19.89 31.07 55.65
C ALA D 72 19.31 32.24 56.46
N PHE D 73 20.17 33.20 56.82
CA PHE D 73 19.77 34.41 57.60
C PHE D 73 18.58 35.09 56.90
N LEU D 74 18.75 35.40 55.61
CA LEU D 74 17.70 36.07 54.79
C LEU D 74 16.39 35.29 54.89
N LYS D 75 16.46 33.96 54.69
CA LYS D 75 15.28 33.07 54.79
C LYS D 75 14.57 33.29 56.13
N GLU D 76 15.31 33.12 57.23
CA GLU D 76 14.78 33.30 58.62
C GLU D 76 14.06 34.65 58.70
N GLN D 77 14.71 35.71 58.22
CA GLN D 77 14.15 37.09 58.26
C GLN D 77 12.88 37.14 57.42
N SER D 78 12.86 36.48 56.25
CA SER D 78 11.66 36.43 55.37
C SER D 78 10.44 35.98 56.19
N THR D 79 10.58 34.91 56.97
CA THR D 79 9.50 34.37 57.85
C THR D 79 9.05 35.48 58.82
N LEU D 80 10.01 36.15 59.45
CA LEU D 80 9.73 37.23 60.44
C LEU D 80 8.96 38.36 59.75
N ALA D 81 9.34 38.69 58.51
CA ALA D 81 8.68 39.75 57.71
C ALA D 81 7.19 39.43 57.54
N GLN D 82 6.88 38.16 57.23
CA GLN D 82 5.49 37.65 56.94
C GLN D 82 4.61 38.17 58.05
N MET D 83 5.02 37.95 59.32
CA MET D 83 4.24 38.29 60.56
C MET D 83 3.61 39.65 60.34
N TYR D 84 4.43 40.62 59.99
CA TYR D 84 3.98 42.05 59.89
C TYR D 84 3.45 42.22 58.47
N PRO D 85 2.18 42.62 58.23
CA PRO D 85 1.68 42.92 56.88
C PRO D 85 2.27 44.22 56.29
N LEU D 86 1.73 44.67 55.16
CA LEU D 86 2.14 45.92 54.44
C LEU D 86 1.02 46.96 54.42
N GLN D 87 -0.24 46.59 54.74
CA GLN D 87 -1.40 47.51 54.59
C GLN D 87 -1.32 48.59 55.68
N GLU D 88 -1.24 48.14 56.94
CA GLU D 88 -1.07 49.03 58.12
C GLU D 88 0.25 49.82 58.04
N ILE D 89 1.25 49.34 57.28
CA ILE D 89 2.53 50.06 57.09
C ILE D 89 2.23 51.32 56.25
N GLN D 90 2.65 52.49 56.69
CA GLN D 90 2.44 53.80 56.01
C GLN D 90 3.77 54.34 55.50
N ASN D 91 4.87 54.25 56.30
CA ASN D 91 6.22 54.70 55.86
C ASN D 91 6.65 53.81 54.68
N LEU D 92 6.92 54.43 53.53
CA LEU D 92 7.26 53.69 52.27
C LEU D 92 8.55 52.91 52.52
N THR D 93 9.55 53.55 53.12
CA THR D 93 10.88 52.91 53.37
C THR D 93 10.67 51.52 53.99
N VAL D 94 10.03 51.47 55.16
CA VAL D 94 9.81 50.21 55.94
C VAL D 94 8.97 49.27 55.06
N LYS D 95 7.89 49.79 54.49
CA LYS D 95 6.96 48.98 53.66
C LYS D 95 7.77 48.26 52.55
N LEU D 96 8.55 49.03 51.80
CA LEU D 96 9.36 48.47 50.68
C LEU D 96 10.27 47.37 51.20
N GLN D 97 11.03 47.64 52.25
CA GLN D 97 12.00 46.67 52.82
C GLN D 97 11.23 45.41 53.25
N LEU D 98 10.09 45.59 53.91
CA LEU D 98 9.26 44.45 54.35
C LEU D 98 8.85 43.58 53.16
N GLN D 99 8.33 44.22 52.12
CA GLN D 99 7.94 43.51 50.88
C GLN D 99 9.15 42.75 50.31
N ALA D 100 10.33 43.38 50.34
CA ALA D 100 11.57 42.77 49.79
C ALA D 100 11.99 41.54 50.59
N LEU D 101 11.58 41.43 51.86
CA LEU D 101 11.87 40.23 52.70
C LEU D 101 10.70 39.26 52.65
N GLN D 102 9.47 39.76 52.74
CA GLN D 102 8.26 38.89 52.81
C GLN D 102 8.14 37.95 51.59
N GLN D 103 8.66 38.35 50.43
CA GLN D 103 8.67 37.53 49.18
C GLN D 103 9.01 36.08 49.50
N ASN D 104 8.09 35.14 49.22
CA ASN D 104 8.31 33.70 49.57
C ASN D 104 9.01 33.02 48.40
N GLY D 105 8.55 33.27 47.18
CA GLY D 105 9.14 32.67 45.97
C GLY D 105 8.87 31.18 45.89
N SER D 106 9.85 30.39 45.43
CA SER D 106 9.70 28.92 45.26
C SER D 106 9.37 28.22 46.58
N SER D 107 9.70 28.85 47.73
CA SER D 107 9.30 28.32 49.06
C SER D 107 7.79 28.04 49.10
N VAL D 108 6.98 28.85 48.40
CA VAL D 108 5.50 28.65 48.34
C VAL D 108 5.20 27.27 47.75
N LEU D 109 5.98 26.83 46.75
CA LEU D 109 5.81 25.49 46.15
C LEU D 109 6.25 24.42 47.14
N SER D 110 5.64 23.23 47.07
CA SER D 110 5.95 22.09 47.98
C SER D 110 7.41 21.67 47.79
N GLU D 111 8.02 21.12 48.83
CA GLU D 111 9.45 20.67 48.79
C GLU D 111 9.69 19.85 47.52
N ASP D 112 8.83 18.85 47.27
CA ASP D 112 8.96 17.98 46.06
C ASP D 112 8.96 18.86 44.80
N LYS D 113 7.98 19.75 44.66
CA LYS D 113 7.85 20.63 43.48
C LYS D 113 9.14 21.45 43.35
N SER D 114 9.57 22.09 44.43
CA SER D 114 10.78 22.97 44.42
C SER D 114 11.98 22.13 43.95
N LYS D 115 12.17 20.96 44.57
CA LYS D 115 13.33 20.08 44.24
C LYS D 115 13.28 19.72 42.75
N ARG D 116 12.12 19.30 42.26
CA ARG D 116 11.96 18.93 40.83
C ARG D 116 12.31 20.12 39.93
N LEU D 117 11.77 21.30 40.28
CA LEU D 117 12.03 22.55 39.52
C LEU D 117 13.53 22.82 39.53
N ASN D 118 14.17 22.73 40.70
CA ASN D 118 15.64 22.91 40.83
C ASN D 118 16.34 21.92 39.89
N THR D 119 15.93 20.66 39.92
CA THR D 119 16.53 19.60 39.06
C THR D 119 16.38 20.00 37.58
N ILE D 120 15.18 20.46 37.19
CA ILE D 120 14.88 20.92 35.80
C ILE D 120 15.93 22.01 35.47
N LEU D 121 16.05 22.99 36.33
CA LEU D 121 16.97 24.14 36.12
C LEU D 121 18.40 23.63 35.96
N ASN D 122 18.84 22.75 36.86
CA ASN D 122 20.22 22.21 36.83
C ASN D 122 20.43 21.45 35.51
N THR D 123 19.48 20.58 35.16
CA THR D 123 19.59 19.78 33.91
C THR D 123 19.69 20.73 32.71
N MET D 124 18.79 21.71 32.63
CA MET D 124 18.75 22.66 31.49
C MET D 124 20.11 23.37 31.40
N SER D 125 20.58 23.92 32.52
CA SER D 125 21.88 24.63 32.58
C SER D 125 23.03 23.71 32.17
N THR D 126 23.04 22.50 32.72
CA THR D 126 24.12 21.53 32.42
C THR D 126 24.14 21.22 30.91
N ILE D 127 22.97 20.93 30.33
CA ILE D 127 22.87 20.58 28.88
C ILE D 127 23.44 21.76 28.07
N TYR D 128 22.99 22.96 28.38
CA TYR D 128 23.43 24.18 27.65
C TYR D 128 24.94 24.34 27.81
N SER D 129 25.44 24.25 29.03
CA SER D 129 26.88 24.46 29.34
C SER D 129 27.75 23.34 28.73
N THR D 130 27.29 22.09 28.78
CA THR D 130 28.14 20.93 28.33
C THR D 130 27.54 20.27 27.10
N GLY D 131 26.82 21.02 26.26
CA GLY D 131 26.31 20.45 24.99
C GLY D 131 27.39 20.43 23.93
N LYS D 132 27.47 19.36 23.14
CA LYS D 132 28.56 19.23 22.12
C LYS D 132 27.96 18.94 20.75
N VAL D 133 28.51 19.54 19.69
CA VAL D 133 28.04 19.28 18.30
C VAL D 133 29.21 18.63 17.56
N CYS D 134 29.10 17.34 17.28
CA CYS D 134 30.15 16.58 16.52
C CYS D 134 30.06 16.89 15.02
N ASN D 135 31.21 17.06 14.36
CA ASN D 135 31.28 17.34 12.92
C ASN D 135 30.72 16.16 12.14
N PRO D 136 29.85 16.36 11.12
CA PRO D 136 29.27 15.23 10.38
C PRO D 136 30.33 14.35 9.72
N ASP D 137 31.33 14.97 9.12
CA ASP D 137 32.45 14.25 8.45
C ASP D 137 33.18 13.36 9.46
N ASN D 138 33.55 13.91 10.63
CA ASN D 138 34.28 13.15 11.67
C ASN D 138 33.53 13.30 12.99
N PRO D 139 32.91 12.21 13.53
CA PRO D 139 32.20 12.27 14.80
C PRO D 139 33.14 12.50 15.99
N GLN D 140 34.39 12.11 15.83
CA GLN D 140 35.40 12.25 16.92
C GLN D 140 35.63 13.74 17.24
N GLU D 141 35.49 14.60 16.21
CA GLU D 141 35.59 16.07 16.43
C GLU D 141 34.20 16.60 16.82
N CYS D 142 34.05 17.08 18.05
CA CYS D 142 32.76 17.61 18.58
C CYS D 142 33.00 19.00 19.17
N LEU D 143 32.25 20.02 18.74
CA LEU D 143 32.46 21.42 19.20
C LEU D 143 31.39 21.80 20.23
N LEU D 144 31.81 22.35 21.36
CA LEU D 144 30.91 23.01 22.35
C LEU D 144 30.49 24.38 21.79
N LEU D 145 29.44 24.94 22.38
CA LEU D 145 28.91 26.24 21.88
C LEU D 145 29.93 27.38 22.07
N GLU D 146 30.35 27.59 23.30
CA GLU D 146 31.19 28.77 23.67
C GLU D 146 32.47 28.73 22.83
N PRO D 147 33.28 27.64 22.88
CA PRO D 147 34.56 27.64 22.15
C PRO D 147 34.40 27.51 20.62
N GLY D 148 33.63 26.55 20.11
CA GLY D 148 33.60 26.23 18.66
C GLY D 148 32.40 26.82 17.97
N LEU D 149 31.17 26.45 18.39
CA LEU D 149 29.97 26.95 17.66
C LEU D 149 29.98 28.49 17.60
N ASN D 150 30.42 29.15 18.65
CA ASN D 150 30.50 30.64 18.70
C ASN D 150 31.52 31.15 17.68
N GLU D 151 32.70 30.55 17.59
CA GLU D 151 33.75 31.02 16.64
C GLU D 151 33.31 30.77 15.20
N ILE D 152 32.28 29.91 15.00
CA ILE D 152 31.75 29.68 13.63
C ILE D 152 30.70 30.74 13.34
N MET D 153 29.66 30.82 14.20
CA MET D 153 28.51 31.74 13.99
C MET D 153 29.04 33.19 14.01
N ALA D 154 30.14 33.45 14.67
CA ALA D 154 30.73 34.82 14.76
C ALA D 154 31.79 35.08 13.69
N ASN D 155 32.45 34.04 13.16
CA ASN D 155 33.62 34.22 12.25
C ASN D 155 33.33 33.51 10.94
N SER D 156 33.12 32.19 10.97
CA SER D 156 32.86 31.41 9.72
C SER D 156 31.77 32.11 8.92
N LEU D 157 32.02 32.43 7.65
CA LEU D 157 31.01 33.04 6.74
C LEU D 157 30.51 32.00 5.74
N ASP D 158 30.89 30.74 5.88
CA ASP D 158 30.46 29.68 4.93
C ASP D 158 28.98 29.39 5.22
N TYR D 159 28.13 29.62 4.22
CA TYR D 159 26.66 29.40 4.35
C TYR D 159 26.43 28.00 4.93
N ASN D 160 27.09 27.00 4.35
CA ASN D 160 26.93 25.57 4.78
C ASN D 160 27.38 25.40 6.22
N GLU D 161 28.58 25.89 6.53
CA GLU D 161 29.15 25.74 7.90
C GLU D 161 28.24 26.45 8.93
N ARG D 162 27.83 27.67 8.62
CA ARG D 162 26.97 28.47 9.50
C ARG D 162 25.64 27.72 9.72
N LEU D 163 25.04 27.22 8.64
CA LEU D 163 23.77 26.46 8.72
C LEU D 163 23.99 25.23 9.61
N TRP D 164 25.06 24.50 9.35
CA TRP D 164 25.37 23.27 10.13
C TRP D 164 25.35 23.59 11.63
N ALA D 165 26.17 24.56 12.05
CA ALA D 165 26.29 24.90 13.48
C ALA D 165 24.92 25.31 14.04
N TRP D 166 24.24 26.22 13.33
CA TRP D 166 22.92 26.73 13.76
C TRP D 166 21.93 25.56 13.94
N GLU D 167 21.75 24.81 12.87
CA GLU D 167 20.75 23.69 12.86
C GLU D 167 21.12 22.67 13.95
N SER D 168 22.37 22.29 14.00
CA SER D 168 22.81 21.24 14.98
C SER D 168 22.57 21.69 16.44
N TRP D 169 22.90 22.95 16.76
CA TRP D 169 22.64 23.48 18.12
C TRP D 169 21.17 23.25 18.50
N ARG D 170 20.24 23.61 17.62
CA ARG D 170 18.79 23.48 17.94
C ARG D 170 18.36 22.01 17.76
N SER D 171 19.17 21.21 17.08
CA SER D 171 18.84 19.77 16.86
C SER D 171 19.37 18.92 18.00
N GLU D 172 20.13 19.50 18.95
CA GLU D 172 20.75 18.74 20.06
C GLU D 172 20.32 19.34 21.41
N VAL D 173 21.00 20.36 21.93
CA VAL D 173 20.70 20.93 23.25
C VAL D 173 19.22 21.34 23.25
N GLY D 174 18.78 22.05 22.18
CA GLY D 174 17.41 22.61 22.17
C GLY D 174 16.37 21.49 22.37
N LYS D 175 16.59 20.37 21.71
CA LYS D 175 15.66 19.21 21.83
C LYS D 175 15.66 18.68 23.27
N GLN D 176 16.84 18.52 23.86
CA GLN D 176 16.97 18.04 25.24
C GLN D 176 16.26 19.01 26.21
N LEU D 177 16.38 20.33 25.94
CA LEU D 177 15.77 21.33 26.85
C LEU D 177 14.25 21.36 26.65
N ARG D 178 13.77 20.94 25.47
CA ARG D 178 12.32 21.04 25.16
C ARG D 178 11.47 20.51 26.32
N PRO D 179 11.55 19.20 26.68
CA PRO D 179 10.70 18.67 27.75
C PRO D 179 10.96 19.36 29.10
N LEU D 180 12.24 19.63 29.39
CA LEU D 180 12.63 20.35 30.65
C LEU D 180 11.89 21.70 30.71
N TYR D 181 12.00 22.50 29.65
CA TYR D 181 11.42 23.87 29.62
C TYR D 181 9.90 23.77 29.88
N GLU D 182 9.27 22.77 29.26
CA GLU D 182 7.81 22.53 29.43
C GLU D 182 7.48 22.35 30.93
N GLU D 183 8.11 21.37 31.59
CA GLU D 183 7.88 21.19 33.05
C GLU D 183 8.26 22.47 33.79
N TYR D 184 9.42 23.05 33.47
CA TYR D 184 9.91 24.28 34.15
C TYR D 184 8.77 25.32 34.15
N VAL D 185 8.17 25.54 32.98
CA VAL D 185 7.13 26.59 32.80
C VAL D 185 5.98 26.29 33.79
N VAL D 186 5.58 25.02 33.83
CA VAL D 186 4.46 24.57 34.72
C VAL D 186 4.80 24.90 36.19
N LEU D 187 5.93 24.44 36.67
CA LEU D 187 6.33 24.68 38.09
C LEU D 187 6.48 26.17 38.35
N LYS D 188 7.11 26.92 37.43
CA LYS D 188 7.28 28.39 37.58
C LYS D 188 5.92 29.05 37.71
N ASN D 189 5.00 28.69 36.82
CA ASN D 189 3.61 29.25 36.84
C ASN D 189 2.96 28.92 38.19
N GLU D 190 3.09 27.67 38.65
CA GLU D 190 2.54 27.29 39.98
C GLU D 190 3.10 28.24 41.04
N MET D 191 4.42 28.37 41.11
CA MET D 191 5.08 29.23 42.13
C MET D 191 4.50 30.66 42.03
N ALA D 192 4.44 31.21 40.82
CA ALA D 192 3.97 32.61 40.62
C ALA D 192 2.51 32.73 41.10
N ARG D 193 1.65 31.82 40.65
CA ARG D 193 0.22 31.82 41.06
C ARG D 193 0.15 31.68 42.58
N ALA D 194 0.93 30.77 43.15
CA ALA D 194 1.00 30.56 44.61
C ALA D 194 1.53 31.82 45.29
N ASN D 195 2.39 32.58 44.61
CA ASN D 195 2.89 33.89 45.13
C ASN D 195 1.92 35.00 44.68
N HIS D 196 0.66 34.68 44.35
CA HIS D 196 -0.35 35.67 43.94
C HIS D 196 0.12 36.40 42.67
N TYR D 197 0.28 35.67 41.57
CA TYR D 197 0.70 36.28 40.28
C TYR D 197 -0.06 35.62 39.12
N GLU D 198 -0.36 36.40 38.09
CA GLU D 198 -1.16 35.92 36.93
C GLU D 198 -0.45 34.72 36.31
N ASP D 199 0.85 34.83 36.06
CA ASP D 199 1.70 33.75 35.48
C ASP D 199 3.16 34.04 35.84
N TYR D 200 4.06 33.12 35.45
CA TYR D 200 5.51 33.36 35.68
C TYR D 200 5.94 34.67 34.95
N GLY D 201 5.35 34.94 33.78
CA GLY D 201 5.61 36.19 33.07
C GLY D 201 5.14 37.37 33.88
N ASP D 202 3.95 37.27 34.49
CA ASP D 202 3.44 38.33 35.39
C ASP D 202 4.39 38.45 36.60
N TYR D 203 4.88 37.31 37.10
CA TYR D 203 5.87 37.29 38.20
C TYR D 203 7.04 38.21 37.83
N TRP D 204 7.58 38.03 36.61
CA TRP D 204 8.73 38.85 36.10
C TRP D 204 8.33 40.32 35.96
N ARG D 205 7.14 40.59 35.42
CA ARG D 205 6.68 41.99 35.16
C ARG D 205 6.47 42.76 36.45
N GLY D 206 6.43 42.09 37.62
CA GLY D 206 6.32 42.74 38.93
C GLY D 206 7.45 43.71 39.22
N ASP D 207 8.62 43.53 38.59
CA ASP D 207 9.80 44.40 38.81
C ASP D 207 9.47 45.89 38.63
N TYR D 208 8.86 46.26 37.50
CA TYR D 208 8.58 47.69 37.18
C TYR D 208 7.29 48.12 37.90
N GLU D 209 6.38 47.19 38.16
CA GLU D 209 5.05 47.54 38.76
C GLU D 209 5.28 48.38 40.03
N VAL D 210 4.59 49.51 40.15
CA VAL D 210 4.73 50.44 41.31
C VAL D 210 3.32 50.69 41.89
N ASN D 211 3.14 50.55 43.20
CA ASN D 211 1.83 50.72 43.88
C ASN D 211 1.98 51.60 45.12
N GLY D 212 0.92 52.32 45.47
CA GLY D 212 0.88 53.23 46.64
C GLY D 212 1.76 54.45 46.50
N VAL D 213 2.30 54.76 45.31
CA VAL D 213 3.06 56.03 45.07
C VAL D 213 2.31 56.82 44.00
N ASP D 214 1.45 57.75 44.43
CA ASP D 214 0.62 58.57 43.52
C ASP D 214 1.53 59.28 42.51
N GLY D 215 1.14 59.28 41.23
CA GLY D 215 1.88 59.91 40.12
C GLY D 215 3.13 59.14 39.70
N TYR D 216 3.37 57.96 40.28
CA TYR D 216 4.48 57.06 39.89
C TYR D 216 4.01 55.62 39.82
N ASP D 217 2.72 55.35 40.05
CA ASP D 217 2.20 53.97 40.14
C ASP D 217 2.41 53.29 38.77
N TYR D 218 2.98 52.09 38.76
CA TYR D 218 3.28 51.33 37.52
C TYR D 218 2.58 49.97 37.59
N SER D 219 2.33 49.35 36.45
CA SER D 219 1.66 48.02 36.39
C SER D 219 2.49 47.03 35.57
N ARG D 220 2.37 45.73 35.89
CA ARG D 220 3.10 44.66 35.15
C ARG D 220 2.65 44.68 33.69
N GLY D 221 1.36 44.66 33.44
CA GLY D 221 0.80 44.75 32.08
C GLY D 221 1.17 46.07 31.40
N GLN D 222 1.21 47.16 32.18
CA GLN D 222 1.61 48.49 31.65
C GLN D 222 3.00 48.39 31.01
N LEU D 223 3.92 47.66 31.65
CA LEU D 223 5.29 47.45 31.08
C LEU D 223 5.14 46.92 29.64
N ILE D 224 4.32 45.91 29.47
CA ILE D 224 4.10 45.26 28.15
C ILE D 224 3.61 46.32 27.16
N GLU D 225 2.61 47.09 27.56
CA GLU D 225 2.01 48.13 26.67
C GLU D 225 3.10 49.13 26.28
N ASP D 226 3.85 49.62 27.27
CA ASP D 226 4.94 50.60 27.03
C ASP D 226 5.95 50.00 26.05
N VAL D 227 6.40 48.77 26.29
CA VAL D 227 7.47 48.16 25.45
C VAL D 227 6.93 48.06 24.03
N GLU D 228 5.69 47.59 23.87
CA GLU D 228 5.09 47.38 22.52
C GLU D 228 5.00 48.75 21.80
N HIS D 229 4.45 49.76 22.47
CA HIS D 229 4.33 51.13 21.88
C HIS D 229 5.71 51.64 21.43
N THR D 230 6.70 51.55 22.33
CA THR D 230 8.06 52.03 22.04
C THR D 230 8.64 51.23 20.87
N PHE D 231 8.38 49.93 20.81
CA PHE D 231 8.90 49.07 19.72
C PHE D 231 8.38 49.60 18.38
N GLU D 232 7.12 50.02 18.36
CA GLU D 232 6.50 50.61 17.13
C GLU D 232 7.30 51.85 16.69
N GLU D 233 7.77 52.63 17.67
CA GLU D 233 8.53 53.88 17.37
C GLU D 233 9.85 53.52 16.68
N ILE D 234 10.53 52.46 17.12
CA ILE D 234 11.84 52.04 16.55
C ILE D 234 11.62 51.20 15.30
N LYS D 235 10.39 50.74 15.09
CA LYS D 235 10.07 49.83 13.95
C LYS D 235 10.64 50.36 12.63
N PRO D 236 10.33 51.61 12.22
CA PRO D 236 10.83 52.15 10.94
C PRO D 236 12.36 52.15 10.81
N LEU D 237 13.06 52.57 11.87
CA LEU D 237 14.54 52.60 11.88
C LEU D 237 15.07 51.17 11.68
N TYR D 238 14.52 50.19 12.42
CA TYR D 238 14.91 48.78 12.26
C TYR D 238 14.65 48.32 10.82
N GLU D 239 13.52 48.75 10.24
CA GLU D 239 13.15 48.36 8.85
C GLU D 239 14.28 48.77 7.88
N HIS D 240 14.73 50.01 7.98
CA HIS D 240 15.83 50.52 7.12
C HIS D 240 17.13 49.75 7.45
N LEU D 241 17.40 49.54 8.74
CA LEU D 241 18.60 48.75 9.16
C LEU D 241 18.52 47.36 8.52
N HIS D 242 17.38 46.67 8.65
CA HIS D 242 17.21 45.32 8.05
C HIS D 242 17.44 45.42 6.53
N ALA D 243 16.81 46.39 5.88
CA ALA D 243 16.91 46.53 4.38
C ALA D 243 18.39 46.69 3.98
N TYR D 244 19.11 47.59 4.63
CA TYR D 244 20.54 47.81 4.32
C TYR D 244 21.35 46.53 4.60
N VAL D 245 21.15 45.96 5.80
CA VAL D 245 21.88 44.71 6.19
C VAL D 245 21.51 43.61 5.19
N ARG D 246 20.24 43.52 4.82
CA ARG D 246 19.72 42.47 3.89
C ARG D 246 20.52 42.54 2.60
N ALA D 247 20.64 43.73 2.03
CA ALA D 247 21.43 43.93 0.77
C ALA D 247 22.88 43.43 0.97
N LYS D 248 23.50 43.81 2.08
CA LYS D 248 24.89 43.38 2.41
C LYS D 248 24.93 41.86 2.62
N LEU D 249 23.96 41.29 3.35
CA LEU D 249 23.87 39.83 3.55
C LEU D 249 23.77 39.14 2.19
N MET D 250 23.00 39.73 1.29
CA MET D 250 22.83 39.19 -0.09
C MET D 250 24.21 39.14 -0.79
N ASN D 251 24.99 40.20 -0.64
CA ASN D 251 26.36 40.26 -1.26
C ASN D 251 27.25 39.20 -0.59
N ALA D 252 27.27 39.17 0.75
CA ALA D 252 28.08 38.18 1.51
C ALA D 252 27.59 36.75 1.20
N TYR D 253 26.28 36.56 0.99
CA TYR D 253 25.67 35.23 0.79
C TYR D 253 24.78 35.29 -0.47
N PRO D 254 25.36 35.22 -1.69
CA PRO D 254 24.60 35.30 -2.94
C PRO D 254 23.66 34.10 -3.12
N SER D 255 22.48 34.35 -3.67
CA SER D 255 21.38 33.34 -3.78
C SER D 255 21.04 32.71 -2.41
N TYR D 256 21.20 33.43 -1.31
CA TYR D 256 20.85 32.95 0.05
C TYR D 256 19.90 33.91 0.73
N ILE D 257 19.86 35.18 0.32
CA ILE D 257 18.94 36.19 0.89
C ILE D 257 18.15 36.81 -0.25
N SER D 258 16.81 36.85 -0.11
CA SER D 258 15.95 37.54 -1.11
C SER D 258 15.82 39.02 -0.71
N PRO D 259 15.84 39.97 -1.67
CA PRO D 259 15.75 41.41 -1.36
C PRO D 259 14.38 41.86 -0.89
N ILE D 260 13.42 40.97 -0.82
CA ILE D 260 12.05 41.29 -0.32
C ILE D 260 11.67 40.35 0.81
N GLY D 261 12.49 39.34 1.12
CA GLY D 261 12.19 38.33 2.16
C GLY D 261 12.85 38.67 3.48
N CYS D 262 12.72 37.79 4.47
CA CYS D 262 13.38 37.93 5.80
C CYS D 262 14.88 37.66 5.67
N LEU D 263 15.59 37.54 6.79
CA LEU D 263 17.04 37.21 6.79
C LEU D 263 17.21 35.80 7.36
N PRO D 264 17.95 34.89 6.68
CA PRO D 264 18.27 33.57 7.22
C PRO D 264 18.86 33.70 8.64
N ALA D 265 18.31 32.96 9.60
CA ALA D 265 18.69 33.07 11.03
C ALA D 265 20.17 32.68 11.23
N HIS D 266 20.75 31.84 10.36
CA HIS D 266 22.15 31.35 10.55
C HIS D 266 23.16 32.30 9.89
N LEU D 267 22.73 33.49 9.46
CA LEU D 267 23.63 34.50 8.82
C LEU D 267 23.55 35.83 9.57
N LEU D 268 23.08 35.84 10.83
CA LEU D 268 22.86 37.13 11.56
C LEU D 268 24.12 37.51 12.36
N GLY D 269 25.22 36.79 12.21
CA GLY D 269 26.49 37.11 12.86
C GLY D 269 26.72 36.44 14.22
N ASP D 270 25.74 35.73 14.74
CA ASP D 270 25.88 34.94 15.99
C ASP D 270 24.90 33.75 15.96
N MET D 271 24.94 32.91 17.00
CA MET D 271 24.15 31.66 17.05
C MET D 271 22.63 31.94 17.02
N TRP D 272 22.19 32.92 17.76
CA TRP D 272 20.75 33.29 17.89
C TRP D 272 20.46 34.58 17.11
N GLY D 273 21.46 35.21 16.48
CA GLY D 273 21.23 36.49 15.80
C GLY D 273 20.81 37.62 16.75
N ARG D 274 21.14 37.56 18.01
CA ARG D 274 20.77 38.59 19.00
C ARG D 274 21.43 39.94 18.65
N PHE D 275 22.72 39.95 18.28
CA PHE D 275 23.41 41.20 17.83
C PHE D 275 23.80 41.07 16.37
N TRP D 276 23.83 42.18 15.62
CA TRP D 276 24.27 42.17 14.19
C TRP D 276 25.71 42.70 14.08
N THR D 277 26.42 42.77 15.20
CA THR D 277 27.76 43.43 15.27
C THR D 277 28.77 42.78 14.31
N ASN D 278 28.77 41.47 14.28
CA ASN D 278 29.67 40.68 13.37
C ASN D 278 29.35 41.01 11.90
N LEU D 279 28.08 41.32 11.61
CA LEU D 279 27.65 41.72 10.24
C LEU D 279 28.32 43.04 9.86
N TYR D 280 28.74 43.84 10.87
CA TYR D 280 29.40 45.14 10.59
C TYR D 280 30.55 44.97 9.59
N SER D 281 31.29 43.88 9.73
CA SER D 281 32.40 43.55 8.80
C SER D 281 31.93 43.61 7.34
N LEU D 282 30.74 43.09 7.06
CA LEU D 282 30.20 43.02 5.67
C LEU D 282 29.20 44.16 5.45
N THR D 283 28.79 44.88 6.50
CA THR D 283 27.77 45.95 6.35
C THR D 283 28.39 47.32 6.63
N VAL D 284 29.71 47.42 6.70
CA VAL D 284 30.41 48.70 7.02
C VAL D 284 29.93 49.77 6.02
N PRO D 285 29.41 50.92 6.50
CA PRO D 285 28.91 52.00 5.62
C PRO D 285 30.02 52.52 4.71
N PHE D 286 31.23 52.69 5.23
CA PHE D 286 32.38 53.25 4.47
C PHE D 286 33.64 52.48 4.82
N GLY D 287 33.90 51.37 4.12
CA GLY D 287 35.08 50.51 4.37
C GLY D 287 36.36 51.32 4.47
N GLN D 288 36.56 52.27 3.56
CA GLN D 288 37.76 53.17 3.55
C GLN D 288 37.88 53.91 4.89
N LYS D 289 36.75 54.29 5.50
CA LYS D 289 36.76 55.01 6.80
C LYS D 289 36.87 54.01 7.94
N PRO D 290 37.99 54.01 8.71
CA PRO D 290 38.15 53.13 9.88
C PRO D 290 37.51 53.75 11.13
N ASN D 291 37.70 53.11 12.28
CA ASN D 291 37.16 53.58 13.59
C ASN D 291 38.32 54.01 14.47
N ILE D 292 38.08 55.03 15.31
CA ILE D 292 39.14 55.58 16.20
C ILE D 292 39.61 54.43 17.12
N ASP D 293 40.91 54.13 17.13
CA ASP D 293 41.52 53.12 18.02
C ASP D 293 42.65 53.79 18.80
N VAL D 294 42.33 54.36 19.95
CA VAL D 294 43.34 55.08 20.79
C VAL D 294 44.31 54.10 21.46
N THR D 295 44.14 52.79 21.23
CA THR D 295 45.00 51.73 21.81
C THR D 295 46.49 52.01 21.51
N ASP D 296 46.82 52.32 20.26
CA ASP D 296 48.23 52.59 19.86
C ASP D 296 48.74 53.81 20.60
N ALA D 297 47.97 54.90 20.61
CA ALA D 297 48.35 56.15 21.32
C ALA D 297 48.52 55.83 22.82
N MET D 298 47.66 54.98 23.37
CA MET D 298 47.72 54.55 24.79
C MET D 298 49.11 53.94 25.05
N VAL D 299 49.51 53.00 24.21
CA VAL D 299 50.84 52.31 24.35
C VAL D 299 51.94 53.35 24.12
N ASP D 300 51.76 54.24 23.13
CA ASP D 300 52.76 55.31 22.82
C ASP D 300 52.95 56.21 24.05
N GLN D 301 51.87 56.48 24.79
CA GLN D 301 51.94 57.30 26.04
C GLN D 301 52.17 56.37 27.23
N ALA D 302 52.47 55.07 26.99
CA ALA D 302 52.69 54.09 28.06
C ALA D 302 51.52 54.10 29.05
N TRP D 303 50.30 54.01 28.55
CA TRP D 303 49.07 53.94 29.39
C TRP D 303 49.04 52.60 30.12
N ASP D 304 48.24 52.51 31.18
CA ASP D 304 48.14 51.28 32.02
C ASP D 304 46.71 51.13 32.51
N ALA D 305 46.27 49.88 32.75
CA ALA D 305 44.94 49.61 33.35
C ALA D 305 44.68 50.59 34.50
N GLN D 306 45.65 50.74 35.41
CA GLN D 306 45.55 51.74 36.51
C GLN D 306 45.36 53.15 35.92
N ARG D 307 46.15 53.51 34.92
CA ARG D 307 46.04 54.83 34.24
C ARG D 307 44.60 55.05 33.75
N ILE D 308 44.06 54.10 33.01
CA ILE D 308 42.71 54.22 32.38
C ILE D 308 41.68 54.32 33.52
N PHE D 309 41.88 53.57 34.61
CA PHE D 309 40.98 53.63 35.78
C PHE D 309 41.01 55.03 36.40
N LYS D 310 42.21 55.60 36.55
CA LYS D 310 42.37 56.99 37.07
C LYS D 310 41.64 57.93 36.11
N GLU D 311 41.81 57.72 34.81
CA GLU D 311 41.11 58.57 33.79
C GLU D 311 39.60 58.45 33.98
N ALA D 312 39.09 57.23 34.18
CA ALA D 312 37.65 57.00 34.46
C ALA D 312 37.28 57.82 35.71
N GLU D 313 38.05 57.69 36.78
CA GLU D 313 37.82 58.43 38.05
C GLU D 313 37.75 59.93 37.74
N LYS D 314 38.72 60.45 36.98
CA LYS D 314 38.77 61.89 36.62
C LYS D 314 37.53 62.27 35.80
N PHE D 315 37.11 61.39 34.89
CA PHE D 315 35.88 61.62 34.08
C PHE D 315 34.69 61.92 35.02
N PHE D 316 34.53 61.08 36.03
CA PHE D 316 33.40 61.23 37.00
C PHE D 316 33.55 62.56 37.75
N VAL D 317 34.77 62.86 38.22
CA VAL D 317 35.02 64.11 38.98
C VAL D 317 34.72 65.31 38.08
N SER D 318 35.03 65.20 36.79
CA SER D 318 34.74 66.28 35.81
C SER D 318 33.24 66.59 35.78
N VAL D 319 32.40 65.57 35.96
CA VAL D 319 30.92 65.74 36.01
C VAL D 319 30.45 65.84 37.46
N GLY D 320 31.37 65.96 38.41
CA GLY D 320 31.04 66.13 39.85
C GLY D 320 30.98 64.80 40.59
N LEU D 321 30.68 63.69 39.92
CA LEU D 321 30.66 62.36 40.59
C LEU D 321 31.96 62.17 41.37
N PRO D 322 31.92 61.68 42.63
CA PRO D 322 33.12 61.64 43.50
C PRO D 322 34.26 60.71 43.01
N ASN D 323 35.47 60.96 43.52
CA ASN D 323 36.66 60.13 43.17
C ASN D 323 36.49 58.73 43.78
N MET D 324 37.07 57.71 43.18
CA MET D 324 37.06 56.32 43.71
C MET D 324 37.61 56.34 45.13
N THR D 325 36.91 55.68 46.06
CA THR D 325 37.35 55.55 47.48
C THR D 325 38.79 55.02 47.50
N GLN D 326 39.66 55.67 48.27
CA GLN D 326 41.09 55.26 48.38
C GLN D 326 41.14 53.75 48.68
N GLY D 327 40.30 53.29 49.60
CA GLY D 327 40.20 51.85 49.94
C GLY D 327 39.96 51.00 48.72
N PHE D 328 39.10 51.45 47.80
CA PHE D 328 38.83 50.73 46.52
C PHE D 328 40.16 50.52 45.80
N TRP D 329 40.94 51.59 45.65
CA TRP D 329 42.27 51.53 44.98
C TRP D 329 43.13 50.47 45.69
N GLU D 330 43.06 50.43 47.02
CA GLU D 330 43.84 49.47 47.84
C GLU D 330 43.39 48.04 47.52
N ASN D 331 42.09 47.79 47.35
CA ASN D 331 41.55 46.41 47.15
C ASN D 331 40.73 46.35 45.86
N SER D 332 41.39 46.38 44.70
CA SER D 332 40.67 46.24 43.40
C SER D 332 41.54 45.51 42.38
N MET D 333 41.12 44.37 41.85
CA MET D 333 41.86 43.66 40.77
C MET D 333 41.68 44.47 39.48
N LEU D 334 42.65 45.33 39.18
CA LEU D 334 42.58 46.22 37.98
C LEU D 334 43.54 45.72 36.91
N THR D 335 43.87 44.44 36.90
CA THR D 335 44.78 43.84 35.87
C THR D 335 44.84 42.32 36.04
N ASP D 336 45.53 41.63 35.14
CA ASP D 336 45.69 40.17 35.20
C ASP D 336 46.63 39.80 36.34
N PRO D 337 46.27 38.83 37.22
CA PRO D 337 47.20 38.37 38.26
C PRO D 337 48.49 37.83 37.65
N GLY D 338 48.36 37.00 36.60
CA GLY D 338 49.52 36.42 35.87
C GLY D 338 50.64 35.99 36.81
N ASN D 339 50.29 35.22 37.83
CA ASN D 339 51.25 34.67 38.82
C ASN D 339 50.90 33.23 39.12
N VAL D 340 51.50 32.65 40.17
CA VAL D 340 51.18 31.28 40.65
C VAL D 340 49.66 31.14 40.84
N GLN D 341 49.02 32.23 41.29
CA GLN D 341 47.55 32.26 41.48
C GLN D 341 46.88 32.91 40.27
N LYS D 342 45.63 32.55 40.00
CA LYS D 342 44.81 33.14 38.89
C LYS D 342 43.59 33.82 39.51
N ALA D 343 42.94 34.69 38.73
CA ALA D 343 41.72 35.41 39.18
C ALA D 343 40.78 35.59 38.00
N VAL D 344 39.46 35.65 38.27
CA VAL D 344 38.45 35.88 37.19
C VAL D 344 38.76 37.24 36.55
N CYS D 345 38.77 37.31 35.23
CA CYS D 345 39.14 38.54 34.49
C CYS D 345 37.90 39.34 34.12
N HIS D 346 36.71 38.75 34.25
CA HIS D 346 35.44 39.42 33.88
C HIS D 346 35.32 40.75 34.63
N PRO D 347 35.16 41.90 33.94
CA PRO D 347 34.95 43.19 34.60
C PRO D 347 33.80 43.09 35.60
N THR D 348 34.05 43.45 36.86
CA THR D 348 33.03 43.38 37.93
C THR D 348 33.20 44.55 38.91
N ALA D 349 32.18 45.38 39.08
CA ALA D 349 32.18 46.48 40.07
C ALA D 349 31.73 45.92 41.41
N TRP D 350 32.65 45.32 42.16
CA TRP D 350 32.31 44.69 43.48
C TRP D 350 31.84 45.73 44.51
N ASP D 351 30.80 45.40 45.27
CA ASP D 351 30.32 46.23 46.40
C ASP D 351 30.18 45.32 47.62
N LEU D 352 31.30 45.05 48.30
CA LEU D 352 31.29 44.15 49.48
C LEU D 352 30.36 44.68 50.58
N GLY D 353 30.01 45.97 50.53
CA GLY D 353 29.07 46.59 51.48
C GLY D 353 29.78 47.08 52.71
N LYS D 354 29.06 47.62 53.69
CA LYS D 354 29.66 48.27 54.88
C LYS D 354 30.77 49.23 54.45
N GLY D 355 30.47 50.06 53.44
CA GLY D 355 31.38 51.03 52.83
C GLY D 355 32.57 50.41 52.11
N ASP D 356 32.40 49.22 51.52
CA ASP D 356 33.49 48.52 50.80
C ASP D 356 33.13 48.44 49.31
N PHE D 357 33.94 49.07 48.46
CA PHE D 357 33.75 49.10 46.99
C PHE D 357 35.02 48.62 46.30
N ARG D 358 34.87 47.72 45.32
CA ARG D 358 36.07 47.13 44.65
C ARG D 358 35.75 46.85 43.19
N ILE D 359 36.78 46.58 42.37
CA ILE D 359 36.57 46.21 40.95
C ILE D 359 37.53 45.07 40.60
N LEU D 360 37.01 43.94 40.12
CA LEU D 360 37.85 42.78 39.72
C LEU D 360 37.82 42.66 38.19
N MET D 361 38.98 42.77 37.53
CA MET D 361 39.05 42.58 36.05
C MET D 361 40.51 42.58 35.59
N CYS D 362 40.87 41.67 34.68
CA CYS D 362 42.25 41.65 34.12
C CYS D 362 42.31 42.66 32.96
N THR D 363 42.28 43.95 33.27
CA THR D 363 42.24 44.98 32.18
C THR D 363 43.62 45.15 31.53
N LYS D 364 43.65 45.68 30.31
CA LYS D 364 44.92 45.88 29.57
C LYS D 364 44.95 47.29 29.00
N VAL D 365 46.10 47.74 28.51
CA VAL D 365 46.20 49.09 27.88
C VAL D 365 45.46 49.05 26.54
N THR D 366 44.13 49.04 26.58
CA THR D 366 43.31 48.96 25.33
C THR D 366 42.18 49.97 25.38
N MET D 367 41.85 50.59 24.25
CA MET D 367 40.73 51.60 24.19
C MET D 367 39.46 50.99 24.80
N ASP D 368 39.17 49.73 24.45
CA ASP D 368 38.02 48.98 25.02
C ASP D 368 38.15 48.94 26.55
N ASP D 369 39.33 48.55 27.06
CA ASP D 369 39.56 48.49 28.53
C ASP D 369 39.37 49.89 29.12
N PHE D 370 39.84 50.93 28.42
CA PHE D 370 39.69 52.34 28.87
C PHE D 370 38.18 52.62 29.06
N LEU D 371 37.39 52.32 28.06
CA LEU D 371 35.91 52.53 28.09
C LEU D 371 35.28 51.63 29.15
N THR D 372 35.75 50.39 29.25
CA THR D 372 35.27 49.42 30.27
C THR D 372 35.53 49.99 31.68
N ALA D 373 36.68 50.63 31.88
CA ALA D 373 37.03 51.28 33.16
C ALA D 373 35.92 52.28 33.53
N HIS D 374 35.57 53.16 32.58
CA HIS D 374 34.50 54.17 32.80
C HIS D 374 33.19 53.42 33.13
N HIS D 375 32.88 52.39 32.36
CA HIS D 375 31.62 51.61 32.54
C HIS D 375 31.57 50.99 33.95
N GLU D 376 32.62 50.27 34.31
CA GLU D 376 32.67 49.56 35.64
C GLU D 376 32.65 50.60 36.76
N MET D 377 33.47 51.64 36.65
CA MET D 377 33.52 52.67 37.72
C MET D 377 32.20 53.44 37.79
N GLY D 378 31.51 53.58 36.66
CA GLY D 378 30.16 54.19 36.64
C GLY D 378 29.22 53.39 37.53
N HIS D 379 29.28 52.06 37.46
CA HIS D 379 28.47 51.17 38.34
C HIS D 379 28.85 51.45 39.81
N ILE D 380 30.15 51.52 40.09
CA ILE D 380 30.64 51.84 41.46
C ILE D 380 30.06 53.18 41.92
N GLN D 381 30.02 54.16 41.02
CA GLN D 381 29.44 55.50 41.32
C GLN D 381 27.99 55.31 41.81
N TYR D 382 27.20 54.53 41.06
CA TYR D 382 25.81 54.25 41.43
C TYR D 382 25.77 53.53 42.79
N ASP D 383 26.62 52.52 42.96
CA ASP D 383 26.69 51.74 44.22
C ASP D 383 27.00 52.70 45.39
N MET D 384 28.02 53.53 45.22
CA MET D 384 28.44 54.50 46.27
C MET D 384 27.30 55.48 46.55
N ALA D 385 26.61 55.94 45.50
CA ALA D 385 25.54 56.95 45.63
C ALA D 385 24.41 56.40 46.51
N TYR D 386 23.94 55.18 46.24
CA TYR D 386 22.80 54.60 47.01
C TYR D 386 23.34 53.82 48.20
N ALA D 387 24.65 53.89 48.49
CA ALA D 387 25.26 53.18 49.63
C ALA D 387 24.65 53.63 50.98
N ALA D 388 24.22 54.89 51.09
CA ALA D 388 23.61 55.42 52.33
C ALA D 388 22.18 54.89 52.50
N GLN D 389 21.55 54.36 51.44
CA GLN D 389 20.16 53.88 51.49
C GLN D 389 20.07 52.68 52.43
N PRO D 390 18.86 52.29 52.92
CA PRO D 390 18.71 51.07 53.73
C PRO D 390 19.29 49.86 52.99
N PHE D 391 19.83 48.88 53.70
CA PHE D 391 20.40 47.64 53.10
C PHE D 391 19.51 47.12 51.95
N LEU D 392 18.19 47.11 52.11
CA LEU D 392 17.25 46.58 51.09
C LEU D 392 16.90 47.63 50.05
N LEU D 393 17.27 48.89 50.24
CA LEU D 393 17.02 49.97 49.27
C LEU D 393 18.31 50.38 48.57
N ARG D 394 19.42 49.64 48.74
CA ARG D 394 20.70 49.88 48.07
C ARG D 394 20.73 49.10 46.75
N ASN D 395 20.12 49.64 45.70
CA ASN D 395 20.08 48.99 44.36
C ASN D 395 19.53 49.98 43.33
N GLY D 396 19.76 49.71 42.03
CA GLY D 396 19.21 50.54 40.95
C GLY D 396 17.69 50.62 41.01
N ALA D 397 17.13 51.77 40.69
CA ALA D 397 15.65 51.98 40.74
C ALA D 397 14.91 50.77 40.14
N ASN D 398 15.29 50.33 38.96
CA ASN D 398 14.74 49.08 38.35
C ASN D 398 15.92 48.26 37.80
N GLU D 399 15.63 47.09 37.25
CA GLU D 399 16.67 46.19 36.66
C GLU D 399 17.42 46.85 35.49
N GLY D 400 16.80 47.79 34.75
CA GLY D 400 17.43 48.43 33.58
C GLY D 400 18.08 49.76 33.92
N PHE D 401 18.16 50.13 35.22
CA PHE D 401 18.68 51.47 35.63
C PHE D 401 20.20 51.36 35.78
N HIS D 402 20.68 50.39 36.56
CA HIS D 402 22.13 50.31 36.91
C HIS D 402 22.99 50.12 35.65
N GLU D 403 22.63 49.16 34.81
CA GLU D 403 23.38 48.88 33.54
C GLU D 403 23.37 50.12 32.63
N ALA D 404 22.23 50.80 32.51
CA ALA D 404 22.09 52.02 31.68
C ALA D 404 23.12 53.06 32.14
N VAL D 405 23.28 53.22 33.46
CA VAL D 405 24.22 54.23 34.03
C VAL D 405 25.62 53.90 33.53
N GLY D 406 26.03 52.62 33.68
CA GLY D 406 27.35 52.17 33.19
C GLY D 406 27.53 52.46 31.69
N GLU D 407 26.47 52.24 30.91
CA GLU D 407 26.52 52.42 29.43
C GLU D 407 26.84 53.89 29.09
N ILE D 408 26.11 54.83 29.68
CA ILE D 408 26.32 56.28 29.35
C ILE D 408 27.76 56.68 29.72
N MET D 409 28.29 56.14 30.82
CA MET D 409 29.67 56.44 31.27
C MET D 409 30.65 56.09 30.15
N SER D 410 30.61 54.83 29.69
CA SER D 410 31.50 54.34 28.61
C SER D 410 31.28 55.17 27.34
N LEU D 411 30.03 55.48 27.03
CA LEU D 411 29.66 56.26 25.82
C LEU D 411 30.37 57.62 25.84
N SER D 412 30.27 58.34 26.96
CA SER D 412 30.89 59.69 27.11
C SER D 412 32.42 59.58 26.93
N ALA D 413 33.03 58.55 27.50
CA ALA D 413 34.50 58.32 27.38
C ALA D 413 34.85 57.97 25.93
N ALA D 414 34.00 57.20 25.25
CA ALA D 414 34.24 56.76 23.86
C ALA D 414 34.25 57.97 22.92
N THR D 415 33.52 59.03 23.27
CA THR D 415 33.41 60.25 22.44
C THR D 415 34.81 60.69 22.01
N PRO D 416 35.05 60.97 20.71
CA PRO D 416 36.37 61.39 20.22
C PRO D 416 36.87 62.62 21.00
N LYS D 417 35.98 63.55 21.31
CA LYS D 417 36.34 64.77 22.08
C LYS D 417 37.02 64.35 23.40
N HIS D 418 36.43 63.41 24.13
CA HIS D 418 37.00 62.90 25.41
C HIS D 418 38.42 62.38 25.15
N LEU D 419 38.57 61.53 24.15
CA LEU D 419 39.88 60.90 23.81
C LEU D 419 40.85 62.02 23.40
N LYS D 420 40.36 62.96 22.60
CA LYS D 420 41.20 64.08 22.08
C LYS D 420 41.70 64.92 23.25
N SER D 421 40.82 65.28 24.18
CA SER D 421 41.18 66.11 25.36
C SER D 421 42.10 65.32 26.29
N ILE D 422 41.86 64.01 26.42
CA ILE D 422 42.69 63.15 27.32
C ILE D 422 44.01 62.84 26.62
N GLY D 423 44.18 63.22 25.35
CA GLY D 423 45.42 62.99 24.59
C GLY D 423 45.38 61.67 23.82
N LEU D 424 44.46 60.76 24.15
CA LEU D 424 44.29 59.49 23.39
C LEU D 424 44.02 59.74 21.92
N LEU D 425 43.29 60.80 21.60
CA LEU D 425 43.00 61.19 20.19
C LEU D 425 43.78 62.47 19.86
N SER D 426 44.35 62.55 18.66
CA SER D 426 45.14 63.73 18.21
C SER D 426 44.22 64.95 18.22
N PRO D 427 44.66 66.12 18.76
CA PRO D 427 43.87 67.37 18.65
C PRO D 427 43.56 67.72 17.19
N ASP D 428 44.49 67.40 16.27
CA ASP D 428 44.33 67.69 14.83
C ASP D 428 43.36 66.69 14.22
N PHE D 429 42.89 65.68 14.95
CA PHE D 429 41.99 64.63 14.39
C PHE D 429 40.76 65.26 13.75
N GLN D 430 40.33 64.75 12.60
CA GLN D 430 39.11 65.23 11.90
C GLN D 430 38.13 64.06 11.77
N GLU D 431 36.97 64.16 12.38
CA GLU D 431 35.93 63.09 12.35
C GLU D 431 35.08 63.32 11.10
N ASP D 432 35.33 62.54 10.04
CA ASP D 432 34.54 62.67 8.79
C ASP D 432 33.12 62.16 9.02
N ASN D 433 32.12 62.84 8.46
CA ASN D 433 30.71 62.38 8.59
C ASN D 433 30.66 60.87 8.28
N GLU D 434 31.34 60.44 7.22
CA GLU D 434 31.34 59.00 6.84
C GLU D 434 31.79 58.17 8.04
N THR D 435 32.96 58.50 8.60
CA THR D 435 33.47 57.75 9.79
C THR D 435 32.36 57.74 10.87
N GLU D 436 31.64 58.86 11.02
CA GLU D 436 30.54 58.99 12.00
C GLU D 436 29.41 58.01 11.61
N ILE D 437 29.05 57.96 10.33
CA ILE D 437 28.04 56.99 9.84
C ILE D 437 28.54 55.58 10.15
N ASN D 438 29.83 55.32 9.95
CA ASN D 438 30.43 54.00 10.29
C ASN D 438 30.20 53.68 11.76
N PHE D 439 30.56 54.61 12.65
CA PHE D 439 30.37 54.44 14.12
C PHE D 439 28.87 54.19 14.40
N LEU D 440 28.02 55.03 13.85
CA LEU D 440 26.57 54.94 14.14
C LEU D 440 26.02 53.58 13.70
N LEU D 441 26.39 53.10 12.51
CA LEU D 441 25.85 51.82 12.01
C LEU D 441 26.32 50.70 12.93
N LYS D 442 27.60 50.70 13.29
CA LYS D 442 28.16 49.67 14.19
C LYS D 442 27.34 49.62 15.49
N GLN D 443 27.05 50.79 16.06
CA GLN D 443 26.21 50.89 17.28
C GLN D 443 24.79 50.39 17.02
N ALA D 444 24.22 50.72 15.86
CA ALA D 444 22.87 50.27 15.47
C ALA D 444 22.85 48.75 15.42
N LEU D 445 23.91 48.15 14.90
CA LEU D 445 24.01 46.66 14.80
C LEU D 445 23.96 46.03 16.18
N THR D 446 24.53 46.70 17.18
CA THR D 446 24.54 46.20 18.58
C THR D 446 23.24 46.60 19.30
N ILE D 447 22.61 47.71 18.93
CA ILE D 447 21.44 48.23 19.68
C ILE D 447 20.14 47.97 18.92
N VAL D 448 19.92 48.69 17.81
CA VAL D 448 18.64 48.59 17.07
C VAL D 448 18.47 47.10 16.67
N GLY D 449 19.58 46.40 16.42
CA GLY D 449 19.56 44.98 16.04
C GLY D 449 19.00 44.09 17.14
N THR D 450 19.32 44.36 18.40
CA THR D 450 18.85 43.50 19.51
C THR D 450 17.44 43.86 19.96
N LEU D 451 16.95 45.05 19.67
CA LEU D 451 15.62 45.53 20.14
C LEU D 451 14.50 44.56 19.71
N PRO D 452 14.32 44.23 18.41
CA PRO D 452 13.28 43.28 17.99
C PRO D 452 13.51 41.88 18.60
N PHE D 453 14.76 41.39 18.60
CA PHE D 453 15.09 40.07 19.19
C PHE D 453 14.58 40.07 20.63
N THR D 454 15.00 41.05 21.42
CA THR D 454 14.64 41.12 22.86
C THR D 454 13.12 41.17 22.99
N TYR D 455 12.47 42.08 22.26
CA TYR D 455 11.00 42.27 22.31
C TYR D 455 10.30 40.94 22.00
N MET D 456 10.67 40.33 20.88
CA MET D 456 9.97 39.09 20.42
C MET D 456 10.18 37.96 21.45
N LEU D 457 11.38 37.80 21.98
CA LEU D 457 11.63 36.70 22.94
C LEU D 457 10.74 36.91 24.19
N GLU D 458 10.77 38.11 24.78
CA GLU D 458 9.98 38.36 26.01
C GLU D 458 8.50 38.11 25.70
N LYS D 459 8.01 38.67 24.60
CA LYS D 459 6.59 38.53 24.22
C LYS D 459 6.23 37.03 24.16
N TRP D 460 7.07 36.24 23.50
CA TRP D 460 6.84 34.78 23.34
C TRP D 460 6.79 34.11 24.74
N ARG D 461 7.80 34.38 25.57
CA ARG D 461 7.86 33.75 26.92
C ARG D 461 6.64 34.19 27.73
N TRP D 462 6.35 35.48 27.74
CA TRP D 462 5.16 36.01 28.48
C TRP D 462 3.89 35.29 28.06
N MET D 463 3.67 35.17 26.77
CA MET D 463 2.50 34.46 26.22
C MET D 463 2.52 32.98 26.65
N VAL D 464 3.70 32.34 26.59
CA VAL D 464 3.88 30.91 26.96
C VAL D 464 3.48 30.77 28.44
N PHE D 465 4.00 31.62 29.30
CA PHE D 465 3.76 31.52 30.77
C PHE D 465 2.28 31.75 31.05
N LYS D 466 1.65 32.69 30.35
CA LYS D 466 0.22 33.00 30.59
C LYS D 466 -0.68 32.05 29.82
N GLY D 467 -0.14 31.14 29.01
CA GLY D 467 -0.93 30.15 28.28
C GLY D 467 -1.49 30.67 26.97
N GLU D 468 -1.20 31.90 26.57
CA GLU D 468 -1.59 32.43 25.22
C GLU D 468 -1.12 31.43 24.14
N ILE D 469 0.12 30.94 24.23
CA ILE D 469 0.70 30.01 23.22
C ILE D 469 0.58 28.59 23.78
N PRO D 470 -0.28 27.71 23.18
CA PRO D 470 -0.34 26.29 23.56
C PRO D 470 0.98 25.58 23.25
N LYS D 471 1.36 24.57 24.03
CA LYS D 471 2.62 23.82 23.84
C LYS D 471 2.72 23.28 22.42
N ASP D 472 1.61 22.82 21.85
CA ASP D 472 1.56 22.31 20.46
C ASP D 472 1.86 23.42 19.44
N GLN D 473 1.86 24.70 19.83
CA GLN D 473 2.11 25.83 18.91
C GLN D 473 3.33 26.64 19.35
N TRP D 474 4.13 26.16 20.32
CA TRP D 474 5.30 26.93 20.83
C TRP D 474 6.25 27.31 19.70
N MET D 475 6.80 26.33 19.03
CA MET D 475 7.74 26.55 17.91
C MET D 475 7.03 27.21 16.75
N LYS D 476 5.76 26.83 16.54
CA LYS D 476 4.94 27.43 15.45
C LYS D 476 4.93 28.97 15.62
N LYS D 477 4.51 29.43 16.78
CA LYS D 477 4.39 30.88 17.03
C LYS D 477 5.77 31.51 17.14
N TRP D 478 6.75 30.77 17.69
CA TRP D 478 8.14 31.27 17.79
C TRP D 478 8.60 31.80 16.40
N TRP D 479 8.51 30.94 15.39
CA TRP D 479 9.01 31.30 14.05
C TRP D 479 8.08 32.28 13.33
N GLU D 480 6.77 32.21 13.60
CA GLU D 480 5.84 33.23 13.07
C GLU D 480 6.28 34.62 13.57
N MET D 481 6.48 34.75 14.87
CA MET D 481 6.90 36.02 15.50
C MET D 481 8.26 36.47 14.94
N LYS D 482 9.18 35.52 14.78
CA LYS D 482 10.53 35.82 14.28
C LYS D 482 10.46 36.39 12.86
N ARG D 483 9.61 35.79 12.01
CA ARG D 483 9.47 36.23 10.60
C ARG D 483 8.81 37.61 10.58
N GLU D 484 7.90 37.90 11.52
CA GLU D 484 7.13 39.17 11.49
C GLU D 484 7.87 40.28 12.26
N ILE D 485 8.05 40.11 13.58
CA ILE D 485 8.63 41.16 14.45
C ILE D 485 10.07 41.44 14.00
N VAL D 486 10.88 40.41 13.91
CA VAL D 486 12.35 40.55 13.72
C VAL D 486 12.66 40.49 12.22
N GLY D 487 11.72 40.01 11.40
CA GLY D 487 12.04 39.85 9.96
C GLY D 487 13.16 38.84 9.77
N VAL D 488 13.15 37.74 10.52
CA VAL D 488 14.21 36.70 10.39
C VAL D 488 13.52 35.37 10.09
N VAL D 489 14.03 34.64 9.11
CA VAL D 489 13.40 33.35 8.68
C VAL D 489 14.36 32.21 9.09
N GLU D 490 13.82 31.09 9.53
CA GLU D 490 14.60 29.87 9.88
C GLU D 490 15.18 29.29 8.60
N PRO D 491 16.50 28.97 8.56
CA PRO D 491 17.08 28.31 7.37
C PRO D 491 16.48 26.91 7.18
N VAL D 492 15.96 26.32 8.23
CA VAL D 492 15.30 24.98 8.16
C VAL D 492 14.10 24.98 9.11
N PRO D 493 12.94 24.39 8.72
CA PRO D 493 11.72 24.36 9.54
C PRO D 493 11.90 23.53 10.83
N HIS D 494 11.50 24.07 11.97
CA HIS D 494 11.68 23.47 13.33
C HIS D 494 10.30 23.18 13.91
N ASP D 495 9.98 21.91 14.18
CA ASP D 495 8.68 21.54 14.83
C ASP D 495 8.80 21.72 16.35
N GLU D 496 7.75 21.38 17.08
CA GLU D 496 7.73 21.54 18.57
C GLU D 496 8.81 20.65 19.24
N THR D 497 9.30 19.60 18.59
CA THR D 497 10.45 18.80 19.11
C THR D 497 11.64 19.75 19.37
N TYR D 498 11.87 20.71 18.46
CA TYR D 498 12.93 21.73 18.69
C TYR D 498 12.46 22.67 19.83
N CYS D 499 13.42 23.29 20.54
CA CYS D 499 13.14 24.35 21.56
C CYS D 499 14.12 25.52 21.35
N ASP D 500 14.04 26.15 20.18
CA ASP D 500 14.99 27.25 19.82
C ASP D 500 15.08 28.30 20.91
N PRO D 501 13.95 28.82 21.46
CA PRO D 501 14.01 29.75 22.59
C PRO D 501 14.89 29.17 23.72
N ALA D 502 14.64 27.92 24.14
CA ALA D 502 15.45 27.28 25.23
C ALA D 502 16.92 27.19 24.82
N SER D 503 17.20 27.02 23.53
CA SER D 503 18.60 26.99 23.02
C SER D 503 19.33 28.28 23.41
N LEU D 504 18.62 29.38 23.69
CA LEU D 504 19.26 30.61 24.21
C LEU D 504 19.63 30.43 25.70
N PHE D 505 20.68 31.08 26.16
CA PHE D 505 21.20 30.96 27.54
C PHE D 505 20.18 31.42 28.59
N HIS D 506 19.67 32.62 28.49
CA HIS D 506 18.76 33.25 29.50
C HIS D 506 17.50 32.40 29.65
N VAL D 507 17.02 31.82 28.56
CA VAL D 507 15.79 31.00 28.57
C VAL D 507 16.11 29.69 29.29
N SER D 508 17.23 29.05 28.97
CA SER D 508 17.61 27.75 29.58
C SER D 508 18.10 27.98 31.02
N ASN D 509 18.47 29.21 31.39
CA ASN D 509 19.01 29.50 32.75
C ASN D 509 18.04 30.38 33.52
N ASP D 510 16.77 30.45 33.10
CA ASP D 510 15.72 31.17 33.85
C ASP D 510 16.18 32.60 34.16
N TYR D 511 16.21 33.48 33.17
CA TYR D 511 16.55 34.92 33.35
C TYR D 511 15.57 35.75 32.56
N SER D 512 15.16 36.91 33.07
CA SER D 512 14.28 37.85 32.35
C SER D 512 15.14 38.54 31.24
N PHE D 513 14.46 39.07 30.21
CA PHE D 513 15.13 39.72 29.06
C PHE D 513 14.67 41.16 28.88
N ILE D 514 13.44 41.50 29.29
CA ILE D 514 12.87 42.85 29.07
C ILE D 514 13.81 43.91 29.68
N ARG D 515 14.58 43.54 30.67
CA ARG D 515 15.61 44.38 31.33
C ARG D 515 16.46 45.06 30.24
N TYR D 516 16.96 44.31 29.28
CA TYR D 516 17.87 44.82 28.22
C TYR D 516 17.12 45.87 27.37
N TYR D 517 15.89 45.54 26.95
CA TYR D 517 15.04 46.47 26.15
C TYR D 517 14.90 47.79 26.92
N THR D 518 14.40 47.70 28.14
CA THR D 518 14.11 48.90 28.98
C THR D 518 15.43 49.65 29.21
N ARG D 519 16.49 48.91 29.52
CA ARG D 519 17.82 49.53 29.77
C ARG D 519 18.22 50.40 28.56
N THR D 520 18.10 49.86 27.35
CA THR D 520 18.47 50.59 26.12
C THR D 520 17.74 51.95 26.09
N LEU D 521 16.42 51.93 26.27
CA LEU D 521 15.63 53.18 26.31
C LEU D 521 16.17 54.11 27.42
N TYR D 522 16.26 53.58 28.65
CA TYR D 522 16.70 54.38 29.82
C TYR D 522 18.04 55.02 29.49
N GLN D 523 18.98 54.22 29.00
CA GLN D 523 20.37 54.71 28.74
C GLN D 523 20.30 55.94 27.85
N PHE D 524 19.59 55.86 26.74
CA PHE D 524 19.50 56.99 25.78
C PHE D 524 18.78 58.20 26.44
N GLN D 525 17.70 57.94 27.16
CA GLN D 525 17.00 59.00 27.92
C GLN D 525 18.03 59.68 28.85
N PHE D 526 18.75 58.88 29.65
CA PHE D 526 19.75 59.42 30.61
C PHE D 526 20.77 60.26 29.84
N GLN D 527 21.38 59.67 28.82
CA GLN D 527 22.46 60.35 28.04
C GLN D 527 21.90 61.68 27.52
N GLU D 528 20.73 61.63 26.86
CA GLU D 528 20.12 62.85 26.25
C GLU D 528 19.87 63.90 27.33
N ALA D 529 19.29 63.48 28.46
CA ALA D 529 19.00 64.39 29.60
C ALA D 529 20.32 65.04 30.05
N LEU D 530 21.34 64.22 30.27
CA LEU D 530 22.68 64.72 30.69
C LEU D 530 23.25 65.63 29.63
N CYS D 531 23.04 65.31 28.35
CA CYS D 531 23.47 66.17 27.22
C CYS D 531 22.80 67.54 27.32
N GLN D 532 21.51 67.55 27.64
CA GLN D 532 20.73 68.81 27.79
C GLN D 532 21.41 69.64 28.89
N ALA D 533 21.71 69.01 30.03
CA ALA D 533 22.41 69.67 31.16
C ALA D 533 23.81 70.11 30.70
N ALA D 534 24.49 69.24 29.96
CA ALA D 534 25.84 69.54 29.41
C ALA D 534 25.70 70.62 28.32
N LYS D 535 24.48 70.94 27.87
CA LYS D 535 24.23 71.98 26.85
C LYS D 535 24.94 71.56 25.55
N HIS D 536 25.05 70.26 25.28
CA HIS D 536 25.73 69.74 24.07
C HIS D 536 25.03 70.30 22.83
N GLU D 537 25.79 70.88 21.92
CA GLU D 537 25.25 71.50 20.68
C GLU D 537 25.46 70.59 19.47
N GLY D 538 26.26 69.52 19.62
CA GLY D 538 26.51 68.53 18.56
C GLY D 538 25.42 67.44 18.54
N PRO D 539 25.44 66.50 17.58
CA PRO D 539 24.52 65.36 17.57
C PRO D 539 24.62 64.53 18.86
N LEU D 540 23.50 64.01 19.36
CA LEU D 540 23.46 63.09 20.53
C LEU D 540 24.41 61.91 20.30
N HIS D 541 24.54 61.43 19.05
CA HIS D 541 25.40 60.26 18.75
C HIS D 541 26.85 60.55 19.21
N LYS D 542 27.28 61.80 19.09
CA LYS D 542 28.65 62.24 19.48
C LYS D 542 28.54 63.18 20.68
N CYS D 543 27.50 63.05 21.49
CA CYS D 543 27.34 63.89 22.71
C CYS D 543 28.33 63.41 23.79
N ASP D 544 29.12 64.33 24.35
CA ASP D 544 30.08 63.99 25.44
C ASP D 544 29.71 64.79 26.68
N ILE D 545 29.44 64.12 27.81
CA ILE D 545 28.98 64.85 29.03
C ILE D 545 30.15 65.07 29.99
N SER D 546 31.36 64.67 29.59
CA SER D 546 32.55 64.92 30.44
C SER D 546 32.61 66.41 30.80
N ASN D 547 32.88 66.73 32.07
CA ASN D 547 32.95 68.14 32.52
C ASN D 547 31.54 68.71 32.72
N SER D 548 30.53 67.84 32.82
CA SER D 548 29.13 68.30 33.05
C SER D 548 28.70 68.01 34.49
N THR D 549 28.97 68.95 35.40
CA THR D 549 28.60 68.80 36.85
C THR D 549 27.07 68.69 37.01
N GLU D 550 26.34 69.60 36.34
CA GLU D 550 24.85 69.65 36.40
C GLU D 550 24.28 68.32 35.94
N ALA D 551 24.79 67.77 34.84
CA ALA D 551 24.36 66.46 34.30
C ALA D 551 24.64 65.40 35.37
N GLY D 552 25.86 65.44 35.96
CA GLY D 552 26.19 64.53 37.08
C GLY D 552 25.20 64.63 38.22
N GLN D 553 24.76 65.85 38.54
CA GLN D 553 23.74 66.08 39.59
C GLN D 553 22.46 65.31 39.26
N LYS D 554 21.97 65.45 38.04
CA LYS D 554 20.73 64.78 37.58
C LYS D 554 20.92 63.27 37.77
N LEU D 555 22.00 62.73 37.19
CA LEU D 555 22.32 61.28 37.27
C LEU D 555 22.39 60.92 38.77
N PHE D 556 23.11 61.72 39.55
CA PHE D 556 23.31 61.48 41.00
C PHE D 556 21.95 61.47 41.71
N ASN D 557 21.06 62.38 41.36
CA ASN D 557 19.70 62.45 41.98
C ASN D 557 19.11 61.04 42.01
N MET D 558 19.09 60.36 40.87
CA MET D 558 18.61 58.96 40.83
C MET D 558 19.66 58.04 41.43
N LEU D 559 20.94 58.33 41.24
CA LEU D 559 22.03 57.47 41.78
C LEU D 559 21.86 57.28 43.28
N ARG D 560 21.84 58.38 44.03
CA ARG D 560 21.73 58.35 45.50
C ARG D 560 20.35 57.80 45.91
N LEU D 561 19.34 58.03 45.08
CA LEU D 561 17.95 57.60 45.38
C LEU D 561 17.93 56.09 45.65
N GLY D 562 18.64 55.30 44.83
CA GLY D 562 18.63 53.83 44.93
C GLY D 562 17.24 53.26 44.68
N LYS D 563 16.79 52.32 45.50
CA LYS D 563 15.44 51.70 45.37
C LYS D 563 14.49 52.32 46.39
N SER D 564 14.91 53.34 47.13
CA SER D 564 14.03 54.02 48.13
C SER D 564 12.78 54.56 47.44
N GLU D 565 12.89 55.08 46.22
CA GLU D 565 11.75 55.66 45.47
C GLU D 565 11.52 54.85 44.18
N PRO D 566 10.31 54.97 43.55
CA PRO D 566 10.00 54.24 42.32
C PRO D 566 10.93 54.57 41.15
N TRP D 567 11.12 53.62 40.23
CA TRP D 567 11.98 53.81 39.05
C TRP D 567 11.44 54.96 38.19
N THR D 568 10.11 55.09 38.10
CA THR D 568 9.47 56.19 37.32
C THR D 568 9.91 57.53 37.90
N LEU D 569 9.88 57.64 39.24
CA LEU D 569 10.35 58.87 39.92
C LEU D 569 11.87 59.05 39.67
N ALA D 570 12.63 57.97 39.71
CA ALA D 570 14.09 57.99 39.43
C ALA D 570 14.33 58.47 37.99
N LEU D 571 13.48 58.07 37.05
CA LEU D 571 13.55 58.59 35.66
C LEU D 571 13.41 60.12 35.70
N GLU D 572 12.43 60.61 36.45
CA GLU D 572 12.24 62.06 36.63
C GLU D 572 13.50 62.67 37.29
N ASN D 573 14.13 61.92 38.21
CA ASN D 573 15.37 62.37 38.88
C ASN D 573 16.44 62.78 37.84
N VAL D 574 16.51 62.07 36.72
CA VAL D 574 17.55 62.35 35.68
C VAL D 574 16.84 62.82 34.41
N VAL D 575 16.19 61.91 33.70
CA VAL D 575 15.53 62.16 32.38
C VAL D 575 14.36 63.12 32.61
N GLY D 576 13.81 63.17 33.82
CA GLY D 576 12.67 64.06 34.12
C GLY D 576 11.37 63.47 33.57
N ALA D 577 11.29 62.16 33.37
CA ALA D 577 10.06 61.50 32.84
C ALA D 577 9.62 60.41 33.81
N LYS D 578 8.51 59.71 33.52
CA LYS D 578 8.01 58.59 34.35
C LYS D 578 8.21 57.28 33.59
N ASN D 579 7.60 57.15 32.41
CA ASN D 579 7.75 55.93 31.56
C ASN D 579 8.93 56.12 30.61
N MET D 580 9.48 55.01 30.13
CA MET D 580 10.62 54.99 29.17
C MET D 580 10.17 55.55 27.82
N ASN D 581 11.02 56.33 27.16
CA ASN D 581 10.72 56.90 25.81
C ASN D 581 11.85 56.54 24.87
N VAL D 582 11.53 56.02 23.69
CA VAL D 582 12.59 55.61 22.73
C VAL D 582 13.02 56.81 21.84
N ARG D 583 12.34 57.93 21.95
CA ARG D 583 12.66 59.14 21.13
C ARG D 583 14.16 59.49 21.20
N PRO D 584 14.79 59.60 22.40
CA PRO D 584 16.24 59.80 22.48
C PRO D 584 17.06 58.77 21.69
N LEU D 585 16.69 57.48 21.76
CA LEU D 585 17.38 56.43 20.98
C LEU D 585 17.30 56.81 19.50
N LEU D 586 16.09 57.12 19.01
CA LEU D 586 15.87 57.51 17.60
C LEU D 586 16.74 58.73 17.26
N ASN D 587 16.70 59.73 18.14
CA ASN D 587 17.51 60.97 17.97
C ASN D 587 18.99 60.62 17.81
N TYR D 588 19.50 59.72 18.64
CA TYR D 588 20.93 59.31 18.62
C TYR D 588 21.26 58.71 17.23
N PHE D 589 20.36 57.90 16.67
CA PHE D 589 20.60 57.23 15.36
C PHE D 589 19.99 58.03 14.21
N GLU D 590 19.49 59.24 14.48
CA GLU D 590 18.81 60.05 13.42
C GLU D 590 19.72 60.31 12.20
N PRO D 591 20.98 60.75 12.40
CA PRO D 591 21.92 60.89 11.28
C PRO D 591 22.05 59.60 10.47
N LEU D 592 22.27 58.49 11.19
CA LEU D 592 22.39 57.15 10.56
C LEU D 592 21.09 56.84 9.83
N PHE D 593 19.96 57.14 10.47
CA PHE D 593 18.63 56.82 9.89
C PHE D 593 18.49 57.49 8.52
N THR D 594 18.81 58.77 8.45
CA THR D 594 18.75 59.54 7.17
C THR D 594 19.63 58.82 6.15
N TRP D 595 20.87 58.51 6.52
CA TRP D 595 21.81 57.78 5.63
C TRP D 595 21.16 56.44 5.19
N LEU D 596 20.64 55.67 6.15
CA LEU D 596 20.02 54.35 5.86
C LEU D 596 18.88 54.54 4.85
N LYS D 597 18.00 55.49 5.10
CA LYS D 597 16.86 55.76 4.17
C LYS D 597 17.44 56.10 2.79
N ASP D 598 18.52 56.90 2.75
CA ASP D 598 19.21 57.26 1.48
C ASP D 598 19.70 55.98 0.77
N GLN D 599 20.36 55.09 1.51
CA GLN D 599 20.89 53.82 0.94
C GLN D 599 19.72 52.92 0.53
N ASN D 600 18.59 52.99 1.25
CA ASN D 600 17.44 52.10 0.96
C ASN D 600 16.43 52.81 0.07
N LYS D 601 16.81 53.94 -0.56
CA LYS D 601 15.91 54.63 -1.52
C LYS D 601 15.57 53.69 -2.68
N ASN D 602 16.58 53.11 -3.30
CA ASN D 602 16.41 52.15 -4.44
C ASN D 602 15.93 50.79 -3.92
N SER D 603 16.49 50.29 -2.81
CA SER D 603 16.21 48.92 -2.30
C SER D 603 14.80 48.88 -1.68
N PHE D 604 14.22 47.69 -1.60
CA PHE D 604 12.93 47.45 -0.90
C PHE D 604 13.17 47.51 0.60
N VAL D 605 12.36 48.27 1.34
CA VAL D 605 12.47 48.34 2.83
C VAL D 605 11.30 47.53 3.38
N GLY D 606 11.58 46.51 4.20
CA GLY D 606 10.57 45.59 4.76
C GLY D 606 11.00 44.17 4.64
N TRP D 607 10.06 43.23 4.56
CA TRP D 607 10.38 41.80 4.38
C TRP D 607 9.09 41.01 4.13
N SER D 608 9.22 39.83 3.52
CA SER D 608 8.04 38.94 3.28
C SER D 608 8.07 37.84 4.34
N THR D 609 6.99 37.75 5.14
CA THR D 609 6.86 36.68 6.16
C THR D 609 6.58 35.34 5.46
N ASP D 610 6.54 35.33 4.13
CA ASP D 610 6.24 34.08 3.38
C ASP D 610 7.54 33.53 2.77
N TRP D 611 8.58 34.36 2.69
CA TRP D 611 9.85 33.92 2.06
C TRP D 611 10.57 32.89 2.94
N SER D 612 10.96 31.75 2.36
CA SER D 612 11.75 30.74 3.11
C SER D 612 12.96 30.32 2.28
N PRO D 613 14.14 30.10 2.89
CA PRO D 613 15.31 29.62 2.17
C PRO D 613 15.12 28.21 1.58
N TYR D 614 14.08 27.48 2.00
CA TYR D 614 13.84 26.09 1.55
C TYR D 614 12.55 25.99 0.73
N ALA D 615 11.77 27.07 0.61
CA ALA D 615 10.49 27.04 -0.13
C ALA D 615 10.69 26.64 -1.61
N ASP D 616 11.80 27.03 -2.21
CA ASP D 616 12.11 26.76 -3.65
C ASP D 616 12.05 25.25 -3.95
N GLN D 617 12.64 24.40 -3.11
CA GLN D 617 12.66 22.93 -3.36
C GLN D 617 11.54 22.25 -2.60
N SER D 618 10.62 23.01 -2.00
CA SER D 618 9.52 22.45 -1.19
C SER D 618 8.41 21.96 -2.15
N ILE D 619 8.00 20.68 -2.02
CA ILE D 619 6.89 20.12 -2.85
C ILE D 619 5.64 20.06 -1.95
N LYS D 620 4.61 20.81 -2.32
CA LYS D 620 3.30 20.75 -1.62
C LYS D 620 2.61 19.43 -1.97
N VAL D 621 2.03 18.76 -0.98
CA VAL D 621 1.38 17.44 -1.13
C VAL D 621 0.07 17.44 -0.36
N ARG D 622 -1.06 17.40 -1.06
CA ARG D 622 -2.42 17.31 -0.43
C ARG D 622 -2.87 15.85 -0.36
N ILE D 623 -3.29 15.40 0.81
CA ILE D 623 -3.77 14.01 1.01
C ILE D 623 -5.30 14.10 1.14
N SER D 624 -6.01 13.39 0.27
CA SER D 624 -7.51 13.34 0.29
C SER D 624 -7.96 11.95 0.75
N LEU D 625 -8.76 11.86 1.80
CA LEU D 625 -9.21 10.56 2.37
C LEU D 625 -10.71 10.37 2.17
N LYS D 626 -11.50 11.33 2.62
CA LYS D 626 -12.99 11.25 2.46
C LYS D 626 -13.35 11.16 0.97
N SER D 627 -12.59 11.82 0.10
CA SER D 627 -12.82 11.74 -1.37
C SER D 627 -12.59 10.30 -1.86
N ALA D 628 -11.51 9.66 -1.41
CA ALA D 628 -11.12 8.31 -1.87
C ALA D 628 -11.64 7.24 -0.89
N LEU D 629 -11.08 7.19 0.29
CA LEU D 629 -11.42 6.17 1.32
C LEU D 629 -12.86 6.40 1.77
N GLY D 630 -13.28 7.66 1.93
CA GLY D 630 -14.64 7.98 2.40
C GLY D 630 -14.96 7.32 3.73
N ASP D 631 -15.88 6.36 3.74
CA ASP D 631 -16.20 5.59 4.97
C ASP D 631 -14.98 4.70 5.31
N LYS D 632 -14.70 4.55 6.60
CA LYS D 632 -13.52 3.76 7.08
C LYS D 632 -12.22 4.42 6.60
N ALA D 633 -12.21 5.74 6.40
CA ALA D 633 -10.99 6.50 6.03
C ALA D 633 -10.10 6.66 7.26
N TYR D 634 -8.85 6.17 7.22
CA TYR D 634 -7.90 6.29 8.36
C TYR D 634 -7.66 7.77 8.66
N GLU D 635 -7.55 8.13 9.93
CA GLU D 635 -7.19 9.51 10.36
C GLU D 635 -5.68 9.72 10.14
N TRP D 636 -5.30 10.83 9.52
CA TRP D 636 -3.87 11.18 9.33
C TRP D 636 -3.32 11.68 10.66
N ASN D 637 -2.42 10.97 11.31
CA ASN D 637 -1.78 11.37 12.60
C ASN D 637 -0.27 11.52 12.36
N ASP D 638 0.49 11.72 13.43
CA ASP D 638 1.98 11.77 13.39
C ASP D 638 2.54 10.46 12.81
N ASN D 639 1.94 9.34 13.13
CA ASN D 639 2.39 8.03 12.61
C ASN D 639 2.16 7.99 11.09
N GLU D 640 1.02 8.52 10.63
CA GLU D 640 0.72 8.61 9.17
C GLU D 640 1.80 9.48 8.51
N MET D 641 2.09 10.60 9.15
CA MET D 641 3.16 11.51 8.65
C MET D 641 4.54 10.80 8.68
N TYR D 642 4.79 10.02 9.74
CA TYR D 642 6.02 9.20 9.84
C TYR D 642 6.12 8.24 8.65
N LEU D 643 5.01 7.55 8.36
CA LEU D 643 4.94 6.63 7.20
C LEU D 643 5.25 7.41 5.89
N PHE D 644 4.69 8.61 5.78
CA PHE D 644 4.86 9.39 4.54
C PHE D 644 6.35 9.72 4.35
N ARG D 645 6.99 10.26 5.39
CA ARG D 645 8.43 10.63 5.24
C ARG D 645 9.21 9.36 4.93
N SER D 646 8.93 8.28 5.67
CA SER D 646 9.60 6.96 5.41
C SER D 646 9.40 6.54 3.94
N SER D 647 8.16 6.65 3.44
CA SER D 647 7.82 6.34 2.02
C SER D 647 8.64 7.23 1.07
N VAL D 648 8.73 8.51 1.36
CA VAL D 648 9.52 9.46 0.49
C VAL D 648 11.00 9.03 0.51
N ALA D 649 11.53 8.75 1.70
CA ALA D 649 12.94 8.30 1.83
C ALA D 649 13.16 7.05 0.97
N TYR D 650 12.19 6.11 1.06
CA TYR D 650 12.22 4.87 0.23
C TYR D 650 12.35 5.23 -1.26
N ALA D 651 11.45 6.10 -1.72
CA ALA D 651 11.42 6.53 -3.14
C ALA D 651 12.78 7.16 -3.51
N MET D 652 13.30 8.04 -2.66
CA MET D 652 14.57 8.75 -2.93
C MET D 652 15.70 7.70 -3.07
N ARG D 653 15.76 6.76 -2.15
CA ARG D 653 16.78 5.68 -2.20
C ARG D 653 16.68 4.94 -3.54
N GLN D 654 15.48 4.47 -3.89
CA GLN D 654 15.23 3.71 -5.14
C GLN D 654 15.69 4.58 -6.32
N TYR D 655 15.20 5.82 -6.36
CA TYR D 655 15.49 6.75 -7.48
C TYR D 655 17.01 6.86 -7.67
N PHE D 656 17.73 7.15 -6.59
CA PHE D 656 19.20 7.36 -6.67
C PHE D 656 19.88 6.04 -7.07
N LEU D 657 19.53 4.95 -6.39
CA LEU D 657 20.17 3.62 -6.67
C LEU D 657 19.87 3.18 -8.12
N LYS D 658 18.80 3.66 -8.75
CA LYS D 658 18.42 3.20 -10.10
C LYS D 658 18.88 4.23 -11.14
N VAL D 659 18.33 5.44 -11.11
CA VAL D 659 18.59 6.46 -12.16
C VAL D 659 20.09 6.82 -12.13
N LYS D 660 20.60 7.17 -10.95
CA LYS D 660 22.03 7.59 -10.78
C LYS D 660 22.85 6.41 -10.28
N ASN D 661 22.24 5.24 -10.07
CA ASN D 661 22.96 4.04 -9.61
C ASN D 661 23.70 4.37 -8.29
N GLN D 662 23.08 5.15 -7.41
CA GLN D 662 23.68 5.56 -6.12
C GLN D 662 22.79 5.08 -4.97
N MET D 663 23.26 4.08 -4.23
CA MET D 663 22.54 3.60 -3.04
C MET D 663 22.72 4.62 -1.89
N ILE D 664 21.89 5.66 -1.88
CA ILE D 664 21.96 6.71 -0.82
C ILE D 664 21.00 6.32 0.31
N LEU D 665 21.46 6.40 1.56
CA LEU D 665 20.62 6.00 2.74
C LEU D 665 19.68 7.14 3.13
N PHE D 666 18.75 7.51 2.26
CA PHE D 666 17.75 8.57 2.53
C PHE D 666 16.90 8.17 3.76
N GLY D 667 16.63 9.09 4.68
CA GLY D 667 15.83 8.80 5.90
C GLY D 667 14.67 9.78 6.02
N GLU D 668 13.63 9.37 6.73
CA GLU D 668 12.41 10.22 6.93
C GLU D 668 12.84 11.60 7.52
N GLU D 669 13.89 11.61 8.34
CA GLU D 669 14.48 12.86 8.91
C GLU D 669 15.01 13.79 7.81
N ASP D 670 15.55 13.21 6.74
CA ASP D 670 15.98 14.00 5.55
C ASP D 670 14.75 14.63 4.85
N VAL D 671 13.57 14.04 5.07
CA VAL D 671 12.31 14.55 4.51
C VAL D 671 11.84 15.69 5.42
N ARG D 672 12.20 16.93 5.06
CA ARG D 672 11.86 18.12 5.89
C ARG D 672 10.47 18.63 5.51
N VAL D 673 9.43 18.02 6.06
CA VAL D 673 8.00 18.45 5.80
C VAL D 673 7.73 19.78 6.53
N ALA D 674 6.81 20.61 6.05
CA ALA D 674 6.46 21.94 6.64
C ALA D 674 5.03 22.37 6.31
N ASN D 675 4.48 23.32 7.06
CA ASN D 675 3.13 23.91 6.85
C ASN D 675 2.03 22.84 6.82
N LEU D 676 1.94 22.03 7.86
CA LEU D 676 0.90 20.98 7.95
C LEU D 676 -0.47 21.64 8.19
N LYS D 677 -1.51 21.21 7.48
CA LYS D 677 -2.85 21.84 7.57
C LYS D 677 -3.91 20.76 7.79
N PRO D 678 -5.11 21.10 8.33
CA PRO D 678 -6.18 20.13 8.50
C PRO D 678 -6.71 19.54 7.17
N ARG D 679 -6.49 20.23 6.04
CA ARG D 679 -6.73 19.64 4.69
C ARG D 679 -5.82 18.42 4.48
N ILE D 680 -4.86 18.19 5.38
CA ILE D 680 -3.80 17.18 5.22
C ILE D 680 -2.91 17.67 4.06
N SER D 681 -2.77 18.98 3.89
CA SER D 681 -1.79 19.58 2.95
C SER D 681 -0.49 19.90 3.73
N PHE D 682 0.64 19.92 3.04
CA PHE D 682 1.96 20.30 3.59
C PHE D 682 2.98 20.38 2.47
N ASN D 683 4.13 20.98 2.74
CA ASN D 683 5.27 21.07 1.78
C ASN D 683 6.39 20.18 2.32
N PHE D 684 7.26 19.67 1.43
CA PHE D 684 8.41 18.87 1.95
C PHE D 684 9.57 19.04 0.95
N PHE D 685 10.80 19.09 1.48
CA PHE D 685 12.03 19.13 0.64
C PHE D 685 12.97 18.05 1.21
N VAL D 686 13.35 17.08 0.39
CA VAL D 686 14.32 16.01 0.73
C VAL D 686 15.70 16.66 0.82
N THR D 687 16.52 16.18 1.75
CA THR D 687 17.93 16.64 1.91
C THR D 687 18.86 15.44 1.96
N ALA D 688 20.17 15.70 1.98
CA ALA D 688 21.20 14.63 2.10
C ALA D 688 21.04 13.92 3.46
N PRO D 689 21.31 12.59 3.53
CA PRO D 689 21.23 11.82 4.77
C PRO D 689 21.90 12.48 5.98
N LYS D 690 23.07 13.07 5.80
CA LYS D 690 23.80 13.73 6.94
C LYS D 690 24.29 15.13 6.54
N ASN D 691 23.67 15.76 5.55
CA ASN D 691 24.06 17.14 5.15
C ASN D 691 22.80 18.00 4.96
N VAL D 692 22.41 18.72 6.01
CA VAL D 692 21.27 19.68 5.95
C VAL D 692 21.53 20.71 4.84
N SER D 693 22.78 21.12 4.66
CA SER D 693 23.15 22.07 3.57
C SER D 693 22.79 21.49 2.21
N ASP D 694 23.01 20.18 2.02
CA ASP D 694 22.76 19.52 0.72
C ASP D 694 21.24 19.19 0.66
N ILE D 695 20.42 19.99 -0.03
CA ILE D 695 18.94 19.75 -0.16
C ILE D 695 18.70 19.23 -1.59
N ILE D 696 18.06 18.08 -1.72
CA ILE D 696 17.85 17.43 -3.05
C ILE D 696 16.95 18.36 -3.88
N PRO D 697 17.32 18.69 -5.15
CA PRO D 697 16.51 19.55 -6.02
C PRO D 697 15.10 18.99 -6.30
N ARG D 698 14.10 19.87 -6.40
CA ARG D 698 12.69 19.46 -6.64
C ARG D 698 12.61 18.54 -7.87
N THR D 699 13.33 18.86 -8.95
CA THR D 699 13.33 18.07 -10.20
C THR D 699 13.64 16.59 -9.91
N GLU D 700 14.75 16.34 -9.24
CA GLU D 700 15.20 14.95 -8.92
C GLU D 700 14.15 14.31 -8.01
N VAL D 701 13.63 15.05 -7.03
CA VAL D 701 12.65 14.54 -6.05
C VAL D 701 11.38 14.14 -6.83
N GLU D 702 10.94 14.98 -7.75
CA GLU D 702 9.73 14.71 -8.58
C GLU D 702 9.93 13.41 -9.36
N LYS D 703 11.13 13.18 -9.88
CA LYS D 703 11.47 11.92 -10.61
C LYS D 703 11.30 10.73 -9.66
N ALA D 704 11.86 10.84 -8.45
CA ALA D 704 11.71 9.79 -7.41
C ALA D 704 10.21 9.59 -7.13
N ILE D 705 9.47 10.68 -6.96
CA ILE D 705 8.02 10.64 -6.58
C ILE D 705 7.30 9.82 -7.66
N ARG D 706 7.48 10.23 -8.92
CA ARG D 706 6.79 9.56 -10.06
C ARG D 706 7.20 8.09 -10.08
N MET D 707 8.50 7.80 -9.93
CA MET D 707 9.00 6.39 -9.95
C MET D 707 8.21 5.54 -8.94
N SER D 708 7.93 6.03 -7.74
CA SER D 708 7.27 5.25 -6.67
C SER D 708 5.85 5.74 -6.36
N ARG D 709 5.28 6.59 -7.25
CA ARG D 709 3.96 7.24 -6.93
C ARG D 709 2.91 6.17 -6.60
N SER D 710 2.84 5.15 -7.44
CA SER D 710 1.96 3.96 -7.27
C SER D 710 2.15 3.37 -5.86
N ARG D 711 3.41 3.09 -5.52
CA ARG D 711 3.80 2.42 -4.24
C ARG D 711 3.41 3.34 -3.09
N ILE D 712 3.65 4.65 -3.24
CA ILE D 712 3.27 5.63 -2.19
C ILE D 712 1.75 5.57 -2.00
N ASN D 713 0.99 5.57 -3.11
CA ASN D 713 -0.50 5.45 -3.07
C ASN D 713 -0.87 4.17 -2.32
N ASP D 714 -0.19 3.07 -2.65
CA ASP D 714 -0.45 1.76 -1.98
C ASP D 714 -0.23 1.92 -0.47
N ALA D 715 0.85 2.57 -0.07
CA ALA D 715 1.19 2.76 1.36
C ALA D 715 0.03 3.44 2.10
N PHE D 716 -0.65 4.40 1.48
CA PHE D 716 -1.77 5.14 2.11
C PHE D 716 -3.12 4.70 1.56
N ARG D 717 -3.16 3.60 0.79
CA ARG D 717 -4.40 3.15 0.11
C ARG D 717 -5.03 4.30 -0.66
N LEU D 718 -4.24 5.23 -1.18
CA LEU D 718 -4.75 6.44 -1.85
C LEU D 718 -4.50 6.30 -3.35
N ASN D 719 -4.59 7.39 -4.11
CA ASN D 719 -4.42 7.40 -5.58
C ASN D 719 -3.91 8.77 -6.00
N ASP D 720 -3.57 8.95 -7.28
CA ASP D 720 -2.98 10.24 -7.73
C ASP D 720 -4.00 11.37 -7.48
N ASN D 721 -5.29 11.12 -7.74
CA ASN D 721 -6.34 12.15 -7.48
C ASN D 721 -6.39 12.48 -5.98
N SER D 722 -6.44 11.47 -5.11
CA SER D 722 -6.53 11.67 -3.64
C SER D 722 -5.16 12.19 -3.11
N LEU D 723 -4.07 11.51 -3.47
CA LEU D 723 -2.71 11.89 -3.09
C LEU D 723 -2.18 12.88 -4.12
N GLU D 724 -2.43 14.18 -3.91
CA GLU D 724 -2.05 15.21 -4.92
C GLU D 724 -0.63 15.70 -4.61
N PHE D 725 0.36 15.31 -5.40
CA PHE D 725 1.74 15.88 -5.30
C PHE D 725 1.77 17.09 -6.23
N LEU D 726 1.37 18.26 -5.73
CA LEU D 726 1.26 19.49 -6.58
C LEU D 726 2.55 19.64 -7.41
N GLY D 727 2.42 19.85 -8.72
CA GLY D 727 3.53 19.86 -9.67
C GLY D 727 3.85 18.49 -10.26
N ILE D 728 3.78 17.42 -9.47
CA ILE D 728 3.99 16.04 -9.99
C ILE D 728 2.65 15.67 -10.65
N GLN D 729 2.60 15.66 -11.98
CA GLN D 729 1.34 15.44 -12.73
C GLN D 729 1.24 13.95 -13.09
N PRO D 730 0.17 13.23 -12.64
CA PRO D 730 -0.04 11.84 -13.02
C PRO D 730 -0.39 11.72 -14.50
N THR D 731 0.10 10.67 -15.17
CA THR D 731 -0.10 10.41 -16.62
C THR D 731 -0.60 8.99 -16.82
N SER D 741 -13.14 -4.78 -35.95
CA SER D 741 -13.80 -3.79 -35.07
C SER D 741 -15.15 -4.36 -34.56
N ILE D 742 -15.38 -4.25 -33.28
CA ILE D 742 -16.68 -4.69 -32.65
C ILE D 742 -17.89 -4.14 -33.43
N TRP D 743 -17.95 -2.84 -33.67
CA TRP D 743 -19.06 -2.23 -34.45
C TRP D 743 -19.09 -2.86 -35.86
N LEU D 744 -17.92 -2.96 -36.49
CA LEU D 744 -17.80 -3.56 -37.84
C LEU D 744 -18.31 -5.01 -37.82
N ILE D 745 -17.83 -5.81 -36.87
CA ILE D 745 -18.18 -7.27 -36.82
C ILE D 745 -19.67 -7.40 -36.53
N VAL D 746 -20.22 -6.61 -35.61
CA VAL D 746 -21.69 -6.62 -35.32
C VAL D 746 -22.43 -6.21 -36.61
N PHE D 747 -21.97 -5.12 -37.24
CA PHE D 747 -22.53 -4.64 -38.53
C PHE D 747 -22.54 -5.79 -39.55
N GLY D 748 -21.39 -6.42 -39.74
CA GLY D 748 -21.23 -7.56 -40.68
C GLY D 748 -22.23 -8.66 -40.39
N VAL D 749 -22.33 -9.08 -39.13
CA VAL D 749 -23.27 -10.16 -38.68
C VAL D 749 -24.68 -9.70 -39.07
N VAL D 750 -25.07 -8.49 -38.71
CA VAL D 750 -26.44 -7.97 -38.98
C VAL D 750 -26.65 -7.99 -40.49
N MET D 751 -25.74 -7.38 -41.26
CA MET D 751 -25.82 -7.36 -42.74
C MET D 751 -26.04 -8.78 -43.26
N GLY D 752 -25.17 -9.72 -42.85
CA GLY D 752 -25.20 -11.11 -43.30
C GLY D 752 -26.58 -11.70 -43.12
N VAL D 753 -27.10 -11.63 -41.90
CA VAL D 753 -28.42 -12.23 -41.56
C VAL D 753 -29.50 -11.51 -42.38
N ILE D 754 -29.39 -10.19 -42.51
CA ILE D 754 -30.40 -9.38 -43.27
C ILE D 754 -30.37 -9.81 -44.75
N VAL D 755 -29.19 -9.83 -45.36
CA VAL D 755 -29.06 -10.17 -46.81
C VAL D 755 -29.49 -11.63 -46.99
N VAL D 756 -29.10 -12.51 -46.07
CA VAL D 756 -29.51 -13.94 -46.12
C VAL D 756 -31.03 -14.00 -46.07
N GLY D 757 -31.65 -13.25 -45.15
CA GLY D 757 -33.12 -13.13 -45.05
C GLY D 757 -33.70 -12.68 -46.38
N ILE D 758 -33.14 -11.62 -46.96
CA ILE D 758 -33.58 -11.07 -48.28
C ILE D 758 -33.51 -12.20 -49.31
N VAL D 759 -32.38 -12.89 -49.37
CA VAL D 759 -32.14 -13.98 -50.37
C VAL D 759 -33.21 -15.06 -50.14
N ILE D 760 -33.39 -15.48 -48.89
CA ILE D 760 -34.39 -16.52 -48.53
C ILE D 760 -35.77 -16.01 -48.98
N LEU D 761 -36.09 -14.75 -48.64
CA LEU D 761 -37.43 -14.17 -48.95
C LEU D 761 -37.66 -14.17 -50.46
N ILE D 762 -36.72 -13.65 -51.24
CA ILE D 762 -36.84 -13.60 -52.74
C ILE D 762 -36.98 -15.04 -53.24
N PHE D 763 -36.15 -15.95 -52.72
CA PHE D 763 -36.20 -17.39 -53.12
C PHE D 763 -37.56 -17.98 -52.74
N THR D 764 -38.07 -17.60 -51.56
CA THR D 764 -39.41 -18.07 -51.09
C THR D 764 -40.47 -17.69 -52.13
N GLY D 765 -40.41 -16.48 -52.65
CA GLY D 765 -41.32 -16.00 -53.72
C GLY D 765 -41.15 -16.82 -54.97
N ILE D 766 -39.91 -17.13 -55.33
CA ILE D 766 -39.61 -18.00 -56.50
C ILE D 766 -40.25 -19.35 -56.23
N ARG D 767 -40.13 -19.85 -54.99
CA ARG D 767 -40.75 -21.13 -54.56
C ARG D 767 -42.26 -21.04 -54.76
N ASP D 768 -42.88 -19.90 -54.42
CA ASP D 768 -44.34 -19.69 -54.59
C ASP D 768 -44.68 -19.73 -56.08
N ARG D 769 -45.24 -20.85 -56.55
CA ARG D 769 -45.61 -20.99 -57.99
C ARG D 769 -46.97 -21.68 -58.09
C1 NAG E . 79.63 -17.35 7.18
C2 NAG E . 80.76 -18.35 7.40
C3 NAG E . 81.07 -18.42 8.89
C4 NAG E . 81.39 -17.03 9.42
C5 NAG E . 80.23 -16.08 9.13
C6 NAG E . 80.50 -14.66 9.53
C7 NAG E . 81.17 -20.29 5.97
C8 NAG E . 80.43 -21.25 5.09
N2 NAG E . 80.44 -19.66 6.89
O3 NAG E . 82.17 -19.31 9.10
O4 NAG E . 81.57 -17.10 10.83
O5 NAG E . 79.94 -16.07 7.71
O6 NAG E . 81.90 -14.39 9.55
O7 NAG E . 82.37 -20.07 5.85
C1 NAG E . 82.94 -17.00 11.13
C2 NAG E . 83.14 -16.23 12.42
C3 NAG E . 84.64 -16.12 12.71
C4 NAG E . 85.26 -17.51 12.74
C5 NAG E . 84.97 -18.23 11.43
C6 NAG E . 85.45 -19.67 11.43
C7 NAG E . 81.30 -14.67 12.75
C8 NAG E . 80.95 -13.24 13.04
N2 NAG E . 82.55 -14.91 12.36
O3 NAG E . 84.84 -15.44 13.94
O4 NAG E . 86.67 -17.39 12.90
O5 NAG E . 83.55 -18.28 11.20
O6 NAG E . 85.00 -20.35 12.60
O7 NAG E . 80.47 -15.58 12.87
C1 NAG F . 41.72 -32.94 47.22
C2 NAG F . 40.36 -32.89 46.54
C3 NAG F . 39.28 -33.30 47.55
C4 NAG F . 39.60 -34.67 48.11
C5 NAG F . 41.00 -34.66 48.74
C6 NAG F . 41.44 -36.02 49.23
C7 NAG F . 39.57 -31.45 44.75
C8 NAG F . 39.38 -30.04 44.28
N2 NAG F . 40.06 -31.59 45.99
O3 NAG F . 38.02 -33.28 46.90
O4 NAG F . 38.65 -35.01 49.12
O5 NAG F . 41.97 -34.23 47.75
O6 NAG F . 40.77 -37.06 48.54
O7 NAG F . 39.30 -32.42 44.04
C1 NAG F . 37.72 -35.93 48.53
C2 NAG F . 37.22 -36.90 49.60
C3 NAG F . 36.22 -37.86 48.98
C4 NAG F . 35.10 -37.10 48.29
C5 NAG F . 35.69 -36.13 47.27
C6 NAG F . 34.64 -35.24 46.64
C7 NAG F . 38.98 -37.16 51.27
C8 NAG F . 39.86 -38.15 51.98
N2 NAG F . 38.31 -37.62 50.22
O3 NAG F . 35.71 -38.74 49.97
O4 NAG F . 34.24 -38.01 47.62
O5 NAG F . 36.64 -35.26 47.90
O6 NAG F . 34.19 -34.24 47.54
O7 NAG F . 38.90 -35.98 51.64
C1 NAG G . 61.79 -5.29 -4.65
C2 NAG G . 61.25 -6.60 -5.23
C3 NAG G . 62.37 -7.29 -6.01
C4 NAG G . 62.96 -6.35 -7.05
C5 NAG G . 63.42 -5.06 -6.38
C6 NAG G . 63.90 -4.01 -7.37
C7 NAG G . 59.66 -7.20 -3.47
C8 NAG G . 59.78 -7.49 -2.01
N2 NAG G . 60.73 -7.49 -4.22
O3 NAG G . 61.86 -8.46 -6.62
O4 NAG G . 64.08 -7.00 -7.63
O5 NAG G . 62.35 -4.45 -5.64
O6 NAG G . 62.98 -3.87 -8.44
O7 NAG G . 58.63 -6.74 -3.97
C1 NAG G . 64.00 -6.90 -9.06
C2 NAG G . 65.40 -6.79 -9.64
C3 NAG G . 65.30 -6.62 -11.15
C4 NAG G . 64.49 -7.76 -11.75
C5 NAG G . 63.13 -7.82 -11.08
C6 NAG G . 62.30 -8.99 -11.55
C7 NAG G . 67.01 -5.90 -8.03
C8 NAG G . 68.34 -5.25 -8.16
N2 NAG G . 66.16 -5.71 -9.04
O3 NAG G . 66.62 -6.57 -11.71
O4 NAG G . 64.32 -7.53 -13.14
O5 NAG G . 63.27 -7.95 -9.66
O6 NAG G . 63.06 -10.20 -11.51
O7 NAG G . 66.70 -6.57 -7.04
C1 NAG H . 68.21 -22.65 45.14
C2 NAG H . 66.80 -22.33 45.63
C3 NAG H . 66.86 -21.06 46.48
C4 NAG H . 67.84 -21.26 47.62
C5 NAG H . 69.20 -21.63 47.05
C6 NAG H . 70.23 -21.93 48.12
C7 NAG H . 64.88 -23.08 44.34
C8 NAG H . 63.50 -22.69 44.76
N2 NAG H . 65.83 -22.18 44.56
O3 NAG H . 65.57 -20.71 46.96
O4 NAG H . 67.93 -20.05 48.38
O5 NAG H . 69.09 -22.80 46.23
O6 NAG H . 69.70 -22.80 49.11
O7 NAG H . 65.11 -24.16 43.81
C1 NAG H . 67.62 -20.39 49.74
C2 NAG H . 68.36 -19.44 50.68
C3 NAG H . 68.11 -19.87 52.12
C4 NAG H . 66.62 -19.94 52.39
C5 NAG H . 65.96 -20.87 51.39
C6 NAG H . 64.46 -20.91 51.54
C7 NAG H . 70.31 -18.54 49.52
C8 NAG H . 71.73 -18.81 49.12
N2 NAG H . 69.78 -19.40 50.40
O3 NAG H . 68.77 -18.96 53.00
O4 NAG H . 66.41 -20.44 53.71
O5 NAG H . 66.24 -20.44 50.04
O6 NAG H . 63.92 -19.59 51.68
O7 NAG H . 69.68 -17.59 49.08
C1 NAG I . 16.36 -0.96 29.07
C2 NAG I . 16.02 -0.39 30.43
C3 NAG I . 16.45 -1.37 31.52
C4 NAG I . 15.81 -2.73 31.29
C5 NAG I . 16.17 -3.22 29.88
C6 NAG I . 15.45 -4.50 29.52
C7 NAG I . 16.26 2.02 30.04
C8 NAG I . 17.34 3.02 29.76
N2 NAG I . 16.65 0.90 30.65
O3 NAG I . 16.07 -0.85 32.80
O4 NAG I . 16.32 -3.66 32.23
O5 NAG I . 15.76 -2.24 28.90
O6 NAG I . 14.04 -4.31 29.53
O7 NAG I . 15.10 2.21 29.72
C1 NAG I . 15.25 -4.06 33.09
C2 NAG I . 15.84 -4.60 34.40
C3 NAG I . 14.71 -5.01 35.32
C4 NAG I . 13.76 -3.84 35.55
C5 NAG I . 13.25 -3.33 34.20
C6 NAG I . 12.40 -2.09 34.34
C7 NAG I . 17.83 -5.93 34.89
C8 NAG I . 18.74 -7.01 34.40
N2 NAG I . 16.73 -5.71 34.16
O3 NAG I . 15.24 -5.48 36.55
O4 NAG I . 12.65 -4.28 36.33
O5 NAG I . 14.36 -2.99 33.35
O6 NAG I . 13.05 -1.11 35.14
O7 NAG I . 18.07 -5.29 35.91
C1 NAG J . 10.52 56.83 57.56
C2 NAG J . 10.25 58.32 57.80
C3 NAG J . 11.53 59.11 57.52
C4 NAG J . 12.67 58.58 58.37
C5 NAG J . 12.85 57.08 58.11
C6 NAG J . 13.89 56.45 59.01
C7 NAG J . 7.88 58.59 57.26
C8 NAG J . 6.92 58.79 56.13
N2 NAG J . 9.17 58.82 56.98
O3 NAG J . 11.29 60.49 57.78
O4 NAG J . 13.87 59.25 58.02
O5 NAG J . 11.61 56.39 58.36
O6 NAG J . 14.04 57.17 60.23
O7 NAG J . 7.51 58.23 58.37
C1 NAG J . 14.17 60.18 59.07
C2 NAG J . 15.69 60.24 59.28
C3 NAG J . 16.00 61.21 60.41
C4 NAG J . 15.39 62.57 60.11
C5 NAG J . 13.89 62.42 59.87
C6 NAG J . 13.22 63.71 59.45
C7 NAG J . 16.73 58.14 58.60
C8 NAG J . 17.65 57.05 59.05
N2 NAG J . 16.25 58.93 59.56
O3 NAG J . 17.41 61.31 60.58
O4 NAG J . 15.60 63.45 61.21
O5 NAG J . 13.64 61.46 58.82
O6 NAG J . 14.07 64.46 58.58
O7 NAG J . 16.42 58.28 57.42
C1 NAG K . 4.24 34.00 52.32
C2 NAG K . 3.32 35.18 52.04
C3 NAG K . 3.13 35.97 53.33
C4 NAG K . 2.68 35.06 54.47
C5 NAG K . 3.64 33.88 54.62
C6 NAG K . 3.15 32.87 55.63
C7 NAG K . 3.73 35.74 49.69
C8 NAG K . 4.94 36.04 48.85
N2 NAG K . 3.84 36.04 50.99
O3 NAG K . 2.18 37.01 53.08
O4 NAG K . 2.75 35.78 55.69
O5 NAG K . 3.81 33.17 53.38
O6 NAG K . 1.90 33.24 56.18
O7 NAG K . 2.71 35.27 49.22
C1 NAG K . 1.57 36.51 56.04
C2 NAG K . 1.59 36.63 57.56
C3 NAG K . 0.43 37.52 58.02
C4 NAG K . 0.51 38.87 57.34
C5 NAG K . 0.54 38.68 55.82
C6 NAG K . 0.75 39.97 55.07
C7 NAG K . 2.39 35.10 59.25
C8 NAG K . 3.49 34.13 59.00
N2 NAG K . 1.57 35.35 58.23
O3 NAG K . 0.49 37.65 59.44
O4 NAG K . -0.63 39.64 57.69
O5 NAG K . 1.62 37.80 55.45
O6 NAG K . 2.13 40.35 55.10
O7 NAG K . 2.25 35.66 60.34
C1 NAG L . 29.74 63.46 3.90
C2 NAG L . 29.05 62.37 3.08
C3 NAG L . 29.54 62.43 1.64
C4 NAG L . 29.33 63.83 1.08
C5 NAG L . 30.02 64.85 1.97
C6 NAG L . 29.77 66.28 1.54
C7 NAG L . 28.27 60.33 4.17
C8 NAG L . 28.18 60.35 5.66
N2 NAG L . 29.26 61.05 3.63
O3 NAG L . 28.86 61.44 0.87
O4 NAG L . 29.89 63.89 -0.23
O5 NAG L . 29.54 64.74 3.33
O6 NAG L . 28.52 66.40 0.86
O7 NAG L . 27.49 59.68 3.48
C1 NAG L . 28.78 63.91 -1.15
C2 NAG L . 29.10 64.82 -2.33
C3 NAG L . 27.88 64.85 -3.26
C4 NAG L . 27.51 63.44 -3.68
C5 NAG L . 27.27 62.58 -2.44
C6 NAG L . 27.00 61.13 -2.77
C7 NAG L . 30.70 66.53 -1.65
C8 NAG L . 30.95 68.00 -1.60
N2 NAG L . 29.45 66.15 -1.90
O3 NAG L . 28.19 65.66 -4.39
O4 NAG L . 26.32 63.48 -4.46
O5 NAG L . 28.42 62.60 -1.58
O6 NAG L . 27.84 60.69 -3.83
O7 NAG L . 31.60 65.71 -1.47
C1 NAG M . 37.43 69.23 30.75
C2 NAG M . 37.92 69.09 29.31
C3 NAG M . 39.42 68.82 29.29
C4 NAG M . 40.14 69.92 30.06
C5 NAG M . 39.59 70.02 31.47
C6 NAG M . 40.18 71.18 32.25
C7 NAG M . 36.34 68.25 27.63
C8 NAG M . 35.80 67.04 26.93
N2 NAG M . 37.22 68.02 28.61
O3 NAG M . 39.85 68.76 27.95
O4 NAG M . 41.54 69.60 30.13
O5 NAG M . 38.16 70.24 31.43
O6 NAG M . 39.96 72.42 31.58
O7 NAG M . 35.99 69.38 27.32
C1 NAG M . 42.20 70.29 29.06
C2 NAG M . 43.48 70.94 29.58
C3 NAG M . 44.15 71.71 28.45
C4 NAG M . 44.40 70.79 27.26
C5 NAG M . 43.07 70.15 26.84
C6 NAG M . 43.24 69.13 25.73
C7 NAG M . 43.64 71.51 31.94
C8 NAG M . 43.39 72.55 32.99
N2 NAG M . 43.24 71.81 30.71
O3 NAG M . 45.37 72.27 28.91
O4 NAG M . 44.92 71.55 26.17
O5 NAG M . 42.47 69.46 27.95
O6 NAG M . 44.15 68.10 26.12
O7 NAG M . 44.20 70.45 32.21
C1 NAG N . 26.68 19.91 2.04
C2 NAG N . 28.10 19.78 1.51
C3 NAG N . 28.60 21.16 1.08
C4 NAG N . 27.64 21.79 0.09
C5 NAG N . 26.24 21.84 0.68
C6 NAG N . 25.21 22.34 -0.30
C7 NAG N . 29.46 17.96 2.37
C8 NAG N . 30.30 17.47 3.51
N2 NAG N . 28.97 19.19 2.49
O3 NAG N . 29.91 21.03 0.53
O4 NAG N . 28.06 23.13 -0.18
O5 NAG N . 25.82 20.52 1.09
O6 NAG N . 25.14 21.48 -1.43
O7 NAG N . 29.23 17.26 1.39
C1 NAG N . 28.46 23.18 -1.55
C2 NAG N . 28.27 24.60 -2.05
C3 NAG N . 28.70 24.70 -3.51
C4 NAG N . 30.12 24.20 -3.67
C5 NAG N . 30.23 22.78 -3.12
C6 NAG N . 31.65 22.25 -3.13
C7 NAG N . 26.54 25.96 -0.98
C8 NAG N . 25.07 26.15 -0.79
N2 NAG N . 26.90 25.05 -1.89
O3 NAG N . 28.58 26.05 -3.95
O4 NAG N . 30.46 24.18 -5.05
O5 NAG N . 29.79 22.73 -1.74
O6 NAG N . 32.50 23.04 -2.31
O7 NAG N . 27.36 26.61 -0.35
C1 NAG O . -30.02 -32.59 10.83
C2 NAG O . -31.06 -31.55 11.29
C3 NAG O . -30.99 -31.41 12.81
C4 NAG O . -31.18 -32.76 13.46
C5 NAG O . -30.15 -33.74 12.93
C6 NAG O . -30.36 -35.14 13.45
C7 NAG O . -29.71 -29.81 10.18
C8 NAG O . -29.69 -29.38 8.75
N2 NAG O . -30.87 -30.26 10.64
O3 NAG O . -31.96 -30.47 13.23
O4 NAG O . -31.01 -32.62 14.87
O5 NAG O . -30.24 -33.83 11.49
O6 NAG O . -31.61 -35.67 13.02
O7 NAG O . -28.71 -29.75 10.90
C1 A1L6W P . -25.80 -43.04 -11.11
C2 A1L6W P . -25.25 -41.66 -10.83
C3 A1L6W P . -24.53 -39.63 -11.96
C4 A1L6W P . -24.65 -38.81 -13.19
C5 A1L6W P . -24.02 -37.69 -13.41
C6 A1L6W P . -23.93 -36.93 -14.66
C10 A1L6W P . -23.13 -34.95 -15.83
C12 A1L6W P . -23.58 -34.58 -18.25
C13 A1L6W P . -25.39 -43.78 -8.80
C14 A1L6W P . -25.17 -45.08 -8.09
C15 A1L6W P . -25.74 -46.43 -10.08
C16 A1L6W P . -26.59 -45.24 -10.46
N1 A1L6W P . -25.92 -43.98 -10.15
O1 A1L6W P . -26.16 -43.30 -12.25
N2 A1L6W P . -25.07 -40.85 -12.02
O2 A1L6W P . -23.99 -39.22 -10.94
C7 A1L6W P . -24.50 -37.36 -15.88
C8 A1L6W P . -24.39 -36.61 -17.04
C9 A1L6W P . -23.71 -35.40 -17.01
C11 A1L6W P . -23.24 -35.72 -14.68
F1 A1L6W P . -24.49 -34.88 -19.16
F2 A1L6W P . -22.40 -34.75 -18.82
F3 A1L6W P . -23.68 -33.29 -18.06
N3 A1L6W P . -25.07 -46.19 -8.82
O3 A1L6W P . -25.12 -45.06 -6.86
C1 NAG Q . -12.56 14.00 -41.54
C2 NAG Q . -11.81 12.82 -42.20
C3 NAG Q . -10.42 13.28 -42.61
C4 NAG Q . -10.52 14.51 -43.51
C5 NAG Q . -11.32 15.62 -42.82
C6 NAG Q . -11.56 16.82 -43.72
C7 NAG Q . -11.70 11.59 -40.02
C8 NAG Q . -11.59 10.23 -39.41
N2 NAG Q . -11.72 11.62 -41.36
O3 NAG Q . -9.76 12.24 -43.33
O4 NAG Q . -9.23 15.01 -43.83
O5 NAG Q . -12.61 15.09 -42.38
O6 NAG Q . -12.44 16.47 -44.79
O7 NAG Q . -11.75 12.57 -39.35
C1 A1L6W R . -35.69 16.20 -33.25
C2 A1L6W R . -34.65 15.51 -32.39
C3 A1L6W R . -34.45 13.89 -30.59
C4 A1L6W R . -35.11 12.73 -29.90
C5 A1L6W R . -34.60 12.10 -28.87
C6 A1L6W R . -35.26 11.10 -28.02
C10 A1L6W R . -35.09 9.54 -26.17
C12 A1L6W R . -37.03 8.13 -25.46
C13 A1L6W R . -34.06 17.85 -34.08
C14 A1L6W R . -34.09 19.22 -34.66
C15 A1L6W R . -36.54 19.25 -34.86
C16 A1L6W R . -36.40 17.75 -34.99
N1 A1L6W R . -35.38 17.22 -34.07
O1 A1L6W R . -36.85 15.80 -33.20
N2 A1L6W R . -35.22 14.53 -31.47
O2 A1L6W R . -33.29 14.21 -30.38
C7 A1L6W R . -36.60 10.70 -28.19
C8 A1L6W R . -37.17 9.74 -27.38
C9 A1L6W R . -36.42 9.16 -26.37
C11 A1L6W R . -34.54 10.50 -27.00
F1 A1L6W R . -38.10 7.56 -25.99
F2 A1L6W R . -37.39 8.66 -24.30
F3 A1L6W R . -36.23 7.15 -25.15
N3 A1L6W R . -35.24 19.86 -34.69
O3 A1L6W R . -33.02 19.69 -35.09
#